data_1G8K
#
_entry.id   1G8K
#
_cell.length_a   90.740
_cell.length_b   109.520
_cell.length_c   117.640
_cell.angle_alpha   97.71
_cell.angle_beta   90.00
_cell.angle_gamma   96.43
#
_symmetry.space_group_name_H-M   'P 1'
#
loop_
_entity.id
_entity.type
_entity.pdbx_description
1 polymer 'ARSENITE OXIDASE'
2 polymer 'ARSENITE OXIDASE'
3 non-polymer 'MERCURY (II) ION'
4 non-polymer 'CALCIUM ION'
5 non-polymer '2-AMINO-5,6-DIMERCAPTO-7-METHYL-3,7,8A,9-TETRAHYDRO-8-OXA-1,3,9,10-TETRAAZA-ANTHRACEN-4-ONE GUANOSINE DINUCLEOTIDE'
6 non-polymer 'OXYGEN ATOM'
7 non-polymer 'MOLYBDENUM(IV) ION'
8 non-polymer 'FE3-S4 CLUSTER'
9 non-polymer 1,2-ETHANEDIOL
10 non-polymer 'FE2/S2 (INORGANIC) CLUSTER'
11 water water
#
loop_
_entity_poly.entity_id
_entity_poly.type
_entity_poly.pdbx_seq_one_letter_code
_entity_poly.pdbx_strand_id
1 'polypeptide(L)'
;GCPNDRITLPPANAQRTNMTCHFCIVGCGYHVYKWPELEEGGRAPEQNALGLDFRKQLPPLAVTLTPAMTNVVTEHDGAR
YDIMVVPDKACVVNSGLSSTRGGKMASYMYTPTGDGKERLSAPRLYAADEWVDTTWDHAMALYAGLIKKTLDKDGPQGVF
FSCFDHGGAGGGFENTWGTGKLMFSAIQTPMVRIHNRPAYNSECHATREMGIGELNNAYEDAQLADVIWSIGNNPYESQT
NYFLNHWLPNLQGATTSKKKERFPNENFPQARIIFVDPRETPSVAIARHVAGNDRVLHLAIEPGTDTALFNGLFTYVVEQ
GWIDKPFIEAHTKGFDDAVKTNRLSLDECSNITGVPVDMLKRAAEWSYKPKASGQAPRTMHAYEKGIIWGNDNYVIQSAL
LDLVIATHNVGRRGTGCVRMGGHQEGYTRPPYPGDKKIYIDQELIKGKGRIMTWWGCNNFQTSNNAQALREAILQRSAIV
KQAMQKARGATTEEMVDVIYEATQNGGLFVTSINLYPTKLAEAAHLMLPAAHPGEMNLTSMNGERRIRLSEKFMDPPGTA
MADCLIAARIANALRDMYQKDGKAEMAAQFEGFDWKTEEDAFNDGFRRAGQPGAPAIDSQGGSTGHLVTYDRLRKSGNNG
VQLPVVSWDESKGLVGTEMLYTEGKFDTDDGKAHFKPAPWNGLPATVQQQKDKYRFWLNNGRNNEVWQTAYHDQYNSLMQ
ERYPMAYIEMNPDDCKQLDVTGGDIVEVYNDFGSTFAMVYPVAEIKRGQTFMLFGYVNGIQGDVTTDWTDRDIIPYYKGT
WGDIRKVGSMSEFKRTVSFKSRRFG
;
A,C,E,G
2 'polypeptide(L)'
;RTTLAYPATAVSVAKNLAANEPVSFTYPDTSSPCVAVKLGAPVPGGVGPDDDIVAYSVLCTHMGCPTSYDSSSKTFSCPC
HFTEFDAEKAGQMICGEATADLPRVLLRYDAASDALTAVGVDGLIYGRQANVI
;
B,D,F,H
#
loop_
_chem_comp.id
_chem_comp.type
_chem_comp.name
_chem_comp.formula
4MO non-polymer 'MOLYBDENUM(IV) ION' 'Mo 4'
CA non-polymer 'CALCIUM ION' 'Ca 2'
EDO non-polymer 1,2-ETHANEDIOL 'C2 H6 O2'
F3S non-polymer 'FE3-S4 CLUSTER' 'Fe3 S4'
FES non-polymer 'FE2/S2 (INORGANIC) CLUSTER' 'Fe2 S2'
HG non-polymer 'MERCURY (II) ION' 'Hg 2'
MGD non-polymer '2-AMINO-5,6-DIMERCAPTO-7-METHYL-3,7,8A,9-TETRAHYDRO-8-OXA-1,3,9,10-TETRAAZA-ANTHRACEN-4-ONE GUANOSINE DINUCLEOTIDE' 'C20 H26 N10 O13 P2 S2'
O non-polymer 'OXYGEN ATOM' O
#
# COMPACT_ATOMS: atom_id res chain seq x y z
N ASN A 4 28.93 30.26 -1.44
CA ASN A 4 28.50 29.56 -2.69
C ASN A 4 29.07 30.27 -3.95
N ASP A 5 28.24 30.46 -4.96
CA ASP A 5 28.70 31.09 -6.20
C ASP A 5 28.06 32.46 -6.39
N ARG A 6 27.75 33.07 -5.26
CA ARG A 6 27.12 34.38 -5.26
C ARG A 6 27.20 35.03 -3.88
N ILE A 7 27.01 36.34 -3.86
CA ILE A 7 27.11 37.10 -2.61
C ILE A 7 25.88 38.01 -2.51
N THR A 8 25.48 38.29 -1.27
CA THR A 8 24.31 39.17 -1.03
C THR A 8 24.91 40.59 -0.82
N LEU A 9 24.60 41.53 -1.71
CA LEU A 9 25.17 42.86 -1.59
C LEU A 9 24.48 43.68 -0.46
N PRO A 10 25.21 44.60 0.19
CA PRO A 10 24.58 45.44 1.24
C PRO A 10 23.69 46.46 0.54
N PRO A 11 22.49 46.70 1.09
CA PRO A 11 21.57 47.68 0.50
C PRO A 11 22.22 49.08 0.56
N ALA A 12 21.82 49.99 -0.32
CA ALA A 12 22.35 51.35 -0.30
C ALA A 12 22.28 51.98 1.11
N ASN A 13 21.19 51.72 1.83
CA ASN A 13 21.02 52.27 3.20
C ASN A 13 21.44 51.39 4.38
N ALA A 14 22.27 50.38 4.09
CA ALA A 14 22.78 49.51 5.10
C ALA A 14 23.53 50.26 6.20
N GLN A 15 23.41 49.77 7.43
CA GLN A 15 24.15 50.35 8.55
C GLN A 15 25.65 50.08 8.26
N ARG A 16 26.49 51.09 8.48
CA ARG A 16 27.95 50.90 8.31
C ARG A 16 28.65 51.47 9.56
N THR A 17 29.57 50.69 10.11
CA THR A 17 30.37 51.13 11.25
C THR A 17 31.85 50.89 10.94
N ASN A 18 32.69 51.56 11.69
CA ASN A 18 34.16 51.40 11.51
C ASN A 18 34.69 50.28 12.36
N MET A 19 35.69 49.57 11.81
CA MET A 19 36.32 48.51 12.52
C MET A 19 37.80 48.46 12.18
N THR A 20 38.66 48.53 13.19
CA THR A 20 40.10 48.33 12.91
C THR A 20 40.30 46.83 12.90
N CYS A 21 41.20 46.34 12.02
CA CYS A 21 41.47 44.91 12.02
C CYS A 21 41.71 44.41 13.46
N HIS A 22 41.19 43.24 13.79
CA HIS A 22 41.39 42.66 15.10
C HIS A 22 42.83 42.22 15.38
N PHE A 23 43.59 42.04 14.31
CA PHE A 23 44.84 41.35 14.45
C PHE A 23 46.17 42.06 14.52
N CYS A 24 46.96 42.09 13.44
CA CYS A 24 48.30 42.63 13.62
C CYS A 24 48.40 44.14 13.78
N ILE A 25 49.60 44.51 14.21
CA ILE A 25 50.02 45.89 14.45
C ILE A 25 49.64 46.93 13.43
N VAL A 26 49.63 46.57 12.13
CA VAL A 26 49.33 47.56 11.09
C VAL A 26 48.01 48.28 11.36
N GLY A 27 47.01 47.53 11.84
CA GLY A 27 45.76 48.22 12.16
C GLY A 27 45.00 48.75 10.99
N CYS A 28 44.95 47.97 9.91
CA CYS A 28 44.17 48.35 8.72
C CYS A 28 42.72 48.70 9.11
N GLY A 29 42.20 49.69 8.41
CA GLY A 29 40.83 50.16 8.63
C GLY A 29 39.86 49.37 7.75
N TYR A 30 38.70 49.05 8.34
CA TYR A 30 37.64 48.29 7.66
C TYR A 30 36.31 48.94 7.99
N HIS A 31 35.33 48.58 7.17
CA HIS A 31 33.94 48.93 7.44
C HIS A 31 33.16 47.66 7.66
N VAL A 32 32.17 47.75 8.58
CA VAL A 32 31.26 46.62 8.79
C VAL A 32 29.90 47.04 8.33
N TYR A 33 29.35 46.35 7.33
CA TYR A 33 27.96 46.66 6.84
C TYR A 33 27.06 45.63 7.53
N LYS A 34 25.90 46.08 8.07
CA LYS A 34 25.00 45.13 8.75
C LYS A 34 23.59 45.45 8.27
N TRP A 35 22.84 44.43 7.91
CA TRP A 35 21.49 44.69 7.42
C TRP A 35 20.65 43.44 7.59
N PRO A 36 19.31 43.61 7.64
CA PRO A 36 18.45 42.42 7.83
C PRO A 36 18.74 41.30 6.84
N GLU A 37 18.72 40.08 7.35
CA GLU A 37 18.99 38.90 6.54
C GLU A 37 18.24 38.82 5.23
N LEU A 38 16.95 39.14 5.26
CA LEU A 38 16.15 39.02 4.06
C LEU A 38 16.16 40.19 3.08
N GLU A 39 17.08 41.13 3.28
CA GLU A 39 17.21 42.28 2.41
C GLU A 39 18.54 42.20 1.66
N GLU A 40 18.60 42.94 0.56
CA GLU A 40 19.85 42.95 -0.22
C GLU A 40 19.90 44.14 -1.15
N GLY A 41 21.13 44.55 -1.45
CA GLY A 41 21.32 45.67 -2.36
C GLY A 41 21.21 45.25 -3.82
N GLY A 42 21.06 46.23 -4.70
CA GLY A 42 20.97 45.97 -6.13
C GLY A 42 22.37 46.04 -6.77
N ARG A 43 22.52 45.50 -7.98
CA ARG A 43 23.79 45.52 -8.69
C ARG A 43 24.24 46.91 -9.17
N ALA A 44 23.29 47.81 -9.46
CA ALA A 44 23.62 49.17 -9.91
C ALA A 44 24.38 49.82 -8.78
N PRO A 45 25.43 50.60 -9.11
CA PRO A 45 26.26 51.25 -8.09
C PRO A 45 25.57 52.09 -7.02
N GLU A 46 24.51 52.78 -7.42
CA GLU A 46 23.82 53.62 -6.46
C GLU A 46 22.81 52.81 -5.66
N GLN A 47 22.65 51.52 -5.99
CA GLN A 47 21.70 50.66 -5.25
C GLN A 47 22.32 49.70 -4.25
N ASN A 48 23.63 49.81 -4.03
CA ASN A 48 24.30 49.00 -3.00
C ASN A 48 25.26 49.91 -2.22
N ALA A 49 25.55 49.55 -0.98
CA ALA A 49 26.38 50.41 -0.14
C ALA A 49 27.85 50.47 -0.58
N LEU A 50 28.27 49.48 -1.39
CA LEU A 50 29.68 49.54 -1.84
C LEU A 50 29.90 50.59 -2.94
N GLY A 51 28.83 51.00 -3.60
CA GLY A 51 28.96 52.02 -4.64
C GLY A 51 29.64 51.41 -5.87
N LEU A 52 29.61 50.10 -5.97
CA LEU A 52 30.26 49.42 -7.12
C LEU A 52 29.26 48.91 -8.14
N ASP A 53 29.61 48.94 -9.42
CA ASP A 53 28.71 48.48 -10.44
C ASP A 53 28.84 47.00 -10.74
N PHE A 54 27.90 46.22 -10.20
CA PHE A 54 27.93 44.77 -10.39
C PHE A 54 27.06 44.31 -11.57
N ARG A 55 26.70 45.21 -12.48
CA ARG A 55 25.91 44.84 -13.63
C ARG A 55 26.86 44.30 -14.72
N LYS A 56 28.16 44.54 -14.54
CA LYS A 56 29.12 43.97 -15.50
C LYS A 56 30.39 43.69 -14.68
N GLN A 57 31.30 42.87 -15.24
CA GLN A 57 32.57 42.53 -14.54
C GLN A 57 33.30 43.78 -13.97
N LEU A 58 33.83 43.69 -12.76
CA LEU A 58 34.55 44.81 -12.18
C LEU A 58 36.01 44.70 -12.61
N PRO A 59 36.67 45.85 -12.74
CA PRO A 59 38.08 45.76 -13.13
C PRO A 59 38.98 45.33 -11.98
N PRO A 60 40.21 44.87 -12.28
CA PRO A 60 41.12 44.47 -11.21
C PRO A 60 41.36 45.69 -10.24
N LEU A 61 41.57 45.36 -8.98
CA LEU A 61 41.83 46.22 -7.84
C LEU A 61 40.63 47.08 -7.40
N ALA A 62 39.47 46.85 -7.99
CA ALA A 62 38.28 47.65 -7.70
C ALA A 62 37.66 47.30 -6.37
N VAL A 63 37.93 46.11 -5.89
CA VAL A 63 37.30 45.65 -4.65
C VAL A 63 38.02 44.49 -4.02
N THR A 64 37.77 44.26 -2.71
CA THR A 64 38.27 43.07 -2.03
C THR A 64 36.95 42.52 -1.46
N LEU A 65 36.47 41.43 -2.02
CA LEU A 65 35.16 40.88 -1.58
C LEU A 65 35.08 39.44 -1.93
N THR A 66 34.94 38.58 -0.92
CA THR A 66 34.78 37.12 -1.15
C THR A 66 33.76 36.63 -0.14
N PRO A 67 33.26 35.42 -0.32
CA PRO A 67 32.28 34.92 0.68
C PRO A 67 32.81 34.92 2.10
N ALA A 68 34.12 34.67 2.30
CA ALA A 68 34.67 34.68 3.65
C ALA A 68 34.58 36.05 4.36
N MET A 69 34.33 37.12 3.59
CA MET A 69 34.23 38.48 4.13
C MET A 69 32.75 38.77 4.45
N THR A 70 31.93 37.73 4.47
CA THR A 70 30.47 37.92 4.76
C THR A 70 30.01 36.90 5.79
N ASN A 71 28.90 37.20 6.46
CA ASN A 71 28.36 36.21 7.40
C ASN A 71 26.90 36.63 7.71
N VAL A 72 26.20 35.76 8.45
CA VAL A 72 24.85 36.12 8.89
C VAL A 72 24.91 35.84 10.39
N VAL A 73 24.72 36.90 11.18
CA VAL A 73 24.77 36.79 12.64
C VAL A 73 23.34 36.73 13.24
N THR A 74 23.25 36.22 14.46
CA THR A 74 21.94 36.11 15.14
C THR A 74 22.08 36.85 16.46
N GLU A 75 21.27 37.89 16.63
CA GLU A 75 21.34 38.70 17.84
C GLU A 75 20.63 38.04 19.04
N HIS A 76 20.82 38.61 20.23
CA HIS A 76 20.18 38.06 21.43
C HIS A 76 18.66 38.04 21.30
N ASP A 77 18.12 38.97 20.53
CA ASP A 77 16.67 38.99 20.32
C ASP A 77 16.23 38.03 19.22
N GLY A 78 17.17 37.24 18.71
CA GLY A 78 16.86 36.27 17.67
C GLY A 78 16.78 36.73 16.23
N ALA A 79 16.92 38.03 15.98
CA ALA A 79 16.84 38.61 14.64
C ALA A 79 18.18 38.29 13.94
N ARG A 80 18.08 37.94 12.67
CA ARG A 80 19.26 37.57 11.86
C ARG A 80 19.67 38.73 10.92
N TYR A 81 21.00 38.96 10.80
CA TYR A 81 21.46 40.09 10.01
C TYR A 81 22.69 39.69 9.15
N ASP A 82 22.64 40.07 7.89
CA ASP A 82 23.83 39.89 7.03
C ASP A 82 24.89 40.86 7.56
N ILE A 83 26.16 40.45 7.54
CA ILE A 83 27.26 41.38 7.83
C ILE A 83 28.30 41.20 6.68
N MET A 84 29.04 42.27 6.41
CA MET A 84 30.07 42.23 5.34
C MET A 84 31.18 43.12 5.94
N VAL A 85 32.37 42.54 6.11
CA VAL A 85 33.52 43.28 6.73
C VAL A 85 34.60 43.42 5.65
N VAL A 86 34.73 44.63 5.13
CA VAL A 86 35.64 44.88 4.01
C VAL A 86 36.54 46.07 4.30
N PRO A 87 37.72 46.08 3.67
CA PRO A 87 38.65 47.20 3.92
C PRO A 87 38.15 48.57 3.44
N ASP A 88 38.64 49.59 4.14
CA ASP A 88 38.30 50.98 3.87
C ASP A 88 39.31 51.60 2.89
N LYS A 89 38.85 51.87 1.67
CA LYS A 89 39.74 52.47 0.64
C LYS A 89 40.34 53.83 1.05
N ALA A 90 39.63 54.57 1.90
CA ALA A 90 40.10 55.88 2.30
C ALA A 90 40.96 55.93 3.52
N CYS A 91 41.21 54.79 4.17
CA CYS A 91 42.04 54.79 5.35
C CYS A 91 43.47 54.90 4.90
N VAL A 92 44.17 55.90 5.43
CA VAL A 92 45.58 56.13 5.03
C VAL A 92 46.50 54.97 5.36
N VAL A 93 46.16 54.16 6.36
CA VAL A 93 47.03 53.05 6.71
C VAL A 93 47.16 52.00 5.61
N ASN A 94 46.03 51.49 5.14
CA ASN A 94 45.98 50.37 4.20
C ASN A 94 45.50 50.71 2.79
N SER A 95 44.90 51.91 2.62
CA SER A 95 44.38 52.38 1.35
C SER A 95 43.50 51.31 0.68
N GLY A 96 42.67 50.63 1.47
CA GLY A 96 41.79 49.61 0.87
C GLY A 96 42.32 48.17 0.89
N LEU A 97 43.58 47.96 1.30
CA LEU A 97 44.12 46.61 1.34
C LEU A 97 43.63 45.83 2.56
N SER A 98 43.48 44.53 2.35
CA SER A 98 43.10 43.59 3.39
C SER A 98 44.09 42.41 3.29
N SER A 99 44.70 42.00 4.40
CA SER A 99 45.58 40.83 4.44
C SER A 99 44.66 39.61 4.50
N THR A 100 45.25 38.43 4.29
CA THR A 100 44.45 37.20 4.38
C THR A 100 43.88 36.99 5.81
N ARG A 101 44.52 37.58 6.81
CA ARG A 101 44.10 37.43 8.23
C ARG A 101 42.90 38.34 8.53
N GLY A 102 43.02 39.62 8.21
CA GLY A 102 41.92 40.55 8.49
C GLY A 102 40.77 40.25 7.55
N GLY A 103 41.02 39.73 6.32
CA GLY A 103 39.94 39.42 5.39
C GLY A 103 38.98 38.38 5.92
N LYS A 104 39.40 37.58 6.90
CA LYS A 104 38.56 36.52 7.45
C LYS A 104 37.69 37.05 8.60
N MET A 105 37.82 38.34 8.95
CA MET A 105 37.06 38.83 10.12
C MET A 105 35.57 38.50 10.13
N ALA A 106 34.89 38.70 9.00
CA ALA A 106 33.45 38.34 8.98
C ALA A 106 33.25 36.90 9.36
N SER A 107 34.12 35.98 8.90
CA SER A 107 33.99 34.56 9.18
C SER A 107 34.24 34.21 10.64
N TYR A 108 35.07 35.02 11.34
CA TYR A 108 35.46 34.75 12.71
C TYR A 108 34.56 35.49 13.69
N MET A 109 33.56 36.19 13.16
CA MET A 109 32.57 36.80 14.11
C MET A 109 31.76 35.61 14.60
N TYR A 110 31.19 35.76 15.80
CA TYR A 110 30.41 34.66 16.34
C TYR A 110 29.09 34.41 15.62
N THR A 111 28.83 33.13 15.36
CA THR A 111 27.53 32.69 14.82
C THR A 111 27.37 31.30 15.43
N PRO A 112 26.12 30.89 15.71
CA PRO A 112 25.91 29.57 16.31
C PRO A 112 26.28 28.37 15.42
N THR A 113 26.39 28.60 14.12
CA THR A 113 26.68 27.49 13.21
C THR A 113 28.01 27.61 12.46
N GLY A 114 28.68 28.75 12.56
CA GLY A 114 29.91 28.93 11.78
C GLY A 114 31.22 28.61 12.49
N ASP A 115 32.29 29.26 12.00
CA ASP A 115 33.61 29.01 12.58
C ASP A 115 33.71 29.36 14.05
N GLY A 116 32.86 30.29 14.52
CA GLY A 116 32.86 30.65 15.94
C GLY A 116 31.88 29.84 16.81
N LYS A 117 31.37 28.74 16.28
CA LYS A 117 30.39 27.89 17.01
C LYS A 117 30.80 27.58 18.44
N GLU A 118 32.09 27.29 18.63
CA GLU A 118 32.59 26.88 19.95
C GLU A 118 33.10 27.98 20.91
N ARG A 119 32.76 29.22 20.59
CA ARG A 119 33.10 30.35 21.45
C ARG A 119 32.52 30.05 22.86
N LEU A 120 33.28 30.40 23.89
CA LEU A 120 32.78 30.23 25.27
C LEU A 120 31.62 31.22 25.34
N SER A 121 30.49 30.78 25.87
CA SER A 121 29.35 31.68 25.97
C SER A 121 28.71 31.61 27.35
N ALA A 122 29.38 30.89 28.23
CA ALA A 122 28.95 30.76 29.63
C ALA A 122 30.13 30.36 30.47
N PRO A 123 30.08 30.61 31.79
CA PRO A 123 31.20 30.18 32.63
C PRO A 123 31.21 28.64 32.54
N ARG A 124 32.39 28.06 32.53
CA ARG A 124 32.58 26.60 32.45
C ARG A 124 33.39 26.20 33.66
N LEU A 125 33.00 25.11 34.28
CA LEU A 125 33.65 24.64 35.48
C LEU A 125 34.04 23.20 35.36
N TYR A 126 35.27 22.88 35.77
CA TYR A 126 35.59 21.46 35.75
C TYR A 126 35.25 21.01 37.19
N ALA A 127 34.05 20.43 37.30
CA ALA A 127 33.48 19.97 38.58
C ALA A 127 34.07 18.63 38.95
N ALA A 128 35.35 18.67 39.34
CA ALA A 128 36.14 17.53 39.78
C ALA A 128 36.49 16.49 38.74
N ASP A 129 35.50 16.10 37.92
CA ASP A 129 35.73 15.01 37.00
C ASP A 129 34.97 15.17 35.68
N GLU A 130 34.51 16.38 35.42
CA GLU A 130 33.77 16.69 34.20
C GLU A 130 33.55 18.18 34.03
N TRP A 131 33.51 18.61 32.77
CA TRP A 131 33.23 19.98 32.44
C TRP A 131 31.72 20.21 32.43
N VAL A 132 31.25 21.25 33.11
CA VAL A 132 29.82 21.59 33.09
C VAL A 132 29.72 23.10 33.04
N ASP A 133 28.54 23.61 32.68
CA ASP A 133 28.32 25.05 32.71
C ASP A 133 28.07 25.42 34.18
N THR A 134 28.28 26.69 34.50
CA THR A 134 27.94 27.17 35.85
C THR A 134 27.50 28.61 35.68
N THR A 135 26.93 29.20 36.73
CA THR A 135 26.43 30.57 36.66
C THR A 135 27.57 31.57 36.91
N TRP A 136 27.37 32.80 36.50
CA TRP A 136 28.36 33.83 36.73
C TRP A 136 28.50 34.07 38.24
N ASP A 137 27.37 34.11 38.97
CA ASP A 137 27.52 34.34 40.40
C ASP A 137 28.33 33.26 41.08
N HIS A 138 28.14 32.00 40.67
CA HIS A 138 28.91 30.96 41.28
C HIS A 138 30.38 31.04 40.90
N ALA A 139 30.65 31.31 39.61
CA ALA A 139 32.04 31.41 39.17
C ALA A 139 32.74 32.50 39.98
N MET A 140 32.04 33.61 40.22
CA MET A 140 32.64 34.71 40.98
C MET A 140 32.82 34.34 42.45
N ALA A 141 31.84 33.67 43.04
CA ALA A 141 31.97 33.30 44.46
C ALA A 141 33.15 32.36 44.64
N LEU A 142 33.36 31.47 43.66
CA LEU A 142 34.45 30.52 43.76
C LEU A 142 35.80 31.23 43.55
N TYR A 143 35.88 31.97 42.45
CA TYR A 143 37.10 32.69 42.05
C TYR A 143 37.50 33.75 43.09
N ALA A 144 36.59 34.67 43.40
CA ALA A 144 36.86 35.71 44.38
C ALA A 144 37.09 35.02 45.73
N GLY A 145 36.37 33.92 45.98
CA GLY A 145 36.58 33.21 47.23
C GLY A 145 38.00 32.71 47.43
N LEU A 146 38.59 32.17 46.36
CA LEU A 146 39.93 31.64 46.44
C LEU A 146 40.93 32.81 46.54
N ILE A 147 40.65 33.89 45.83
CA ILE A 147 41.55 35.05 45.87
C ILE A 147 41.53 35.66 47.28
N LYS A 148 40.33 35.83 47.85
CA LYS A 148 40.24 36.38 49.21
C LYS A 148 40.95 35.48 50.23
N LYS A 149 40.72 34.18 50.15
CA LYS A 149 41.38 33.30 51.11
C LYS A 149 42.91 33.36 50.98
N THR A 150 43.39 33.49 49.74
CA THR A 150 44.82 33.54 49.51
C THR A 150 45.40 34.87 49.98
N LEU A 151 44.68 35.95 49.74
CA LEU A 151 45.17 37.26 50.15
C LEU A 151 45.24 37.28 51.67
N ASP A 152 44.17 36.78 52.29
CA ASP A 152 44.05 36.73 53.75
C ASP A 152 45.14 35.89 54.42
N LYS A 153 45.49 34.75 53.84
CA LYS A 153 46.48 33.87 54.45
C LYS A 153 47.92 33.98 53.92
N ASP A 154 48.06 34.23 52.62
CA ASP A 154 49.39 34.29 51.98
C ASP A 154 49.78 35.67 51.47
N GLY A 155 48.78 36.50 51.24
CA GLY A 155 49.02 37.83 50.71
C GLY A 155 49.02 37.69 49.18
N PRO A 156 49.21 38.80 48.46
CA PRO A 156 49.24 38.83 46.99
C PRO A 156 50.19 37.87 46.32
N GLN A 157 51.27 37.48 46.99
CA GLN A 157 52.25 36.58 46.40
C GLN A 157 51.65 35.19 46.03
N GLY A 158 50.46 34.86 46.56
CA GLY A 158 49.82 33.60 46.23
C GLY A 158 48.87 33.68 45.00
N VAL A 159 48.62 34.89 44.46
CA VAL A 159 47.75 35.09 43.31
C VAL A 159 48.58 35.43 42.06
N PHE A 160 48.55 34.52 41.07
CA PHE A 160 49.32 34.64 39.82
C PHE A 160 48.47 34.94 38.57
N PHE A 161 49.05 35.71 37.65
CA PHE A 161 48.35 35.99 36.40
C PHE A 161 49.34 35.96 35.24
N SER A 162 48.85 35.52 34.08
CA SER A 162 49.61 35.74 32.84
C SER A 162 48.51 36.43 32.00
N CYS A 163 48.71 37.71 31.66
CA CYS A 163 47.72 38.52 30.97
C CYS A 163 48.26 39.28 29.77
N PHE A 164 47.39 39.52 28.78
CA PHE A 164 47.76 40.30 27.60
C PHE A 164 48.18 41.69 28.10
N ASP A 165 49.07 42.36 27.36
CA ASP A 165 49.37 43.77 27.68
C ASP A 165 49.25 44.55 26.37
N HIS A 166 48.70 43.89 25.36
CA HIS A 166 48.61 44.46 24.03
C HIS A 166 47.34 45.15 23.62
N GLY A 167 47.27 45.57 22.34
CA GLY A 167 46.12 46.24 21.76
C GLY A 167 45.28 45.32 20.86
N GLY A 168 44.38 45.88 20.06
CA GLY A 168 43.52 45.07 19.18
C GLY A 168 42.65 44.10 19.99
N ALA A 169 42.12 43.11 19.28
CA ALA A 169 41.28 42.11 19.95
C ALA A 169 42.02 41.40 21.08
N GLY A 170 41.36 41.27 22.23
CA GLY A 170 42.01 40.63 23.35
C GLY A 170 43.01 41.58 24.00
N GLY A 171 42.82 42.88 23.77
CA GLY A 171 43.67 43.89 24.37
C GLY A 171 43.00 45.24 24.26
N GLY A 172 43.78 46.33 24.25
CA GLY A 172 43.15 47.65 24.09
C GLY A 172 43.10 48.50 25.36
N PHE A 173 42.91 49.79 25.16
CA PHE A 173 43.03 50.70 26.30
C PHE A 173 42.04 50.42 27.42
N GLU A 174 40.84 50.01 27.04
CA GLU A 174 39.78 49.67 28.04
C GLU A 174 40.20 48.44 28.80
N ASN A 175 40.61 47.40 28.06
CA ASN A 175 40.95 46.13 28.67
C ASN A 175 42.25 46.08 29.46
N THR A 176 43.31 46.74 28.98
CA THR A 176 44.55 46.74 29.74
C THR A 176 44.35 47.53 31.03
N TRP A 177 43.54 48.59 31.00
CA TRP A 177 43.27 49.37 32.22
C TRP A 177 42.47 48.50 33.21
N GLY A 178 41.41 47.85 32.73
CA GLY A 178 40.60 47.03 33.63
C GLY A 178 41.38 45.95 34.34
N THR A 179 42.14 45.16 33.55
CA THR A 179 42.92 44.11 34.12
C THR A 179 44.07 44.67 34.96
N GLY A 180 44.68 45.78 34.51
CA GLY A 180 45.78 46.38 35.25
C GLY A 180 45.33 46.93 36.60
N LYS A 181 44.22 47.65 36.61
CA LYS A 181 43.66 48.20 37.88
C LYS A 181 43.36 47.00 38.81
N LEU A 182 42.69 45.96 38.30
CA LEU A 182 42.44 44.80 39.12
C LEU A 182 43.69 44.09 39.66
N MET A 183 44.67 43.78 38.82
CA MET A 183 45.81 43.07 39.34
C MET A 183 46.74 43.88 40.22
N PHE A 184 46.94 45.12 39.82
CA PHE A 184 47.92 46.01 40.47
C PHE A 184 47.38 46.91 41.58
N SER A 185 46.25 47.55 41.34
CA SER A 185 45.70 48.47 42.34
C SER A 185 44.80 47.76 43.36
N ALA A 186 44.06 46.74 42.92
CA ALA A 186 43.12 46.08 43.84
C ALA A 186 43.69 44.86 44.51
N ILE A 187 44.03 43.82 43.75
CA ILE A 187 44.63 42.62 44.32
C ILE A 187 46.06 42.95 44.82
N GLN A 188 46.76 43.78 44.03
CA GLN A 188 48.14 44.25 44.32
C GLN A 188 49.20 43.15 44.28
N THR A 189 49.07 42.28 43.28
CA THR A 189 50.01 41.20 43.16
C THR A 189 51.09 41.53 42.14
N PRO A 190 52.34 41.14 42.46
CA PRO A 190 53.51 41.34 41.61
C PRO A 190 53.76 40.03 40.85
N MET A 191 52.92 39.01 41.08
CA MET A 191 53.13 37.70 40.43
C MET A 191 52.38 37.68 39.11
N VAL A 192 52.80 38.58 38.23
CA VAL A 192 52.13 38.75 36.94
C VAL A 192 53.17 38.68 35.79
N ARG A 193 52.84 37.91 34.77
CA ARG A 193 53.71 37.89 33.56
C ARG A 193 52.83 38.41 32.45
N ILE A 194 53.41 38.54 31.26
CA ILE A 194 52.71 39.09 30.13
C ILE A 194 52.45 37.99 29.10
N HIS A 195 51.54 38.23 28.16
CA HIS A 195 51.18 37.14 27.25
C HIS A 195 52.33 36.51 26.49
N ASN A 196 53.34 37.33 26.18
CA ASN A 196 54.47 36.84 25.34
C ASN A 196 55.84 36.77 26.00
N ARG A 197 55.91 37.05 27.30
CA ARG A 197 57.20 37.01 28.01
C ARG A 197 56.87 36.69 29.46
N PRO A 198 57.69 35.84 30.07
CA PRO A 198 57.51 35.35 31.43
C PRO A 198 57.75 36.18 32.68
N ALA A 199 57.72 37.51 32.55
CA ALA A 199 57.90 38.40 33.70
C ALA A 199 57.22 39.71 33.36
N TYR A 200 57.11 40.63 34.31
CA TYR A 200 56.49 41.89 33.97
C TYR A 200 57.62 42.83 33.56
N ASN A 201 57.93 42.83 32.25
CA ASN A 201 59.07 43.58 31.73
C ASN A 201 58.73 44.22 30.38
N SER A 202 59.73 44.72 29.65
CA SER A 202 59.48 45.35 28.35
C SER A 202 60.35 44.65 27.32
N GLU A 203 59.88 44.70 26.08
CA GLU A 203 60.64 44.15 24.97
C GLU A 203 61.69 45.21 24.62
N CYS A 204 61.51 46.43 25.14
CA CYS A 204 62.38 47.52 24.74
C CYS A 204 63.07 48.34 25.82
N HIS A 205 63.59 47.66 26.83
CA HIS A 205 64.30 48.33 27.93
C HIS A 205 65.48 49.14 27.42
N ALA A 206 66.32 48.56 26.54
CA ALA A 206 67.47 49.36 26.11
C ALA A 206 67.10 50.58 25.32
N THR A 207 66.27 50.48 24.28
CA THR A 207 65.98 51.67 23.50
C THR A 207 65.29 52.77 24.31
N ARG A 208 64.40 52.34 25.19
CA ARG A 208 63.70 53.33 26.00
C ARG A 208 64.68 54.02 26.97
N GLU A 209 65.56 53.26 27.60
CA GLU A 209 66.53 53.87 28.53
C GLU A 209 67.48 54.82 27.77
N MET A 210 67.72 54.53 26.49
CA MET A 210 68.59 55.38 25.68
C MET A 210 67.87 56.63 25.25
N GLY A 211 66.56 56.69 25.50
CA GLY A 211 65.73 57.86 25.21
C GLY A 211 64.84 57.78 23.99
N ILE A 212 64.78 56.61 23.38
CA ILE A 212 64.02 56.41 22.13
C ILE A 212 62.92 55.36 22.25
N GLY A 213 61.68 55.88 22.36
CA GLY A 213 60.51 55.01 22.40
C GLY A 213 60.50 54.29 21.06
N GLU A 214 60.12 53.02 21.09
CA GLU A 214 60.19 52.16 19.91
C GLU A 214 59.28 52.44 18.74
N LEU A 215 58.18 53.19 18.93
CA LEU A 215 57.31 53.54 17.81
C LEU A 215 57.46 55.04 17.67
N ASN A 216 58.54 55.44 17.00
CA ASN A 216 58.87 56.85 16.88
C ASN A 216 58.70 57.53 15.53
N ASN A 217 58.06 56.87 14.57
CA ASN A 217 57.87 57.51 13.28
C ASN A 217 56.46 57.29 12.71
N ALA A 218 56.24 57.64 11.44
CA ALA A 218 54.94 57.42 10.79
C ALA A 218 55.17 56.40 9.67
N TYR A 219 54.12 55.72 9.21
CA TYR A 219 54.33 54.78 8.09
C TYR A 219 54.74 55.58 6.86
N GLU A 220 54.37 56.87 6.79
CA GLU A 220 54.80 57.72 5.68
C GLU A 220 56.36 57.79 5.64
N ASP A 221 57.03 57.66 6.76
CA ASP A 221 58.51 57.67 6.75
C ASP A 221 59.04 56.50 5.93
N ALA A 222 58.32 55.39 5.83
CA ALA A 222 58.83 54.27 4.99
C ALA A 222 58.77 54.68 3.50
N GLN A 223 57.89 55.61 3.15
CA GLN A 223 57.78 56.10 1.78
C GLN A 223 58.87 57.12 1.45
N LEU A 224 59.43 57.72 2.48
CA LEU A 224 60.40 58.78 2.26
C LEU A 224 61.85 58.37 2.42
N ALA A 225 62.07 57.15 2.86
CA ALA A 225 63.42 56.67 3.13
C ALA A 225 64.23 56.42 1.84
N ASP A 226 65.54 56.59 1.96
CA ASP A 226 66.45 56.20 0.87
C ASP A 226 66.71 54.69 1.01
N VAL A 227 66.81 54.22 2.26
CA VAL A 227 67.12 52.81 2.52
C VAL A 227 66.29 52.34 3.69
N ILE A 228 65.77 51.13 3.58
CA ILE A 228 65.02 50.57 4.73
C ILE A 228 65.76 49.32 5.18
N TRP A 229 66.02 49.21 6.48
CA TRP A 229 66.59 47.98 7.02
C TRP A 229 65.40 47.25 7.68
N SER A 230 65.35 45.93 7.51
CA SER A 230 64.33 45.05 8.15
C SER A 230 65.22 44.03 8.89
N ILE A 231 65.26 44.17 10.21
CA ILE A 231 66.14 43.41 11.09
C ILE A 231 65.37 42.39 11.94
N GLY A 232 65.60 41.09 11.74
CA GLY A 232 64.88 40.06 12.50
C GLY A 232 63.37 40.26 12.27
N ASN A 233 63.02 40.32 11.00
CA ASN A 233 61.63 40.69 10.63
C ASN A 233 61.25 40.14 9.27
N ASN A 234 60.01 39.66 9.11
CA ASN A 234 59.57 39.08 7.82
C ASN A 234 58.28 39.84 7.56
N PRO A 235 58.39 41.16 7.26
CA PRO A 235 57.23 42.02 7.06
C PRO A 235 56.15 41.68 6.06
N TYR A 236 56.48 41.04 4.94
CA TYR A 236 55.41 40.70 4.04
C TYR A 236 54.43 39.76 4.76
N GLU A 237 54.96 38.86 5.57
CA GLU A 237 54.09 37.89 6.25
C GLU A 237 53.56 38.41 7.59
N SER A 238 54.32 39.26 8.27
CA SER A 238 53.94 39.69 9.65
C SER A 238 53.44 41.11 9.79
N GLN A 239 53.68 42.01 8.83
CA GLN A 239 53.09 43.37 8.91
C GLN A 239 52.73 43.69 7.48
N THR A 240 51.98 42.76 6.90
CA THR A 240 51.63 42.80 5.49
C THR A 240 51.34 44.10 4.81
N ASN A 241 50.29 44.79 5.26
CA ASN A 241 49.93 45.99 4.56
C ASN A 241 50.78 47.21 4.79
N TYR A 242 51.66 47.18 5.79
CA TYR A 242 52.58 48.30 5.97
C TYR A 242 53.63 48.07 4.85
N PHE A 243 54.10 46.84 4.74
CA PHE A 243 55.07 46.46 3.67
C PHE A 243 54.46 46.77 2.30
N LEU A 244 53.22 46.29 2.01
CA LEU A 244 52.59 46.50 0.72
C LEU A 244 52.18 47.93 0.38
N ASN A 245 51.63 48.67 1.35
CA ASN A 245 51.13 49.99 1.03
C ASN A 245 52.16 51.10 1.22
N HIS A 246 53.27 50.82 1.88
CA HIS A 246 54.23 51.89 2.12
C HIS A 246 55.66 51.56 1.67
N TRP A 247 56.13 50.36 2.01
CA TRP A 247 57.50 49.99 1.61
C TRP A 247 57.62 49.76 0.12
N LEU A 248 56.74 48.91 -0.43
CA LEU A 248 56.82 48.59 -1.88
C LEU A 248 56.70 49.79 -2.81
N PRO A 249 55.82 50.77 -2.52
CA PRO A 249 55.71 51.93 -3.40
C PRO A 249 57.03 52.70 -3.43
N ASN A 250 57.73 52.73 -2.31
CA ASN A 250 59.02 53.43 -2.25
C ASN A 250 59.98 52.63 -3.21
N LEU A 251 60.10 51.31 -3.04
CA LEU A 251 60.99 50.51 -3.95
C LEU A 251 60.60 50.65 -5.41
N GLN A 252 59.29 50.77 -5.68
CA GLN A 252 58.84 50.91 -7.04
C GLN A 252 59.07 52.29 -7.66
N GLY A 253 59.47 53.29 -6.86
CA GLY A 253 59.70 54.62 -7.39
C GLY A 253 58.48 55.50 -7.38
N ALA A 254 57.37 55.01 -6.81
CA ALA A 254 56.15 55.79 -6.77
C ALA A 254 56.15 56.94 -5.75
N THR A 255 57.18 57.01 -4.90
CA THR A 255 57.21 58.06 -3.89
C THR A 255 58.35 59.07 -4.13
N THR A 256 59.12 58.87 -5.19
CA THR A 256 60.23 59.80 -5.46
C THR A 256 59.83 61.25 -5.59
N SER A 257 58.70 61.53 -6.23
CA SER A 257 58.31 62.92 -6.38
C SER A 257 57.96 63.51 -5.02
N LYS A 258 57.41 62.69 -4.11
CA LYS A 258 57.11 63.19 -2.75
C LYS A 258 58.43 63.60 -2.09
N LYS A 259 59.46 62.77 -2.23
CA LYS A 259 60.75 63.09 -1.61
C LYS A 259 61.34 64.38 -2.18
N LYS A 260 61.32 64.49 -3.50
CA LYS A 260 61.90 65.67 -4.14
C LYS A 260 61.11 66.93 -3.83
N GLU A 261 59.79 66.79 -3.64
CA GLU A 261 58.99 67.94 -3.30
C GLU A 261 59.27 68.45 -1.92
N ARG A 262 59.44 67.54 -0.95
CA ARG A 262 59.76 67.96 0.41
C ARG A 262 61.17 68.50 0.55
N PHE A 263 62.12 67.98 -0.25
CA PHE A 263 63.54 68.32 -0.10
C PHE A 263 64.09 68.67 -1.48
N PRO A 264 63.82 69.90 -1.92
CA PRO A 264 64.24 70.37 -3.24
C PRO A 264 65.72 70.30 -3.61
N ASN A 265 66.60 70.33 -2.60
CA ASN A 265 68.06 70.35 -2.85
C ASN A 265 68.75 69.11 -2.39
N GLU A 266 68.01 68.00 -2.45
CA GLU A 266 68.56 66.74 -1.98
C GLU A 266 68.42 65.63 -3.02
N ASN A 267 69.48 64.86 -3.19
CA ASN A 267 69.48 63.74 -4.14
C ASN A 267 68.72 62.59 -3.55
N PHE A 268 67.93 61.91 -4.36
CA PHE A 268 67.22 60.72 -3.88
C PHE A 268 67.48 59.57 -4.86
N PRO A 269 68.43 58.69 -4.53
CA PRO A 269 68.71 57.56 -5.42
C PRO A 269 67.54 56.57 -5.32
N GLN A 270 67.51 55.61 -6.22
CA GLN A 270 66.46 54.57 -6.15
C GLN A 270 66.60 53.97 -4.75
N ALA A 271 65.45 53.66 -4.16
CA ALA A 271 65.46 53.12 -2.81
C ALA A 271 66.01 51.71 -2.75
N ARG A 272 66.66 51.38 -1.65
CA ARG A 272 67.20 50.08 -1.46
C ARG A 272 66.76 49.50 -0.10
N ILE A 273 66.92 48.21 0.03
CA ILE A 273 66.48 47.51 1.23
C ILE A 273 67.49 46.47 1.67
N ILE A 274 67.68 46.39 2.97
CA ILE A 274 68.64 45.48 3.61
C ILE A 274 67.94 44.64 4.67
N PHE A 275 68.06 43.32 4.53
CA PHE A 275 67.49 42.39 5.49
C PHE A 275 68.56 41.74 6.36
N VAL A 276 68.44 41.83 7.69
CA VAL A 276 69.33 41.12 8.60
C VAL A 276 68.46 39.97 9.16
N ASP A 277 68.66 38.77 8.63
CA ASP A 277 67.90 37.58 8.99
C ASP A 277 68.68 36.36 8.55
N PRO A 278 68.93 35.41 9.46
CA PRO A 278 69.66 34.18 9.09
C PRO A 278 69.00 33.44 7.96
N ARG A 279 67.66 33.61 7.87
CA ARG A 279 66.82 32.92 6.88
C ARG A 279 66.39 33.74 5.66
N GLU A 280 66.38 33.11 4.48
CA GLU A 280 65.90 33.78 3.24
C GLU A 280 64.35 33.56 3.27
N THR A 281 63.64 34.67 3.44
CA THR A 281 62.19 34.64 3.60
C THR A 281 61.40 35.16 2.40
N PRO A 282 60.07 34.96 2.42
CA PRO A 282 59.22 35.47 1.36
C PRO A 282 59.47 37.01 1.25
N SER A 283 59.76 37.71 2.36
CA SER A 283 59.98 39.19 2.24
C SER A 283 61.23 39.51 1.37
N VAL A 284 62.31 38.76 1.58
CA VAL A 284 63.53 38.96 0.75
C VAL A 284 63.18 38.68 -0.72
N ALA A 285 62.49 37.57 -0.96
CA ALA A 285 62.11 37.19 -2.33
C ALA A 285 61.28 38.27 -3.02
N ILE A 286 60.32 38.84 -2.31
CA ILE A 286 59.49 39.86 -2.92
C ILE A 286 60.29 41.13 -3.14
N ALA A 287 61.14 41.49 -2.20
CA ALA A 287 61.95 42.71 -2.36
C ALA A 287 62.82 42.56 -3.63
N ARG A 288 63.43 41.40 -3.80
CA ARG A 288 64.23 41.17 -5.02
C ARG A 288 63.37 41.22 -6.27
N HIS A 289 62.17 40.62 -6.24
CA HIS A 289 61.30 40.68 -7.40
C HIS A 289 60.94 42.12 -7.78
N VAL A 290 60.66 42.95 -6.80
CA VAL A 290 60.26 44.30 -7.05
C VAL A 290 61.40 45.27 -7.38
N ALA A 291 62.45 45.23 -6.59
CA ALA A 291 63.56 46.17 -6.73
C ALA A 291 64.74 45.65 -7.56
N GLY A 292 64.76 44.34 -7.82
CA GLY A 292 65.89 43.73 -8.52
C GLY A 292 66.96 43.32 -7.50
N ASN A 293 67.75 42.30 -7.80
CA ASN A 293 68.77 41.84 -6.87
C ASN A 293 69.77 42.91 -6.43
N ASP A 294 70.12 43.82 -7.33
CA ASP A 294 71.16 44.80 -7.01
C ASP A 294 70.72 45.88 -6.03
N ARG A 295 69.41 45.94 -5.74
CA ARG A 295 68.90 46.92 -4.79
C ARG A 295 68.48 46.29 -3.44
N VAL A 296 68.82 45.03 -3.29
CA VAL A 296 68.53 44.31 -2.05
C VAL A 296 69.79 43.66 -1.49
N LEU A 297 70.02 43.80 -0.19
CA LEU A 297 71.12 43.08 0.44
C LEU A 297 70.53 42.18 1.50
N HIS A 298 70.75 40.89 1.36
CA HIS A 298 70.32 39.98 2.40
C HIS A 298 71.55 39.61 3.24
N LEU A 299 71.64 40.15 4.45
CA LEU A 299 72.76 39.82 5.36
C LEU A 299 72.28 38.59 6.10
N ALA A 300 72.63 37.40 5.59
CA ALA A 300 72.18 36.12 6.16
C ALA A 300 73.13 35.73 7.29
N ILE A 301 73.06 36.47 8.37
CA ILE A 301 73.94 36.28 9.51
C ILE A 301 73.81 34.96 10.19
N GLU A 302 74.87 34.55 10.88
CA GLU A 302 74.80 33.36 11.67
C GLU A 302 73.78 33.64 12.76
N PRO A 303 72.92 32.67 13.12
CA PRO A 303 71.95 32.90 14.20
C PRO A 303 72.59 33.51 15.47
N GLY A 304 71.93 34.51 16.04
CA GLY A 304 72.38 35.12 17.28
C GLY A 304 73.57 36.09 17.17
N THR A 305 74.00 36.42 15.94
CA THR A 305 75.20 37.31 15.85
C THR A 305 74.92 38.79 15.58
N ASP A 306 73.67 39.21 15.76
CA ASP A 306 73.32 40.59 15.52
C ASP A 306 74.21 41.64 16.21
N THR A 307 74.56 41.40 17.47
CA THR A 307 75.41 42.35 18.17
C THR A 307 76.74 42.54 17.47
N ALA A 308 77.37 41.44 17.04
CA ALA A 308 78.66 41.55 16.33
C ALA A 308 78.42 42.34 15.04
N LEU A 309 77.34 42.05 14.32
CA LEU A 309 77.04 42.80 13.08
C LEU A 309 76.98 44.28 13.34
N PHE A 310 76.17 44.71 14.33
CA PHE A 310 76.01 46.13 14.55
C PHE A 310 77.26 46.81 15.11
N ASN A 311 78.00 46.08 15.92
CA ASN A 311 79.25 46.65 16.49
C ASN A 311 80.24 46.88 15.33
N GLY A 312 80.29 45.94 14.39
CA GLY A 312 81.16 46.08 13.21
C GLY A 312 80.76 47.25 12.34
N LEU A 313 79.45 47.40 12.06
CA LEU A 313 78.95 48.52 11.27
C LEU A 313 79.17 49.88 11.96
N PHE A 314 78.93 49.92 13.27
CA PHE A 314 79.11 51.13 14.06
C PHE A 314 80.62 51.53 14.01
N THR A 315 81.50 50.55 14.22
CA THR A 315 82.96 50.81 14.22
C THR A 315 83.37 51.39 12.86
N TYR A 316 82.88 50.74 11.81
CA TYR A 316 83.19 51.19 10.45
C TYR A 316 82.70 52.57 10.11
N VAL A 317 81.42 52.91 10.38
CA VAL A 317 80.98 54.24 10.03
C VAL A 317 81.73 55.29 10.83
N VAL A 318 82.09 54.98 12.07
CA VAL A 318 82.87 55.94 12.87
C VAL A 318 84.25 56.13 12.21
N GLU A 319 84.89 55.03 11.83
CA GLU A 319 86.21 55.11 11.16
C GLU A 319 86.14 55.90 9.87
N GLN A 320 85.06 55.74 9.10
CA GLN A 320 84.85 56.46 7.82
C GLN A 320 84.37 57.90 8.00
N GLY A 321 83.94 58.25 9.20
CA GLY A 321 83.44 59.57 9.43
C GLY A 321 82.03 59.70 8.90
N TRP A 322 81.38 58.57 8.64
CA TRP A 322 79.99 58.60 8.10
C TRP A 322 78.97 58.69 9.24
N ILE A 323 79.16 59.70 10.07
CA ILE A 323 78.32 59.95 11.24
C ILE A 323 77.98 61.43 11.24
N ASP A 324 77.02 61.83 12.07
CA ASP A 324 76.61 63.22 12.13
C ASP A 324 77.28 63.80 13.38
N LYS A 325 78.48 64.37 13.23
CA LYS A 325 79.18 64.86 14.43
C LYS A 325 78.46 66.01 15.14
N PRO A 326 77.88 66.96 14.41
CA PRO A 326 77.17 68.03 15.13
C PRO A 326 75.98 67.49 15.98
N PHE A 327 75.26 66.53 15.41
CA PHE A 327 74.12 65.95 16.14
C PHE A 327 74.61 65.23 17.41
N ILE A 328 75.70 64.47 17.27
CA ILE A 328 76.29 63.75 18.38
C ILE A 328 76.70 64.71 19.49
N GLU A 329 77.37 65.78 19.08
CA GLU A 329 77.86 66.73 20.08
C GLU A 329 76.72 67.49 20.76
N ALA A 330 75.65 67.81 20.04
CA ALA A 330 74.55 68.61 20.63
C ALA A 330 73.44 67.84 21.34
N HIS A 331 73.21 66.60 20.89
CA HIS A 331 72.06 65.81 21.36
C HIS A 331 72.28 64.43 21.92
N THR A 332 73.53 64.06 22.19
CA THR A 332 73.79 62.71 22.71
C THR A 332 74.83 62.71 23.83
N LYS A 333 74.94 61.58 24.51
CA LYS A 333 75.93 61.39 25.58
C LYS A 333 76.42 59.97 25.51
N GLY A 334 77.73 59.76 25.72
CA GLY A 334 78.28 58.41 25.72
C GLY A 334 78.95 57.89 24.45
N PHE A 335 79.03 58.72 23.40
CA PHE A 335 79.63 58.31 22.12
C PHE A 335 81.05 57.78 22.23
N ASP A 336 81.97 58.54 22.81
CA ASP A 336 83.35 58.07 22.87
C ASP A 336 83.52 56.75 23.60
N ASP A 337 82.80 56.57 24.69
CA ASP A 337 82.86 55.32 25.43
C ASP A 337 82.33 54.20 24.56
N ALA A 338 81.26 54.46 23.79
CA ALA A 338 80.68 53.39 22.96
C ALA A 338 81.66 52.98 21.85
N VAL A 339 82.37 53.96 21.31
CA VAL A 339 83.37 53.65 20.27
C VAL A 339 84.40 52.68 20.86
N LYS A 340 84.83 52.91 22.09
CA LYS A 340 85.81 52.03 22.68
C LYS A 340 85.26 50.64 23.03
N THR A 341 84.12 50.62 23.73
CA THR A 341 83.55 49.34 24.16
C THR A 341 83.03 48.47 23.02
N ASN A 342 82.58 49.09 21.94
CA ASN A 342 81.98 48.34 20.83
C ASN A 342 82.86 48.12 19.62
N ARG A 343 84.16 48.39 19.79
CA ARG A 343 85.09 48.25 18.67
C ARG A 343 85.20 46.85 18.16
N LEU A 344 85.05 46.67 16.86
CA LEU A 344 85.15 45.35 16.25
C LEU A 344 85.50 45.61 14.80
N SER A 345 86.54 44.96 14.28
CA SER A 345 86.90 45.20 12.89
C SER A 345 85.91 44.56 11.95
N LEU A 346 85.98 44.97 10.69
CA LEU A 346 85.11 44.36 9.69
C LEU A 346 85.52 42.92 9.48
N ASP A 347 86.82 42.62 9.55
CA ASP A 347 87.26 41.21 9.38
C ASP A 347 86.70 40.32 10.50
N GLU A 348 86.77 40.80 11.74
CA GLU A 348 86.28 40.00 12.86
C GLU A 348 84.74 39.93 12.77
N CYS A 349 84.14 41.03 12.35
CA CYS A 349 82.68 41.09 12.19
C CYS A 349 82.29 40.05 11.17
N SER A 350 82.98 40.02 10.03
CA SER A 350 82.68 39.04 9.03
C SER A 350 82.89 37.61 9.52
N ASN A 351 83.97 37.36 10.26
CA ASN A 351 84.23 36.01 10.76
C ASN A 351 83.12 35.49 11.67
N ILE A 352 82.60 36.38 12.50
CA ILE A 352 81.56 36.02 13.49
C ILE A 352 80.19 35.84 12.84
N THR A 353 79.81 36.81 12.01
CA THR A 353 78.49 36.81 11.38
C THR A 353 78.42 35.93 10.15
N GLY A 354 79.58 35.69 9.52
CA GLY A 354 79.56 34.93 8.30
C GLY A 354 79.24 35.82 7.11
N VAL A 355 79.04 37.12 7.32
CA VAL A 355 78.75 38.00 6.19
C VAL A 355 80.09 38.48 5.58
N PRO A 356 80.23 38.40 4.23
CA PRO A 356 81.47 38.84 3.56
C PRO A 356 81.74 40.33 3.84
N VAL A 357 83.01 40.69 4.01
CA VAL A 357 83.40 42.05 4.26
C VAL A 357 82.85 43.04 3.22
N ASP A 358 82.86 42.67 1.94
CA ASP A 358 82.33 43.55 0.89
C ASP A 358 80.85 43.90 1.12
N MET A 359 80.07 42.93 1.58
CA MET A 359 78.65 43.16 1.81
C MET A 359 78.46 44.05 3.00
N LEU A 360 79.28 43.88 4.04
CA LEU A 360 79.17 44.79 5.20
C LEU A 360 79.50 46.21 4.73
N LYS A 361 80.56 46.34 3.93
CA LYS A 361 80.91 47.68 3.44
C LYS A 361 79.84 48.28 2.53
N ARG A 362 79.18 47.46 1.71
CA ARG A 362 78.16 47.93 0.79
C ARG A 362 76.92 48.41 1.59
N ALA A 363 76.57 47.64 2.64
CA ALA A 363 75.39 48.00 3.48
C ALA A 363 75.63 49.38 4.12
N ALA A 364 76.85 49.58 4.61
CA ALA A 364 77.23 50.85 5.23
C ALA A 364 77.31 52.00 4.20
N GLU A 365 77.81 51.71 3.00
CA GLU A 365 77.88 52.76 1.98
C GLU A 365 76.46 53.17 1.55
N TRP A 366 75.57 52.21 1.31
CA TRP A 366 74.20 52.56 0.86
C TRP A 366 73.47 53.37 1.94
N SER A 367 73.73 52.99 3.17
CA SER A 367 73.01 53.53 4.32
C SER A 367 73.48 54.79 5.02
N TYR A 368 74.81 54.97 5.07
CA TYR A 368 75.38 56.03 5.86
C TYR A 368 76.29 56.99 5.17
N LYS A 369 76.91 56.56 4.07
CA LYS A 369 77.80 57.53 3.37
C LYS A 369 76.98 58.69 2.79
N PRO A 370 77.44 59.94 3.00
CA PRO A 370 76.70 61.09 2.48
C PRO A 370 76.40 61.04 0.99
N LYS A 371 75.21 61.50 0.63
CA LYS A 371 74.79 61.54 -0.75
C LYS A 371 75.58 62.70 -1.40
N ALA A 372 75.61 62.75 -2.73
CA ALA A 372 76.40 63.79 -3.39
C ALA A 372 75.98 65.21 -3.03
N SER A 373 74.68 65.39 -2.79
CA SER A 373 74.16 66.71 -2.43
C SER A 373 74.52 67.10 -0.97
N GLY A 374 75.17 66.20 -0.23
CA GLY A 374 75.66 66.54 1.09
C GLY A 374 74.99 65.87 2.27
N GLN A 375 73.71 65.56 2.14
CA GLN A 375 72.97 64.98 3.25
C GLN A 375 73.20 63.49 3.42
N ALA A 376 73.07 63.03 4.65
CA ALA A 376 73.18 61.60 4.94
C ALA A 376 71.93 60.93 4.39
N PRO A 377 72.05 59.67 3.98
CA PRO A 377 70.85 59.01 3.47
C PRO A 377 69.84 58.94 4.64
N ARG A 378 68.57 58.88 4.30
CA ARG A 378 67.51 58.72 5.30
C ARG A 378 67.32 57.22 5.37
N THR A 379 67.73 56.63 6.48
CA THR A 379 67.69 55.20 6.61
C THR A 379 66.81 54.82 7.78
N MET A 380 65.70 54.18 7.44
CA MET A 380 64.75 53.72 8.48
C MET A 380 65.21 52.32 8.92
N HIS A 381 65.42 52.13 10.21
CA HIS A 381 65.88 50.85 10.73
C HIS A 381 64.71 50.17 11.43
N ALA A 382 64.10 49.21 10.77
CA ALA A 382 62.92 48.51 11.34
C ALA A 382 63.34 47.17 11.89
N TYR A 383 62.85 46.77 13.07
CA TYR A 383 63.24 45.49 13.62
C TYR A 383 62.05 44.83 14.31
N GLU A 384 62.13 43.52 14.50
CA GLU A 384 61.07 42.85 15.25
C GLU A 384 61.60 41.64 16.05
N LYS A 385 60.94 40.49 16.03
CA LYS A 385 61.29 39.43 16.93
C LYS A 385 62.59 38.63 16.71
N GLY A 386 63.18 38.73 15.54
CA GLY A 386 64.44 38.06 15.29
C GLY A 386 65.50 38.63 16.23
N ILE A 387 65.37 39.89 16.65
CA ILE A 387 66.30 40.43 17.65
C ILE A 387 65.65 40.64 18.99
N ILE A 388 64.36 40.97 19.02
CA ILE A 388 63.69 41.12 20.33
C ILE A 388 63.71 39.81 21.10
N TRP A 389 63.52 38.68 20.41
CA TRP A 389 63.59 37.36 21.02
C TRP A 389 64.93 36.78 20.60
N GLY A 390 65.89 37.68 20.38
CA GLY A 390 67.19 37.23 19.92
C GLY A 390 68.22 36.96 21.03
N ASN A 391 69.49 36.89 20.63
CA ASN A 391 70.56 36.58 21.59
C ASN A 391 70.89 37.77 22.49
N ASP A 392 70.19 37.89 23.61
CA ASP A 392 70.37 38.96 24.59
C ASP A 392 69.75 40.26 24.08
N ASN A 393 68.44 40.28 24.19
CA ASN A 393 67.66 41.42 23.74
C ASN A 393 68.30 42.77 24.12
N TYR A 394 68.69 42.93 25.38
CA TYR A 394 69.19 44.21 25.84
C TYR A 394 70.46 44.67 25.11
N VAL A 395 71.38 43.72 24.92
CA VAL A 395 72.67 44.02 24.27
C VAL A 395 72.49 44.28 22.78
N ILE A 396 71.65 43.48 22.11
CA ILE A 396 71.46 43.73 20.67
C ILE A 396 70.91 45.10 20.41
N GLN A 397 69.92 45.49 21.20
CA GLN A 397 69.34 46.80 20.98
C GLN A 397 70.33 47.92 21.28
N SER A 398 71.14 47.72 22.32
CA SER A 398 72.17 48.71 22.68
C SER A 398 73.06 48.92 21.43
N ALA A 399 73.49 47.83 20.80
CA ALA A 399 74.38 47.92 19.63
C ALA A 399 73.74 48.58 18.43
N LEU A 400 72.50 48.20 18.15
CA LEU A 400 71.77 48.78 17.05
C LEU A 400 71.47 50.26 17.22
N LEU A 401 71.01 50.64 18.42
CA LEU A 401 70.65 52.04 18.63
C LEU A 401 71.91 52.91 18.58
N ASP A 402 73.06 52.38 18.99
CA ASP A 402 74.30 53.18 18.93
C ASP A 402 74.53 53.55 17.46
N LEU A 403 74.42 52.57 16.58
CA LEU A 403 74.63 52.84 15.15
C LEU A 403 73.63 53.89 14.67
N VAL A 404 72.35 53.71 15.03
CA VAL A 404 71.31 54.63 14.58
C VAL A 404 71.49 56.06 15.12
N ILE A 405 71.87 56.16 16.38
CA ILE A 405 72.02 57.49 16.98
C ILE A 405 73.20 58.25 16.32
N ALA A 406 74.29 57.53 16.13
CA ALA A 406 75.51 58.11 15.56
C ALA A 406 75.29 58.62 14.15
N THR A 407 74.35 58.02 13.43
CA THR A 407 74.05 58.40 12.07
C THR A 407 72.77 59.24 11.94
N HIS A 408 72.27 59.70 13.08
CA HIS A 408 71.14 60.59 13.10
C HIS A 408 69.95 60.00 12.35
N ASN A 409 69.71 58.70 12.57
CA ASN A 409 68.57 58.05 11.91
C ASN A 409 67.31 57.89 12.76
N VAL A 410 67.10 58.88 13.63
CA VAL A 410 65.88 59.04 14.41
C VAL A 410 65.61 60.51 14.30
N GLY A 411 64.33 60.88 14.18
CA GLY A 411 63.99 62.29 14.13
C GLY A 411 64.02 63.00 12.80
N ARG A 412 64.60 62.38 11.77
CA ARG A 412 64.61 62.98 10.45
C ARG A 412 63.54 62.26 9.64
N ARG A 413 62.79 62.95 8.80
CA ARG A 413 61.78 62.23 8.05
C ARG A 413 62.45 61.15 7.16
N GLY A 414 61.75 60.04 6.93
CA GLY A 414 62.35 58.98 6.13
C GLY A 414 63.25 58.12 7.00
N THR A 415 63.31 58.33 8.33
CA THR A 415 64.16 57.50 9.16
C THR A 415 63.35 56.93 10.33
N GLY A 416 64.03 56.65 11.43
CA GLY A 416 63.42 56.07 12.62
C GLY A 416 64.06 54.74 12.95
N CYS A 417 64.07 54.33 14.21
CA CYS A 417 64.59 52.98 14.52
C CYS A 417 63.42 52.47 15.34
N VAL A 418 62.62 51.66 14.67
CA VAL A 418 61.33 51.27 15.21
C VAL A 418 61.01 49.79 15.22
N ARG A 419 60.24 49.38 16.22
CA ARG A 419 59.71 48.04 16.23
C ARG A 419 58.68 48.03 15.08
N MET A 420 58.55 46.89 14.40
CA MET A 420 57.56 46.73 13.35
C MET A 420 56.24 46.35 14.05
N GLY A 421 56.35 45.79 15.25
CA GLY A 421 55.18 45.48 16.06
C GLY A 421 54.64 44.10 15.85
N GLY A 422 53.79 43.66 16.80
CA GLY A 422 53.19 42.33 16.74
C GLY A 422 51.69 42.54 16.69
N HIS A 423 51.07 42.61 17.87
CA HIS A 423 49.68 43.03 17.97
C HIS A 423 49.67 44.55 17.90
N GLN A 424 48.48 45.13 17.82
CA GLN A 424 48.39 46.56 17.96
C GLN A 424 48.72 46.87 19.43
N GLU A 425 48.84 48.15 19.77
CA GLU A 425 49.18 48.57 21.13
C GLU A 425 47.95 49.23 21.81
N GLY A 426 47.84 49.15 23.12
CA GLY A 426 46.67 49.79 23.72
C GLY A 426 46.85 49.70 25.20
N TYR A 427 47.97 50.25 25.68
CA TYR A 427 48.35 50.13 27.06
C TYR A 427 48.05 51.31 27.99
N THR A 428 47.22 51.06 29.01
CA THR A 428 46.99 52.07 30.05
C THR A 428 46.88 51.24 31.32
N ARG A 429 47.83 51.40 32.25
CA ARG A 429 47.82 50.62 33.49
C ARG A 429 48.48 51.33 34.69
N PRO A 430 48.16 50.86 35.92
CA PRO A 430 48.85 51.51 37.04
C PRO A 430 50.27 50.92 36.97
N PRO A 431 51.21 51.46 37.76
CA PRO A 431 52.56 50.90 37.75
C PRO A 431 52.56 49.46 38.31
N TYR A 432 53.52 48.64 37.89
CA TYR A 432 53.68 47.28 38.40
C TYR A 432 54.05 47.43 39.90
N PRO A 433 53.32 46.76 40.82
CA PRO A 433 53.54 46.82 42.27
C PRO A 433 54.68 45.98 42.82
N GLY A 434 55.86 46.18 42.27
CA GLY A 434 57.00 45.43 42.76
C GLY A 434 58.29 46.04 42.23
N ASP A 435 59.39 45.62 42.86
CA ASP A 435 60.72 46.07 42.48
C ASP A 435 61.57 44.91 41.97
N LYS A 436 61.07 43.68 42.04
CA LYS A 436 61.87 42.53 41.59
C LYS A 436 61.37 42.01 40.23
N LYS A 437 62.27 41.39 39.46
CA LYS A 437 61.89 40.82 38.16
C LYS A 437 61.65 39.37 38.53
N ILE A 438 60.43 38.87 38.28
CA ILE A 438 60.06 37.49 38.65
C ILE A 438 59.68 36.64 37.45
N TYR A 439 60.42 35.55 37.26
CA TYR A 439 60.23 34.61 36.15
C TYR A 439 59.03 33.74 36.54
N ILE A 440 57.84 34.19 36.19
CA ILE A 440 56.60 33.49 36.61
C ILE A 440 56.53 32.01 36.27
N ASP A 441 56.86 31.61 35.04
CA ASP A 441 56.78 30.19 34.72
C ASP A 441 57.67 29.35 35.65
N GLN A 442 58.89 29.85 35.94
CA GLN A 442 59.78 29.11 36.82
C GLN A 442 59.17 29.00 38.24
N GLU A 443 58.53 30.06 38.73
CA GLU A 443 57.91 30.03 40.07
C GLU A 443 56.76 28.99 40.07
N LEU A 444 55.94 28.97 39.03
CA LEU A 444 54.88 27.97 38.98
C LEU A 444 55.43 26.54 38.91
N ILE A 445 56.46 26.32 38.10
CA ILE A 445 57.08 25.02 37.94
C ILE A 445 57.66 24.57 39.28
N LYS A 446 58.18 25.52 40.05
CA LYS A 446 58.72 25.21 41.39
C LYS A 446 57.64 25.03 42.45
N GLY A 447 56.39 25.18 42.07
CA GLY A 447 55.34 24.94 43.06
C GLY A 447 54.72 26.13 43.74
N LYS A 448 55.08 27.35 43.33
CA LYS A 448 54.51 28.52 43.99
C LYS A 448 53.13 28.91 43.48
N GLY A 449 52.41 29.68 44.31
CA GLY A 449 51.09 30.20 44.00
C GLY A 449 49.92 29.27 44.30
N ARG A 450 48.76 29.86 44.59
CA ARG A 450 47.56 29.06 44.88
C ARG A 450 46.62 29.06 43.68
N ILE A 451 46.52 30.21 43.01
CA ILE A 451 45.65 30.36 41.86
C ILE A 451 46.41 31.05 40.69
N MET A 452 46.20 30.54 39.49
CA MET A 452 46.84 31.09 38.28
C MET A 452 45.73 31.35 37.28
N THR A 453 45.71 32.56 36.73
CA THR A 453 44.74 32.93 35.74
C THR A 453 45.47 33.29 34.43
N TRP A 454 45.12 32.58 33.35
CA TRP A 454 45.62 32.90 32.00
C TRP A 454 44.51 33.77 31.47
N TRP A 455 44.84 34.99 31.07
CA TRP A 455 43.86 35.93 30.60
C TRP A 455 44.21 36.43 29.18
N GLY A 456 43.44 36.01 28.20
CA GLY A 456 43.72 36.50 26.83
C GLY A 456 45.06 35.98 26.31
N CYS A 457 45.48 34.84 26.79
CA CYS A 457 46.73 34.22 26.29
C CYS A 457 46.72 32.73 26.53
N ASN A 458 47.65 32.03 25.89
CA ASN A 458 47.65 30.58 26.00
C ASN A 458 49.07 30.11 26.04
N ASN A 459 49.69 30.16 27.23
CA ASN A 459 51.10 29.80 27.34
C ASN A 459 51.41 28.33 27.17
N PHE A 460 50.38 27.46 27.14
CA PHE A 460 50.61 26.07 26.86
C PHE A 460 51.17 25.99 25.44
N GLN A 461 50.74 26.89 24.57
CA GLN A 461 51.24 26.87 23.20
C GLN A 461 52.37 27.87 22.91
N THR A 462 52.52 28.85 23.81
CA THR A 462 53.46 29.94 23.58
C THR A 462 54.56 30.27 24.56
N SER A 463 54.59 29.61 25.71
CA SER A 463 55.70 29.90 26.63
C SER A 463 57.00 29.37 26.06
N ASN A 464 58.15 29.97 26.47
CA ASN A 464 59.43 29.31 26.11
C ASN A 464 59.53 28.14 27.07
N ASN A 465 60.29 27.09 26.72
CA ASN A 465 60.44 25.90 27.58
C ASN A 465 59.02 25.45 27.93
N ALA A 466 58.16 25.41 26.90
CA ALA A 466 56.74 25.09 27.09
C ALA A 466 56.44 23.69 27.64
N GLN A 467 57.30 22.72 27.36
CA GLN A 467 57.05 21.37 27.84
C GLN A 467 57.17 21.30 29.36
N ALA A 468 58.19 21.97 29.91
CA ALA A 468 58.33 21.96 31.37
C ALA A 468 57.12 22.65 32.00
N LEU A 469 56.62 23.70 31.35
CA LEU A 469 55.46 24.39 31.89
C LEU A 469 54.23 23.48 31.84
N ARG A 470 53.93 22.91 30.67
CA ARG A 470 52.73 22.06 30.64
C ARG A 470 52.82 20.88 31.61
N GLU A 471 53.97 20.19 31.68
CA GLU A 471 54.15 19.06 32.63
C GLU A 471 53.74 19.48 34.06
N ALA A 472 54.27 20.62 34.51
CA ALA A 472 54.00 21.09 35.87
C ALA A 472 52.57 21.54 36.12
N ILE A 473 52.02 22.31 35.18
CA ILE A 473 50.66 22.78 35.33
C ILE A 473 49.64 21.62 35.32
N LEU A 474 49.81 20.66 34.41
CA LEU A 474 48.86 19.53 34.36
C LEU A 474 48.91 18.76 35.70
N GLN A 475 50.11 18.49 36.19
CA GLN A 475 50.24 17.77 37.46
C GLN A 475 49.60 18.55 38.62
N ARG A 476 49.91 19.85 38.77
CA ARG A 476 49.32 20.64 39.87
C ARG A 476 47.81 20.77 39.73
N SER A 477 47.32 20.85 38.49
CA SER A 477 45.89 20.93 38.27
C SER A 477 45.23 19.63 38.71
N ALA A 478 45.83 18.51 38.39
CA ALA A 478 45.30 17.18 38.74
C ALA A 478 45.13 17.03 40.28
N ILE A 479 46.05 17.60 41.03
CA ILE A 479 45.94 17.54 42.48
C ILE A 479 44.66 18.22 42.98
N VAL A 480 44.32 19.37 42.38
CA VAL A 480 43.10 20.09 42.76
C VAL A 480 41.84 19.28 42.31
N LYS A 481 41.87 18.70 41.12
CA LYS A 481 40.74 17.86 40.66
C LYS A 481 40.53 16.68 41.62
N GLN A 482 41.60 15.96 41.95
CA GLN A 482 41.51 14.81 42.86
C GLN A 482 40.91 15.22 44.20
N ALA A 483 41.26 16.40 44.70
CA ALA A 483 40.71 16.88 45.98
C ALA A 483 39.24 17.21 45.85
N MET A 484 38.83 17.74 44.71
CA MET A 484 37.44 18.10 44.53
C MET A 484 36.60 16.83 44.39
N GLN A 485 37.20 15.75 43.92
CA GLN A 485 36.52 14.48 43.69
C GLN A 485 35.99 13.85 44.98
N LYS A 486 36.63 14.16 46.09
CA LYS A 486 36.22 13.59 47.37
C LYS A 486 34.94 14.27 47.93
N ALA A 487 34.61 15.47 47.47
CA ALA A 487 33.45 16.21 47.98
C ALA A 487 32.04 15.77 47.54
N ARG A 488 31.05 16.11 48.38
CA ARG A 488 29.63 15.81 48.11
C ARG A 488 28.78 16.88 48.74
N GLY A 489 27.93 17.52 47.96
CA GLY A 489 27.02 18.50 48.52
C GLY A 489 27.70 19.72 49.12
N ALA A 490 28.94 19.97 48.69
CA ALA A 490 29.70 21.11 49.20
C ALA A 490 29.22 22.46 48.73
N THR A 491 29.03 23.38 49.68
CA THR A 491 28.67 24.73 49.29
C THR A 491 29.97 25.35 48.69
N THR A 492 29.81 26.51 48.08
CA THR A 492 30.92 27.22 47.45
C THR A 492 32.03 27.46 48.47
N GLU A 493 31.62 27.93 49.65
CA GLU A 493 32.58 28.21 50.71
C GLU A 493 33.36 26.95 51.11
N GLU A 494 32.69 25.80 51.26
CA GLU A 494 33.39 24.61 51.61
C GLU A 494 34.30 24.17 50.46
N MET A 495 33.90 24.42 49.22
CA MET A 495 34.75 23.99 48.08
C MET A 495 36.02 24.87 48.01
N VAL A 496 35.85 26.14 48.32
CA VAL A 496 37.00 27.05 48.35
C VAL A 496 38.05 26.48 49.32
N ASP A 497 37.62 25.97 50.50
CA ASP A 497 38.57 25.41 51.44
C ASP A 497 39.16 24.13 50.96
N VAL A 498 38.36 23.31 50.28
CA VAL A 498 38.86 22.05 49.76
C VAL A 498 39.98 22.28 48.73
N ILE A 499 39.76 23.28 47.87
CA ILE A 499 40.73 23.62 46.82
C ILE A 499 41.96 24.26 47.44
N TYR A 500 41.74 25.16 48.37
CA TYR A 500 42.87 25.83 49.03
C TYR A 500 43.76 24.81 49.72
N GLU A 501 43.14 23.86 50.43
CA GLU A 501 43.93 22.82 51.08
C GLU A 501 44.71 22.01 50.04
N ALA A 502 44.10 21.75 48.87
CA ALA A 502 44.82 21.02 47.84
C ALA A 502 46.05 21.84 47.38
N THR A 503 45.91 23.16 47.34
CA THR A 503 47.04 23.97 46.91
C THR A 503 48.15 23.96 47.96
N GLN A 504 47.85 23.56 49.19
CA GLN A 504 48.89 23.49 50.21
C GLN A 504 49.62 22.15 50.02
N ASN A 505 49.08 21.33 49.13
CA ASN A 505 49.65 20.04 48.83
C ASN A 505 50.16 19.90 47.41
N GLY A 506 50.61 21.00 46.85
CA GLY A 506 51.17 20.93 45.51
C GLY A 506 50.25 21.37 44.40
N GLY A 507 48.96 21.52 44.71
CA GLY A 507 47.99 21.91 43.69
C GLY A 507 47.98 23.37 43.28
N LEU A 508 47.28 23.64 42.17
CA LEU A 508 47.15 25.00 41.67
C LEU A 508 45.78 25.10 41.05
N PHE A 509 44.99 26.09 41.47
CA PHE A 509 43.71 26.29 40.86
C PHE A 509 43.98 27.14 39.59
N VAL A 510 43.45 26.67 38.46
CA VAL A 510 43.66 27.36 37.17
C VAL A 510 42.40 27.95 36.54
N THR A 511 42.46 29.22 36.16
CA THR A 511 41.35 29.89 35.49
C THR A 511 41.85 30.42 34.14
N SER A 512 40.96 30.38 33.15
CA SER A 512 41.28 30.93 31.81
C SER A 512 40.12 31.85 31.39
N ILE A 513 40.42 33.10 30.99
CA ILE A 513 39.43 34.05 30.52
C ILE A 513 39.80 34.19 29.02
N ASN A 514 38.88 33.79 28.16
CA ASN A 514 39.24 33.65 26.74
C ASN A 514 37.98 33.63 25.86
N LEU A 515 38.19 33.54 24.55
CA LEU A 515 37.11 33.40 23.59
C LEU A 515 36.78 31.92 23.40
N TYR A 516 37.73 31.01 23.61
CA TYR A 516 37.56 29.58 23.34
C TYR A 516 38.15 28.72 24.44
N PRO A 517 37.82 27.43 24.45
CA PRO A 517 38.36 26.55 25.49
C PRO A 517 39.89 26.51 25.43
N THR A 518 40.40 26.32 24.20
CA THR A 518 41.84 26.17 23.95
C THR A 518 42.45 24.95 24.65
N LYS A 519 43.74 24.71 24.39
CA LYS A 519 44.40 23.58 25.06
C LYS A 519 44.46 23.81 26.58
N LEU A 520 44.30 25.06 27.01
CA LEU A 520 44.31 25.33 28.46
C LEU A 520 43.20 24.52 29.13
N ALA A 521 42.15 24.16 28.37
CA ALA A 521 41.08 23.37 28.96
C ALA A 521 41.53 22.01 29.49
N GLU A 522 42.73 21.56 29.10
CA GLU A 522 43.23 20.27 29.58
C GLU A 522 43.63 20.39 31.07
N ALA A 523 43.84 21.62 31.54
CA ALA A 523 44.24 21.84 32.95
C ALA A 523 43.32 22.78 33.74
N ALA A 524 42.60 23.66 33.05
CA ALA A 524 41.77 24.65 33.73
C ALA A 524 40.65 24.05 34.57
N HIS A 525 40.31 24.78 35.64
CA HIS A 525 39.20 24.35 36.50
C HIS A 525 38.04 25.30 36.28
N LEU A 526 38.31 26.46 35.67
CA LEU A 526 37.29 27.46 35.43
C LEU A 526 37.64 28.25 34.17
N MET A 527 36.65 28.50 33.33
CA MET A 527 36.88 29.30 32.12
C MET A 527 35.76 30.32 32.01
N LEU A 528 36.11 31.58 31.77
CA LEU A 528 35.15 32.67 31.65
C LEU A 528 35.10 33.19 30.22
N PRO A 529 33.89 33.46 29.69
CA PRO A 529 33.73 33.93 28.32
C PRO A 529 33.94 35.42 28.09
N ALA A 530 34.86 35.74 27.17
CA ALA A 530 35.16 37.13 26.82
C ALA A 530 34.57 37.53 25.46
N ALA A 531 34.57 38.83 25.17
CA ALA A 531 33.99 39.40 23.96
C ALA A 531 35.10 40.12 23.16
N HIS A 532 35.02 40.07 21.83
CA HIS A 532 36.03 40.71 21.00
C HIS A 532 35.47 41.94 20.30
N PRO A 533 36.32 42.76 19.62
CA PRO A 533 35.86 43.99 18.94
C PRO A 533 34.71 43.80 17.97
N GLY A 534 33.65 44.62 18.07
CA GLY A 534 32.46 44.41 17.22
C GLY A 534 31.34 43.89 18.15
N GLU A 535 31.69 43.08 19.15
CA GLU A 535 30.76 42.61 20.20
C GLU A 535 30.88 43.65 21.34
N MET A 536 31.87 44.53 21.23
CA MET A 536 32.14 45.60 22.20
C MET A 536 32.86 46.69 21.45
N ASN A 537 32.88 47.90 22.02
CA ASN A 537 33.68 49.00 21.50
C ASN A 537 35.10 48.77 21.98
N LEU A 538 36.11 49.25 21.22
CA LEU A 538 37.49 49.04 21.65
C LEU A 538 38.40 50.03 20.97
N THR A 539 39.35 50.54 21.73
CA THR A 539 40.34 51.50 21.20
C THR A 539 41.72 50.88 21.29
N SER A 540 42.53 51.20 20.27
CA SER A 540 43.91 50.72 20.22
C SER A 540 44.67 51.56 19.17
N MET A 541 46.00 51.51 19.19
CA MET A 541 46.74 52.27 18.18
C MET A 541 47.63 51.30 17.42
N ASN A 542 48.09 51.74 16.25
CA ASN A 542 48.92 50.85 15.40
C ASN A 542 50.41 51.15 15.51
N GLY A 543 51.22 50.63 14.57
CA GLY A 543 52.67 50.83 14.64
C GLY A 543 53.21 52.24 14.44
N GLU A 544 52.35 53.21 14.14
CA GLU A 544 52.73 54.60 14.00
C GLU A 544 51.85 55.41 15.02
N ARG A 545 51.44 54.71 16.06
CA ARG A 545 50.67 55.33 17.18
C ARG A 545 49.31 55.89 16.79
N ARG A 546 48.70 55.39 15.71
CA ARG A 546 47.42 55.90 15.26
C ARG A 546 46.29 55.19 16.01
N ILE A 547 45.67 55.93 16.93
CA ILE A 547 44.57 55.38 17.78
C ILE A 547 43.24 55.52 17.02
N ARG A 548 42.48 54.42 16.98
CA ARG A 548 41.15 54.42 16.33
C ARG A 548 40.17 53.68 17.28
N LEU A 549 38.88 53.94 17.08
CA LEU A 549 37.78 53.25 17.77
C LEU A 549 37.14 52.20 16.82
N SER A 550 37.08 50.95 17.29
CA SER A 550 36.37 49.89 16.58
C SER A 550 35.00 49.93 17.27
N GLU A 551 33.96 50.03 16.47
CA GLU A 551 32.59 50.14 17.01
C GLU A 551 31.82 48.86 17.19
N LYS A 552 31.07 48.78 18.29
CA LYS A 552 30.25 47.61 18.52
C LYS A 552 29.18 47.56 17.45
N PHE A 553 28.86 46.36 16.97
CA PHE A 553 27.79 46.28 15.98
C PHE A 553 26.96 45.03 16.15
N MET A 554 27.34 44.17 17.08
CA MET A 554 26.54 42.95 17.32
C MET A 554 26.66 42.51 18.79
N ASP A 555 25.83 41.55 19.17
CA ASP A 555 25.88 41.02 20.52
C ASP A 555 26.95 39.91 20.66
N PRO A 556 27.57 39.77 21.86
CA PRO A 556 28.56 38.74 22.11
C PRO A 556 27.74 37.43 22.24
N PRO A 557 28.37 36.28 22.14
CA PRO A 557 27.63 35.00 22.29
C PRO A 557 27.20 34.84 23.75
N GLY A 558 25.98 34.31 23.98
CA GLY A 558 25.51 34.08 25.35
C GLY A 558 25.83 35.21 26.31
N THR A 559 26.52 34.90 27.39
CA THR A 559 26.86 35.87 28.41
C THR A 559 28.30 36.34 28.38
N ALA A 560 28.93 36.19 27.21
CA ALA A 560 30.33 36.62 27.10
C ALA A 560 30.39 38.13 27.37
N MET A 561 31.53 38.56 27.91
CA MET A 561 31.64 39.93 28.32
C MET A 561 33.01 40.56 28.03
N ALA A 562 33.01 41.85 27.76
CA ALA A 562 34.29 42.59 27.60
C ALA A 562 35.25 42.31 28.77
N ASP A 563 36.55 42.15 28.47
CA ASP A 563 37.48 41.84 29.54
C ASP A 563 37.54 42.85 30.72
N CYS A 564 37.45 44.14 30.42
CA CYS A 564 37.49 45.16 31.45
C CYS A 564 36.26 45.00 32.37
N LEU A 565 35.16 44.52 31.81
CA LEU A 565 33.92 44.29 32.61
C LEU A 565 34.03 43.00 33.41
N ILE A 566 34.76 42.01 32.91
CA ILE A 566 34.99 40.82 33.70
C ILE A 566 35.88 41.25 34.87
N ALA A 567 36.90 42.09 34.61
CA ALA A 567 37.75 42.54 35.70
C ALA A 567 36.89 43.26 36.78
N ALA A 568 35.96 44.12 36.34
CA ALA A 568 35.06 44.89 37.25
C ALA A 568 34.19 43.91 38.03
N ARG A 569 33.69 42.87 37.36
CA ARG A 569 32.86 41.88 38.05
C ARG A 569 33.64 41.19 39.19
N ILE A 570 34.89 40.84 38.92
CA ILE A 570 35.72 40.22 39.90
C ILE A 570 36.03 41.16 41.06
N ALA A 571 36.38 42.39 40.73
CA ALA A 571 36.70 43.41 41.72
C ALA A 571 35.51 43.65 42.65
N ASN A 572 34.32 43.80 42.06
CA ASN A 572 33.12 44.05 42.86
C ASN A 572 32.72 42.83 43.71
N ALA A 573 32.99 41.63 43.21
CA ALA A 573 32.69 40.42 43.98
C ALA A 573 33.62 40.40 45.19
N LEU A 574 34.89 40.74 44.98
CA LEU A 574 35.82 40.77 46.11
C LEU A 574 35.48 41.92 47.09
N ARG A 575 35.07 43.09 46.59
CA ARG A 575 34.75 44.21 47.48
C ARG A 575 33.61 43.80 48.44
N ASP A 576 32.53 43.29 47.85
CA ASP A 576 31.38 42.83 48.61
C ASP A 576 31.80 41.76 49.63
N MET A 577 32.65 40.81 49.24
CA MET A 577 33.11 39.79 50.19
C MET A 577 33.87 40.39 51.38
N TYR A 578 34.73 41.38 51.09
CA TYR A 578 35.46 42.02 52.18
C TYR A 578 34.51 42.89 53.01
N GLN A 579 33.59 43.60 52.37
CA GLN A 579 32.65 44.39 53.15
C GLN A 579 31.89 43.47 54.15
N LYS A 580 31.30 42.39 53.65
CA LYS A 580 30.58 41.45 54.50
C LYS A 580 31.45 40.74 55.57
N ASP A 581 32.76 40.72 55.38
CA ASP A 581 33.64 40.06 56.33
C ASP A 581 34.16 41.14 57.29
N GLY A 582 33.60 42.34 57.20
CA GLY A 582 34.05 43.40 58.08
C GLY A 582 35.48 43.86 57.89
N LYS A 583 36.01 43.77 56.67
CA LYS A 583 37.35 44.20 56.38
C LYS A 583 37.27 45.42 55.46
N ALA A 584 37.05 46.58 56.08
CA ALA A 584 36.89 47.84 55.37
C ALA A 584 38.11 48.30 54.56
N GLU A 585 39.30 48.19 55.14
CA GLU A 585 40.53 48.57 54.45
C GLU A 585 40.72 47.67 53.18
N MET A 586 40.51 46.37 53.31
CA MET A 586 40.65 45.50 52.15
C MET A 586 39.60 45.82 51.09
N ALA A 587 38.37 46.08 51.51
CA ALA A 587 37.29 46.41 50.58
C ALA A 587 37.57 47.67 49.78
N ALA A 588 38.21 48.63 50.43
CA ALA A 588 38.50 49.90 49.77
C ALA A 588 39.44 49.71 48.58
N GLN A 589 40.26 48.67 48.64
CA GLN A 589 41.22 48.41 47.55
C GLN A 589 40.50 48.06 46.27
N PHE A 590 39.27 47.55 46.40
CA PHE A 590 38.45 47.16 45.26
C PHE A 590 37.42 48.17 44.78
N GLU A 591 37.55 49.43 45.22
CA GLU A 591 36.67 50.48 44.77
C GLU A 591 37.13 50.89 43.36
N GLY A 592 36.29 51.61 42.65
CA GLY A 592 36.68 52.11 41.34
C GLY A 592 36.30 51.26 40.16
N PHE A 593 35.40 50.30 40.35
CA PHE A 593 34.97 49.44 39.24
C PHE A 593 33.47 49.43 39.02
N ASP A 594 32.85 50.58 39.23
CA ASP A 594 31.39 50.70 39.04
C ASP A 594 31.20 51.03 37.57
N TRP A 595 31.50 50.04 36.72
CA TRP A 595 31.42 50.23 35.27
C TRP A 595 30.29 49.44 34.63
N LYS A 596 29.57 50.08 33.73
CA LYS A 596 28.46 49.42 33.04
C LYS A 596 28.81 49.10 31.60
N THR A 597 29.83 49.79 31.06
CA THR A 597 30.23 49.56 29.68
C THR A 597 31.74 49.81 29.53
N GLU A 598 32.34 49.28 28.46
CA GLU A 598 33.77 49.46 28.31
C GLU A 598 34.18 50.95 28.21
N GLU A 599 33.30 51.80 27.71
CA GLU A 599 33.63 53.23 27.63
C GLU A 599 33.96 53.76 29.06
N ASP A 600 33.34 53.19 30.10
CA ASP A 600 33.67 53.63 31.45
C ASP A 600 35.14 53.33 31.78
N ALA A 601 35.70 52.21 31.28
CA ALA A 601 37.10 51.87 31.50
C ALA A 601 38.01 52.84 30.73
N PHE A 602 37.57 53.30 29.56
CA PHE A 602 38.33 54.28 28.75
C PHE A 602 38.39 55.61 29.50
N ASN A 603 37.25 56.04 30.04
CA ASN A 603 37.20 57.28 30.80
C ASN A 603 38.03 57.22 32.07
N ASP A 604 38.06 56.07 32.73
CA ASP A 604 38.75 55.91 33.98
C ASP A 604 40.26 55.71 33.91
N GLY A 605 40.74 55.25 32.76
CA GLY A 605 42.16 54.97 32.63
C GLY A 605 42.83 55.90 31.65
N PHE A 606 42.67 55.61 30.36
CA PHE A 606 43.28 56.42 29.34
C PHE A 606 43.01 57.92 29.50
N ARG A 607 41.73 58.27 29.69
CA ARG A 607 41.36 59.67 29.80
C ARG A 607 41.67 60.37 31.12
N ARG A 608 42.15 59.63 32.12
CA ARG A 608 42.50 60.25 33.41
C ARG A 608 44.00 60.36 33.60
N ALA A 609 44.79 59.74 32.70
CA ALA A 609 46.24 59.81 32.85
C ALA A 609 46.71 61.27 32.96
N GLY A 610 47.49 61.52 34.02
CA GLY A 610 48.07 62.82 34.27
C GLY A 610 47.09 63.89 34.68
N GLN A 611 45.82 63.56 34.92
CA GLN A 611 44.86 64.60 35.28
C GLN A 611 44.85 64.89 36.78
N PRO A 612 44.31 66.06 37.18
CA PRO A 612 44.24 66.45 38.60
C PRO A 612 43.51 65.41 39.46
N GLY A 613 44.15 64.99 40.54
CA GLY A 613 43.54 64.01 41.43
C GLY A 613 43.63 62.55 41.00
N ALA A 614 44.25 62.28 39.84
CA ALA A 614 44.32 60.89 39.37
C ALA A 614 45.49 60.15 40.00
N PRO A 615 45.40 58.83 40.09
CA PRO A 615 46.53 58.08 40.68
C PRO A 615 47.59 57.93 39.58
N ALA A 616 48.71 57.30 39.92
CA ALA A 616 49.79 57.03 38.97
C ALA A 616 49.24 56.14 37.82
N ILE A 617 49.38 56.60 36.58
CA ILE A 617 48.88 55.86 35.42
C ILE A 617 49.95 55.92 34.31
N ASP A 618 50.32 54.74 33.80
CA ASP A 618 51.28 54.62 32.69
C ASP A 618 50.42 54.42 31.45
N SER A 619 50.37 55.41 30.56
CA SER A 619 49.53 55.33 29.38
C SER A 619 50.22 55.75 28.08
N GLN A 620 50.00 54.96 27.02
CA GLN A 620 50.54 55.30 25.72
C GLN A 620 49.87 56.54 25.18
N GLY A 621 48.78 56.99 25.82
CA GLY A 621 48.11 58.20 25.40
C GLY A 621 48.72 59.42 26.07
N GLY A 622 49.51 59.21 27.12
CA GLY A 622 50.13 60.35 27.81
C GLY A 622 49.10 61.24 28.50
N SER A 623 49.54 62.41 28.95
CA SER A 623 48.64 63.32 29.67
C SER A 623 47.61 64.08 28.82
N THR A 624 47.67 63.99 27.50
CA THR A 624 46.67 64.64 26.67
C THR A 624 45.60 63.62 26.21
N GLY A 625 45.66 62.42 26.76
CA GLY A 625 44.70 61.37 26.39
C GLY A 625 43.25 61.79 26.62
N HIS A 626 43.05 62.65 27.61
CA HIS A 626 41.69 63.11 27.91
C HIS A 626 41.05 63.84 26.74
N LEU A 627 41.85 64.35 25.79
CA LEU A 627 41.27 65.02 24.62
C LEU A 627 40.55 64.05 23.69
N VAL A 628 40.88 62.76 23.82
CA VAL A 628 40.26 61.74 23.01
C VAL A 628 39.00 61.25 23.67
N THR A 629 37.93 61.10 22.88
CA THR A 629 36.68 60.50 23.40
C THR A 629 36.17 59.60 22.31
N TYR A 630 35.24 58.68 22.63
CA TYR A 630 34.71 57.84 21.58
C TYR A 630 34.07 58.66 20.47
N ASP A 631 33.30 59.68 20.80
CA ASP A 631 32.68 60.46 19.76
C ASP A 631 33.67 61.18 18.82
N ARG A 632 34.75 61.67 19.41
CA ARG A 632 35.77 62.36 18.60
C ARG A 632 36.50 61.36 17.71
N LEU A 633 36.75 60.15 18.21
CA LEU A 633 37.41 59.13 17.36
C LEU A 633 36.51 58.71 16.25
N ARG A 634 35.22 58.58 16.56
CA ARG A 634 34.32 58.17 15.54
C ARG A 634 34.30 59.20 14.40
N LYS A 635 34.34 60.49 14.73
CA LYS A 635 34.30 61.52 13.69
C LYS A 635 35.59 61.48 12.82
N SER A 636 36.67 61.05 13.45
CA SER A 636 37.96 60.95 12.77
C SER A 636 38.00 59.80 11.78
N GLY A 637 37.03 58.88 11.85
CA GLY A 637 37.04 57.74 10.94
C GLY A 637 38.21 56.78 11.23
N ASN A 638 38.45 55.90 10.26
CA ASN A 638 39.56 54.94 10.41
C ASN A 638 40.95 55.58 10.36
N ASN A 639 41.00 56.85 9.96
CA ASN A 639 42.27 57.59 10.02
C ASN A 639 42.64 57.96 11.47
N GLY A 640 41.63 58.08 12.35
CA GLY A 640 41.94 58.33 13.76
C GLY A 640 42.88 59.53 13.97
N VAL A 641 43.78 59.38 14.92
CA VAL A 641 44.79 60.44 15.16
C VAL A 641 46.09 59.78 15.64
N GLN A 642 47.24 60.32 15.21
CA GLN A 642 48.51 59.75 15.67
C GLN A 642 48.83 60.37 17.02
N LEU A 643 49.09 59.54 17.99
CA LEU A 643 49.41 60.03 19.36
C LEU A 643 50.86 60.53 19.39
N PRO A 644 51.19 61.49 20.30
CA PRO A 644 50.34 62.18 21.29
C PRO A 644 49.41 63.17 20.63
N VAL A 645 48.21 63.34 21.19
CA VAL A 645 47.31 64.34 20.66
C VAL A 645 47.89 65.68 21.14
N VAL A 646 47.93 66.64 20.25
CA VAL A 646 48.46 67.97 20.49
C VAL A 646 47.31 68.90 20.90
N SER A 647 46.17 68.73 20.24
CA SER A 647 45.02 69.57 20.52
C SER A 647 43.74 68.98 20.00
N TRP A 648 42.65 69.61 20.43
CA TRP A 648 41.33 69.29 19.97
C TRP A 648 40.47 70.56 20.04
N ASP A 649 39.68 70.74 18.99
CA ASP A 649 38.63 71.75 18.96
C ASP A 649 37.64 71.31 17.89
N GLU A 650 36.43 71.85 17.98
CA GLU A 650 35.37 71.49 17.06
C GLU A 650 35.71 71.74 15.60
N SER A 651 36.48 72.80 15.31
CA SER A 651 36.81 73.14 13.92
C SER A 651 37.93 72.30 13.30
N LYS A 652 38.94 71.91 14.08
CA LYS A 652 40.05 71.10 13.53
C LYS A 652 39.98 69.63 13.90
N GLY A 653 39.14 69.26 14.89
CA GLY A 653 39.10 67.87 15.31
C GLY A 653 40.36 67.57 16.09
N LEU A 654 40.69 66.30 16.24
CA LEU A 654 41.89 65.90 16.95
C LEU A 654 43.11 66.19 16.05
N VAL A 655 44.17 66.73 16.64
CA VAL A 655 45.42 67.01 15.89
C VAL A 655 46.50 66.25 16.60
N GLY A 656 47.28 65.45 15.86
CA GLY A 656 48.30 64.64 16.48
C GLY A 656 49.76 64.88 16.09
N THR A 657 50.58 63.84 16.22
CA THR A 657 52.05 63.96 16.00
C THR A 657 52.49 62.88 14.99
N GLU A 658 53.13 63.29 13.89
CA GLU A 658 53.60 62.32 12.89
C GLU A 658 54.88 61.57 13.31
N MET A 659 55.90 62.30 13.75
CA MET A 659 57.19 61.70 14.12
C MET A 659 57.72 62.25 15.41
N LEU A 660 58.35 61.41 16.21
CA LEU A 660 58.93 61.79 17.49
C LEU A 660 60.40 62.16 17.34
N TYR A 661 60.88 63.01 18.25
CA TYR A 661 62.30 63.39 18.32
C TYR A 661 62.84 64.26 17.19
N THR A 662 61.94 64.96 16.51
CA THR A 662 62.36 65.78 15.38
C THR A 662 63.22 66.99 15.84
N GLU A 663 63.22 67.32 17.13
CA GLU A 663 64.01 68.46 17.64
C GLU A 663 65.16 67.95 18.50
N GLY A 664 65.33 66.64 18.54
CA GLY A 664 66.41 66.09 19.34
C GLY A 664 66.15 66.06 20.85
N LYS A 665 64.88 66.18 21.26
CA LYS A 665 64.57 66.16 22.69
C LYS A 665 64.17 64.71 22.99
N PHE A 666 65.10 63.96 23.57
CA PHE A 666 64.84 62.56 23.85
C PHE A 666 64.25 62.31 25.21
N ASP A 667 63.75 61.10 25.42
CA ASP A 667 63.08 60.75 26.68
C ASP A 667 64.05 60.24 27.72
N THR A 668 64.90 61.14 28.19
CA THR A 668 65.93 60.83 29.19
C THR A 668 66.05 62.02 30.12
N ASP A 669 66.81 61.81 31.21
CA ASP A 669 67.12 62.82 32.22
C ASP A 669 67.53 64.17 31.60
N ASP A 670 68.50 64.12 30.69
CA ASP A 670 69.02 65.35 30.09
C ASP A 670 68.50 65.70 28.72
N GLY A 671 67.57 64.89 28.20
CA GLY A 671 66.99 65.18 26.90
C GLY A 671 67.85 64.77 25.71
N LYS A 672 68.98 64.15 26.01
CA LYS A 672 69.90 63.67 24.99
C LYS A 672 69.72 62.15 24.83
N ALA A 673 70.05 61.63 23.65
CA ALA A 673 70.02 60.18 23.42
C ALA A 673 71.32 59.65 24.06
N HIS A 674 71.25 58.49 24.69
CA HIS A 674 72.39 57.90 25.37
C HIS A 674 72.94 56.65 24.71
N PHE A 675 74.20 56.68 24.31
CA PHE A 675 74.87 55.50 23.74
C PHE A 675 75.08 54.51 24.88
N LYS A 676 75.10 53.20 24.58
CA LYS A 676 75.34 52.17 25.58
C LYS A 676 76.36 51.18 25.06
N PRO A 677 77.07 50.49 25.98
CA PRO A 677 78.08 49.50 25.57
C PRO A 677 77.34 48.24 25.08
N ALA A 678 77.95 47.49 24.15
CA ALA A 678 77.32 46.26 23.70
C ALA A 678 78.37 45.15 23.58
N PRO A 679 78.67 44.47 24.69
CA PRO A 679 79.67 43.41 24.62
C PRO A 679 79.18 42.22 23.80
N TRP A 680 80.09 41.66 22.99
CA TRP A 680 79.75 40.49 22.21
C TRP A 680 80.19 39.31 23.06
N ASN A 681 79.24 38.48 23.48
CA ASN A 681 79.54 37.33 24.34
C ASN A 681 79.33 35.97 23.73
N GLY A 682 78.97 35.92 22.44
CA GLY A 682 78.69 34.65 21.81
C GLY A 682 77.30 34.20 22.25
N LEU A 683 76.93 32.94 21.95
CA LEU A 683 75.62 32.42 22.34
C LEU A 683 75.62 32.14 23.84
N PRO A 684 74.46 32.25 24.52
CA PRO A 684 74.42 31.98 25.96
C PRO A 684 74.81 30.52 26.16
N ALA A 685 75.47 30.19 27.27
CA ALA A 685 75.88 28.81 27.53
C ALA A 685 74.70 27.83 27.44
N THR A 686 73.54 28.18 27.97
CA THR A 686 72.39 27.25 27.88
C THR A 686 72.07 26.86 26.44
N VAL A 687 72.13 27.83 25.53
CA VAL A 687 71.85 27.57 24.11
C VAL A 687 73.04 26.90 23.44
N GLN A 688 74.25 27.36 23.77
CA GLN A 688 75.44 26.73 23.17
C GLN A 688 75.48 25.23 23.49
N GLN A 689 75.09 24.85 24.69
CA GLN A 689 75.08 23.42 25.04
C GLN A 689 74.18 22.58 24.13
N GLN A 690 73.01 23.13 23.78
CA GLN A 690 72.11 22.41 22.87
C GLN A 690 72.75 22.39 21.47
N LYS A 691 73.37 23.51 21.06
CA LYS A 691 74.00 23.59 19.76
C LYS A 691 75.15 22.59 19.63
N ASP A 692 75.89 22.38 20.72
CA ASP A 692 77.01 21.46 20.68
C ASP A 692 76.58 20.00 20.68
N LYS A 693 75.37 19.73 21.17
CA LYS A 693 74.84 18.37 21.27
C LYS A 693 73.96 17.93 20.10
N TYR A 694 73.27 18.89 19.49
CA TYR A 694 72.28 18.62 18.44
C TYR A 694 72.58 19.25 17.09
N ARG A 695 71.96 18.72 16.04
CA ARG A 695 72.32 19.12 14.70
C ARG A 695 71.75 20.37 14.07
N PHE A 696 70.46 20.62 14.35
CA PHE A 696 69.74 21.69 13.67
C PHE A 696 69.36 22.92 14.45
N TRP A 697 69.56 24.09 13.82
CA TRP A 697 69.11 25.34 14.43
C TRP A 697 67.57 25.31 14.26
N LEU A 698 66.85 25.48 15.37
CA LEU A 698 65.38 25.39 15.32
C LEU A 698 64.77 26.79 15.33
N ASN A 699 64.95 27.48 14.22
CA ASN A 699 64.39 28.80 14.04
C ASN A 699 62.85 28.57 14.04
N ASN A 700 62.11 29.64 14.32
CA ASN A 700 60.66 29.49 14.46
C ASN A 700 60.04 30.88 14.33
N GLY A 701 58.76 30.90 13.99
CA GLY A 701 58.12 32.17 13.82
C GLY A 701 56.81 32.06 13.08
N ARG A 702 56.49 33.13 12.38
CA ARG A 702 55.23 33.28 11.65
C ARG A 702 55.10 32.76 10.27
N ASN A 703 53.84 32.41 9.97
CA ASN A 703 53.39 32.03 8.64
C ASN A 703 52.33 33.11 8.27
N ASN A 704 52.38 33.68 7.06
CA ASN A 704 51.46 34.73 6.64
C ASN A 704 49.95 34.39 6.86
N GLU A 705 49.56 33.14 6.64
CA GLU A 705 48.13 32.82 6.71
C GLU A 705 47.65 32.51 8.12
N VAL A 706 48.54 32.00 8.96
CA VAL A 706 48.13 31.63 10.35
C VAL A 706 48.25 32.79 11.32
N TRP A 707 47.19 33.04 12.11
CA TRP A 707 47.26 34.04 13.12
C TRP A 707 47.48 33.44 14.48
N GLN A 708 48.67 33.75 15.01
CA GLN A 708 49.08 33.41 16.36
C GLN A 708 48.83 31.94 16.74
N THR A 709 48.14 31.69 17.86
CA THR A 709 47.85 30.32 18.32
C THR A 709 46.68 29.65 17.58
N ALA A 710 46.26 30.26 16.48
CA ALA A 710 45.21 29.69 15.62
C ALA A 710 43.91 29.41 16.36
N TYR A 711 43.57 30.32 17.29
CA TYR A 711 42.36 30.11 18.09
C TYR A 711 41.10 30.16 17.19
N HIS A 712 41.08 31.00 16.17
CA HIS A 712 39.95 30.97 15.21
C HIS A 712 40.33 30.00 14.09
N ASP A 713 41.58 30.09 13.60
CA ASP A 713 41.98 29.26 12.44
C ASP A 713 41.80 27.78 12.61
N GLN A 714 41.87 27.27 13.85
CA GLN A 714 41.70 25.87 14.11
C GLN A 714 40.31 25.37 13.68
N TYR A 715 39.37 26.29 13.59
CA TYR A 715 37.97 25.93 13.23
C TYR A 715 37.66 26.18 11.77
N ASN A 716 38.64 26.73 11.03
CA ASN A 716 38.36 27.11 9.64
C ASN A 716 38.78 25.99 8.69
N SER A 717 37.82 25.51 7.85
CA SER A 717 38.09 24.36 7.00
C SER A 717 39.22 24.58 6.00
N LEU A 718 39.33 25.80 5.44
CA LEU A 718 40.42 26.05 4.46
C LEU A 718 41.78 26.04 5.17
N MET A 719 41.87 26.67 6.32
CA MET A 719 43.13 26.69 7.10
C MET A 719 43.55 25.28 7.52
N GLN A 720 42.59 24.44 7.92
CA GLN A 720 42.90 23.11 8.38
C GLN A 720 43.25 22.17 7.23
N GLU A 721 42.73 22.49 6.05
CA GLU A 721 43.08 21.71 4.87
C GLU A 721 44.53 22.06 4.46
N ARG A 722 44.86 23.34 4.53
CA ARG A 722 46.19 23.81 4.08
C ARG A 722 47.30 23.52 5.09
N TYR A 723 47.00 23.73 6.38
CA TYR A 723 47.99 23.51 7.45
C TYR A 723 47.43 22.59 8.51
N PRO A 724 47.25 21.31 8.20
CA PRO A 724 46.70 20.39 9.21
C PRO A 724 47.61 20.25 10.42
N MET A 725 48.93 20.44 10.21
CA MET A 725 49.91 20.33 11.28
C MET A 725 50.94 21.46 11.15
N ALA A 726 51.63 21.79 12.26
CA ALA A 726 52.69 22.82 12.25
C ALA A 726 53.71 22.21 11.26
N TYR A 727 54.36 23.06 10.46
CA TYR A 727 55.34 22.53 9.49
C TYR A 727 56.74 23.02 9.88
N ILE A 728 57.75 22.29 9.38
CA ILE A 728 59.14 22.65 9.61
C ILE A 728 59.84 22.70 8.25
N GLU A 729 60.30 23.90 7.89
CA GLU A 729 61.05 24.14 6.63
C GLU A 729 62.42 23.49 6.80
N MET A 730 62.85 22.71 5.82
CA MET A 730 64.14 22.03 5.91
C MET A 730 64.87 22.14 4.57
N ASN A 731 66.20 22.25 4.68
CA ASN A 731 67.07 22.29 3.49
C ASN A 731 66.90 20.93 2.74
N PRO A 732 66.82 20.94 1.39
CA PRO A 732 66.64 19.71 0.61
C PRO A 732 67.74 18.63 0.73
N ASP A 733 68.98 19.07 0.92
CA ASP A 733 70.05 18.09 1.09
C ASP A 733 69.89 17.47 2.44
N ASP A 734 69.47 18.26 3.45
CA ASP A 734 69.26 17.68 4.79
C ASP A 734 68.07 16.67 4.75
N CYS A 735 66.99 17.05 4.06
CA CYS A 735 65.82 16.20 3.93
C CYS A 735 66.17 14.92 3.23
N LYS A 736 66.90 15.03 2.11
CA LYS A 736 67.30 13.84 1.37
C LYS A 736 68.10 12.89 2.25
N GLN A 737 69.03 13.43 3.02
CA GLN A 737 69.88 12.61 3.89
C GLN A 737 69.05 11.86 4.92
N LEU A 738 68.08 12.56 5.51
CA LEU A 738 67.17 11.96 6.51
C LEU A 738 65.98 11.17 5.91
N ASP A 739 65.92 11.10 4.59
CA ASP A 739 64.86 10.40 3.88
C ASP A 739 63.47 10.93 4.23
N VAL A 740 63.36 12.25 4.31
CA VAL A 740 62.03 12.83 4.56
C VAL A 740 61.67 13.79 3.43
N THR A 741 60.39 13.91 3.12
CA THR A 741 59.97 14.82 2.10
C THR A 741 58.66 15.49 2.54
N GLY A 742 58.12 16.36 1.70
CA GLY A 742 56.89 17.07 2.09
C GLY A 742 55.79 16.12 2.55
N GLY A 743 55.19 16.39 3.71
CA GLY A 743 54.15 15.48 4.14
C GLY A 743 54.57 14.40 5.10
N ASP A 744 55.88 14.14 5.24
CA ASP A 744 56.27 13.21 6.27
C ASP A 744 56.18 13.92 7.63
N ILE A 745 56.04 13.15 8.70
CA ILE A 745 56.03 13.75 10.04
C ILE A 745 57.35 13.40 10.72
N VAL A 746 57.93 14.40 11.39
CA VAL A 746 59.16 14.18 12.17
C VAL A 746 58.99 14.60 13.62
N GLU A 747 59.78 13.97 14.50
CA GLU A 747 59.88 14.39 15.90
C GLU A 747 61.06 15.40 15.92
N VAL A 748 60.91 16.53 16.62
CA VAL A 748 61.97 17.55 16.77
C VAL A 748 62.22 17.52 18.27
N TYR A 749 63.47 17.38 18.72
CA TYR A 749 63.68 17.24 20.16
C TYR A 749 65.10 17.63 20.58
N ASN A 750 65.23 17.91 21.87
CA ASN A 750 66.54 18.27 22.43
C ASN A 750 66.38 18.01 23.93
N ASP A 751 67.27 18.56 24.76
CA ASP A 751 67.15 18.32 26.20
C ASP A 751 65.90 18.95 26.84
N PHE A 752 65.38 20.01 26.22
CA PHE A 752 64.24 20.72 26.80
C PHE A 752 62.88 20.09 26.47
N GLY A 753 62.79 19.36 25.37
CA GLY A 753 61.47 18.82 25.05
C GLY A 753 61.41 18.09 23.73
N SER A 754 60.21 17.64 23.41
CA SER A 754 60.01 16.87 22.20
C SER A 754 58.68 17.37 21.59
N THR A 755 58.66 17.53 20.28
CA THR A 755 57.42 17.93 19.61
C THR A 755 57.45 17.35 18.22
N PHE A 756 56.43 17.67 17.40
CA PHE A 756 56.30 17.11 16.05
C PHE A 756 55.89 18.12 15.03
N ALA A 757 56.28 17.88 13.77
CA ALA A 757 55.92 18.78 12.67
C ALA A 757 55.88 18.01 11.35
N MET A 758 55.16 18.53 10.37
CA MET A 758 55.16 17.89 9.05
C MET A 758 56.30 18.59 8.30
N VAL A 759 57.10 17.77 7.59
CA VAL A 759 58.26 18.31 6.87
C VAL A 759 57.85 19.16 5.66
N TYR A 760 58.53 20.28 5.43
CA TYR A 760 58.24 21.15 4.29
C TYR A 760 59.62 21.48 3.64
N PRO A 761 60.04 20.66 2.64
CA PRO A 761 61.34 20.99 2.01
C PRO A 761 61.30 22.39 1.38
N VAL A 762 62.31 23.20 1.69
CA VAL A 762 62.40 24.58 1.18
C VAL A 762 63.85 24.80 0.69
N ALA A 763 64.00 25.05 -0.60
CA ALA A 763 65.34 25.20 -1.20
C ALA A 763 66.16 26.30 -0.56
N GLU A 764 65.47 27.38 -0.16
CA GLU A 764 66.13 28.53 0.46
C GLU A 764 66.74 28.31 1.85
N ILE A 765 66.33 27.25 2.56
CA ILE A 765 66.83 27.00 3.91
C ILE A 765 68.29 26.51 3.85
N LYS A 766 69.12 27.04 4.73
CA LYS A 766 70.52 26.63 4.79
C LYS A 766 70.71 25.27 5.44
N ARG A 767 71.76 24.53 5.01
CA ARG A 767 72.01 23.26 5.65
C ARG A 767 72.23 23.45 7.14
N GLY A 768 71.69 22.52 7.90
CA GLY A 768 71.82 22.58 9.34
C GLY A 768 70.86 23.58 9.98
N GLN A 769 69.99 24.21 9.19
CA GLN A 769 69.02 25.16 9.76
C GLN A 769 67.60 24.68 9.38
N THR A 770 66.61 25.13 10.16
CA THR A 770 65.22 24.79 9.89
C THR A 770 64.35 25.95 10.36
N PHE A 771 63.07 25.94 9.99
CA PHE A 771 62.18 26.98 10.51
C PHE A 771 60.82 26.30 10.77
N MET A 772 60.35 26.36 12.01
CA MET A 772 59.07 25.70 12.32
C MET A 772 58.04 26.74 12.75
N LEU A 773 56.81 26.57 12.26
CA LEU A 773 55.70 27.45 12.64
C LEU A 773 55.56 27.44 14.18
N PHE A 774 55.49 28.61 14.82
CA PHE A 774 55.39 28.62 16.29
C PHE A 774 53.91 28.62 16.75
N GLY A 775 53.76 28.24 18.03
CA GLY A 775 52.50 28.34 18.80
C GLY A 775 51.26 27.66 18.24
N TYR A 776 51.42 26.64 17.41
CA TYR A 776 50.26 26.07 16.73
C TYR A 776 49.49 25.04 17.54
N VAL A 777 48.31 24.67 17.03
CA VAL A 777 47.41 23.73 17.69
C VAL A 777 47.68 22.28 17.45
N ASN A 778 48.61 21.98 16.53
CA ASN A 778 48.96 20.58 16.27
C ASN A 778 50.49 20.56 16.01
N GLY A 779 51.21 20.33 17.09
CA GLY A 779 52.69 20.32 17.08
C GLY A 779 53.14 21.66 17.60
N ILE A 780 53.30 21.77 18.93
CA ILE A 780 53.69 23.04 19.57
C ILE A 780 55.21 23.20 19.48
N GLN A 781 55.65 24.28 18.85
CA GLN A 781 57.11 24.47 18.66
C GLN A 781 57.86 24.75 19.97
N GLY A 782 57.21 25.45 20.90
CA GLY A 782 57.92 25.87 22.09
C GLY A 782 58.48 24.84 23.02
N ASP A 783 58.06 23.58 22.87
CA ASP A 783 58.53 22.51 23.72
C ASP A 783 60.03 22.41 23.59
N VAL A 784 60.61 22.85 22.47
CA VAL A 784 62.08 22.73 22.34
C VAL A 784 62.85 24.02 22.55
N THR A 785 62.17 25.10 22.93
CA THR A 785 62.90 26.35 23.23
C THR A 785 63.46 26.21 24.66
N THR A 786 64.57 26.92 24.96
CA THR A 786 65.16 26.79 26.28
C THR A 786 64.57 27.72 27.32
N ASP A 787 65.05 27.60 28.54
CA ASP A 787 64.58 28.48 29.61
C ASP A 787 65.38 29.82 29.66
N TRP A 788 66.40 29.94 28.80
CA TRP A 788 67.29 31.12 28.84
C TRP A 788 66.61 32.44 28.52
N THR A 789 66.87 33.43 29.39
CA THR A 789 66.32 34.79 29.21
C THR A 789 67.43 35.80 29.51
N ASP A 790 67.31 37.02 28.99
CA ASP A 790 68.33 38.05 29.23
C ASP A 790 68.18 38.65 30.64
N ARG A 791 68.89 39.75 30.88
CA ARG A 791 68.92 40.35 32.21
C ARG A 791 67.58 40.82 32.73
N ASP A 792 66.63 41.07 31.81
CA ASP A 792 65.30 41.53 32.19
C ASP A 792 64.25 40.44 32.01
N ILE A 793 64.72 39.22 31.81
CA ILE A 793 63.90 38.02 31.61
C ILE A 793 63.16 38.03 30.26
N ILE A 794 63.90 38.43 29.21
CA ILE A 794 63.37 38.41 27.82
C ILE A 794 63.95 37.12 27.21
N PRO A 795 63.11 36.15 26.83
CA PRO A 795 63.65 34.88 26.28
C PRO A 795 64.32 34.93 24.90
N TYR A 796 65.33 34.09 24.69
CA TYR A 796 65.93 33.95 23.35
C TYR A 796 65.08 32.82 22.67
N TYR A 797 63.84 33.15 22.28
CA TYR A 797 62.97 32.15 21.66
C TYR A 797 63.57 31.63 20.34
N LYS A 798 64.33 32.49 19.65
CA LYS A 798 64.90 32.12 18.35
C LYS A 798 66.24 31.39 18.51
N GLY A 799 66.60 31.04 19.75
CA GLY A 799 67.89 30.42 20.07
C GLY A 799 67.75 29.05 20.68
N THR A 800 67.75 28.05 19.81
CA THR A 800 67.65 26.65 20.22
C THR A 800 68.07 25.71 19.10
N TRP A 801 68.61 24.57 19.48
CA TRP A 801 69.04 23.56 18.53
C TRP A 801 68.48 22.21 18.92
N GLY A 802 68.28 21.32 17.94
CA GLY A 802 67.76 20.00 18.30
C GLY A 802 67.95 19.00 17.20
N ASP A 803 67.59 17.74 17.42
CA ASP A 803 67.69 16.72 16.41
C ASP A 803 66.28 16.44 15.79
N ILE A 804 66.28 15.72 14.68
CA ILE A 804 65.04 15.44 13.95
C ILE A 804 65.01 13.97 13.65
N ARG A 805 63.87 13.33 13.92
CA ARG A 805 63.71 11.91 13.72
C ARG A 805 62.46 11.65 12.88
N LYS A 806 62.60 10.87 11.81
CA LYS A 806 61.45 10.56 10.96
C LYS A 806 60.46 9.64 11.65
N VAL A 807 59.18 10.05 11.65
CA VAL A 807 58.11 9.21 12.20
C VAL A 807 57.57 8.37 11.05
N GLY A 808 57.20 9.02 9.95
CA GLY A 808 56.65 8.30 8.83
C GLY A 808 55.93 9.21 7.87
N SER A 809 55.40 8.63 6.81
CA SER A 809 54.71 9.37 5.79
C SER A 809 53.20 9.53 6.12
N MET A 810 52.74 10.77 6.21
CA MET A 810 51.31 11.05 6.50
C MET A 810 50.66 11.13 5.13
N SER A 811 50.14 9.99 4.67
CA SER A 811 49.59 9.85 3.32
C SER A 811 48.54 10.90 3.02
N GLU A 812 47.72 11.22 4.00
CA GLU A 812 46.69 12.22 3.72
C GLU A 812 47.23 13.64 3.53
N PHE A 813 48.33 13.99 4.21
CA PHE A 813 48.92 15.30 4.01
C PHE A 813 49.50 15.32 2.59
N LYS A 814 50.14 14.23 2.18
CA LYS A 814 50.68 14.21 0.81
C LYS A 814 49.57 14.35 -0.23
N ARG A 815 48.42 13.77 0.03
CA ARG A 815 47.32 13.87 -0.92
C ARG A 815 46.67 15.25 -0.94
N THR A 816 46.71 15.98 0.17
CA THR A 816 45.93 17.21 0.24
C THR A 816 46.58 18.57 0.50
N VAL A 817 47.83 18.52 0.96
CA VAL A 817 48.56 19.75 1.34
C VAL A 817 49.60 20.16 0.30
N SER A 818 49.64 21.43 -0.09
CA SER A 818 50.71 21.82 -1.02
C SER A 818 52.02 22.04 -0.24
N PHE A 819 53.10 21.49 -0.81
CA PHE A 819 54.45 21.75 -0.25
C PHE A 819 55.28 22.54 -1.28
N LYS A 820 54.59 23.30 -2.13
CA LYS A 820 55.28 24.16 -3.10
C LYS A 820 55.85 25.42 -2.46
N SER A 821 56.71 26.12 -3.18
CA SER A 821 57.39 27.28 -2.60
C SER A 821 56.47 28.44 -2.20
N ARG A 822 56.68 28.92 -0.97
CA ARG A 822 56.00 30.10 -0.46
C ARG A 822 56.80 31.40 -0.71
N ARG A 823 57.93 31.27 -1.43
CA ARG A 823 58.74 32.44 -1.77
C ARG A 823 58.41 32.76 -3.23
N PHE A 824 57.81 33.92 -3.48
CA PHE A 824 57.47 34.33 -4.83
C PHE A 824 58.69 34.55 -5.73
N GLY A 825 58.80 33.74 -6.76
CA GLY A 825 59.92 33.87 -7.68
C GLY A 825 59.62 33.02 -8.90
N ARG B 1 14.13 28.50 -8.81
CA ARG B 1 15.43 27.76 -8.91
C ARG B 1 16.48 28.33 -7.93
N THR B 2 17.32 27.46 -7.39
CA THR B 2 18.35 27.83 -6.42
C THR B 2 19.74 27.84 -7.04
N THR B 3 19.82 27.34 -8.27
CA THR B 3 21.10 27.26 -8.95
C THR B 3 21.19 28.32 -10.06
N LEU B 4 22.43 28.69 -10.37
CA LEU B 4 22.68 29.63 -11.46
C LEU B 4 22.61 28.78 -12.74
N ALA B 5 22.42 29.46 -13.86
CA ALA B 5 22.32 28.79 -15.16
C ALA B 5 23.68 28.93 -15.83
N TYR B 6 24.53 27.93 -15.67
CA TYR B 6 25.86 28.00 -16.31
C TYR B 6 25.79 27.50 -17.73
N PRO B 7 26.54 28.12 -18.64
CA PRO B 7 26.52 27.66 -20.05
C PRO B 7 27.35 26.36 -20.11
N ALA B 8 27.24 25.64 -21.22
CA ALA B 8 28.05 24.41 -21.43
C ALA B 8 28.95 24.89 -22.59
N THR B 9 30.20 25.14 -22.27
CA THR B 9 31.12 25.72 -23.22
C THR B 9 32.23 24.73 -23.64
N ALA B 10 32.23 24.41 -24.93
CA ALA B 10 33.27 23.52 -25.48
C ALA B 10 34.63 24.17 -25.28
N VAL B 11 35.62 23.38 -24.80
CA VAL B 11 36.99 23.91 -24.61
C VAL B 11 37.84 23.34 -25.79
N SER B 12 37.99 22.03 -25.84
CA SER B 12 38.71 21.38 -26.95
C SER B 12 38.50 19.89 -26.73
N VAL B 13 39.11 19.05 -27.57
CA VAL B 13 39.04 17.62 -27.28
C VAL B 13 40.32 17.33 -26.44
N ALA B 14 40.27 16.33 -25.58
CA ALA B 14 41.36 16.06 -24.65
C ALA B 14 42.68 15.67 -25.35
N LYS B 15 42.56 14.92 -26.45
CA LYS B 15 43.77 14.50 -27.15
C LYS B 15 44.54 15.66 -27.79
N ASN B 16 43.91 16.81 -27.94
CA ASN B 16 44.59 17.98 -28.53
C ASN B 16 45.42 18.74 -27.50
N LEU B 17 45.17 18.52 -26.22
CA LEU B 17 45.93 19.21 -25.18
C LEU B 17 47.30 18.57 -24.98
N ALA B 18 48.33 19.41 -24.91
CA ALA B 18 49.70 18.90 -24.67
C ALA B 18 50.01 18.97 -23.16
N ALA B 19 50.76 18.01 -22.65
CA ALA B 19 51.10 18.02 -21.23
C ALA B 19 51.75 19.33 -20.78
N ASN B 20 51.15 19.92 -19.75
CA ASN B 20 51.61 21.17 -19.16
C ASN B 20 51.63 22.37 -20.06
N GLU B 21 50.81 22.35 -21.10
CA GLU B 21 50.72 23.46 -22.03
C GLU B 21 49.31 24.07 -21.87
N PRO B 22 49.22 25.18 -21.13
CA PRO B 22 47.92 25.81 -20.88
C PRO B 22 47.10 26.30 -22.07
N VAL B 23 45.79 26.12 -21.96
CA VAL B 23 44.84 26.58 -22.98
C VAL B 23 43.99 27.68 -22.35
N SER B 24 43.97 28.84 -22.97
CA SER B 24 43.20 29.99 -22.50
C SER B 24 41.79 29.93 -23.10
N PHE B 25 40.78 30.27 -22.30
CA PHE B 25 39.42 30.29 -22.82
C PHE B 25 38.63 31.15 -21.84
N THR B 26 37.45 31.59 -22.25
CA THR B 26 36.62 32.38 -21.32
C THR B 26 35.40 31.57 -20.88
N TYR B 27 35.00 31.76 -19.62
CA TYR B 27 33.87 31.00 -19.08
C TYR B 27 33.57 31.64 -17.75
N PRO B 28 32.28 31.88 -17.44
CA PRO B 28 31.06 31.60 -18.21
C PRO B 28 30.66 32.69 -19.18
N ASP B 29 31.51 33.69 -19.34
CA ASP B 29 31.26 34.75 -20.31
C ASP B 29 32.63 35.32 -20.74
N THR B 30 32.67 36.18 -21.76
CA THR B 30 33.96 36.71 -22.27
C THR B 30 34.74 37.62 -21.35
N SER B 31 34.15 38.01 -20.22
CA SER B 31 34.80 38.86 -19.23
C SER B 31 35.43 38.00 -18.14
N SER B 32 35.36 36.67 -18.29
CA SER B 32 35.91 35.77 -17.27
C SER B 32 37.01 34.88 -17.89
N PRO B 33 38.27 35.29 -17.75
CA PRO B 33 39.35 34.46 -18.35
C PRO B 33 39.67 33.23 -17.52
N CYS B 34 39.91 32.11 -18.20
CA CYS B 34 40.21 30.84 -17.59
C CYS B 34 41.36 30.16 -18.34
N VAL B 35 41.92 29.16 -17.67
CA VAL B 35 42.97 28.31 -18.26
C VAL B 35 42.68 26.85 -17.94
N ALA B 36 42.82 25.96 -18.93
CA ALA B 36 42.72 24.52 -18.72
C ALA B 36 44.13 23.97 -19.00
N VAL B 37 44.48 22.93 -18.29
CA VAL B 37 45.80 22.33 -18.51
C VAL B 37 45.78 20.85 -18.19
N LYS B 38 46.41 20.08 -19.07
CA LYS B 38 46.52 18.66 -18.83
C LYS B 38 47.85 18.60 -18.04
N LEU B 39 47.80 18.18 -16.78
CA LEU B 39 48.98 18.27 -15.94
C LEU B 39 50.07 17.26 -16.19
N GLY B 40 49.69 16.10 -16.69
CA GLY B 40 50.67 15.03 -16.94
C GLY B 40 50.66 13.90 -15.96
N ALA B 41 50.17 14.13 -14.74
CA ALA B 41 50.08 13.11 -13.71
C ALA B 41 48.72 13.34 -13.04
N PRO B 42 48.02 12.28 -12.66
CA PRO B 42 46.73 12.43 -12.02
C PRO B 42 46.67 13.26 -10.72
N VAL B 43 45.59 14.01 -10.59
CA VAL B 43 45.34 14.80 -9.40
C VAL B 43 43.86 14.59 -9.02
N PRO B 44 43.55 14.66 -7.71
CA PRO B 44 42.12 14.46 -7.39
C PRO B 44 41.21 15.43 -8.19
N GLY B 45 40.13 14.91 -8.75
CA GLY B 45 39.30 15.88 -9.49
C GLY B 45 39.77 16.22 -10.93
N GLY B 46 40.93 15.71 -11.35
CA GLY B 46 41.31 15.92 -12.75
C GLY B 46 40.43 15.01 -13.63
N VAL B 47 40.19 15.42 -14.87
CA VAL B 47 39.39 14.59 -15.79
C VAL B 47 40.21 14.16 -16.98
N GLY B 48 39.61 13.38 -17.88
CA GLY B 48 40.33 12.86 -19.03
C GLY B 48 40.83 11.48 -18.65
N PRO B 49 41.39 10.74 -19.62
CA PRO B 49 41.90 9.38 -19.40
C PRO B 49 42.96 9.24 -18.33
N ASP B 50 43.73 10.29 -18.11
CA ASP B 50 44.77 10.26 -17.09
C ASP B 50 44.37 11.04 -15.83
N ASP B 51 43.09 11.42 -15.74
CA ASP B 51 42.57 12.17 -14.59
C ASP B 51 43.49 13.30 -14.18
N ASP B 52 43.94 14.02 -15.18
CA ASP B 52 44.89 15.10 -14.95
C ASP B 52 44.59 16.42 -15.60
N ILE B 53 43.42 16.56 -16.22
CA ILE B 53 43.04 17.83 -16.85
C ILE B 53 42.18 18.63 -15.86
N VAL B 54 42.62 19.86 -15.60
CA VAL B 54 41.95 20.75 -14.63
C VAL B 54 41.81 22.10 -15.27
N ALA B 55 40.94 22.95 -14.73
CA ALA B 55 40.79 24.28 -15.28
C ALA B 55 40.40 25.19 -14.12
N TYR B 56 40.74 26.45 -14.28
CA TYR B 56 40.51 27.49 -13.27
C TYR B 56 40.20 28.84 -13.87
N SER B 57 39.55 29.67 -13.07
CA SER B 57 39.42 31.07 -13.39
C SER B 57 40.85 31.63 -13.06
N VAL B 58 41.39 32.53 -13.88
CA VAL B 58 42.73 33.05 -13.58
C VAL B 58 42.76 34.40 -12.87
N LEU B 59 41.59 34.94 -12.52
CA LEU B 59 41.56 36.21 -11.82
C LEU B 59 41.81 35.96 -10.32
N CYS B 60 42.82 36.63 -9.76
CA CYS B 60 43.19 36.43 -8.39
C CYS B 60 41.98 36.77 -7.51
N THR B 61 41.68 35.88 -6.58
CA THR B 61 40.58 36.06 -5.63
C THR B 61 40.84 37.11 -4.56
N HIS B 62 42.05 37.65 -4.48
CA HIS B 62 42.30 38.73 -3.54
C HIS B 62 41.70 40.05 -4.11
N MET B 63 42.29 40.60 -5.18
CA MET B 63 41.78 41.80 -5.79
C MET B 63 41.68 41.78 -7.31
N GLY B 64 41.73 40.59 -7.89
CA GLY B 64 41.40 40.46 -9.29
C GLY B 64 42.46 40.58 -10.36
N CYS B 65 43.70 40.75 -9.96
CA CYS B 65 44.73 40.85 -11.03
C CYS B 65 44.79 39.50 -11.71
N PRO B 66 44.99 39.48 -13.06
CA PRO B 66 45.07 38.20 -13.76
C PRO B 66 46.36 37.50 -13.32
N THR B 67 46.25 36.21 -13.01
CA THR B 67 47.41 35.43 -12.56
C THR B 67 48.01 34.79 -13.82
N SER B 68 49.26 34.36 -13.71
CA SER B 68 49.92 33.71 -14.84
C SER B 68 50.25 32.30 -14.42
N TYR B 69 50.18 31.37 -15.36
CA TYR B 69 50.51 29.97 -15.07
C TYR B 69 52.02 29.78 -15.17
N ASP B 70 52.60 29.19 -14.14
CA ASP B 70 54.04 28.89 -14.15
C ASP B 70 54.17 27.39 -14.43
N SER B 71 54.62 27.03 -15.64
CA SER B 71 54.80 25.63 -16.00
C SER B 71 55.78 24.86 -15.12
N SER B 72 56.82 25.52 -14.64
CA SER B 72 57.80 24.78 -13.84
C SER B 72 57.30 24.37 -12.48
N SER B 73 56.34 25.12 -11.92
CA SER B 73 55.83 24.77 -10.60
C SER B 73 54.37 24.28 -10.63
N LYS B 74 53.69 24.46 -11.77
CA LYS B 74 52.27 24.08 -11.97
C LYS B 74 51.47 24.88 -10.95
N THR B 75 51.71 26.17 -10.97
CA THR B 75 51.01 27.09 -10.10
C THR B 75 50.56 28.31 -10.88
N PHE B 76 49.67 29.10 -10.27
CA PHE B 76 49.22 30.36 -10.89
C PHE B 76 49.72 31.43 -9.93
N SER B 77 50.40 32.42 -10.47
CA SER B 77 51.05 33.49 -9.68
C SER B 77 50.44 34.84 -9.90
N CYS B 78 50.16 35.57 -8.80
CA CYS B 78 49.59 36.89 -8.96
C CYS B 78 50.68 37.91 -8.74
N PRO B 79 50.87 38.80 -9.71
CA PRO B 79 51.89 39.83 -9.62
C PRO B 79 51.58 41.04 -8.73
N CYS B 80 50.33 41.13 -8.25
CA CYS B 80 49.95 42.34 -7.49
C CYS B 80 50.37 42.31 -6.05
N HIS B 81 50.02 41.27 -5.30
CA HIS B 81 50.44 41.16 -3.92
C HIS B 81 51.00 39.81 -3.62
N PHE B 82 51.44 39.14 -4.69
CA PHE B 82 52.23 37.90 -4.58
C PHE B 82 51.62 36.58 -4.11
N THR B 83 50.32 36.49 -4.24
CA THR B 83 49.66 35.24 -3.89
C THR B 83 49.99 34.21 -4.97
N GLU B 84 50.08 32.96 -4.55
CA GLU B 84 50.33 31.88 -5.51
C GLU B 84 49.38 30.70 -5.18
N PHE B 85 48.76 30.14 -6.21
CA PHE B 85 47.82 29.02 -6.09
C PHE B 85 48.33 27.73 -6.75
N ASP B 86 48.02 26.60 -6.12
CA ASP B 86 48.48 25.30 -6.60
C ASP B 86 47.51 24.61 -7.58
N ALA B 87 47.90 24.52 -8.87
CA ALA B 87 47.01 23.89 -9.84
C ALA B 87 46.80 22.41 -9.58
N GLU B 88 47.70 21.76 -8.82
CA GLU B 88 47.61 20.34 -8.52
C GLU B 88 46.84 20.04 -7.21
N LYS B 89 46.40 21.09 -6.52
CA LYS B 89 45.65 20.91 -5.29
C LYS B 89 44.38 21.74 -5.31
N ALA B 90 43.71 21.70 -6.46
CA ALA B 90 42.42 22.39 -6.62
C ALA B 90 42.47 23.86 -6.28
N GLY B 91 43.55 24.53 -6.70
CA GLY B 91 43.67 25.94 -6.50
C GLY B 91 44.03 26.38 -5.10
N GLN B 92 44.45 25.45 -4.25
CA GLN B 92 44.87 25.76 -2.88
C GLN B 92 45.86 26.92 -2.84
N MET B 93 45.59 27.92 -2.02
CA MET B 93 46.51 29.03 -1.91
C MET B 93 47.76 28.59 -1.12
N ILE B 94 48.94 28.64 -1.79
CA ILE B 94 50.21 28.24 -1.19
C ILE B 94 50.69 29.26 -0.16
N CYS B 95 50.60 30.52 -0.56
CA CYS B 95 50.94 31.67 0.26
C CYS B 95 50.23 32.87 -0.35
N GLY B 96 49.76 33.80 0.46
CA GLY B 96 49.15 34.96 -0.19
C GLY B 96 48.11 35.68 0.66
N GLU B 97 47.46 36.64 0.03
CA GLU B 97 46.51 37.51 0.78
C GLU B 97 45.04 37.21 0.51
N ALA B 98 44.76 36.27 -0.39
CA ALA B 98 43.36 35.93 -0.68
C ALA B 98 42.76 35.13 0.48
N THR B 99 41.44 35.10 0.54
CA THR B 99 40.76 34.28 1.56
C THR B 99 39.93 33.16 0.88
N ALA B 100 40.20 32.86 -0.39
CA ALA B 100 39.49 31.78 -1.05
C ALA B 100 40.50 31.14 -2.01
N ASP B 101 40.36 29.83 -2.22
CA ASP B 101 41.20 29.17 -3.24
C ASP B 101 40.81 29.62 -4.66
N LEU B 102 41.69 29.41 -5.64
CA LEU B 102 41.37 29.84 -7.02
C LEU B 102 40.12 29.08 -7.49
N PRO B 103 39.08 29.78 -8.03
CA PRO B 103 37.85 29.05 -8.46
C PRO B 103 38.15 27.96 -9.51
N ARG B 104 37.58 26.78 -9.32
CA ARG B 104 37.78 25.65 -10.25
C ARG B 104 36.70 25.65 -11.30
N VAL B 105 37.08 25.55 -12.59
CA VAL B 105 36.08 25.43 -13.65
C VAL B 105 35.81 23.93 -13.77
N LEU B 106 34.56 23.52 -13.55
CA LEU B 106 34.19 22.12 -13.62
C LEU B 106 34.11 21.70 -15.09
N LEU B 107 34.84 20.64 -15.41
CA LEU B 107 34.88 20.11 -16.78
C LEU B 107 34.23 18.77 -16.88
N ARG B 108 33.50 18.58 -17.99
CA ARG B 108 32.96 17.27 -18.25
C ARG B 108 33.86 16.69 -19.39
N TYR B 109 34.26 15.44 -19.23
CA TYR B 109 35.04 14.75 -20.29
C TYR B 109 34.11 13.68 -20.89
N ASP B 110 33.86 13.73 -22.20
CA ASP B 110 32.96 12.78 -22.86
C ASP B 110 33.85 11.80 -23.69
N ALA B 111 33.97 10.54 -23.25
CA ALA B 111 34.76 9.51 -23.96
C ALA B 111 34.23 9.26 -25.40
N ALA B 112 32.91 9.37 -25.63
CA ALA B 112 32.41 9.10 -26.97
C ALA B 112 32.90 10.06 -28.06
N SER B 113 33.15 11.32 -27.70
CA SER B 113 33.56 12.37 -28.62
C SER B 113 34.99 12.90 -28.34
N ASP B 114 35.51 12.57 -27.15
CA ASP B 114 36.80 13.07 -26.61
C ASP B 114 36.69 14.54 -26.19
N ALA B 115 35.47 15.09 -26.17
CA ALA B 115 35.31 16.52 -25.85
C ALA B 115 35.42 16.88 -24.37
N LEU B 116 36.01 18.06 -24.12
CA LEU B 116 36.12 18.67 -22.77
C LEU B 116 35.18 19.86 -22.83
N THR B 117 34.26 19.95 -21.87
CA THR B 117 33.28 21.04 -21.85
C THR B 117 33.24 21.66 -20.45
N ALA B 118 33.28 22.99 -20.36
CA ALA B 118 33.21 23.67 -19.06
C ALA B 118 31.68 23.73 -18.74
N VAL B 119 31.30 23.28 -17.55
CA VAL B 119 29.88 23.21 -17.24
C VAL B 119 29.51 23.86 -15.90
N GLY B 120 30.49 24.35 -15.15
CA GLY B 120 30.16 25.02 -13.90
C GLY B 120 31.42 25.61 -13.26
N VAL B 121 31.27 26.26 -12.10
CA VAL B 121 32.44 26.84 -11.42
C VAL B 121 32.25 26.58 -9.92
N ASP B 122 33.30 26.12 -9.26
CA ASP B 122 33.25 25.87 -7.82
C ASP B 122 34.09 27.01 -7.21
N GLY B 123 33.43 27.94 -6.50
CA GLY B 123 34.09 29.10 -5.94
C GLY B 123 33.53 30.30 -6.66
N LEU B 124 33.71 31.48 -6.09
CA LEU B 124 33.14 32.70 -6.71
C LEU B 124 34.26 33.49 -7.41
N ILE B 125 34.09 33.66 -8.72
CA ILE B 125 35.01 34.43 -9.55
C ILE B 125 35.12 35.86 -9.07
N TYR B 126 36.35 36.38 -9.03
CA TYR B 126 36.55 37.77 -8.69
C TYR B 126 35.64 38.78 -9.38
N GLY B 127 35.28 39.84 -8.63
CA GLY B 127 34.62 40.99 -9.25
C GLY B 127 33.22 40.89 -9.77
N ARG B 128 32.48 39.93 -9.24
CA ARG B 128 31.08 39.78 -9.65
C ARG B 128 30.22 39.33 -8.47
N GLN B 129 28.94 39.66 -8.55
CA GLN B 129 28.04 39.31 -7.47
C GLN B 129 27.61 37.86 -7.51
N ALA B 130 27.64 37.27 -8.71
CA ALA B 130 27.31 35.85 -8.86
C ALA B 130 28.20 35.40 -10.03
N ASN B 131 28.49 34.11 -10.12
CA ASN B 131 29.33 33.65 -11.24
C ASN B 131 28.74 33.94 -12.62
N VAL B 132 27.41 33.95 -12.72
CA VAL B 132 26.71 34.25 -13.95
C VAL B 132 26.11 35.61 -13.75
N ILE B 133 26.46 36.56 -14.61
CA ILE B 133 25.99 37.91 -14.54
C ILE B 133 24.70 37.97 -15.37
N ASN C 4 18.22 28.00 4.40
CA ASN C 4 17.54 29.29 4.61
C ASN C 4 15.99 29.16 4.39
N ASP C 5 15.47 29.88 3.43
CA ASP C 5 14.01 29.83 3.22
C ASP C 5 13.66 29.12 1.93
N ARG C 6 14.48 28.14 1.58
CA ARG C 6 14.26 27.35 0.39
C ARG C 6 15.13 26.07 0.40
N ILE C 7 14.75 25.13 -0.45
CA ILE C 7 15.44 23.87 -0.56
C ILE C 7 15.77 23.57 -2.03
N THR C 8 16.87 22.86 -2.25
CA THR C 8 17.24 22.47 -3.61
C THR C 8 16.64 21.08 -3.83
N LEU C 9 15.72 20.96 -4.79
CA LEU C 9 15.08 19.69 -5.03
C LEU C 9 16.02 18.71 -5.79
N PRO C 10 15.86 17.41 -5.58
CA PRO C 10 16.69 16.42 -6.29
C PRO C 10 16.17 16.30 -7.74
N PRO C 11 17.09 16.29 -8.72
CA PRO C 11 16.66 16.15 -10.11
C PRO C 11 15.91 14.83 -10.31
N ALA C 12 15.10 14.73 -11.38
CA ALA C 12 14.38 13.46 -11.63
C ALA C 12 15.32 12.26 -11.68
N ASN C 13 16.53 12.49 -12.23
CA ASN C 13 17.49 11.39 -12.38
C ASN C 13 18.55 11.29 -11.31
N ALA C 14 18.36 11.98 -10.17
CA ALA C 14 19.29 11.87 -9.06
C ALA C 14 19.55 10.43 -8.65
N GLN C 15 20.76 10.17 -8.15
CA GLN C 15 21.10 8.85 -7.68
C GLN C 15 20.29 8.69 -6.38
N ARG C 16 19.74 7.50 -6.18
CA ARG C 16 19.01 7.19 -4.90
C ARG C 16 19.48 5.86 -4.34
N THR C 17 19.81 5.83 -3.04
CA THR C 17 20.22 4.59 -2.43
C THR C 17 19.36 4.41 -1.18
N ASN C 18 19.38 3.20 -0.68
CA ASN C 18 18.61 2.87 0.58
C ASN C 18 19.45 3.12 1.80
N MET C 19 18.81 3.56 2.87
CA MET C 19 19.55 3.78 4.09
C MET C 19 18.61 3.48 5.25
N THR C 20 18.99 2.56 6.15
CA THR C 20 18.18 2.36 7.38
C THR C 20 18.62 3.46 8.33
N CYS C 21 17.69 3.98 9.17
CA CYS C 21 18.10 4.99 10.11
C CYS C 21 19.35 4.49 10.88
N HIS C 22 20.29 5.40 11.15
CA HIS C 22 21.50 5.06 11.95
C HIS C 22 21.23 4.72 13.40
N PHE C 23 20.08 5.18 13.89
CA PHE C 23 19.88 5.16 15.36
C PHE C 23 19.06 4.09 16.04
N CYS C 24 17.83 4.39 16.45
CA CYS C 24 17.19 3.34 17.26
C CYS C 24 16.72 2.09 16.55
N ILE C 25 16.37 1.15 17.42
CA ILE C 25 15.88 -0.20 17.10
C ILE C 25 14.81 -0.26 16.01
N VAL C 26 13.90 0.72 15.92
CA VAL C 26 12.82 0.61 14.94
C VAL C 26 13.39 0.42 13.54
N GLY C 27 14.49 1.11 13.24
CA GLY C 27 15.09 0.84 11.93
C GLY C 27 14.27 1.34 10.77
N CYS C 28 13.74 2.57 10.87
CA CYS C 28 12.93 3.16 9.82
C CYS C 28 13.73 3.19 8.49
N GLY C 29 13.04 3.00 7.41
CA GLY C 29 13.65 3.05 6.06
C GLY C 29 13.68 4.44 5.49
N TYR C 30 14.82 4.79 4.86
CA TYR C 30 15.03 6.10 4.25
C TYR C 30 15.66 5.90 2.86
N HIS C 31 15.58 6.96 2.08
CA HIS C 31 16.30 7.08 0.80
C HIS C 31 17.28 8.22 0.93
N VAL C 32 18.43 8.04 0.25
CA VAL C 32 19.41 9.12 0.20
C VAL C 32 19.51 9.49 -1.28
N TYR C 33 19.19 10.74 -1.60
CA TYR C 33 19.32 11.26 -2.98
C TYR C 33 20.64 12.03 -3.00
N LYS C 34 21.46 11.80 -4.06
CA LYS C 34 22.75 12.47 -4.17
C LYS C 34 22.87 12.97 -5.62
N TRP C 35 23.30 14.20 -5.80
CA TRP C 35 23.44 14.76 -7.14
C TRP C 35 24.40 15.94 -7.09
N PRO C 36 24.96 16.32 -8.25
CA PRO C 36 25.91 17.44 -8.28
C PRO C 36 25.37 18.71 -7.65
N GLU C 37 26.21 19.41 -6.90
CA GLU C 37 25.83 20.61 -6.20
C GLU C 37 25.17 21.65 -7.08
N LEU C 38 25.65 21.80 -8.31
CA LEU C 38 25.11 22.84 -9.17
C LEU C 38 23.88 22.46 -9.99
N GLU C 39 23.33 21.28 -9.73
CA GLU C 39 22.10 20.86 -10.43
C GLU C 39 20.93 20.85 -9.45
N GLU C 40 19.73 20.83 -10.01
CA GLU C 40 18.53 20.81 -9.16
C GLU C 40 17.31 20.34 -9.97
N GLY C 41 16.37 19.74 -9.25
CA GLY C 41 15.14 19.28 -9.89
C GLY C 41 14.17 20.46 -10.08
N GLY C 42 13.14 20.25 -10.89
CA GLY C 42 12.15 21.30 -11.12
C GLY C 42 10.97 21.07 -10.16
N ARG C 43 10.10 22.08 -10.02
CA ARG C 43 8.94 21.98 -9.09
C ARG C 43 7.87 21.01 -9.59
N ALA C 44 7.77 20.83 -10.94
CA ALA C 44 6.73 19.88 -11.46
C ALA C 44 7.05 18.50 -10.94
N PRO C 45 6.02 17.73 -10.56
CA PRO C 45 6.25 16.40 -10.00
C PRO C 45 7.13 15.42 -10.81
N GLU C 46 7.03 15.45 -12.14
CA GLU C 46 7.84 14.53 -12.95
C GLU C 46 9.21 15.12 -13.21
N GLN C 47 9.49 16.31 -12.69
CA GLN C 47 10.84 16.90 -12.86
C GLN C 47 11.70 16.90 -11.61
N ASN C 48 11.25 16.27 -10.53
CA ASN C 48 12.06 16.11 -9.32
C ASN C 48 11.95 14.66 -8.86
N ALA C 49 12.95 14.14 -8.17
CA ALA C 49 12.99 12.74 -7.79
C ALA C 49 11.94 12.35 -6.73
N LEU C 50 11.45 13.38 -6.05
CA LEU C 50 10.45 13.09 -4.98
C LEU C 50 9.08 12.79 -5.60
N GLY C 51 8.83 13.24 -6.82
CA GLY C 51 7.56 12.95 -7.47
C GLY C 51 6.45 13.80 -6.87
N LEU C 52 6.85 14.88 -6.20
CA LEU C 52 5.90 15.80 -5.57
C LEU C 52 5.71 17.07 -6.33
N ASP C 53 4.49 17.62 -6.27
CA ASP C 53 4.23 18.84 -7.00
C ASP C 53 4.48 20.09 -6.18
N PHE C 54 5.64 20.72 -6.40
CA PHE C 54 5.99 21.95 -5.69
C PHE C 54 5.57 23.23 -6.42
N ARG C 55 4.65 23.12 -7.36
CA ARG C 55 4.17 24.31 -8.04
C ARG C 55 3.06 25.00 -7.24
N LYS C 56 2.57 24.30 -6.23
CA LYS C 56 1.53 24.85 -5.35
C LYS C 56 1.72 24.16 -4.01
N GLN C 57 1.11 24.72 -2.95
CA GLN C 57 1.24 24.13 -1.65
C GLN C 57 0.93 22.66 -1.57
N LEU C 58 1.73 21.91 -0.84
CA LEU C 58 1.47 20.48 -0.67
C LEU C 58 0.49 20.28 0.51
N PRO C 59 -0.35 19.25 0.42
CA PRO C 59 -1.28 19.01 1.53
C PRO C 59 -0.55 18.39 2.70
N PRO C 60 -1.17 18.46 3.90
CA PRO C 60 -0.52 17.84 5.06
C PRO C 60 -0.28 16.34 4.83
N LEU C 61 0.76 15.85 5.50
CA LEU C 61 1.24 14.46 5.49
C LEU C 61 1.82 14.02 4.14
N ALA C 62 1.95 14.94 3.18
CA ALA C 62 2.45 14.58 1.82
C ALA C 62 3.95 14.35 1.81
N VAL C 63 4.64 14.95 2.77
CA VAL C 63 6.12 14.86 2.75
C VAL C 63 6.70 15.17 4.13
N THR C 64 7.94 14.73 4.35
CA THR C 64 8.73 15.07 5.49
C THR C 64 9.98 15.66 4.84
N LEU C 65 10.09 16.96 4.89
CA LEU C 65 11.25 17.61 4.24
C LEU C 65 11.55 18.94 4.87
N THR C 66 12.75 19.09 5.47
CA THR C 66 13.16 20.38 6.03
C THR C 66 14.63 20.58 5.66
N PRO C 67 15.14 21.79 5.83
CA PRO C 67 16.57 22.01 5.50
C PRO C 67 17.50 21.04 6.25
N ALA C 68 17.18 20.67 7.49
CA ALA C 68 18.02 19.75 8.22
C ALA C 68 18.15 18.36 7.56
N MET C 69 17.28 18.04 6.60
CA MET C 69 17.27 16.73 5.97
C MET C 69 18.08 16.85 4.66
N THR C 70 18.82 17.95 4.55
CA THR C 70 19.64 18.17 3.33
C THR C 70 21.06 18.54 3.71
N ASN C 71 21.98 18.36 2.78
CA ASN C 71 23.34 18.82 3.09
C ASN C 71 24.10 18.88 1.75
N VAL C 72 25.33 19.40 1.84
CA VAL C 72 26.17 19.37 0.61
C VAL C 72 27.47 18.73 1.07
N VAL C 73 27.83 17.58 0.49
CA VAL C 73 29.05 16.86 0.89
C VAL C 73 30.19 17.09 -0.11
N THR C 74 31.41 16.88 0.35
CA THR C 74 32.58 17.08 -0.54
C THR C 74 33.30 15.74 -0.49
N GLU C 75 33.47 15.13 -1.66
CA GLU C 75 34.09 13.82 -1.79
C GLU C 75 35.63 13.96 -1.80
N HIS C 76 36.32 12.82 -1.73
CA HIS C 76 37.79 12.87 -1.68
C HIS C 76 38.34 13.50 -2.91
N ASP C 77 37.60 13.42 -4.00
CA ASP C 77 38.10 14.04 -5.23
C ASP C 77 37.77 15.54 -5.36
N GLY C 78 37.26 16.11 -4.25
CA GLY C 78 36.92 17.51 -4.25
C GLY C 78 35.58 17.91 -4.86
N ALA C 79 34.86 16.99 -5.49
CA ALA C 79 33.56 17.30 -6.10
C ALA C 79 32.52 17.43 -4.95
N ARG C 80 31.60 18.36 -5.15
CA ARG C 80 30.55 18.65 -4.13
C ARG C 80 29.21 18.12 -4.64
N TYR C 81 28.46 17.51 -3.71
CA TYR C 81 27.19 16.90 -4.08
C TYR C 81 26.10 17.26 -3.07
N ASP C 82 24.96 17.71 -3.59
CA ASP C 82 23.80 17.84 -2.69
C ASP C 82 23.41 16.45 -2.22
N ILE C 83 22.92 16.34 -0.96
CA ILE C 83 22.35 15.06 -0.54
C ILE C 83 20.99 15.45 0.16
N MET C 84 20.08 14.52 0.16
CA MET C 84 18.75 14.72 0.78
C MET C 84 18.44 13.34 1.33
N VAL C 85 18.18 13.24 2.65
CA VAL C 85 17.93 11.95 3.31
C VAL C 85 16.53 12.02 3.89
N VAL C 86 15.60 11.29 3.25
CA VAL C 86 14.19 11.39 3.62
C VAL C 86 13.57 10.02 3.79
N PRO C 87 12.54 9.93 4.63
CA PRO C 87 11.92 8.61 4.86
C PRO C 87 11.24 7.99 3.64
N ASP C 88 11.22 6.66 3.65
CA ASP C 88 10.65 5.86 2.57
C ASP C 88 9.15 5.55 2.85
N LYS C 89 8.28 6.18 2.08
CA LYS C 89 6.82 5.95 2.26
C LYS C 89 6.43 4.48 2.07
N ALA C 90 7.18 3.72 1.27
CA ALA C 90 6.83 2.32 1.03
C ALA C 90 7.40 1.30 1.99
N CYS C 91 8.26 1.74 2.91
CA CYS C 91 8.81 0.81 3.89
C CYS C 91 7.72 0.45 4.89
N VAL C 92 7.51 -0.84 5.09
CA VAL C 92 6.46 -1.30 6.03
C VAL C 92 6.75 -0.92 7.47
N VAL C 93 8.01 -0.71 7.83
CA VAL C 93 8.33 -0.37 9.20
C VAL C 93 7.74 0.95 9.64
N ASN C 94 8.05 1.99 8.89
CA ASN C 94 7.67 3.36 9.20
C ASN C 94 6.62 4.03 8.33
N SER C 95 6.33 3.45 7.16
CA SER C 95 5.35 3.96 6.20
C SER C 95 5.58 5.48 5.98
N GLY C 96 6.86 5.88 5.82
CA GLY C 96 7.17 7.29 5.55
C GLY C 96 7.44 8.22 6.74
N LEU C 97 7.32 7.68 7.96
CA LEU C 97 7.59 8.51 9.13
C LEU C 97 9.10 8.58 9.42
N SER C 98 9.47 9.74 9.92
CA SER C 98 10.82 10.02 10.35
C SER C 98 10.69 10.61 11.78
N SER C 99 11.48 10.10 12.71
CA SER C 99 11.53 10.69 14.08
C SER C 99 12.47 11.92 13.97
N THR C 100 12.46 12.72 15.03
CA THR C 100 13.34 13.90 15.05
C THR C 100 14.81 13.46 15.05
N ARG C 101 15.11 12.22 15.43
CA ARG C 101 16.52 11.78 15.50
C ARG C 101 17.01 11.34 14.11
N GLY C 102 16.24 10.48 13.46
CA GLY C 102 16.61 10.04 12.12
C GLY C 102 16.45 11.19 11.14
N GLY C 103 15.53 12.14 11.40
CA GLY C 103 15.36 13.25 10.47
C GLY C 103 16.61 14.11 10.30
N LYS C 104 17.49 14.08 11.29
CA LYS C 104 18.69 14.89 11.25
C LYS C 104 19.79 14.14 10.52
N MET C 105 19.53 12.94 10.02
CA MET C 105 20.71 12.22 9.41
C MET C 105 21.49 13.03 8.36
N ALA C 106 20.82 13.74 7.43
CA ALA C 106 21.60 14.51 6.43
C ALA C 106 22.53 15.51 7.12
N SER C 107 22.06 16.14 8.23
CA SER C 107 22.88 17.15 8.92
C SER C 107 24.08 16.52 9.64
N TYR C 108 23.97 15.26 10.01
CA TYR C 108 24.99 14.52 10.75
C TYR C 108 25.94 13.74 9.84
N MET C 109 25.69 13.82 8.53
CA MET C 109 26.66 13.25 7.58
C MET C 109 27.89 14.17 7.65
N TYR C 110 29.07 13.61 7.35
CA TYR C 110 30.25 14.43 7.43
C TYR C 110 30.37 15.47 6.35
N THR C 111 30.69 16.70 6.80
CA THR C 111 31.07 17.81 5.89
C THR C 111 32.16 18.61 6.61
N PRO C 112 33.05 19.28 5.85
CA PRO C 112 34.12 20.03 6.51
C PRO C 112 33.63 21.31 7.25
N THR C 113 32.40 21.75 7.01
CA THR C 113 31.96 23.00 7.64
C THR C 113 30.69 22.82 8.49
N GLY C 114 30.13 21.63 8.45
CA GLY C 114 28.86 21.37 9.15
C GLY C 114 28.97 20.82 10.56
N ASP C 115 27.90 20.13 10.96
CA ASP C 115 27.86 19.58 12.32
C ASP C 115 28.88 18.51 12.51
N GLY C 116 29.36 17.92 11.42
CA GLY C 116 30.33 16.84 11.51
C GLY C 116 31.77 17.35 11.34
N LYS C 117 31.97 18.66 11.41
CA LYS C 117 33.31 19.28 11.20
C LYS C 117 34.42 18.64 12.01
N GLU C 118 34.10 18.25 13.25
CA GLU C 118 35.09 17.72 14.18
C GLU C 118 35.23 16.19 14.18
N ARG C 119 34.68 15.54 13.15
CA ARG C 119 34.82 14.09 13.03
C ARG C 119 36.34 13.73 13.05
N LEU C 120 36.69 12.63 13.67
CA LEU C 120 38.08 12.19 13.64
C LEU C 120 38.32 11.85 12.18
N SER C 121 39.45 12.30 11.62
CA SER C 121 39.72 11.98 10.22
C SER C 121 41.17 11.53 9.99
N ALA C 122 41.85 11.29 11.10
CA ALA C 122 43.23 10.81 11.07
C ALA C 122 43.51 10.26 12.43
N PRO C 123 44.51 9.38 12.56
CA PRO C 123 44.83 8.89 13.90
C PRO C 123 45.33 10.11 14.71
N ARG C 124 44.99 10.13 16.01
CA ARG C 124 45.36 11.22 16.92
C ARG C 124 46.14 10.58 18.08
N LEU C 125 47.23 11.22 18.45
CA LEU C 125 48.10 10.68 19.49
C LEU C 125 48.36 11.70 20.55
N TYR C 126 48.21 11.30 21.81
CA TYR C 126 48.54 12.25 22.83
C TYR C 126 50.05 11.96 23.10
N ALA C 127 50.90 12.74 22.42
CA ALA C 127 52.37 12.56 22.49
C ALA C 127 52.90 13.20 23.76
N ALA C 128 52.64 12.52 24.88
CA ALA C 128 53.05 12.92 26.24
C ALA C 128 52.41 14.14 26.87
N ASP C 129 52.36 15.23 26.13
CA ASP C 129 51.88 16.50 26.65
C ASP C 129 51.08 17.31 25.66
N GLU C 130 50.60 16.68 24.58
CA GLU C 130 49.84 17.40 23.58
C GLU C 130 49.24 16.44 22.57
N TRP C 131 48.08 16.78 22.05
CA TRP C 131 47.44 16.00 21.00
C TRP C 131 48.08 16.39 19.65
N VAL C 132 48.44 15.39 18.86
CA VAL C 132 48.95 15.64 17.50
C VAL C 132 48.40 14.60 16.55
N ASP C 133 48.46 14.87 15.24
CA ASP C 133 48.07 13.81 14.30
C ASP C 133 49.24 12.82 14.20
N THR C 134 48.91 11.58 13.83
CA THR C 134 49.98 10.62 13.53
C THR C 134 49.53 9.76 12.36
N THR C 135 50.43 8.96 11.80
CA THR C 135 50.12 8.15 10.64
C THR C 135 49.45 6.86 11.05
N TRP C 136 48.69 6.24 10.15
CA TRP C 136 48.10 4.97 10.48
C TRP C 136 49.16 3.91 10.78
N ASP C 137 50.26 3.90 10.00
CA ASP C 137 51.28 2.88 10.26
C ASP C 137 51.89 3.03 11.64
N HIS C 138 52.09 4.26 12.09
CA HIS C 138 52.66 4.49 13.40
C HIS C 138 51.63 4.08 14.44
N ALA C 139 50.37 4.49 14.27
CA ALA C 139 49.37 4.10 15.27
C ALA C 139 49.33 2.58 15.41
N MET C 140 49.39 1.86 14.29
CA MET C 140 49.33 0.39 14.32
C MET C 140 50.61 -0.19 14.97
N ALA C 141 51.77 0.35 14.62
CA ALA C 141 53.00 -0.17 15.25
C ALA C 141 52.94 0.03 16.80
N LEU C 142 52.41 1.16 17.24
CA LEU C 142 52.32 1.44 18.67
C LEU C 142 51.27 0.56 19.38
N TYR C 143 50.09 0.50 18.77
CA TYR C 143 48.98 -0.24 19.34
C TYR C 143 49.24 -1.74 19.30
N ALA C 144 49.58 -2.29 18.13
CA ALA C 144 49.88 -3.71 17.99
C ALA C 144 51.13 -4.01 18.79
N GLY C 145 52.05 -3.04 18.89
CA GLY C 145 53.26 -3.27 19.67
C GLY C 145 52.95 -3.51 21.13
N LEU C 146 52.07 -2.70 21.69
CA LEU C 146 51.67 -2.86 23.07
C LEU C 146 50.84 -4.12 23.28
N ILE C 147 49.95 -4.46 22.35
CA ILE C 147 49.16 -5.68 22.53
C ILE C 147 50.11 -6.89 22.46
N LYS C 148 51.07 -6.85 21.54
CA LYS C 148 52.00 -7.97 21.42
C LYS C 148 52.88 -8.13 22.65
N LYS C 149 53.42 -7.03 23.17
CA LYS C 149 54.26 -7.17 24.36
C LYS C 149 53.42 -7.71 25.53
N THR C 150 52.17 -7.23 25.62
CA THR C 150 51.29 -7.71 26.69
C THR C 150 50.95 -9.21 26.52
N LEU C 151 50.61 -9.64 25.30
CA LEU C 151 50.31 -11.05 25.07
C LEU C 151 51.52 -11.93 25.39
N ASP C 152 52.69 -11.42 25.05
CA ASP C 152 53.91 -12.23 25.22
C ASP C 152 54.30 -12.43 26.65
N LYS C 153 54.15 -11.38 27.46
CA LYS C 153 54.52 -11.43 28.86
C LYS C 153 53.38 -11.74 29.81
N ASP C 154 52.25 -11.04 29.65
CA ASP C 154 51.11 -11.23 30.57
C ASP C 154 50.03 -12.17 30.06
N GLY C 155 49.93 -12.34 28.76
CA GLY C 155 48.85 -13.15 28.21
C GLY C 155 47.70 -12.20 27.88
N PRO C 156 46.65 -12.74 27.25
CA PRO C 156 45.48 -11.91 26.87
C PRO C 156 44.77 -11.24 28.05
N GLN C 157 44.99 -11.73 29.28
CA GLN C 157 44.38 -11.11 30.48
C GLN C 157 44.84 -9.65 30.72
N GLY C 158 45.90 -9.21 30.00
CA GLY C 158 46.35 -7.84 30.16
C GLY C 158 45.78 -6.87 29.12
N VAL C 159 44.97 -7.41 28.20
CA VAL C 159 44.39 -6.65 27.08
C VAL C 159 42.86 -6.51 27.30
N PHE C 160 42.43 -5.27 27.50
CA PHE C 160 41.01 -4.97 27.84
C PHE C 160 40.28 -4.23 26.74
N PHE C 161 38.96 -4.47 26.66
CA PHE C 161 38.15 -3.75 25.70
C PHE C 161 36.76 -3.51 26.27
N SER C 162 36.17 -2.42 25.83
CA SER C 162 34.73 -2.19 26.06
C SER C 162 34.29 -1.88 24.62
N CYS C 163 33.44 -2.75 24.07
CA CYS C 163 33.05 -2.63 22.67
C CYS C 163 31.56 -2.78 22.44
N PHE C 164 31.04 -2.04 21.45
CA PHE C 164 29.64 -2.21 21.04
C PHE C 164 29.37 -3.68 20.72
N ASP C 165 28.12 -4.13 20.89
CA ASP C 165 27.78 -5.45 20.43
C ASP C 165 26.48 -5.27 19.67
N HIS C 166 26.15 -4.03 19.36
CA HIS C 166 24.84 -3.73 18.72
C HIS C 166 24.82 -3.57 17.18
N GLY C 167 23.64 -3.18 16.63
CA GLY C 167 23.50 -2.95 15.22
C GLY C 167 23.45 -1.47 14.88
N GLY C 168 23.07 -1.17 13.63
CA GLY C 168 22.98 0.21 13.17
C GLY C 168 24.37 0.86 13.16
N ALA C 169 24.38 2.18 13.15
CA ALA C 169 25.62 2.95 13.11
C ALA C 169 26.46 2.61 14.32
N GLY C 170 27.76 2.33 14.09
CA GLY C 170 28.63 1.93 15.19
C GLY C 170 28.41 0.49 15.61
N GLY C 171 27.83 -0.32 14.71
CA GLY C 171 27.65 -1.73 15.01
C GLY C 171 27.31 -2.44 13.72
N GLY C 172 26.50 -3.50 13.77
CA GLY C 172 26.11 -4.18 12.53
C GLY C 172 26.89 -5.48 12.31
N PHE C 173 26.37 -6.32 11.42
CA PHE C 173 26.92 -7.68 11.29
C PHE C 173 28.38 -7.74 10.89
N GLU C 174 28.75 -6.80 10.04
CA GLU C 174 30.17 -6.72 9.55
C GLU C 174 31.07 -6.32 10.74
N ASN C 175 30.67 -5.30 11.48
CA ASN C 175 31.44 -4.72 12.59
C ASN C 175 31.52 -5.55 13.83
N THR C 176 30.40 -6.18 14.23
CA THR C 176 30.47 -7.05 15.40
C THR C 176 31.33 -8.28 15.05
N TRP C 177 31.30 -8.76 13.80
CA TRP C 177 32.12 -9.94 13.44
C TRP C 177 33.61 -9.54 13.43
N GLY C 178 33.92 -8.42 12.78
CA GLY C 178 35.33 -7.97 12.78
C GLY C 178 35.93 -7.78 14.16
N THR C 179 35.22 -7.06 15.05
CA THR C 179 35.75 -6.83 16.38
C THR C 179 35.72 -8.13 17.23
N GLY C 180 34.67 -8.95 17.07
CA GLY C 180 34.57 -10.20 17.80
C GLY C 180 35.67 -11.18 17.36
N LYS C 181 35.93 -11.25 16.07
CA LYS C 181 36.98 -12.17 15.60
C LYS C 181 38.34 -11.68 16.17
N LEU C 182 38.57 -10.37 16.13
CA LEU C 182 39.82 -9.83 16.65
C LEU C 182 39.95 -10.08 18.14
N MET C 183 38.93 -9.71 18.93
CA MET C 183 39.06 -9.89 20.36
C MET C 183 39.08 -11.32 20.84
N PHE C 184 38.20 -12.15 20.26
CA PHE C 184 38.04 -13.50 20.79
C PHE C 184 38.84 -14.58 20.10
N SER C 185 38.95 -14.49 18.79
CA SER C 185 39.64 -15.53 18.07
C SER C 185 41.12 -15.29 17.89
N ALA C 186 41.50 -14.02 17.76
CA ALA C 186 42.91 -13.66 17.47
C ALA C 186 43.64 -13.27 18.76
N ILE C 187 43.19 -12.22 19.43
CA ILE C 187 43.82 -11.86 20.67
C ILE C 187 43.45 -12.90 21.76
N GLN C 188 42.23 -13.39 21.70
CA GLN C 188 41.70 -14.37 22.66
C GLN C 188 41.62 -13.83 24.11
N THR C 189 41.16 -12.57 24.25
CA THR C 189 41.01 -12.02 25.57
C THR C 189 39.58 -12.11 26.14
N PRO C 190 39.48 -12.51 27.40
CA PRO C 190 38.17 -12.61 28.07
C PRO C 190 37.88 -11.28 28.80
N MET C 191 38.82 -10.31 28.73
CA MET C 191 38.65 -9.04 29.44
C MET C 191 37.90 -8.05 28.57
N VAL C 192 36.68 -8.42 28.24
CA VAL C 192 35.84 -7.62 27.39
C VAL C 192 34.48 -7.34 28.04
N ARG C 193 34.09 -6.08 27.95
CA ARG C 193 32.77 -5.69 28.37
C ARG C 193 32.06 -5.15 27.14
N ILE C 194 30.77 -4.85 27.30
CA ILE C 194 29.95 -4.41 26.17
C ILE C 194 29.62 -2.92 26.34
N HIS C 195 29.17 -2.26 25.29
CA HIS C 195 29.00 -0.83 25.38
C HIS C 195 28.09 -0.39 26.53
N ASN C 196 27.06 -1.19 26.82
CA ASN C 196 26.08 -0.76 27.84
C ASN C 196 26.05 -1.57 29.13
N ARG C 197 26.95 -2.53 29.30
CA ARG C 197 26.94 -3.34 30.53
C ARG C 197 28.40 -3.71 30.77
N PRO C 198 28.81 -3.70 32.04
CA PRO C 198 30.20 -3.96 32.44
C PRO C 198 30.83 -5.34 32.44
N ALA C 199 30.22 -6.28 31.73
CA ALA C 199 30.75 -7.63 31.59
C ALA C 199 30.30 -8.22 30.25
N TYR C 200 30.77 -9.42 29.86
CA TYR C 200 30.33 -10.00 28.59
C TYR C 200 29.14 -10.90 28.97
N ASN C 201 27.95 -10.30 28.92
CA ASN C 201 26.73 -11.00 29.36
C ASN C 201 25.59 -10.60 28.45
N SER C 202 24.37 -11.02 28.83
CA SER C 202 23.19 -10.69 28.01
C SER C 202 22.19 -9.94 28.88
N GLU C 203 21.41 -9.06 28.26
CA GLU C 203 20.36 -8.32 28.98
C GLU C 203 19.20 -9.32 29.20
N CYS C 204 19.27 -10.47 28.52
CA CYS C 204 18.12 -11.39 28.53
C CYS C 204 18.38 -12.83 28.88
N HIS C 205 19.25 -13.06 29.85
CA HIS C 205 19.54 -14.44 30.24
C HIS C 205 18.28 -15.21 30.65
N ALA C 206 17.44 -14.60 31.48
CA ALA C 206 16.27 -15.41 31.93
C ALA C 206 15.33 -15.77 30.80
N THR C 207 14.89 -14.79 30.00
CA THR C 207 13.95 -15.14 28.94
C THR C 207 14.55 -16.16 27.97
N ARG C 208 15.85 -16.00 27.68
CA ARG C 208 16.47 -16.98 26.75
C ARG C 208 16.54 -18.38 27.35
N GLU C 209 16.91 -18.47 28.63
CA GLU C 209 17.01 -19.75 29.31
C GLU C 209 15.64 -20.40 29.43
N MET C 210 14.60 -19.59 29.50
CA MET C 210 13.24 -20.13 29.57
C MET C 210 12.76 -20.59 28.18
N GLY C 211 13.53 -20.28 27.12
CA GLY C 211 13.20 -20.72 25.78
C GLY C 211 12.65 -19.68 24.86
N ILE C 212 12.61 -18.44 25.32
CA ILE C 212 12.02 -17.36 24.55
C ILE C 212 12.97 -16.23 24.23
N GLY C 213 13.48 -16.27 22.98
CA GLY C 213 14.33 -15.18 22.49
C GLY C 213 13.52 -13.88 22.57
N GLU C 214 14.18 -12.79 22.96
CA GLU C 214 13.48 -11.53 23.20
C GLU C 214 12.83 -10.77 22.07
N LEU C 215 13.21 -11.05 20.80
CA LEU C 215 12.54 -10.38 19.68
C LEU C 215 11.79 -11.49 18.99
N ASN C 216 10.61 -11.83 19.51
CA ASN C 216 9.88 -12.99 18.98
C ASN C 216 8.61 -12.75 18.17
N ASN C 217 8.34 -11.51 17.81
CA ASN C 217 7.14 -11.24 17.03
C ASN C 217 7.41 -10.27 15.88
N ALA C 218 6.35 -9.70 15.28
CA ALA C 218 6.50 -8.72 14.19
C ALA C 218 5.85 -7.44 14.71
N TYR C 219 6.20 -6.31 14.13
CA TYR C 219 5.57 -5.05 14.53
C TYR C 219 4.06 -5.15 14.18
N GLU C 220 3.71 -5.97 13.19
CA GLU C 220 2.28 -6.14 12.87
C GLU C 220 1.52 -6.72 14.11
N ASP C 221 2.17 -7.50 14.95
CA ASP C 221 1.48 -8.03 16.13
C ASP C 221 0.98 -6.90 17.02
N ALA C 222 1.67 -5.76 17.04
CA ALA C 222 1.15 -4.62 17.87
C ALA C 222 -0.18 -4.13 17.29
N GLN C 223 -0.38 -4.33 15.98
CA GLN C 223 -1.62 -3.91 15.32
C GLN C 223 -2.74 -4.90 15.60
N LEU C 224 -2.39 -6.13 15.97
CA LEU C 224 -3.37 -7.21 16.15
C LEU C 224 -3.77 -7.46 17.60
N ALA C 225 -3.02 -6.87 18.51
CA ALA C 225 -3.31 -7.09 19.95
C ALA C 225 -4.62 -6.46 20.41
N ASP C 226 -5.19 -7.13 21.42
CA ASP C 226 -6.36 -6.60 22.15
C ASP C 226 -5.78 -5.64 23.21
N VAL C 227 -4.65 -6.01 23.82
CA VAL C 227 -4.06 -5.19 24.89
C VAL C 227 -2.54 -5.16 24.71
N ILE C 228 -1.94 -3.97 24.89
CA ILE C 228 -0.48 -3.89 24.85
C ILE C 228 -0.02 -3.43 26.25
N TRP C 229 0.93 -4.16 26.84
CA TRP C 229 1.61 -3.72 28.06
C TRP C 229 2.92 -3.09 27.61
N SER C 230 3.25 -1.95 28.19
CA SER C 230 4.58 -1.30 27.94
C SER C 230 5.17 -1.25 29.36
N ILE C 231 6.20 -2.06 29.59
CA ILE C 231 6.78 -2.26 30.94
C ILE C 231 8.20 -1.67 31.03
N GLY C 232 8.39 -0.66 31.88
CA GLY C 232 9.73 -0.03 32.00
C GLY C 232 10.13 0.48 30.61
N ASN C 233 9.23 1.23 29.99
CA ASN C 233 9.40 1.63 28.58
C ASN C 233 8.67 2.95 28.29
N ASN C 234 9.26 3.85 27.51
CA ASN C 234 8.60 5.15 27.18
C ASN C 234 8.70 5.20 25.67
N PRO C 235 7.95 4.31 24.98
CA PRO C 235 7.99 4.17 23.52
C PRO C 235 7.78 5.34 22.64
N TYR C 236 6.99 6.32 23.07
CA TYR C 236 6.88 7.44 22.14
C TYR C 236 8.26 8.13 21.95
N GLU C 237 9.01 8.20 23.04
CA GLU C 237 10.30 8.86 22.99
C GLU C 237 11.43 7.92 22.56
N SER C 238 11.30 6.65 22.84
CA SER C 238 12.42 5.70 22.58
C SER C 238 12.28 4.69 21.44
N GLN C 239 11.07 4.46 20.93
CA GLN C 239 10.88 3.58 19.77
C GLN C 239 9.75 4.27 19.03
N THR C 240 9.98 5.55 18.79
CA THR C 240 8.98 6.44 18.24
C THR C 240 8.09 5.94 17.14
N ASN C 241 8.66 5.50 16.02
CA ASN C 241 7.79 5.15 14.92
C ASN C 241 7.15 3.76 15.00
N TYR C 242 7.63 2.91 15.89
CA TYR C 242 6.98 1.63 16.07
C TYR C 242 5.66 2.06 16.84
N PHE C 243 5.84 2.90 17.83
CA PHE C 243 4.64 3.39 18.61
C PHE C 243 3.68 4.12 17.66
N LEU C 244 4.18 5.07 16.85
CA LEU C 244 3.34 5.82 15.96
C LEU C 244 2.72 5.07 14.82
N ASN C 245 3.47 4.15 14.19
CA ASN C 245 2.94 3.51 13.00
C ASN C 245 2.23 2.21 13.26
N HIS C 246 2.37 1.63 14.45
CA HIS C 246 1.76 0.35 14.71
C HIS C 246 0.87 0.36 15.96
N TRP C 247 1.35 0.94 17.04
CA TRP C 247 0.58 0.94 18.31
C TRP C 247 -0.61 1.90 18.21
N LEU C 248 -0.36 3.15 17.83
CA LEU C 248 -1.48 4.12 17.77
C LEU C 248 -2.61 3.77 16.84
N PRO C 249 -2.34 3.23 15.65
CA PRO C 249 -3.47 2.89 14.77
C PRO C 249 -4.35 1.80 15.42
N ASN C 250 -3.76 0.92 16.22
CA ASN C 250 -4.55 -0.13 16.93
C ASN C 250 -5.46 0.66 17.93
N LEU C 251 -4.87 1.52 18.74
CA LEU C 251 -5.70 2.29 19.73
C LEU C 251 -6.78 3.13 19.05
N GLN C 252 -6.49 3.66 17.86
CA GLN C 252 -7.48 4.47 17.12
C GLN C 252 -8.56 3.64 16.42
N GLY C 253 -8.44 2.32 16.43
CA GLY C 253 -9.46 1.48 15.79
C GLY C 253 -9.21 1.26 14.31
N ALA C 254 -8.03 1.66 13.81
CA ALA C 254 -7.75 1.50 12.39
C ALA C 254 -7.34 0.08 11.96
N THR C 255 -7.17 -0.83 12.92
CA THR C 255 -6.73 -2.19 12.62
C THR C 255 -7.81 -3.22 12.93
N THR C 256 -8.96 -2.75 13.38
CA THR C 256 -10.03 -3.68 13.75
C THR C 256 -10.48 -4.57 12.62
N SER C 257 -10.57 -4.01 11.42
CA SER C 257 -11.01 -4.84 10.32
C SER C 257 -9.98 -5.92 10.03
N LYS C 258 -8.68 -5.62 10.23
CA LYS C 258 -7.61 -6.64 10.03
C LYS C 258 -7.79 -7.79 11.00
N LYS C 259 -8.04 -7.47 12.28
CA LYS C 259 -8.24 -8.50 13.27
C LYS C 259 -9.44 -9.38 12.92
N LYS C 260 -10.55 -8.72 12.57
CA LYS C 260 -11.79 -9.49 12.24
C LYS C 260 -11.65 -10.34 10.99
N GLU C 261 -10.91 -9.86 9.98
CA GLU C 261 -10.70 -10.67 8.77
C GLU C 261 -9.85 -11.87 9.08
N ARG C 262 -8.84 -11.71 9.93
CA ARG C 262 -8.00 -12.81 10.30
C ARG C 262 -8.67 -13.88 11.18
N PHE C 263 -9.55 -13.41 12.09
CA PHE C 263 -10.17 -14.27 13.08
C PHE C 263 -11.69 -14.00 13.03
N PRO C 264 -12.36 -14.61 12.05
CA PRO C 264 -13.80 -14.39 11.88
C PRO C 264 -14.73 -14.69 13.05
N ASN C 265 -14.31 -15.58 13.96
CA ASN C 265 -15.18 -16.00 15.07
C ASN C 265 -14.69 -15.54 16.42
N GLU C 266 -14.01 -14.40 16.39
CA GLU C 266 -13.42 -13.86 17.62
C GLU C 266 -13.79 -12.39 17.86
N ASN C 267 -14.16 -12.07 19.11
CA ASN C 267 -14.52 -10.72 19.43
C ASN C 267 -13.24 -9.92 19.59
N PHE C 268 -13.30 -8.66 19.19
CA PHE C 268 -12.20 -7.73 19.38
C PHE C 268 -12.71 -6.43 19.97
N PRO C 269 -12.53 -6.26 21.30
CA PRO C 269 -12.97 -5.04 22.00
C PRO C 269 -12.02 -3.93 21.59
N GLN C 270 -12.39 -2.70 21.87
CA GLN C 270 -11.47 -1.59 21.59
C GLN C 270 -10.16 -1.93 22.29
N ALA C 271 -9.05 -1.63 21.62
CA ALA C 271 -7.74 -1.98 22.18
C ALA C 271 -7.41 -1.12 23.41
N ARG C 272 -6.68 -1.70 24.36
CA ARG C 272 -6.31 -1.02 25.57
C ARG C 272 -4.80 -1.11 25.82
N ILE C 273 -4.30 -0.20 26.65
CA ILE C 273 -2.85 -0.17 26.91
C ILE C 273 -2.54 -0.02 28.39
N ILE C 274 -1.53 -0.76 28.84
CA ILE C 274 -1.17 -0.74 30.27
C ILE C 274 0.32 -0.44 30.37
N PHE C 275 0.63 0.60 31.14
CA PHE C 275 2.00 1.01 31.40
C PHE C 275 2.48 0.65 32.78
N VAL C 276 3.60 -0.06 32.90
CA VAL C 276 4.18 -0.35 34.22
C VAL C 276 5.45 0.54 34.26
N ASP C 277 5.34 1.67 34.93
CA ASP C 277 6.42 2.64 35.01
C ASP C 277 6.18 3.51 36.23
N PRO C 278 7.16 3.62 37.13
CA PRO C 278 6.94 4.48 38.31
C PRO C 278 6.58 5.92 37.89
N ARG C 279 7.04 6.33 36.70
CA ARG C 279 6.89 7.69 36.20
C ARG C 279 5.77 7.89 35.13
N GLU C 280 5.05 9.03 35.19
CA GLU C 280 4.01 9.35 34.22
C GLU C 280 4.77 10.04 33.08
N THR C 281 4.85 9.38 31.95
CA THR C 281 5.64 9.87 30.82
C THR C 281 4.84 10.41 29.66
N PRO C 282 5.52 10.98 28.63
CA PRO C 282 4.86 11.48 27.45
C PRO C 282 4.08 10.30 26.81
N SER C 283 4.59 9.05 26.88
CA SER C 283 3.88 7.91 26.30
C SER C 283 2.49 7.71 26.94
N VAL C 284 2.46 7.79 28.27
CA VAL C 284 1.18 7.65 29.00
C VAL C 284 0.26 8.77 28.58
N ALA C 285 0.77 10.00 28.54
CA ALA C 285 -0.08 11.14 28.14
C ALA C 285 -0.68 11.00 26.77
N ILE C 286 0.13 10.54 25.79
CA ILE C 286 -0.36 10.36 24.44
C ILE C 286 -1.35 9.22 24.34
N ALA C 287 -1.10 8.10 25.02
CA ALA C 287 -2.03 6.99 24.94
C ALA C 287 -3.41 7.49 25.52
N ARG C 288 -3.38 8.28 26.58
CA ARG C 288 -4.70 8.76 27.11
C ARG C 288 -5.36 9.74 26.13
N HIS C 289 -4.55 10.58 25.49
CA HIS C 289 -5.12 11.49 24.50
C HIS C 289 -5.80 10.73 23.35
N VAL C 290 -5.17 9.66 22.88
CA VAL C 290 -5.70 8.93 21.76
C VAL C 290 -6.84 7.99 22.13
N ALA C 291 -6.65 7.21 23.18
CA ALA C 291 -7.58 6.15 23.57
C ALA C 291 -8.60 6.55 24.64
N GLY C 292 -8.33 7.66 25.31
CA GLY C 292 -9.17 8.08 26.44
C GLY C 292 -8.67 7.47 27.72
N ASN C 293 -8.97 8.16 28.83
CA ASN C 293 -8.52 7.69 30.12
C ASN C 293 -8.95 6.28 30.47
N ASP C 294 -10.14 5.89 30.06
CA ASP C 294 -10.65 4.58 30.46
C ASP C 294 -10.05 3.37 29.76
N ARG C 295 -9.27 3.63 28.72
CA ARG C 295 -8.65 2.52 27.97
C ARG C 295 -7.14 2.44 28.24
N VAL C 296 -6.70 3.19 29.23
CA VAL C 296 -5.29 3.23 29.66
C VAL C 296 -5.17 2.97 31.16
N LEU C 297 -4.30 2.05 31.52
CA LEU C 297 -4.03 1.83 32.96
C LEU C 297 -2.56 2.18 33.17
N HIS C 298 -2.31 3.19 33.98
CA HIS C 298 -0.92 3.49 34.34
C HIS C 298 -0.66 2.90 35.74
N LEU C 299 0.06 1.78 35.77
CA LEU C 299 0.42 1.12 37.03
C LEU C 299 1.71 1.85 37.45
N ALA C 300 1.57 2.87 38.27
CA ALA C 300 2.68 3.75 38.68
C ALA C 300 3.35 3.12 39.90
N ILE C 301 3.98 1.96 39.68
CA ILE C 301 4.61 1.22 40.74
C ILE C 301 5.72 1.93 41.51
N GLU C 302 5.95 1.46 42.74
CA GLU C 302 7.06 1.98 43.48
C GLU C 302 8.31 1.49 42.74
N PRO C 303 9.35 2.34 42.67
CA PRO C 303 10.58 1.92 41.98
C PRO C 303 11.09 0.54 42.45
N GLY C 304 11.50 -0.31 41.50
CA GLY C 304 12.09 -1.61 41.79
C GLY C 304 11.13 -2.72 42.24
N THR C 305 9.81 -2.47 42.13
CA THR C 305 8.82 -3.48 42.60
C THR C 305 8.19 -4.34 41.53
N ASP C 306 8.77 -4.29 40.31
CA ASP C 306 8.24 -5.14 39.24
C ASP C 306 8.02 -6.62 39.54
N THR C 307 8.96 -7.27 40.23
CA THR C 307 8.82 -8.69 40.54
C THR C 307 7.59 -8.94 41.39
N ALA C 308 7.36 -8.06 42.35
CA ALA C 308 6.16 -8.20 43.22
C ALA C 308 4.91 -8.01 42.37
N LEU C 309 4.90 -7.03 41.48
CA LEU C 309 3.78 -6.84 40.57
C LEU C 309 3.45 -8.08 39.80
N PHE C 310 4.46 -8.64 39.07
CA PHE C 310 4.19 -9.79 38.25
C PHE C 310 3.86 -11.04 39.03
N ASN C 311 4.42 -11.19 40.22
CA ASN C 311 4.09 -12.38 41.03
C ASN C 311 2.62 -12.28 41.48
N GLY C 312 2.20 -11.07 41.83
CA GLY C 312 0.80 -10.86 42.23
C GLY C 312 -0.15 -11.14 41.10
N LEU C 313 0.19 -10.68 39.88
CA LEU C 313 -0.70 -10.90 38.74
C LEU C 313 -0.71 -12.37 38.35
N PHE C 314 0.45 -13.00 38.39
CA PHE C 314 0.57 -14.42 38.05
C PHE C 314 -0.26 -15.25 39.06
N THR C 315 -0.10 -14.93 40.33
CA THR C 315 -0.87 -15.66 41.37
C THR C 315 -2.38 -15.48 41.12
N TYR C 316 -2.80 -14.26 40.84
CA TYR C 316 -4.22 -13.95 40.62
C TYR C 316 -4.81 -14.63 39.38
N VAL C 317 -4.10 -14.63 38.24
CA VAL C 317 -4.69 -15.28 37.06
C VAL C 317 -4.75 -16.81 37.26
N VAL C 318 -3.81 -17.37 38.03
CA VAL C 318 -3.87 -18.80 38.28
C VAL C 318 -5.09 -19.08 39.17
N GLU C 319 -5.28 -18.25 40.19
CA GLU C 319 -6.44 -18.45 41.08
C GLU C 319 -7.76 -18.34 40.31
N GLN C 320 -7.84 -17.41 39.35
CA GLN C 320 -9.08 -17.20 38.56
C GLN C 320 -9.24 -18.20 37.43
N GLY C 321 -8.16 -18.94 37.15
CA GLY C 321 -8.16 -19.90 36.08
C GLY C 321 -8.03 -19.22 34.72
N TRP C 322 -7.54 -17.98 34.68
CA TRP C 322 -7.38 -17.23 33.42
C TRP C 322 -6.00 -17.55 32.81
N ILE C 323 -5.81 -18.84 32.61
CA ILE C 323 -4.57 -19.38 32.06
C ILE C 323 -4.97 -20.40 30.98
N ASP C 324 -4.00 -20.82 30.16
CA ASP C 324 -4.23 -21.77 29.11
C ASP C 324 -3.72 -23.13 29.58
N LYS C 325 -4.60 -23.89 30.25
CA LYS C 325 -4.16 -25.17 30.76
C LYS C 325 -3.66 -26.16 29.71
N PRO C 326 -4.35 -26.29 28.58
CA PRO C 326 -3.84 -27.24 27.57
C PRO C 326 -2.45 -26.83 27.07
N PHE C 327 -2.22 -25.52 26.89
CA PHE C 327 -0.91 -25.03 26.43
C PHE C 327 0.16 -25.33 27.49
N ILE C 328 -0.15 -25.06 28.76
CA ILE C 328 0.78 -25.33 29.84
C ILE C 328 1.10 -26.81 29.89
N GLU C 329 0.08 -27.65 29.75
CA GLU C 329 0.37 -29.07 29.83
C GLU C 329 1.16 -29.60 28.66
N ALA C 330 0.96 -29.05 27.47
CA ALA C 330 1.62 -29.61 26.30
C ALA C 330 2.97 -29.00 25.99
N HIS C 331 3.13 -27.72 26.32
CA HIS C 331 4.34 -26.98 25.91
C HIS C 331 5.24 -26.33 26.96
N THR C 332 5.02 -26.63 28.23
CA THR C 332 5.80 -26.00 29.27
C THR C 332 6.23 -26.97 30.32
N LYS C 333 7.17 -26.52 31.16
CA LYS C 333 7.67 -27.27 32.30
C LYS C 333 7.87 -26.34 33.47
N GLY C 334 7.57 -26.80 34.70
CA GLY C 334 7.79 -25.99 35.91
C GLY C 334 6.64 -25.14 36.46
N PHE C 335 5.47 -25.25 35.85
CA PHE C 335 4.32 -24.43 36.27
C PHE C 335 3.94 -24.65 37.75
N ASP C 336 3.68 -25.86 38.20
CA ASP C 336 3.30 -26.06 39.63
C ASP C 336 4.34 -25.51 40.58
N ASP C 337 5.62 -25.69 40.28
CA ASP C 337 6.65 -25.15 41.14
C ASP C 337 6.60 -23.61 41.20
N ALA C 338 6.41 -22.94 40.05
CA ALA C 338 6.36 -21.48 40.07
C ALA C 338 5.12 -20.93 40.80
N VAL C 339 4.01 -21.67 40.73
CA VAL C 339 2.81 -21.20 41.40
C VAL C 339 3.13 -21.16 42.91
N LYS C 340 3.84 -22.18 43.39
CA LYS C 340 4.22 -22.19 44.79
C LYS C 340 5.29 -21.13 45.14
N THR C 341 6.35 -21.04 44.34
CA THR C 341 7.41 -20.10 44.71
C THR C 341 7.06 -18.65 44.56
N ASN C 342 6.14 -18.35 43.63
CA ASN C 342 5.81 -16.97 43.29
C ASN C 342 4.52 -16.51 43.91
N ARG C 343 4.03 -17.28 44.88
CA ARG C 343 2.75 -16.90 45.47
C ARG C 343 2.81 -15.56 46.18
N LEU C 344 1.89 -14.67 45.80
CA LEU C 344 1.78 -13.38 46.44
C LEU C 344 0.33 -12.93 46.32
N SER C 345 -0.31 -12.59 47.45
CA SER C 345 -1.70 -12.18 47.38
C SER C 345 -1.81 -10.78 46.79
N LEU C 346 -2.99 -10.43 46.30
CA LEU C 346 -3.16 -9.09 45.75
C LEU C 346 -3.03 -8.02 46.82
N ASP C 347 -3.47 -8.30 48.06
CA ASP C 347 -3.33 -7.28 49.10
C ASP C 347 -1.84 -7.00 49.35
N GLU C 348 -1.02 -8.05 49.42
CA GLU C 348 0.41 -7.84 49.67
C GLU C 348 1.07 -7.18 48.45
N CYS C 349 0.68 -7.65 47.26
CA CYS C 349 1.18 -7.08 45.98
C CYS C 349 0.88 -5.57 45.97
N SER C 350 -0.37 -5.19 46.33
CA SER C 350 -0.77 -3.79 46.39
C SER C 350 0.06 -3.04 47.44
N ASN C 351 0.28 -3.62 48.63
CA ASN C 351 1.09 -2.90 49.61
C ASN C 351 2.52 -2.66 49.14
N ILE C 352 3.11 -3.64 48.44
CA ILE C 352 4.51 -3.53 48.00
C ILE C 352 4.69 -2.53 46.83
N THR C 353 3.84 -2.70 45.83
CA THR C 353 3.92 -1.86 44.64
C THR C 353 3.24 -0.51 44.76
N GLY C 354 2.31 -0.38 45.70
CA GLY C 354 1.55 0.85 45.79
C GLY C 354 0.38 0.94 44.81
N VAL C 355 0.15 -0.10 44.00
CA VAL C 355 -0.92 -0.07 43.02
C VAL C 355 -2.15 -0.60 43.73
N PRO C 356 -3.28 0.14 43.63
CA PRO C 356 -4.51 -0.33 44.29
C PRO C 356 -4.94 -1.70 43.78
N VAL C 357 -5.53 -2.49 44.68
CA VAL C 357 -6.02 -3.82 44.35
C VAL C 357 -6.99 -3.79 43.15
N ASP C 358 -7.91 -2.80 43.07
CA ASP C 358 -8.87 -2.77 41.95
C ASP C 358 -8.15 -2.59 40.59
N MET C 359 -7.03 -1.86 40.61
CA MET C 359 -6.28 -1.63 39.37
C MET C 359 -5.53 -2.90 38.97
N LEU C 360 -5.02 -3.63 39.95
CA LEU C 360 -4.36 -4.90 39.63
C LEU C 360 -5.40 -5.86 39.01
N LYS C 361 -6.60 -5.92 39.61
CA LYS C 361 -7.64 -6.78 39.07
C LYS C 361 -8.06 -6.36 37.67
N ARG C 362 -8.12 -5.05 37.45
CA ARG C 362 -8.58 -4.51 36.19
C ARG C 362 -7.52 -4.86 35.11
N ALA C 363 -6.26 -4.70 35.46
CA ALA C 363 -5.18 -5.03 34.49
C ALA C 363 -5.31 -6.50 34.07
N ALA C 364 -5.52 -7.39 35.05
CA ALA C 364 -5.68 -8.82 34.78
C ALA C 364 -6.95 -9.13 33.98
N GLU C 365 -8.04 -8.43 34.32
CA GLU C 365 -9.28 -8.66 33.62
C GLU C 365 -9.15 -8.30 32.12
N TRP C 366 -8.60 -7.13 31.84
CA TRP C 366 -8.48 -6.71 30.43
C TRP C 366 -7.56 -7.62 29.65
N SER C 367 -6.52 -8.08 30.34
CA SER C 367 -5.46 -8.82 29.69
C SER C 367 -5.55 -10.31 29.54
N TYR C 368 -6.20 -10.95 30.51
CA TYR C 368 -6.20 -12.39 30.56
C TYR C 368 -7.53 -13.09 30.66
N LYS C 369 -8.57 -12.37 31.14
CA LYS C 369 -9.90 -13.06 31.23
C LYS C 369 -10.40 -13.41 29.84
N PRO C 370 -10.89 -14.64 29.62
CA PRO C 370 -11.35 -14.93 28.25
C PRO C 370 -12.41 -13.98 27.73
N LYS C 371 -12.36 -13.74 26.42
CA LYS C 371 -13.30 -12.86 25.75
C LYS C 371 -14.61 -13.65 25.64
N ALA C 372 -15.70 -12.93 25.36
CA ALA C 372 -17.01 -13.61 25.29
C ALA C 372 -17.04 -14.73 24.27
N SER C 373 -16.30 -14.57 23.16
CA SER C 373 -16.26 -15.61 22.13
C SER C 373 -15.39 -16.84 22.50
N GLY C 374 -14.75 -16.77 23.67
CA GLY C 374 -14.02 -17.90 24.19
C GLY C 374 -12.52 -17.81 24.27
N GLN C 375 -11.96 -17.03 23.39
CA GLN C 375 -10.51 -16.93 23.30
C GLN C 375 -9.90 -15.99 24.31
N ALA C 376 -8.70 -16.32 24.75
CA ALA C 376 -7.99 -15.40 25.64
C ALA C 376 -7.63 -14.12 24.86
N PRO C 377 -7.59 -12.97 25.55
CA PRO C 377 -7.23 -11.75 24.82
C PRO C 377 -5.79 -11.97 24.24
N ARG C 378 -5.49 -11.25 23.17
CA ARG C 378 -4.15 -11.26 22.57
C ARG C 378 -3.45 -10.09 23.23
N THR C 379 -2.54 -10.43 24.13
CA THR C 379 -1.84 -9.40 24.89
C THR C 379 -0.36 -9.43 24.66
N MET C 380 0.07 -8.37 23.99
CA MET C 380 1.49 -8.20 23.68
C MET C 380 2.16 -7.51 24.89
N HIS C 381 3.19 -8.15 25.41
CA HIS C 381 3.92 -7.64 26.55
C HIS C 381 5.27 -7.08 26.11
N ALA C 382 5.37 -5.75 26.03
CA ALA C 382 6.60 -5.09 25.60
C ALA C 382 7.32 -4.51 26.80
N TYR C 383 8.66 -4.67 26.84
CA TYR C 383 9.41 -4.17 27.97
C TYR C 383 10.75 -3.63 27.50
N GLU C 384 11.34 -2.76 28.32
CA GLU C 384 12.67 -2.27 27.99
C GLU C 384 13.51 -1.97 29.24
N LYS C 385 14.24 -0.85 29.29
CA LYS C 385 15.25 -0.67 30.34
C LYS C 385 14.76 -0.42 31.76
N GLY C 386 13.51 -0.01 31.87
CA GLY C 386 12.94 0.13 33.21
C GLY C 386 13.02 -1.21 33.97
N ILE C 387 12.99 -2.36 33.29
CA ILE C 387 13.20 -3.62 33.99
C ILE C 387 14.51 -4.29 33.64
N ILE C 388 15.01 -4.04 32.43
CA ILE C 388 16.28 -4.67 32.07
C ILE C 388 17.39 -4.08 32.95
N TRP C 389 17.30 -2.79 33.27
CA TRP C 389 18.25 -2.14 34.19
C TRP C 389 17.50 -1.92 35.49
N GLY C 390 16.56 -2.84 35.79
CA GLY C 390 15.76 -2.67 37.00
C GLY C 390 16.33 -3.44 38.18
N ASN C 391 15.47 -3.62 39.19
CA ASN C 391 15.88 -4.31 40.41
C ASN C 391 15.99 -5.82 40.25
N ASP C 392 17.19 -6.26 39.85
CA ASP C 392 17.50 -7.67 39.62
C ASP C 392 16.86 -8.16 38.30
N ASN C 393 17.54 -7.79 37.22
CA ASN C 393 17.11 -8.15 35.85
C ASN C 393 16.64 -9.61 35.70
N TYR C 394 17.46 -10.55 36.19
CA TYR C 394 17.15 -11.95 36.02
C TYR C 394 15.84 -12.35 36.70
N VAL C 395 15.64 -11.86 37.90
CA VAL C 395 14.41 -12.22 38.65
C VAL C 395 13.15 -11.57 38.07
N ILE C 396 13.24 -10.31 37.65
CA ILE C 396 12.05 -9.62 37.10
C ILE C 396 11.62 -10.33 35.86
N GLN C 397 12.59 -10.67 35.00
CA GLN C 397 12.20 -11.35 33.76
C GLN C 397 11.64 -12.73 34.02
N SER C 398 12.17 -13.44 35.01
CA SER C 398 11.64 -14.72 35.38
C SER C 398 10.15 -14.54 35.77
N ALA C 399 9.84 -13.52 36.56
CA ALA C 399 8.44 -13.30 37.01
C ALA C 399 7.50 -12.94 35.87
N LEU C 400 7.96 -12.05 35.02
CA LEU C 400 7.15 -11.63 33.89
C LEU C 400 6.91 -12.75 32.90
N LEU C 401 7.98 -13.47 32.53
CA LEU C 401 7.79 -14.52 31.56
C LEU C 401 6.88 -15.60 32.11
N ASP C 402 6.88 -15.83 33.43
CA ASP C 402 5.99 -16.85 33.99
C ASP C 402 4.52 -16.46 33.68
N LEU C 403 4.21 -15.18 33.88
CA LEU C 403 2.84 -14.68 33.60
C LEU C 403 2.47 -14.84 32.12
N VAL C 404 3.42 -14.48 31.24
CA VAL C 404 3.24 -14.57 29.80
C VAL C 404 3.07 -16.04 29.33
N ILE C 405 3.89 -16.93 29.86
CA ILE C 405 3.82 -18.34 29.44
C ILE C 405 2.49 -18.93 29.87
N ALA C 406 2.13 -18.70 31.13
CA ALA C 406 0.87 -19.29 31.65
C ALA C 406 -0.36 -18.85 30.87
N THR C 407 -0.29 -17.63 30.31
CA THR C 407 -1.41 -17.07 29.57
C THR C 407 -1.25 -17.21 28.04
N HIS C 408 -0.26 -18.01 27.63
CA HIS C 408 -0.05 -18.25 26.20
C HIS C 408 0.09 -16.96 25.40
N ASN C 409 0.85 -16.00 25.95
CA ASN C 409 1.05 -14.75 25.24
C ASN C 409 2.38 -14.66 24.48
N VAL C 410 2.76 -15.82 23.97
CA VAL C 410 3.86 -15.93 23.01
C VAL C 410 3.37 -16.88 21.97
N GLY C 411 3.72 -16.63 20.71
CA GLY C 411 3.37 -17.56 19.66
C GLY C 411 2.03 -17.38 19.01
N ARG C 412 1.15 -16.60 19.63
CA ARG C 412 -0.14 -16.29 19.04
C ARG C 412 -0.04 -14.92 18.38
N ARG C 413 -0.68 -14.74 17.22
CA ARG C 413 -0.58 -13.41 16.59
C ARG C 413 -1.19 -12.33 17.51
N GLY C 414 -0.65 -11.13 17.50
CA GLY C 414 -1.18 -10.10 18.42
C GLY C 414 -0.58 -10.24 19.81
N THR C 415 0.41 -11.12 20.01
CA THR C 415 1.00 -11.30 21.33
C THR C 415 2.52 -11.18 21.23
N GLY C 416 3.22 -11.81 22.15
CA GLY C 416 4.68 -11.69 22.19
C GLY C 416 5.09 -11.12 23.54
N CYS C 417 6.27 -11.48 24.06
CA CYS C 417 6.76 -10.85 25.30
C CYS C 417 8.14 -10.44 24.74
N VAL C 418 8.27 -9.18 24.44
CA VAL C 418 9.45 -8.74 23.66
C VAL C 418 10.15 -7.55 24.17
N ARG C 419 11.47 -7.54 23.95
CA ARG C 419 12.17 -6.28 24.24
C ARG C 419 11.70 -5.28 23.18
N MET C 420 11.62 -4.01 23.57
CA MET C 420 11.31 -2.97 22.61
C MET C 420 12.61 -2.61 21.88
N GLY C 421 13.77 -2.92 22.51
CA GLY C 421 15.05 -2.65 21.88
C GLY C 421 15.63 -1.26 22.14
N GLY C 422 16.93 -1.13 21.89
CA GLY C 422 17.61 0.15 22.09
C GLY C 422 18.17 0.54 20.73
N HIS C 423 19.39 0.11 20.47
CA HIS C 423 19.92 0.28 19.12
C HIS C 423 19.30 -0.86 18.27
N GLN C 424 19.59 -0.86 16.97
CA GLN C 424 19.21 -2.01 16.17
C GLN C 424 20.14 -3.13 16.58
N GLU C 425 19.91 -4.32 16.06
CA GLU C 425 20.72 -5.48 16.39
C GLU C 425 21.56 -5.89 15.17
N GLY C 426 22.71 -6.50 15.41
CA GLY C 426 23.51 -6.89 14.26
C GLY C 426 24.68 -7.70 14.75
N TYR C 427 24.36 -8.78 15.46
CA TYR C 427 25.38 -9.59 16.12
C TYR C 427 25.83 -10.87 15.44
N THR C 428 27.12 -10.96 15.09
CA THR C 428 27.68 -12.23 14.59
C THR C 428 29.09 -12.23 15.23
N ARG C 429 29.37 -13.20 16.11
CA ARG C 429 30.68 -13.26 16.75
C ARG C 429 31.07 -14.66 17.16
N PRO C 430 32.39 -14.89 17.40
CA PRO C 430 32.80 -16.22 17.85
C PRO C 430 32.33 -16.23 19.32
N PRO C 431 32.34 -17.41 19.97
CA PRO C 431 31.93 -17.46 21.39
C PRO C 431 32.91 -16.66 22.27
N TYR C 432 32.43 -16.12 23.39
CA TYR C 432 33.26 -15.40 24.35
C TYR C 432 34.23 -16.48 24.89
N PRO C 433 35.54 -16.17 24.96
CA PRO C 433 36.54 -17.12 25.43
C PRO C 433 36.80 -17.20 26.92
N GLY C 434 35.79 -17.53 27.69
CA GLY C 434 35.98 -17.66 29.11
C GLY C 434 34.70 -18.18 29.73
N ASP C 435 34.80 -18.66 30.97
CA ASP C 435 33.65 -19.14 31.72
C ASP C 435 33.51 -18.36 33.04
N LYS C 436 34.13 -17.19 33.16
CA LYS C 436 34.03 -16.37 34.39
C LYS C 436 33.27 -15.11 33.98
N LYS C 437 32.41 -14.58 34.85
CA LYS C 437 31.73 -13.33 34.52
C LYS C 437 32.71 -12.36 35.20
N ILE C 438 33.22 -11.39 34.44
CA ILE C 438 34.22 -10.44 34.95
C ILE C 438 33.70 -9.04 34.83
N TYR C 439 33.65 -8.37 35.98
CA TYR C 439 33.15 -6.99 36.07
C TYR C 439 34.31 -6.07 35.65
N ILE C 440 34.37 -5.78 34.35
CA ILE C 440 35.49 -5.03 33.80
C ILE C 440 35.80 -3.69 34.45
N ASP C 441 34.81 -2.84 34.66
CA ASP C 441 35.12 -1.55 35.24
C ASP C 441 35.80 -1.75 36.59
N GLN C 442 35.33 -2.73 37.37
CA GLN C 442 35.90 -2.95 38.70
C GLN C 442 37.36 -3.37 38.59
N GLU C 443 37.63 -4.23 37.62
CA GLU C 443 39.01 -4.69 37.41
C GLU C 443 39.91 -3.52 37.01
N LEU C 444 39.41 -2.64 36.14
CA LEU C 444 40.22 -1.48 35.74
C LEU C 444 40.47 -0.57 36.91
N ILE C 445 39.43 -0.33 37.70
CA ILE C 445 39.53 0.54 38.86
C ILE C 445 40.56 -0.03 39.84
N LYS C 446 40.65 -1.35 39.92
CA LYS C 446 41.60 -2.00 40.83
C LYS C 446 43.03 -2.08 40.26
N GLY C 447 43.22 -1.50 39.08
CA GLY C 447 44.55 -1.45 38.49
C GLY C 447 44.90 -2.56 37.53
N LYS C 448 43.94 -3.38 37.11
CA LYS C 448 44.28 -4.46 36.18
C LYS C 448 44.38 -4.00 34.72
N GLY C 449 45.08 -4.79 33.89
CA GLY C 449 45.22 -4.48 32.46
C GLY C 449 46.33 -3.51 32.12
N ARG C 450 46.87 -3.67 30.91
CA ARG C 450 47.94 -2.82 30.42
C ARG C 450 47.39 -1.85 29.41
N ILE C 451 46.42 -2.32 28.61
CA ILE C 451 45.85 -1.47 27.58
C ILE C 451 44.32 -1.68 27.54
N MET C 452 43.59 -0.57 27.41
CA MET C 452 42.14 -0.57 27.37
C MET C 452 41.71 0.16 26.10
N THR C 453 40.86 -0.51 25.32
CA THR C 453 40.30 0.13 24.14
C THR C 453 38.79 0.33 24.29
N TRP C 454 38.33 1.59 24.22
CA TRP C 454 36.86 1.87 24.14
C TRP C 454 36.61 1.87 22.63
N TRP C 455 35.66 1.07 22.20
CA TRP C 455 35.41 0.96 20.77
C TRP C 455 33.91 1.21 20.51
N GLY C 456 33.61 2.38 19.96
CA GLY C 456 32.22 2.68 19.59
C GLY C 456 31.37 2.83 20.83
N CYS C 457 31.98 3.26 21.90
CA CYS C 457 31.23 3.54 23.14
C CYS C 457 31.99 4.56 23.97
N ASN C 458 31.32 5.10 25.00
CA ASN C 458 31.93 6.16 25.79
C ASN C 458 31.48 5.96 27.22
N ASN C 459 32.13 5.05 27.93
CA ASN C 459 31.69 4.74 29.31
C ASN C 459 31.97 5.87 30.30
N PHE C 460 32.72 6.89 29.88
CA PHE C 460 32.94 8.01 30.76
C PHE C 460 31.54 8.67 31.02
N GLN C 461 30.69 8.66 30.00
CA GLN C 461 29.35 9.21 30.13
C GLN C 461 28.28 8.17 30.43
N THR C 462 28.60 6.88 30.27
CA THR C 462 27.55 5.85 30.38
C THR C 462 27.75 4.65 31.29
N SER C 463 28.89 4.54 31.99
CA SER C 463 29.04 3.41 32.88
C SER C 463 28.18 3.68 34.11
N ASN C 464 27.83 2.60 34.80
CA ASN C 464 27.17 2.79 36.12
C ASN C 464 28.34 3.15 37.05
N ASN C 465 28.07 3.88 38.15
CA ASN C 465 29.17 4.26 39.08
C ASN C 465 30.27 4.93 38.25
N ALA C 466 29.84 5.80 37.34
CA ALA C 466 30.73 6.45 36.37
C ALA C 466 31.84 7.30 36.97
N GLN C 467 31.57 7.92 38.11
CA GLN C 467 32.58 8.78 38.74
C GLN C 467 33.77 7.94 39.22
N ALA C 468 33.55 6.78 39.80
CA ALA C 468 34.68 5.95 40.25
C ALA C 468 35.49 5.51 39.01
N LEU C 469 34.79 5.23 37.90
CA LEU C 469 35.53 4.82 36.68
C LEU C 469 36.37 5.97 36.17
N ARG C 470 35.77 7.14 35.96
CA ARG C 470 36.55 8.26 35.43
C ARG C 470 37.70 8.62 36.34
N GLU C 471 37.46 8.64 37.66
CA GLU C 471 38.53 8.97 38.63
C GLU C 471 39.75 8.09 38.38
N ALA C 472 39.52 6.77 38.29
CA ALA C 472 40.59 5.80 38.08
C ALA C 472 41.23 5.85 36.70
N ILE C 473 40.42 5.95 35.66
CA ILE C 473 41.03 5.97 34.33
C ILE C 473 41.88 7.23 34.15
N LEU C 474 41.42 8.37 34.64
CA LEU C 474 42.21 9.58 34.45
C LEU C 474 43.56 9.46 35.16
N GLN C 475 43.55 8.90 36.38
CA GLN C 475 44.79 8.77 37.14
C GLN C 475 45.74 7.78 36.46
N ARG C 476 45.24 6.64 35.98
CA ARG C 476 46.13 5.64 35.34
C ARG C 476 46.65 6.15 34.00
N SER C 477 45.82 6.92 33.30
CA SER C 477 46.24 7.51 32.03
C SER C 477 47.37 8.51 32.26
N ALA C 478 47.28 9.29 33.34
CA ALA C 478 48.28 10.33 33.63
C ALA C 478 49.63 9.68 33.91
N ILE C 479 49.63 8.54 34.58
CA ILE C 479 50.90 7.85 34.86
C ILE C 479 51.60 7.51 33.53
N VAL C 480 50.82 7.14 32.52
CA VAL C 480 51.43 6.82 31.24
C VAL C 480 51.95 8.13 30.58
N LYS C 481 51.16 9.21 30.65
CA LYS C 481 51.60 10.49 30.06
C LYS C 481 52.92 10.95 30.68
N GLN C 482 53.00 10.85 32.00
CA GLN C 482 54.23 11.27 32.70
C GLN C 482 55.42 10.47 32.24
N ALA C 483 55.23 9.18 32.02
CA ALA C 483 56.32 8.32 31.59
C ALA C 483 56.78 8.68 30.18
N MET C 484 55.84 9.02 29.31
CA MET C 484 56.20 9.40 27.95
C MET C 484 56.93 10.75 27.92
N GLN C 485 56.62 11.64 28.86
CA GLN C 485 57.20 12.98 28.91
C GLN C 485 58.74 12.94 29.03
N LYS C 486 59.27 11.85 29.57
CA LYS C 486 60.72 11.74 29.79
C LYS C 486 61.50 11.35 28.55
N ALA C 487 60.83 10.76 27.56
CA ALA C 487 61.50 10.29 26.37
C ALA C 487 61.91 11.43 25.43
N ARG C 488 62.91 11.15 24.59
CA ARG C 488 63.40 12.11 23.60
C ARG C 488 63.93 11.25 22.46
N GLY C 489 63.45 11.44 21.23
CA GLY C 489 63.97 10.69 20.10
C GLY C 489 63.70 9.21 20.13
N ALA C 490 62.66 8.81 20.85
CA ALA C 490 62.31 7.39 20.98
C ALA C 490 61.68 6.80 19.71
N THR C 491 62.19 5.68 19.26
CA THR C 491 61.56 5.01 18.14
C THR C 491 60.26 4.42 18.72
N THR C 492 59.40 3.94 17.83
CA THR C 492 58.15 3.31 18.26
C THR C 492 58.39 2.14 19.19
N GLU C 493 59.34 1.27 18.82
CA GLU C 493 59.66 0.13 19.66
C GLU C 493 60.09 0.59 21.06
N GLU C 494 60.88 1.67 21.14
CA GLU C 494 61.31 2.19 22.42
C GLU C 494 60.14 2.79 23.21
N MET C 495 59.21 3.44 22.51
CA MET C 495 58.07 4.05 23.22
C MET C 495 57.12 2.95 23.77
N VAL C 496 56.96 1.89 22.99
CA VAL C 496 56.14 0.73 23.43
C VAL C 496 56.70 0.28 24.78
N ASP C 497 58.04 0.16 24.87
CA ASP C 497 58.62 -0.27 26.14
C ASP C 497 58.44 0.74 27.26
N VAL C 498 58.54 2.03 26.96
CA VAL C 498 58.38 3.08 27.95
C VAL C 498 56.95 3.04 28.52
N ILE C 499 55.98 2.88 27.62
CA ILE C 499 54.56 2.80 28.01
C ILE C 499 54.29 1.51 28.79
N TYR C 500 54.78 0.41 28.29
CA TYR C 500 54.60 -0.87 28.99
C TYR C 500 55.13 -0.79 30.42
N GLU C 501 56.30 -0.14 30.60
CA GLU C 501 56.88 0.02 31.94
C GLU C 501 55.98 0.87 32.84
N ALA C 502 55.41 1.94 32.30
CA ALA C 502 54.53 2.84 33.08
C ALA C 502 53.30 2.05 33.63
N THR C 503 52.86 1.06 32.86
CA THR C 503 51.70 0.27 33.28
C THR C 503 52.07 -0.69 34.44
N GLN C 504 53.38 -0.83 34.73
CA GLN C 504 53.83 -1.69 35.83
C GLN C 504 53.62 -0.89 37.12
N ASN C 505 53.51 0.43 36.98
CA ASN C 505 53.36 1.32 38.08
C ASN C 505 52.04 1.97 38.13
N GLY C 506 50.99 1.23 37.75
CA GLY C 506 49.65 1.75 37.80
C GLY C 506 49.12 2.35 36.53
N GLY C 507 49.96 2.51 35.52
CA GLY C 507 49.45 3.12 34.31
C GLY C 507 48.55 2.24 33.46
N LEU C 508 47.80 2.89 32.56
CA LEU C 508 46.92 2.18 31.61
C LEU C 508 47.01 2.94 30.27
N PHE C 509 47.35 2.25 29.19
CA PHE C 509 47.36 2.91 27.88
C PHE C 509 45.90 2.83 27.38
N VAL C 510 45.39 3.99 26.95
CA VAL C 510 43.98 4.07 26.52
C VAL C 510 43.83 4.44 25.05
N THR C 511 43.03 3.63 24.35
CA THR C 511 42.71 3.90 22.96
C THR C 511 41.18 4.04 22.84
N SER C 512 40.77 4.96 21.98
CA SER C 512 39.35 5.13 21.65
C SER C 512 39.21 4.98 20.11
N ILE C 513 38.25 4.19 19.62
CA ILE C 513 38.04 4.06 18.18
C ILE C 513 36.60 4.60 18.05
N ASN C 514 36.48 5.73 17.35
CA ASN C 514 35.21 6.48 17.39
C ASN C 514 35.00 7.41 16.20
N LEU C 515 33.86 8.08 16.16
CA LEU C 515 33.63 9.11 15.15
C LEU C 515 34.15 10.48 15.61
N TYR C 516 34.22 10.69 16.93
CA TYR C 516 34.60 12.00 17.48
C TYR C 516 35.57 11.85 18.63
N PRO C 517 36.19 12.95 19.07
CA PRO C 517 37.13 12.85 20.20
C PRO C 517 36.42 12.38 21.48
N THR C 518 35.26 12.98 21.73
CA THR C 518 34.42 12.75 22.95
C THR C 518 35.16 13.09 24.25
N LYS C 519 34.46 12.95 25.40
CA LYS C 519 35.11 13.17 26.69
C LYS C 519 36.25 12.15 26.92
N LEU C 520 36.21 11.03 26.22
CA LEU C 520 37.32 10.07 26.36
C LEU C 520 38.69 10.69 26.01
N ALA C 521 38.68 11.75 25.21
CA ALA C 521 39.92 12.44 24.85
C ALA C 521 40.63 13.03 26.08
N GLU C 522 39.92 13.14 27.20
CA GLU C 522 40.56 13.66 28.40
C GLU C 522 41.55 12.64 28.98
N ALA C 523 41.37 11.36 28.65
CA ALA C 523 42.25 10.29 29.13
C ALA C 523 42.98 9.49 28.01
N ALA C 524 42.43 9.49 26.80
CA ALA C 524 43.04 8.65 25.76
C ALA C 524 44.42 9.08 25.34
N HIS C 525 45.21 8.09 24.92
CA HIS C 525 46.54 8.35 24.37
C HIS C 525 46.50 8.16 22.86
N LEU C 526 45.48 7.44 22.35
CA LEU C 526 45.41 7.19 20.90
C LEU C 526 43.93 7.13 20.51
N MET C 527 43.57 7.86 19.47
CA MET C 527 42.18 7.80 18.93
C MET C 527 42.24 7.45 17.44
N LEU C 528 41.39 6.52 16.98
CA LEU C 528 41.41 6.06 15.59
C LEU C 528 40.06 6.44 14.98
N PRO C 529 40.06 6.95 13.75
CA PRO C 529 38.82 7.38 13.07
C PRO C 529 38.02 6.29 12.40
N ALA C 530 36.74 6.22 12.80
CA ALA C 530 35.82 5.22 12.21
C ALA C 530 34.85 5.83 11.22
N ALA C 531 34.12 4.97 10.51
CA ALA C 531 33.17 5.47 9.49
C ALA C 531 31.76 4.95 9.81
N HIS C 532 30.74 5.76 9.50
CA HIS C 532 29.35 5.32 9.79
C HIS C 532 28.55 4.96 8.52
N PRO C 533 27.31 4.42 8.66
CA PRO C 533 26.54 4.02 7.47
C PRO C 533 26.35 5.11 6.43
N GLY C 534 26.61 4.77 5.16
CA GLY C 534 26.57 5.82 4.14
C GLY C 534 28.01 6.10 3.65
N GLU C 535 28.98 6.03 4.58
CA GLU C 535 30.43 6.18 4.29
C GLU C 535 30.92 4.74 4.06
N MET C 536 30.08 3.77 4.41
CA MET C 536 30.32 2.34 4.24
C MET C 536 28.99 1.66 4.09
N ASN C 537 29.03 0.45 3.58
CA ASN C 537 27.83 -0.40 3.53
C ASN C 537 27.65 -0.98 4.95
N LEU C 538 26.42 -1.32 5.35
CA LEU C 538 26.24 -1.89 6.70
C LEU C 538 24.92 -2.63 6.80
N THR C 539 24.92 -3.77 7.47
CA THR C 539 23.69 -4.59 7.62
C THR C 539 23.36 -4.67 9.09
N SER C 540 22.04 -4.71 9.36
CA SER C 540 21.56 -4.77 10.76
C SER C 540 20.07 -5.12 10.68
N MET C 541 19.48 -5.50 11.81
CA MET C 541 18.06 -5.82 11.82
C MET C 541 17.38 -4.98 12.91
N ASN C 542 16.06 -4.84 12.78
CA ASN C 542 15.34 -4.04 13.76
C ASN C 542 14.65 -4.92 14.83
N GLY C 543 13.72 -4.30 15.57
CA GLY C 543 13.08 -5.04 16.66
C GLY C 543 12.10 -6.16 16.27
N GLU C 544 11.91 -6.42 14.99
CA GLU C 544 11.10 -7.54 14.51
C GLU C 544 12.05 -8.38 13.59
N ARG C 545 13.34 -8.25 13.84
CA ARG C 545 14.35 -9.09 13.12
C ARG C 545 14.45 -8.81 11.62
N ARG C 546 14.08 -7.60 11.20
CA ARG C 546 14.06 -7.26 9.78
C ARG C 546 15.44 -6.71 9.37
N ILE C 547 16.19 -7.57 8.63
CA ILE C 547 17.55 -7.19 8.19
C ILE C 547 17.49 -6.41 6.87
N ARG C 548 18.22 -5.31 6.84
CA ARG C 548 18.34 -4.44 5.66
C ARG C 548 19.81 -4.06 5.46
N LEU C 549 20.12 -3.72 4.21
CA LEU C 549 21.41 -3.18 3.82
C LEU C 549 21.29 -1.67 3.66
N SER C 550 22.16 -0.94 4.38
CA SER C 550 22.31 0.52 4.27
C SER C 550 23.47 0.65 3.28
N GLU C 551 23.22 1.37 2.19
CA GLU C 551 24.24 1.47 1.11
C GLU C 551 25.20 2.64 1.23
N LYS C 552 26.46 2.39 0.85
CA LYS C 552 27.44 3.48 0.85
C LYS C 552 27.07 4.49 -0.25
N PHE C 553 27.23 5.77 0.00
CA PHE C 553 26.95 6.80 -1.00
C PHE C 553 27.94 7.95 -0.95
N MET C 554 28.87 7.92 0.01
CA MET C 554 29.83 9.03 0.09
C MET C 554 31.12 8.53 0.73
N ASP C 555 32.13 9.39 0.68
CA ASP C 555 33.41 9.01 1.25
C ASP C 555 33.46 9.38 2.73
N PRO C 556 34.19 8.60 3.54
CA PRO C 556 34.33 8.92 4.96
C PRO C 556 35.30 10.12 5.02
N PRO C 557 35.30 10.88 6.12
CA PRO C 557 36.21 12.02 6.26
C PRO C 557 37.67 11.52 6.29
N GLY C 558 38.58 12.26 5.63
CA GLY C 558 40.00 11.88 5.74
C GLY C 558 40.27 10.40 5.54
N THR C 559 40.96 9.77 6.49
CA THR C 559 41.30 8.36 6.38
C THR C 559 40.47 7.47 7.34
N ALA C 560 39.30 7.97 7.74
CA ALA C 560 38.40 7.20 8.56
C ALA C 560 38.04 5.87 7.86
N MET C 561 37.83 4.83 8.67
CA MET C 561 37.58 3.50 8.15
C MET C 561 36.47 2.73 8.87
N ALA C 562 35.82 1.81 8.13
CA ALA C 562 34.83 0.91 8.74
C ALA C 562 35.46 0.19 9.94
N ASP C 563 34.73 0.03 11.03
CA ASP C 563 35.29 -0.66 12.18
C ASP C 563 35.82 -2.06 11.91
N CYS C 564 35.12 -2.83 11.10
CA CYS C 564 35.58 -4.19 10.82
C CYS C 564 36.95 -4.13 10.10
N LEU C 565 37.18 -3.04 9.34
CA LEU C 565 38.46 -2.91 8.57
C LEU C 565 39.56 -2.39 9.45
N ILE C 566 39.19 -1.66 10.51
CA ILE C 566 40.16 -1.25 11.52
C ILE C 566 40.58 -2.52 12.26
N ALA C 567 39.62 -3.40 12.57
CA ALA C 567 39.97 -4.63 13.26
C ALA C 567 40.94 -5.44 12.37
N ALA C 568 40.65 -5.49 11.06
CA ALA C 568 41.53 -6.23 10.13
C ALA C 568 42.93 -5.56 10.12
N ARG C 569 43.00 -4.24 10.10
CA ARG C 569 44.28 -3.55 10.08
C ARG C 569 45.11 -3.92 11.31
N ILE C 570 44.48 -3.94 12.49
CA ILE C 570 45.14 -4.35 13.71
C ILE C 570 45.58 -5.81 13.68
N ALA C 571 44.69 -6.72 13.26
CA ALA C 571 45.01 -8.14 13.23
C ALA C 571 46.18 -8.36 12.28
N ASN C 572 46.16 -7.70 11.13
CA ASN C 572 47.26 -7.91 10.16
C ASN C 572 48.59 -7.33 10.68
N ALA C 573 48.52 -6.25 11.44
CA ALA C 573 49.76 -5.67 12.01
C ALA C 573 50.36 -6.63 13.04
N LEU C 574 49.49 -7.25 13.85
CA LEU C 574 49.92 -8.23 14.82
C LEU C 574 50.47 -9.49 14.10
N ARG C 575 49.79 -9.94 13.04
CA ARG C 575 50.27 -11.12 12.34
C ARG C 575 51.69 -10.88 11.78
N ASP C 576 51.89 -9.73 11.17
CA ASP C 576 53.21 -9.39 10.61
C ASP C 576 54.30 -9.35 11.70
N MET C 577 53.97 -8.76 12.84
CA MET C 577 54.93 -8.70 13.93
C MET C 577 55.26 -10.09 14.41
N TYR C 578 54.26 -10.93 14.59
CA TYR C 578 54.54 -12.27 15.06
C TYR C 578 55.33 -13.05 14.01
N GLN C 579 55.04 -12.84 12.73
CA GLN C 579 55.80 -13.55 11.70
C GLN C 579 57.29 -13.14 11.73
N LYS C 580 57.51 -11.83 11.88
CA LYS C 580 58.87 -11.30 11.92
C LYS C 580 59.66 -11.77 13.14
N ASP C 581 58.95 -12.02 14.24
CA ASP C 581 59.52 -12.46 15.50
C ASP C 581 59.68 -14.00 15.56
N GLY C 582 59.44 -14.67 14.42
CA GLY C 582 59.55 -16.12 14.35
C GLY C 582 58.61 -16.88 15.28
N LYS C 583 57.37 -16.40 15.47
CA LYS C 583 56.37 -17.03 16.33
C LYS C 583 55.22 -17.42 15.42
N ALA C 584 55.35 -18.58 14.78
CA ALA C 584 54.34 -19.01 13.84
C ALA C 584 52.96 -19.33 14.47
N GLU C 585 52.96 -19.90 15.67
CA GLU C 585 51.72 -20.26 16.33
C GLU C 585 50.92 -18.99 16.65
N MET C 586 51.58 -18.01 17.25
CA MET C 586 50.89 -16.75 17.54
C MET C 586 50.47 -16.07 16.24
N ALA C 587 51.32 -16.06 15.21
CA ALA C 587 50.90 -15.39 13.97
C ALA C 587 49.65 -16.02 13.39
N ALA C 588 49.53 -17.33 13.52
CA ALA C 588 48.40 -18.05 12.99
C ALA C 588 47.07 -17.63 13.63
N GLN C 589 47.13 -17.17 14.88
CA GLN C 589 45.90 -16.73 15.53
C GLN C 589 45.34 -15.53 14.78
N PHE C 590 46.20 -14.78 14.08
CA PHE C 590 45.75 -13.57 13.39
C PHE C 590 45.43 -13.69 11.92
N GLU C 591 45.28 -14.93 11.46
CA GLU C 591 44.92 -15.16 10.07
C GLU C 591 43.40 -14.87 9.94
N GLY C 592 42.94 -14.77 8.71
CA GLY C 592 41.52 -14.57 8.48
C GLY C 592 41.04 -13.15 8.40
N PHE C 593 41.94 -12.19 8.18
CA PHE C 593 41.54 -10.80 8.07
C PHE C 593 41.99 -10.16 6.77
N ASP C 594 42.07 -10.94 5.70
CA ASP C 594 42.49 -10.38 4.39
C ASP C 594 41.26 -9.75 3.74
N TRP C 595 40.81 -8.62 4.32
CA TRP C 595 39.60 -7.95 3.90
C TRP C 595 39.89 -6.59 3.28
N LYS C 596 39.27 -6.33 2.14
CA LYS C 596 39.44 -5.06 1.46
C LYS C 596 38.19 -4.16 1.63
N THR C 597 37.05 -4.78 1.94
CA THR C 597 35.80 -4.02 2.10
C THR C 597 34.92 -4.69 3.18
N GLU C 598 33.96 -3.95 3.72
CA GLU C 598 33.12 -4.51 4.78
C GLU C 598 32.30 -5.72 4.32
N GLU C 599 31.98 -5.80 3.03
CA GLU C 599 31.26 -6.95 2.53
C GLU C 599 32.10 -8.23 2.80
N ASP C 600 33.44 -8.11 2.81
CA ASP C 600 34.26 -9.29 3.12
C ASP C 600 33.99 -9.84 4.52
N ALA C 601 33.70 -8.94 5.47
CA ALA C 601 33.40 -9.30 6.88
C ALA C 601 32.00 -9.92 6.94
N PHE C 602 31.08 -9.43 6.11
CA PHE C 602 29.73 -10.02 6.07
C PHE C 602 29.86 -11.47 5.56
N ASN C 603 30.66 -11.66 4.49
CA ASN C 603 30.85 -12.99 3.96
C ASN C 603 31.54 -13.93 4.92
N ASP C 604 32.48 -13.42 5.70
CA ASP C 604 33.25 -14.26 6.60
C ASP C 604 32.56 -14.60 7.93
N GLY C 605 31.57 -13.79 8.32
CA GLY C 605 30.93 -14.01 9.62
C GLY C 605 29.48 -14.46 9.44
N PHE C 606 28.62 -13.50 9.24
CA PHE C 606 27.20 -13.77 9.07
C PHE C 606 26.91 -14.90 8.08
N ARG C 607 27.55 -14.85 6.89
CA ARG C 607 27.29 -15.84 5.87
C ARG C 607 27.96 -17.19 6.05
N ARG C 608 28.88 -17.30 6.99
CA ARG C 608 29.50 -18.61 7.25
C ARG C 608 28.89 -19.34 8.46
N ALA C 609 28.08 -18.65 9.27
CA ALA C 609 27.51 -19.32 10.42
C ALA C 609 26.82 -20.64 10.04
N GLY C 610 27.24 -21.70 10.71
CA GLY C 610 26.66 -23.02 10.50
C GLY C 610 27.08 -23.76 9.23
N GLN C 611 27.94 -23.15 8.44
CA GLN C 611 28.34 -23.77 7.18
C GLN C 611 29.48 -24.77 7.35
N PRO C 612 29.63 -25.69 6.38
CA PRO C 612 30.69 -26.71 6.44
C PRO C 612 32.07 -26.10 6.58
N GLY C 613 32.81 -26.59 7.57
CA GLY C 613 34.16 -26.10 7.81
C GLY C 613 34.30 -24.76 8.50
N ALA C 614 33.18 -24.14 8.88
CA ALA C 614 33.24 -22.87 9.58
C ALA C 614 33.50 -23.13 11.06
N PRO C 615 34.12 -22.17 11.75
CA PRO C 615 34.40 -22.32 13.18
C PRO C 615 33.09 -22.00 13.95
N ALA C 616 33.14 -22.06 15.29
CA ALA C 616 31.98 -21.72 16.11
C ALA C 616 31.62 -20.23 15.90
N ILE C 617 30.38 -19.95 15.52
CA ILE C 617 29.91 -18.58 15.25
C ILE C 617 28.49 -18.43 15.85
N ASP C 618 28.32 -17.40 16.66
CA ASP C 618 27.04 -17.06 17.28
C ASP C 618 26.52 -15.94 16.42
N SER C 619 25.41 -16.18 15.74
CA SER C 619 24.87 -15.19 14.83
C SER C 619 23.36 -15.06 14.85
N GLN C 620 22.89 -13.83 14.91
CA GLN C 620 21.45 -13.60 14.84
C GLN C 620 20.85 -14.04 13.54
N GLY C 621 21.69 -14.31 12.53
CA GLY C 621 21.17 -14.79 11.25
C GLY C 621 20.98 -16.31 11.24
N GLY C 622 21.56 -16.98 12.21
CA GLY C 622 21.47 -18.43 12.29
C GLY C 622 22.15 -19.11 11.11
N SER C 623 21.82 -20.38 10.94
CA SER C 623 22.50 -21.15 9.89
C SER C 623 22.03 -20.90 8.46
N THR C 624 20.94 -20.16 8.26
CA THR C 624 20.52 -19.84 6.90
C THR C 624 20.99 -18.43 6.47
N GLY C 625 21.89 -17.84 7.27
CA GLY C 625 22.38 -16.50 6.98
C GLY C 625 23.06 -16.42 5.63
N HIS C 626 23.63 -17.55 5.21
CA HIS C 626 24.30 -17.56 3.89
C HIS C 626 23.35 -17.25 2.76
N LEU C 627 22.04 -17.45 2.97
CA LEU C 627 21.11 -17.10 1.92
C LEU C 627 21.04 -15.59 1.67
N VAL C 628 21.49 -14.81 2.65
CA VAL C 628 21.47 -13.35 2.48
C VAL C 628 22.76 -12.88 1.80
N THR C 629 22.66 -12.00 0.81
CA THR C 629 23.84 -11.36 0.21
C THR C 629 23.51 -9.90 0.08
N TYR C 630 24.52 -9.04 -0.08
CA TYR C 630 24.20 -7.64 -0.29
C TYR C 630 23.27 -7.44 -1.47
N ASP C 631 23.53 -8.12 -2.59
CA ASP C 631 22.71 -7.92 -3.79
C ASP C 631 21.25 -8.33 -3.57
N ARG C 632 21.03 -9.40 -2.81
CA ARG C 632 19.64 -9.86 -2.52
C ARG C 632 18.97 -8.86 -1.59
N LEU C 633 19.71 -8.36 -0.59
CA LEU C 633 19.11 -7.37 0.33
C LEU C 633 18.78 -6.11 -0.39
N ARG C 634 19.63 -5.69 -1.33
CA ARG C 634 19.37 -4.49 -2.05
C ARG C 634 18.09 -4.65 -2.83
N LYS C 635 17.91 -5.82 -3.45
CA LYS C 635 16.69 -6.04 -4.24
C LYS C 635 15.41 -6.01 -3.38
N SER C 636 15.59 -6.36 -2.14
CA SER C 636 14.48 -6.39 -1.17
C SER C 636 14.07 -5.00 -0.75
N GLY C 637 14.91 -4.00 -1.01
CA GLY C 637 14.61 -2.65 -0.57
C GLY C 637 14.64 -2.50 0.98
N ASN C 638 14.04 -1.40 1.42
CA ASN C 638 14.02 -1.12 2.87
C ASN C 638 13.10 -2.08 3.63
N ASN C 639 12.29 -2.87 2.92
CA ASN C 639 11.54 -3.87 3.62
C ASN C 639 12.42 -5.08 4.01
N GLY C 640 13.55 -5.28 3.30
CA GLY C 640 14.42 -6.38 3.69
C GLY C 640 13.68 -7.72 3.85
N VAL C 641 14.10 -8.47 4.86
CA VAL C 641 13.46 -9.74 5.16
C VAL C 641 13.53 -9.94 6.67
N GLN C 642 12.45 -10.51 7.25
CA GLN C 642 12.50 -10.81 8.69
C GLN C 642 13.21 -12.16 8.89
N LEU C 643 14.22 -12.19 9.75
CA LEU C 643 14.96 -13.42 10.03
C LEU C 643 14.15 -14.31 10.99
N PRO C 644 14.38 -15.62 10.96
CA PRO C 644 15.34 -16.29 10.05
C PRO C 644 14.85 -16.43 8.61
N VAL C 645 15.79 -16.39 7.64
CA VAL C 645 15.40 -16.62 6.27
C VAL C 645 15.04 -18.11 6.16
N VAL C 646 13.92 -18.39 5.53
CA VAL C 646 13.46 -19.77 5.30
C VAL C 646 13.92 -20.27 3.94
N SER C 647 13.93 -19.39 2.96
CA SER C 647 14.30 -19.80 1.61
C SER C 647 14.69 -18.62 0.72
N TRP C 648 15.38 -18.96 -0.36
CA TRP C 648 15.70 -17.96 -1.35
C TRP C 648 15.73 -18.62 -2.73
N ASP C 649 15.20 -17.92 -3.72
CA ASP C 649 15.36 -18.34 -5.11
C ASP C 649 15.15 -17.07 -5.91
N GLU C 650 15.60 -17.05 -7.17
CA GLU C 650 15.46 -15.83 -7.97
C GLU C 650 14.03 -15.32 -8.14
N SER C 651 13.08 -16.23 -8.27
CA SER C 651 11.68 -15.81 -8.48
C SER C 651 10.94 -15.27 -7.27
N LYS C 652 11.23 -15.79 -6.05
CA LYS C 652 10.52 -15.36 -4.81
C LYS C 652 11.35 -14.43 -3.95
N GLY C 653 12.66 -14.38 -4.22
CA GLY C 653 13.49 -13.54 -3.38
C GLY C 653 13.64 -14.19 -2.03
N LEU C 654 14.07 -13.39 -1.07
CA LEU C 654 14.28 -13.87 0.29
C LEU C 654 12.91 -14.03 0.99
N VAL C 655 12.67 -15.19 1.58
CA VAL C 655 11.39 -15.43 2.32
C VAL C 655 11.75 -15.65 3.75
N GLY C 656 11.12 -14.88 4.65
CA GLY C 656 11.47 -14.94 6.04
C GLY C 656 10.42 -15.43 7.03
N THR C 657 10.54 -14.95 8.26
CA THR C 657 9.68 -15.44 9.38
C THR C 657 9.06 -14.28 10.13
N GLU C 658 7.71 -14.28 10.19
CA GLU C 658 7.03 -13.18 10.91
C GLU C 658 7.06 -13.25 12.44
N MET C 659 6.71 -14.39 12.98
CA MET C 659 6.65 -14.60 14.44
C MET C 659 7.27 -15.92 14.86
N LEU C 660 7.95 -15.90 15.99
CA LEU C 660 8.55 -17.12 16.52
C LEU C 660 7.63 -17.86 17.50
N TYR C 661 7.84 -19.16 17.62
CA TYR C 661 7.12 -20.00 18.61
C TYR C 661 5.64 -20.21 18.34
N THR C 662 5.24 -20.07 17.09
CA THR C 662 3.83 -20.26 16.72
C THR C 662 3.41 -21.75 16.78
N GLU C 663 4.34 -22.67 16.96
CA GLU C 663 3.97 -24.08 17.09
C GLU C 663 4.33 -24.57 18.48
N GLY C 664 4.81 -23.66 19.33
CA GLY C 664 5.10 -24.05 20.70
C GLY C 664 6.41 -24.76 20.90
N LYS C 665 7.31 -24.64 19.93
CA LYS C 665 8.64 -25.24 20.00
C LYS C 665 9.62 -24.15 20.48
N PHE C 666 9.97 -24.20 21.75
CA PHE C 666 10.83 -23.20 22.33
C PHE C 666 12.30 -23.55 22.24
N ASP C 667 13.14 -22.55 22.49
CA ASP C 667 14.59 -22.77 22.39
C ASP C 667 15.15 -23.30 23.71
N THR C 668 14.82 -24.56 24.01
CA THR C 668 15.29 -25.23 25.24
C THR C 668 15.60 -26.67 24.86
N ASP C 669 16.25 -27.39 25.76
CA ASP C 669 16.61 -28.80 25.55
C ASP C 669 15.42 -29.71 25.20
N ASP C 670 14.23 -29.45 25.77
CA ASP C 670 13.09 -30.31 25.48
C ASP C 670 12.01 -29.66 24.59
N GLY C 671 12.28 -28.44 24.12
CA GLY C 671 11.38 -27.72 23.24
C GLY C 671 10.23 -27.08 23.97
N LYS C 672 10.23 -27.19 25.29
CA LYS C 672 9.16 -26.58 26.09
C LYS C 672 9.61 -25.27 26.72
N ALA C 673 8.65 -24.37 26.97
CA ALA C 673 8.97 -23.11 27.65
C ALA C 673 9.12 -23.50 29.14
N HIS C 674 10.09 -22.93 29.83
CA HIS C 674 10.31 -23.25 31.24
C HIS C 674 10.00 -22.12 32.22
N PHE C 675 9.10 -22.41 33.17
CA PHE C 675 8.79 -21.47 34.24
C PHE C 675 9.98 -21.41 35.21
N LYS C 676 10.16 -20.26 35.86
CA LYS C 676 11.24 -20.06 36.80
C LYS C 676 10.79 -19.43 38.07
N PRO C 677 11.50 -19.72 39.17
CA PRO C 677 11.08 -19.09 40.43
C PRO C 677 11.45 -17.61 40.43
N ALA C 678 10.68 -16.76 41.09
CA ALA C 678 11.03 -15.33 41.14
C ALA C 678 10.83 -14.78 42.55
N PRO C 679 11.83 -14.99 43.42
CA PRO C 679 11.69 -14.49 44.79
C PRO C 679 11.68 -12.97 44.85
N TRP C 680 10.86 -12.40 45.72
CA TRP C 680 10.79 -10.96 45.89
C TRP C 680 11.69 -10.69 47.09
N ASN C 681 12.80 -9.98 46.85
CA ASN C 681 13.79 -9.66 47.88
C ASN C 681 13.87 -8.22 48.32
N GLY C 682 13.00 -7.36 47.80
CA GLY C 682 13.09 -5.96 48.12
C GLY C 682 14.26 -5.36 47.32
N LEU C 683 14.62 -4.12 47.61
CA LEU C 683 15.73 -3.48 46.93
C LEU C 683 17.05 -4.09 47.41
N PRO C 684 18.08 -4.10 46.54
CA PRO C 684 19.38 -4.64 46.94
C PRO C 684 19.88 -3.75 48.10
N ALA C 685 20.67 -4.31 49.00
CA ALA C 685 21.20 -3.54 50.12
C ALA C 685 21.99 -2.33 49.68
N THR C 686 22.84 -2.51 48.66
CA THR C 686 23.59 -1.34 48.19
C THR C 686 22.67 -0.17 47.86
N VAL C 687 21.55 -0.46 47.20
CA VAL C 687 20.64 0.60 46.82
C VAL C 687 19.81 1.09 48.02
N GLN C 688 19.33 0.14 48.83
CA GLN C 688 18.52 0.49 50.02
C GLN C 688 19.27 1.49 50.95
N GLN C 689 20.58 1.30 51.07
CA GLN C 689 21.43 2.18 51.91
C GLN C 689 21.41 3.60 51.40
N GLN C 690 21.40 3.78 50.07
CA GLN C 690 21.35 5.14 49.57
C GLN C 690 19.95 5.70 49.80
N LYS C 691 18.92 4.87 49.62
CA LYS C 691 17.54 5.32 49.77
C LYS C 691 17.27 5.72 51.24
N ASP C 692 17.89 5.00 52.17
CA ASP C 692 17.68 5.28 53.60
C ASP C 692 18.39 6.55 54.07
N LYS C 693 19.41 6.97 53.33
CA LYS C 693 20.23 8.15 53.64
C LYS C 693 19.87 9.41 52.87
N TYR C 694 19.34 9.24 51.65
CA TYR C 694 19.07 10.37 50.77
C TYR C 694 17.60 10.45 50.38
N ARG C 695 17.19 11.65 49.99
CA ARG C 695 15.80 11.99 49.72
C ARG C 695 15.10 11.58 48.44
N PHE C 696 15.78 11.81 47.33
CA PHE C 696 15.17 11.62 46.02
C PHE C 696 15.51 10.37 45.22
N TRP C 697 14.50 9.75 44.60
CA TRP C 697 14.78 8.61 43.74
C TRP C 697 15.34 9.26 42.46
N LEU C 698 16.53 8.80 42.04
CA LEU C 698 17.19 9.40 40.85
C LEU C 698 16.93 8.59 39.61
N ASN C 699 15.66 8.64 39.18
CA ASN C 699 15.27 7.93 37.97
C ASN C 699 16.02 8.63 36.81
N ASN C 700 16.24 7.89 35.71
CA ASN C 700 17.04 8.43 34.60
C ASN C 700 16.71 7.67 33.31
N GLY C 701 17.02 8.31 32.19
CA GLY C 701 16.76 7.67 30.91
C GLY C 701 16.76 8.65 29.75
N ARG C 702 15.93 8.31 28.76
CA ARG C 702 15.83 9.05 27.51
C ARG C 702 14.96 10.27 27.38
N ASN C 703 15.36 11.12 26.44
CA ASN C 703 14.63 12.29 26.02
C ASN C 703 14.44 12.06 24.54
N ASN C 704 13.22 12.28 24.03
CA ASN C 704 12.93 12.04 22.61
C ASN C 704 13.91 12.74 21.64
N GLU C 705 14.34 13.95 21.94
CA GLU C 705 15.16 14.67 20.97
C GLU C 705 16.65 14.31 20.97
N VAL C 706 17.13 13.93 22.15
CA VAL C 706 18.56 13.62 22.35
C VAL C 706 18.88 12.17 22.05
N TRP C 707 19.89 11.94 21.18
CA TRP C 707 20.33 10.60 20.91
C TRP C 707 21.56 10.22 21.71
N GLN C 708 21.37 9.27 22.63
CA GLN C 708 22.44 8.64 23.43
C GLN C 708 23.39 9.64 24.07
N THR C 709 24.69 9.47 23.84
CA THR C 709 25.66 10.40 24.42
C THR C 709 25.82 11.73 23.69
N ALA C 710 24.88 12.04 22.79
CA ALA C 710 24.86 13.32 22.11
C ALA C 710 26.14 13.61 21.35
N TYR C 711 26.74 12.55 20.82
CA TYR C 711 28.00 12.72 20.07
C TYR C 711 27.83 13.58 18.84
N HIS C 712 26.70 13.45 18.11
CA HIS C 712 26.46 14.39 17.04
C HIS C 712 25.72 15.62 17.62
N ASP C 713 24.74 15.36 18.51
CA ASP C 713 23.91 16.45 19.01
C ASP C 713 24.66 17.59 19.65
N GLN C 714 25.80 17.28 20.29
CA GLN C 714 26.60 18.31 20.94
C GLN C 714 27.07 19.39 19.99
N TYR C 715 27.07 19.08 18.68
CA TYR C 715 27.52 20.06 17.70
C TYR C 715 26.39 20.78 16.98
N ASN C 716 25.16 20.39 17.31
CA ASN C 716 23.98 20.94 16.62
C ASN C 716 23.41 22.16 17.35
N SER C 717 23.38 23.30 16.67
CA SER C 717 22.99 24.57 17.30
C SER C 717 21.59 24.52 17.90
N LEU C 718 20.67 23.83 17.24
CA LEU C 718 19.28 23.80 17.78
C LEU C 718 19.22 22.96 19.02
N MET C 719 19.93 21.81 19.01
CA MET C 719 19.93 20.93 20.17
C MET C 719 20.59 21.61 21.36
N GLN C 720 21.65 22.37 21.09
CA GLN C 720 22.35 22.99 22.20
C GLN C 720 21.58 24.20 22.74
N GLU C 721 20.77 24.83 21.90
CA GLU C 721 19.95 25.95 22.36
C GLU C 721 18.85 25.39 23.29
N ARG C 722 18.31 24.23 22.89
CA ARG C 722 17.20 23.58 23.59
C ARG C 722 17.63 22.88 24.85
N TYR C 723 18.75 22.16 24.78
CA TYR C 723 19.23 21.39 25.93
C TYR C 723 20.68 21.71 26.20
N PRO C 724 20.98 22.92 26.69
CA PRO C 724 22.38 23.29 26.95
C PRO C 724 23.01 22.44 28.03
N MET C 725 22.16 21.92 28.93
CA MET C 725 22.61 21.09 30.04
C MET C 725 21.65 19.91 30.26
N ALA C 726 22.14 18.79 30.80
CA ALA C 726 21.29 17.64 31.16
C ALA C 726 20.23 18.25 32.15
N TYR C 727 18.97 17.85 32.02
CA TYR C 727 17.92 18.40 32.93
C TYR C 727 17.44 17.31 33.91
N ILE C 728 16.82 17.77 34.99
CA ILE C 728 16.28 16.86 35.99
C ILE C 728 14.82 17.30 36.26
N GLU C 729 13.86 16.41 35.95
CA GLU C 729 12.42 16.68 36.13
C GLU C 729 12.18 16.53 37.63
N MET C 730 11.47 17.49 38.18
CA MET C 730 11.18 17.51 39.63
C MET C 730 9.72 17.89 39.86
N ASN C 731 9.18 17.35 40.95
CA ASN C 731 7.81 17.62 41.37
C ASN C 731 7.80 19.10 41.79
N PRO C 732 6.74 19.86 41.41
CA PRO C 732 6.61 21.28 41.73
C PRO C 732 6.62 21.58 43.24
N ASP C 733 6.05 20.70 44.05
CA ASP C 733 6.10 20.96 45.49
C ASP C 733 7.52 20.82 46.02
N ASP C 734 8.26 19.81 45.53
CA ASP C 734 9.64 19.62 45.94
C ASP C 734 10.50 20.81 45.49
N CYS C 735 10.26 21.26 44.26
CA CYS C 735 10.99 22.40 43.71
C CYS C 735 10.74 23.64 44.54
N LYS C 736 9.47 23.91 44.85
CA LYS C 736 9.12 25.12 45.62
C LYS C 736 9.81 25.06 46.99
N GLN C 737 9.84 23.89 47.59
CA GLN C 737 10.49 23.73 48.89
C GLN C 737 12.01 23.97 48.83
N LEU C 738 12.65 23.58 47.73
CA LEU C 738 14.08 23.76 47.61
C LEU C 738 14.43 25.11 46.99
N ASP C 739 13.39 25.87 46.70
CA ASP C 739 13.48 27.17 46.07
C ASP C 739 14.21 27.10 44.71
N VAL C 740 13.85 26.10 43.90
CA VAL C 740 14.43 26.02 42.54
C VAL C 740 13.30 25.99 41.52
N THR C 741 13.58 26.52 40.33
CA THR C 741 12.61 26.57 39.28
C THR C 741 13.36 26.30 37.94
N GLY C 742 12.60 26.25 36.87
CA GLY C 742 13.17 25.96 35.55
C GLY C 742 14.38 26.83 35.27
N GLY C 743 15.52 26.20 34.93
CA GLY C 743 16.70 27.01 34.64
C GLY C 743 17.70 27.17 35.75
N ASP C 744 17.34 26.79 36.99
CA ASP C 744 18.31 26.84 38.04
C ASP C 744 19.20 25.62 37.89
N ILE C 745 20.43 25.67 38.36
CA ILE C 745 21.27 24.48 38.29
C ILE C 745 21.35 23.90 39.71
N VAL C 746 21.29 22.57 39.81
CA VAL C 746 21.44 21.88 41.09
C VAL C 746 22.53 20.83 41.05
N GLU C 747 23.10 20.54 42.22
CA GLU C 747 24.06 19.46 42.35
C GLU C 747 23.19 18.26 42.76
N VAL C 748 23.47 17.10 42.20
CA VAL C 748 22.77 15.84 42.55
C VAL C 748 23.89 14.97 43.07
N TYR C 749 23.76 14.43 44.30
CA TYR C 749 24.84 13.67 44.85
C TYR C 749 24.41 12.59 45.85
N ASN C 750 25.29 11.63 46.07
CA ASN C 750 25.05 10.57 47.05
C ASN C 750 26.40 10.01 47.40
N ASP C 751 26.48 8.83 47.99
CA ASP C 751 27.81 8.35 48.37
C ASP C 751 28.66 8.00 47.15
N PHE C 752 28.01 7.65 46.03
CA PHE C 752 28.75 7.23 44.83
C PHE C 752 29.32 8.36 43.98
N GLY C 753 28.69 9.51 44.04
CA GLY C 753 29.19 10.59 43.22
C GLY C 753 28.43 11.85 43.29
N SER C 754 28.86 12.82 42.49
CA SER C 754 28.23 14.13 42.47
C SER C 754 28.16 14.60 41.01
N THR C 755 27.03 15.18 40.64
CA THR C 755 26.91 15.71 39.28
C THR C 755 25.97 16.87 39.28
N PHE C 756 25.65 17.42 38.11
CA PHE C 756 24.82 18.60 38.06
C PHE C 756 23.79 18.52 36.95
N ALA C 757 22.72 19.29 37.09
CA ALA C 757 21.64 19.32 36.10
C ALA C 757 20.89 20.63 36.17
N MET C 758 20.18 21.00 35.11
CA MET C 758 19.32 22.18 35.13
C MET C 758 17.94 21.66 35.55
N VAL C 759 17.31 22.37 36.51
CA VAL C 759 16.03 21.95 37.02
C VAL C 759 14.94 22.15 35.98
N TYR C 760 14.07 21.16 35.90
CA TYR C 760 12.93 21.17 34.98
C TYR C 760 11.67 20.75 35.77
N PRO C 761 10.94 21.76 36.30
CA PRO C 761 9.71 21.40 37.05
C PRO C 761 8.70 20.70 36.14
N VAL C 762 8.16 19.57 36.62
CA VAL C 762 7.22 18.76 35.90
C VAL C 762 6.08 18.31 36.85
N ALA C 763 4.89 18.82 36.60
CA ALA C 763 3.72 18.52 37.47
C ALA C 763 3.46 17.04 37.66
N GLU C 764 3.77 16.22 36.65
CA GLU C 764 3.52 14.79 36.69
C GLU C 764 4.47 13.98 37.56
N ILE C 765 5.62 14.56 37.93
CA ILE C 765 6.61 13.86 38.74
C ILE C 765 6.06 13.74 40.20
N LYS C 766 6.20 12.55 40.75
CA LYS C 766 5.75 12.31 42.14
C LYS C 766 6.69 12.93 43.16
N ARG C 767 6.19 13.32 44.34
CA ARG C 767 7.07 13.86 45.35
C ARG C 767 8.15 12.80 45.73
N GLY C 768 9.37 13.26 45.97
CA GLY C 768 10.46 12.37 46.34
C GLY C 768 11.06 11.63 45.13
N GLN C 769 10.55 11.92 43.94
CA GLN C 769 11.07 11.24 42.73
C GLN C 769 11.57 12.29 41.76
N THR C 770 12.46 11.89 40.86
CA THR C 770 12.96 12.87 39.88
C THR C 770 13.31 12.05 38.64
N PHE C 771 13.62 12.73 37.53
CA PHE C 771 14.07 12.00 36.33
C PHE C 771 15.12 12.85 35.65
N MET C 772 16.33 12.28 35.48
CA MET C 772 17.41 13.03 34.86
C MET C 772 17.88 12.39 33.53
N LEU C 773 18.07 13.23 32.54
CA LEU C 773 18.56 12.77 31.22
C LEU C 773 19.88 12.02 31.46
N PHE C 774 19.99 10.81 30.90
CA PHE C 774 21.24 10.04 31.10
C PHE C 774 22.30 10.34 30.02
N GLY C 775 23.55 10.01 30.38
CA GLY C 775 24.71 10.04 29.46
C GLY C 775 25.07 11.26 28.68
N TYR C 776 24.67 12.43 29.14
CA TYR C 776 24.85 13.66 28.42
C TYR C 776 26.22 14.30 28.52
N VAL C 777 26.47 15.22 27.58
CA VAL C 777 27.75 15.94 27.52
C VAL C 777 27.95 17.06 28.48
N ASN C 778 26.90 17.45 29.21
CA ASN C 778 27.03 18.54 30.17
C ASN C 778 26.16 18.12 31.35
N GLY C 779 26.81 17.48 32.31
CA GLY C 779 26.11 16.94 33.49
C GLY C 779 25.85 15.46 33.26
N ILE C 780 26.81 14.61 33.63
CA ILE C 780 26.72 13.15 33.44
C ILE C 780 25.92 12.52 34.58
N GLN C 781 24.82 11.88 34.21
CA GLN C 781 23.97 11.25 35.23
C GLN C 781 24.59 10.08 35.97
N GLY C 782 25.36 9.27 35.27
CA GLY C 782 25.89 8.08 35.87
C GLY C 782 26.73 8.16 37.11
N ASP C 783 27.26 9.36 37.41
CA ASP C 783 28.09 9.55 38.60
C ASP C 783 27.37 9.17 39.87
N VAL C 784 26.03 9.24 39.87
CA VAL C 784 25.30 8.88 41.09
C VAL C 784 24.68 7.48 41.05
N THR C 785 24.91 6.70 40.00
CA THR C 785 24.39 5.33 40.02
C THR C 785 25.36 4.44 40.83
N THR C 786 24.87 3.33 41.37
CA THR C 786 25.71 2.51 42.21
C THR C 786 26.44 1.47 41.42
N ASP C 787 27.28 0.69 42.11
CA ASP C 787 28.02 -0.36 41.48
C ASP C 787 27.22 -1.67 41.48
N TRP C 788 25.97 -1.64 41.99
CA TRP C 788 25.23 -2.90 42.11
C TRP C 788 24.81 -3.53 40.81
N THR C 789 25.01 -4.84 40.71
CA THR C 789 24.60 -5.59 39.52
C THR C 789 23.98 -6.91 39.95
N ASP C 790 23.15 -7.49 39.06
CA ASP C 790 22.52 -8.79 39.35
C ASP C 790 23.52 -9.95 39.19
N ARG C 791 23.03 -11.18 39.34
CA ARG C 791 23.88 -12.36 39.31
C ARG C 791 24.72 -12.49 38.05
N ASP C 792 24.30 -11.85 36.97
CA ASP C 792 25.07 -11.89 35.73
C ASP C 792 25.77 -10.57 35.40
N ILE C 793 25.86 -9.68 36.37
CA ILE C 793 26.50 -8.37 36.25
C ILE C 793 25.71 -7.40 35.36
N ILE C 794 24.38 -7.44 35.54
CA ILE C 794 23.53 -6.49 34.84
C ILE C 794 23.24 -5.38 35.85
N PRO C 795 23.68 -4.14 35.59
CA PRO C 795 23.41 -3.07 36.58
C PRO C 795 21.98 -2.61 36.78
N TYR C 796 21.68 -2.22 38.03
CA TYR C 796 20.38 -1.63 38.36
C TYR C 796 20.59 -0.10 38.14
N TYR C 797 20.72 0.32 36.87
CA TYR C 797 20.94 1.74 36.60
C TYR C 797 19.79 2.62 37.05
N LYS C 798 18.57 2.07 37.08
CA LYS C 798 17.40 2.87 37.44
C LYS C 798 17.22 2.88 38.97
N GLY C 799 18.18 2.31 39.69
CA GLY C 799 18.06 2.16 41.15
C GLY C 799 19.10 2.93 41.92
N THR C 800 18.73 4.14 42.29
CA THR C 800 19.62 4.98 43.04
C THR C 800 18.89 6.16 43.65
N TRP C 801 19.40 6.61 44.79
CA TRP C 801 18.77 7.75 45.51
C TRP C 801 19.88 8.73 45.86
N GLY C 802 19.49 10.01 45.98
CA GLY C 802 20.44 11.06 46.30
C GLY C 802 19.82 12.35 46.77
N ASP C 803 20.65 13.30 47.19
CA ASP C 803 20.15 14.61 47.60
C ASP C 803 20.39 15.64 46.50
N ILE C 804 19.71 16.77 46.61
CA ILE C 804 19.77 17.84 45.60
C ILE C 804 20.04 19.14 46.32
N ARG C 805 21.02 19.89 45.81
CA ARG C 805 21.43 21.18 46.39
C ARG C 805 21.44 22.24 45.32
N LYS C 806 20.81 23.37 45.60
CA LYS C 806 20.74 24.48 44.65
C LYS C 806 22.12 25.15 44.49
N VAL C 807 22.53 25.32 43.22
CA VAL C 807 23.78 26.01 42.96
C VAL C 807 23.41 27.47 42.66
N GLY C 808 22.39 27.72 41.82
CA GLY C 808 22.04 29.10 41.50
C GLY C 808 21.20 29.19 40.24
N SER C 809 20.79 30.39 39.87
CA SER C 809 19.99 30.60 38.68
C SER C 809 20.88 30.87 37.45
N MET C 810 20.73 30.05 36.41
CA MET C 810 21.50 30.23 35.16
C MET C 810 20.62 31.11 34.29
N SER C 811 20.87 32.43 34.35
CA SER C 811 20.06 33.41 33.65
C SER C 811 19.88 33.16 32.19
N GLU C 812 20.94 32.68 31.54
CA GLU C 812 20.82 32.45 30.11
C GLU C 812 19.91 31.28 29.81
N PHE C 813 19.88 30.27 30.67
CA PHE C 813 18.98 29.12 30.45
C PHE C 813 17.54 29.69 30.60
N LYS C 814 17.30 30.53 31.62
CA LYS C 814 15.94 31.09 31.73
C LYS C 814 15.52 31.92 30.53
N ARG C 815 16.49 32.61 29.94
CA ARG C 815 16.18 33.46 28.81
C ARG C 815 15.91 32.73 27.51
N THR C 816 16.54 31.56 27.36
CA THR C 816 16.51 30.83 26.09
C THR C 816 15.96 29.43 26.01
N VAL C 817 15.80 28.77 27.17
CA VAL C 817 15.31 27.40 27.23
C VAL C 817 13.85 27.27 27.64
N SER C 818 13.06 26.49 26.88
CA SER C 818 11.68 26.26 27.29
C SER C 818 11.63 25.20 28.40
N PHE C 819 10.90 25.54 29.46
CA PHE C 819 10.69 24.59 30.56
C PHE C 819 9.17 24.23 30.60
N LYS C 820 8.51 24.34 29.45
CA LYS C 820 7.08 23.97 29.32
C LYS C 820 6.92 22.45 29.26
N SER C 821 5.69 21.97 29.44
CA SER C 821 5.44 20.54 29.51
C SER C 821 5.76 19.78 28.23
N ARG C 822 6.48 18.67 28.41
CA ARG C 822 6.79 17.74 27.33
C ARG C 822 5.75 16.63 27.26
N ARG C 823 4.68 16.72 28.06
CA ARG C 823 3.62 15.71 28.02
C ARG C 823 2.48 16.34 27.27
N PHE C 824 2.10 15.76 26.14
CA PHE C 824 1.04 16.35 25.32
C PHE C 824 -0.32 16.23 26.04
N GLY C 825 -0.88 17.39 26.37
CA GLY C 825 -2.16 17.43 27.06
C GLY C 825 -2.67 18.85 27.05
N ARG D 1 19.40 38.47 -7.93
CA ARG D 1 19.02 38.54 -6.45
C ARG D 1 19.16 37.23 -5.70
N THR D 2 19.56 37.31 -4.43
CA THR D 2 19.76 36.14 -3.59
C THR D 2 18.60 35.97 -2.60
N THR D 3 17.75 36.98 -2.51
CA THR D 3 16.63 36.96 -1.57
C THR D 3 15.29 36.72 -2.27
N LEU D 4 14.34 36.15 -1.53
CA LEU D 4 12.99 35.94 -2.04
C LEU D 4 12.25 37.30 -1.94
N ALA D 5 11.22 37.46 -2.78
CA ALA D 5 10.43 38.70 -2.81
C ALA D 5 9.20 38.48 -1.94
N TYR D 6 9.31 38.85 -0.67
CA TYR D 6 8.16 38.68 0.24
C TYR D 6 7.24 39.87 0.15
N PRO D 7 5.92 39.63 0.20
CA PRO D 7 4.94 40.71 0.16
C PRO D 7 4.97 41.42 1.52
N ALA D 8 4.38 42.62 1.56
CA ALA D 8 4.26 43.35 2.85
C ALA D 8 2.72 43.24 3.08
N THR D 9 2.31 42.47 4.06
CA THR D 9 0.90 42.20 4.29
C THR D 9 0.44 42.78 5.64
N ALA D 10 -0.52 43.69 5.56
CA ALA D 10 -1.05 44.31 6.78
C ALA D 10 -1.75 43.19 7.58
N VAL D 11 -1.55 43.16 8.90
CA VAL D 11 -2.22 42.15 9.76
C VAL D 11 -3.39 42.89 10.49
N SER D 12 -3.03 43.88 11.28
CA SER D 12 -4.02 44.69 12.03
C SER D 12 -3.24 45.81 12.69
N VAL D 13 -3.92 46.72 13.40
CA VAL D 13 -3.12 47.69 14.15
C VAL D 13 -2.92 47.02 15.53
N ALA D 14 -1.86 47.39 16.23
CA ALA D 14 -1.48 46.72 17.45
C ALA D 14 -2.49 46.91 18.60
N LYS D 15 -3.07 48.10 18.66
CA LYS D 15 -4.05 48.34 19.74
C LYS D 15 -5.31 47.49 19.59
N ASN D 16 -5.57 46.92 18.42
CA ASN D 16 -6.74 46.07 18.22
C ASN D 16 -6.52 44.65 18.78
N LEU D 17 -5.28 44.25 19.00
CA LEU D 17 -5.02 42.91 19.54
C LEU D 17 -5.24 42.80 21.05
N ALA D 18 -5.95 41.74 21.46
CA ALA D 18 -6.22 41.48 22.87
C ALA D 18 -5.16 40.56 23.43
N ALA D 19 -4.81 40.74 24.69
CA ALA D 19 -3.79 39.91 25.32
C ALA D 19 -4.13 38.42 25.19
N ASN D 20 -3.18 37.69 24.60
CA ASN D 20 -3.28 36.25 24.39
C ASN D 20 -4.47 35.76 23.59
N GLU D 21 -5.01 36.61 22.72
CA GLU D 21 -6.13 36.25 21.84
C GLU D 21 -5.56 36.21 20.42
N PRO D 22 -5.24 35.00 19.93
CA PRO D 22 -4.66 34.89 18.57
C PRO D 22 -5.48 35.45 17.40
N VAL D 23 -4.77 35.99 16.41
CA VAL D 23 -5.40 36.50 15.19
C VAL D 23 -4.93 35.63 14.01
N SER D 24 -5.85 35.11 13.20
CA SER D 24 -5.47 34.29 12.03
C SER D 24 -5.29 35.19 10.82
N PHE D 25 -4.31 34.85 9.97
CA PHE D 25 -4.10 35.59 8.74
C PHE D 25 -3.27 34.67 7.83
N THR D 26 -3.24 34.96 6.53
CA THR D 26 -2.42 34.15 5.63
C THR D 26 -1.23 34.98 5.16
N TYR D 27 -0.07 34.31 5.08
CA TYR D 27 1.13 35.03 4.65
C TYR D 27 2.16 33.94 4.34
N PRO D 28 2.91 34.06 3.23
CA PRO D 28 2.96 35.10 2.19
C PRO D 28 1.95 34.90 1.05
N ASP D 29 1.06 33.92 1.21
CA ASP D 29 -0.02 33.70 0.25
C ASP D 29 -1.20 33.00 0.94
N THR D 30 -2.32 32.86 0.24
CA THR D 30 -3.50 32.27 0.89
C THR D 30 -3.42 30.82 1.26
N SER D 31 -2.38 30.12 0.82
CA SER D 31 -2.23 28.72 1.19
C SER D 31 -1.32 28.56 2.41
N SER D 32 -0.90 29.66 3.03
CA SER D 32 0.00 29.63 4.17
C SER D 32 -0.68 30.26 5.42
N PRO D 33 -1.31 29.43 6.27
CA PRO D 33 -1.98 29.96 7.47
C PRO D 33 -1.01 30.35 8.58
N CYS D 34 -1.25 31.51 9.21
CA CYS D 34 -0.40 32.03 10.27
C CYS D 34 -1.29 32.55 11.41
N VAL D 35 -0.64 32.80 12.53
CA VAL D 35 -1.32 33.36 13.71
C VAL D 35 -0.41 34.41 14.33
N ALA D 36 -0.95 35.58 14.68
CA ALA D 36 -0.17 36.58 15.40
C ALA D 36 -0.84 36.64 16.79
N VAL D 37 -0.06 36.90 17.81
CA VAL D 37 -0.63 37.02 19.17
C VAL D 37 0.17 37.99 20.04
N LYS D 38 -0.57 38.88 20.74
CA LYS D 38 0.06 39.79 21.68
C LYS D 38 0.15 38.91 22.95
N LEU D 39 1.37 38.52 23.34
CA LEU D 39 1.54 37.60 24.46
C LEU D 39 1.22 38.16 25.85
N GLY D 40 1.37 39.47 26.00
CA GLY D 40 1.09 40.11 27.30
C GLY D 40 2.31 40.37 28.15
N ALA D 41 3.46 39.78 27.82
CA ALA D 41 4.70 39.98 28.58
C ALA D 41 5.78 39.94 27.51
N PRO D 42 6.80 40.81 27.59
CA PRO D 42 7.84 40.81 26.58
C PRO D 42 8.57 39.49 26.34
N VAL D 43 8.90 39.26 25.07
CA VAL D 43 9.68 38.08 24.70
C VAL D 43 10.73 38.59 23.71
N PRO D 44 11.94 37.98 23.71
CA PRO D 44 12.96 38.47 22.75
C PRO D 44 12.37 38.46 21.34
N GLY D 45 12.52 39.54 20.58
CA GLY D 45 11.94 39.46 19.25
C GLY D 45 10.44 39.83 19.10
N GLY D 46 9.74 40.01 20.22
CA GLY D 46 8.36 40.48 20.10
C GLY D 46 8.38 41.96 19.69
N VAL D 47 7.35 42.40 18.98
CA VAL D 47 7.24 43.81 18.56
C VAL D 47 6.06 44.46 19.24
N GLY D 48 5.90 45.76 18.99
CA GLY D 48 4.85 46.51 19.63
C GLY D 48 5.42 47.19 20.85
N PRO D 49 4.60 48.07 21.46
CA PRO D 49 5.01 48.81 22.65
C PRO D 49 5.44 48.00 23.84
N ASP D 50 4.87 46.79 23.99
CA ASP D 50 5.27 45.95 25.09
C ASP D 50 6.20 44.83 24.60
N ASP D 51 6.65 44.93 23.35
CA ASP D 51 7.60 43.94 22.76
C ASP D 51 7.15 42.52 22.97
N ASP D 52 5.87 42.32 22.74
CA ASP D 52 5.30 41.01 23.00
C ASP D 52 4.41 40.47 21.92
N ILE D 53 4.41 41.08 20.72
CA ILE D 53 3.57 40.60 19.64
C ILE D 53 4.47 39.74 18.73
N VAL D 54 4.05 38.49 18.54
CA VAL D 54 4.80 37.51 17.72
C VAL D 54 3.88 36.87 16.72
N ALA D 55 4.42 36.28 15.64
CA ALA D 55 3.52 35.62 14.69
C ALA D 55 4.32 34.43 14.17
N TYR D 56 3.58 33.44 13.73
CA TYR D 56 4.15 32.17 13.23
C TYR D 56 3.31 31.52 12.15
N SER D 57 3.96 30.73 11.29
CA SER D 57 3.23 29.89 10.39
C SER D 57 2.70 28.82 11.34
N VAL D 58 1.46 28.37 11.15
CA VAL D 58 0.94 27.33 12.02
C VAL D 58 1.03 25.92 11.47
N LEU D 59 1.63 25.73 10.30
CA LEU D 59 1.75 24.36 9.77
C LEU D 59 2.93 23.67 10.43
N CYS D 60 2.71 22.49 11.02
CA CYS D 60 3.74 21.78 11.72
C CYS D 60 4.86 21.48 10.72
N THR D 61 6.08 21.77 11.14
CA THR D 61 7.28 21.56 10.32
C THR D 61 7.66 20.08 10.21
N HIS D 62 6.99 19.17 10.91
CA HIS D 62 7.29 17.76 10.79
C HIS D 62 6.61 17.29 9.49
N MET D 63 5.26 17.25 9.44
CA MET D 63 4.57 16.81 8.24
C MET D 63 3.37 17.66 7.85
N GLY D 64 3.34 18.88 8.39
CA GLY D 64 2.37 19.82 7.87
C GLY D 64 0.97 19.92 8.49
N CYS D 65 0.68 19.10 9.46
CA CYS D 65 -0.66 19.24 10.06
C CYS D 65 -0.80 20.62 10.68
N PRO D 66 -1.96 21.26 10.53
CA PRO D 66 -2.11 22.59 11.13
C PRO D 66 -2.07 22.43 12.67
N THR D 67 -1.31 23.30 13.34
CA THR D 67 -1.21 23.25 14.78
C THR D 67 -2.27 24.18 15.39
N SER D 68 -2.55 23.99 16.67
CA SER D 68 -3.53 24.86 17.34
C SER D 68 -2.86 25.59 18.48
N TYR D 69 -3.29 26.82 18.70
CA TYR D 69 -2.71 27.64 19.75
C TYR D 69 -3.39 27.33 21.07
N ASP D 70 -2.59 27.02 22.07
CA ASP D 70 -3.13 26.75 23.43
C ASP D 70 -2.85 28.00 24.26
N SER D 71 -3.92 28.77 24.55
CA SER D 71 -3.74 30.00 25.34
C SER D 71 -3.17 29.74 26.76
N SER D 72 -3.52 28.62 27.37
CA SER D 72 -3.04 28.36 28.72
C SER D 72 -1.53 28.14 28.84
N SER D 73 -0.91 27.60 27.77
CA SER D 73 0.53 27.35 27.83
C SER D 73 1.31 28.25 26.88
N LYS D 74 0.60 29.01 26.05
CA LYS D 74 1.20 29.88 25.02
C LYS D 74 2.12 29.01 24.14
N THR D 75 1.54 27.96 23.63
CA THR D 75 2.26 27.04 22.72
C THR D 75 1.37 26.69 21.56
N PHE D 76 1.99 26.06 20.55
CA PHE D 76 1.23 25.58 19.40
C PHE D 76 1.36 24.06 19.43
N SER D 77 0.24 23.36 19.29
CA SER D 77 0.22 21.89 19.39
C SER D 77 -0.16 21.17 18.13
N CYS D 78 0.64 20.15 17.76
CA CYS D 78 0.29 19.41 16.58
C CYS D 78 -0.39 18.14 17.01
N PRO D 79 -1.59 17.92 16.48
CA PRO D 79 -2.34 16.72 16.82
C PRO D 79 -1.92 15.42 16.13
N CYS D 80 -1.03 15.53 15.13
CA CYS D 80 -0.66 14.34 14.33
C CYS D 80 0.32 13.41 14.97
N HIS D 81 1.47 13.94 15.38
CA HIS D 81 2.46 13.16 16.09
C HIS D 81 2.95 13.83 17.37
N PHE D 82 2.12 14.76 17.87
CA PHE D 82 2.28 15.34 19.19
C PHE D 82 3.41 16.33 19.47
N THR D 83 3.92 16.94 18.41
CA THR D 83 4.96 17.95 18.59
C THR D 83 4.28 19.22 19.17
N GLU D 84 5.02 19.93 20.02
CA GLU D 84 4.51 21.17 20.60
C GLU D 84 5.65 22.22 20.53
N PHE D 85 5.29 23.43 20.11
CA PHE D 85 6.23 24.55 19.96
C PHE D 85 5.96 25.72 20.90
N ASP D 86 7.02 26.35 21.41
CA ASP D 86 6.90 27.44 22.38
C ASP D 86 6.78 28.81 21.73
N ALA D 87 5.60 29.43 21.81
CA ALA D 87 5.41 30.75 21.21
C ALA D 87 6.25 31.84 21.89
N GLU D 88 6.66 31.62 23.15
CA GLU D 88 7.50 32.57 23.88
C GLU D 88 8.98 32.39 23.69
N LYS D 89 9.34 31.34 22.94
CA LYS D 89 10.77 31.06 22.64
C LYS D 89 11.00 30.89 21.17
N ALA D 90 10.39 31.82 20.43
CA ALA D 90 10.52 31.86 18.96
C ALA D 90 10.29 30.50 18.30
N GLY D 91 9.23 29.80 18.72
CA GLY D 91 8.89 28.54 18.08
C GLY D 91 9.71 27.34 18.46
N GLN D 92 10.53 27.46 19.50
CA GLN D 92 11.38 26.36 19.97
C GLN D 92 10.53 25.07 20.17
N MET D 93 10.95 23.96 19.60
CA MET D 93 10.20 22.72 19.78
C MET D 93 10.43 22.22 21.19
N ILE D 94 9.33 22.15 21.98
CA ILE D 94 9.42 21.68 23.37
C ILE D 94 9.67 20.18 23.42
N CYS D 95 8.93 19.47 22.61
CA CYS D 95 9.08 18.03 22.48
C CYS D 95 8.48 17.68 21.12
N GLY D 96 9.02 16.69 20.42
CA GLY D 96 8.35 16.35 19.18
C GLY D 96 9.23 15.75 18.10
N GLU D 97 8.64 15.60 16.94
CA GLU D 97 9.34 14.90 15.84
C GLU D 97 9.87 15.80 14.76
N ALA D 98 9.61 17.09 14.83
CA ALA D 98 10.12 18.03 13.82
C ALA D 98 11.64 18.21 14.00
N THR D 99 12.30 18.69 12.94
CA THR D 99 13.72 19.00 13.03
C THR D 99 13.95 20.49 12.78
N ALA D 100 12.89 21.31 12.82
CA ALA D 100 13.05 22.75 12.63
C ALA D 100 12.08 23.40 13.64
N ASP D 101 12.41 24.59 14.12
CA ASP D 101 11.44 25.26 14.99
C ASP D 101 10.29 25.80 14.13
N LEU D 102 9.15 26.16 14.75
CA LEU D 102 8.03 26.69 14.01
C LEU D 102 8.48 27.98 13.33
N PRO D 103 8.23 28.11 12.01
CA PRO D 103 8.68 29.34 11.32
C PRO D 103 8.08 30.63 11.87
N ARG D 104 8.93 31.63 12.07
CA ARG D 104 8.46 32.92 12.59
C ARG D 104 8.11 33.88 11.48
N VAL D 105 6.91 34.49 11.54
CA VAL D 105 6.56 35.53 10.58
C VAL D 105 7.14 36.83 11.16
N LEU D 106 8.01 37.48 10.38
CA LEU D 106 8.64 38.71 10.83
C LEU D 106 7.67 39.87 10.68
N LEU D 107 7.48 40.60 11.79
CA LEU D 107 6.55 41.71 11.78
C LEU D 107 7.22 43.05 11.95
N ARG D 108 6.72 44.06 11.22
CA ARG D 108 7.23 45.41 11.41
C ARG D 108 6.07 46.09 12.18
N TYR D 109 6.42 46.82 13.23
CA TYR D 109 5.43 47.64 13.98
C TYR D 109 5.74 49.12 13.64
N ASP D 110 4.75 49.85 13.13
CA ASP D 110 4.92 51.24 12.72
C ASP D 110 4.20 52.15 13.74
N ALA D 111 4.95 52.88 14.56
CA ALA D 111 4.37 53.74 15.58
C ALA D 111 3.52 54.84 14.98
N ALA D 112 3.90 55.36 13.80
CA ALA D 112 3.13 56.45 13.21
C ALA D 112 1.67 56.09 12.84
N SER D 113 1.43 54.83 12.49
CA SER D 113 0.10 54.36 12.08
C SER D 113 -0.50 53.31 13.04
N ASP D 114 0.35 52.79 13.92
CA ASP D 114 0.08 51.67 14.85
C ASP D 114 -0.05 50.34 14.09
N ALA D 115 0.31 50.32 12.79
CA ALA D 115 0.15 49.11 11.99
C ALA D 115 1.17 48.01 12.26
N LEU D 116 0.71 46.76 12.12
CA LEU D 116 1.53 45.55 12.22
C LEU D 116 1.49 45.01 10.78
N THR D 117 2.68 44.78 10.18
CA THR D 117 2.77 44.31 8.81
C THR D 117 3.73 43.10 8.80
N ALA D 118 3.34 42.01 8.16
CA ALA D 118 4.17 40.80 8.03
C ALA D 118 5.09 41.13 6.86
N VAL D 119 6.40 40.94 7.05
CA VAL D 119 7.32 41.33 5.98
C VAL D 119 8.31 40.26 5.57
N GLY D 120 8.30 39.15 6.27
CA GLY D 120 9.22 38.08 5.89
C GLY D 120 8.97 36.87 6.76
N VAL D 121 9.73 35.81 6.55
CA VAL D 121 9.59 34.57 7.34
C VAL D 121 10.98 34.03 7.66
N ASP D 122 11.19 33.68 8.92
CA ASP D 122 12.49 33.10 9.36
C ASP D 122 12.18 31.60 9.55
N GLY D 123 12.71 30.74 8.67
CA GLY D 123 12.43 29.33 8.72
C GLY D 123 11.69 29.00 7.46
N LEU D 124 11.63 27.73 7.09
CA LEU D 124 10.94 27.33 5.85
C LEU D 124 9.58 26.68 6.16
N ILE D 125 8.53 27.33 5.69
CA ILE D 125 7.16 26.87 5.86
C ILE D 125 7.00 25.46 5.28
N TYR D 126 6.26 24.61 5.98
CA TYR D 126 5.99 23.27 5.51
C TYR D 126 5.43 23.21 4.09
N GLY D 127 5.86 22.18 3.35
CA GLY D 127 5.24 21.88 2.10
C GLY D 127 5.47 22.73 0.89
N ARG D 128 6.59 23.45 0.89
CA ARG D 128 6.89 24.29 -0.27
C ARG D 128 8.40 24.30 -0.46
N GLN D 129 8.80 24.51 -1.72
CA GLN D 129 10.24 24.48 -2.03
C GLN D 129 10.93 25.78 -1.60
N ALA D 130 10.16 26.88 -1.53
CA ALA D 130 10.70 28.15 -1.07
C ALA D 130 9.51 28.81 -0.36
N ASN D 131 9.78 29.73 0.55
CA ASN D 131 8.63 30.39 1.25
C ASN D 131 7.70 31.11 0.30
N VAL D 132 8.24 31.65 -0.80
CA VAL D 132 7.45 32.34 -1.81
C VAL D 132 7.36 31.39 -2.99
N ILE D 133 6.14 31.03 -3.35
CA ILE D 133 5.93 30.09 -4.44
C ILE D 133 5.81 30.91 -5.74
N ASN E 4 -27.77 -29.47 2.27
CA ASN E 4 -28.80 -30.56 2.29
C ASN E 4 -29.25 -30.87 3.75
N ASP E 5 -28.41 -31.52 4.54
CA ASP E 5 -28.81 -31.81 5.91
C ASP E 5 -27.98 -31.02 6.92
N ARG E 6 -27.50 -29.86 6.46
CA ARG E 6 -26.72 -28.94 7.28
C ARG E 6 -26.65 -27.54 6.67
N ILE E 7 -26.30 -26.58 7.50
CA ILE E 7 -26.20 -25.20 7.06
C ILE E 7 -24.86 -24.60 7.53
N THR E 8 -24.31 -23.68 6.76
CA THR E 8 -23.06 -23.02 7.12
C THR E 8 -23.45 -21.75 7.89
N LEU E 9 -23.07 -21.71 9.16
CA LEU E 9 -23.39 -20.55 9.99
C LEU E 9 -22.50 -19.32 9.65
N PRO E 10 -23.04 -18.11 9.81
CA PRO E 10 -22.26 -16.90 9.56
C PRO E 10 -21.26 -16.70 10.71
N PRO E 11 -20.01 -16.41 10.40
CA PRO E 11 -19.02 -16.19 11.44
C PRO E 11 -19.44 -15.01 12.35
N ALA E 12 -18.95 -14.97 13.60
CA ALA E 12 -19.28 -13.83 14.49
C ALA E 12 -19.08 -12.50 13.84
N ASN E 13 -18.02 -12.37 13.04
CA ASN E 13 -17.68 -11.11 12.40
C ASN E 13 -18.15 -10.89 10.97
N ALA E 14 -19.11 -11.70 10.52
CA ALA E 14 -19.64 -11.57 9.16
C ALA E 14 -20.19 -10.19 8.90
N GLN E 15 -20.10 -9.75 7.66
CA GLN E 15 -20.69 -8.48 7.26
C GLN E 15 -22.22 -8.68 7.40
N ARG E 16 -22.92 -7.64 7.89
CA ARG E 16 -24.40 -7.69 7.99
C ARG E 16 -24.95 -6.37 7.45
N THR E 17 -25.93 -6.46 6.56
CA THR E 17 -26.56 -5.24 6.05
C THR E 17 -28.08 -5.38 6.22
N ASN E 18 -28.80 -4.28 6.11
CA ASN E 18 -30.29 -4.31 6.24
C ASN E 18 -30.94 -4.54 4.90
N MET E 19 -32.04 -5.26 4.92
CA MET E 19 -32.77 -5.49 3.67
C MET E 19 -34.27 -5.54 4.00
N THR E 20 -35.06 -4.68 3.37
CA THR E 20 -36.53 -4.80 3.56
C THR E 20 -36.96 -5.93 2.60
N CYS E 21 -37.96 -6.74 2.96
CA CYS E 21 -38.43 -7.76 2.01
C CYS E 21 -38.69 -7.14 0.61
N HIS E 22 -38.32 -7.88 -0.45
CA HIS E 22 -38.49 -7.38 -1.81
C HIS E 22 -39.96 -7.37 -2.23
N PHE E 23 -40.82 -8.08 -1.50
CA PHE E 23 -42.16 -8.37 -2.03
C PHE E 23 -43.36 -7.57 -1.50
N CYS E 24 -44.19 -8.17 -0.68
CA CYS E 24 -45.41 -7.38 -0.35
C CYS E 24 -45.25 -6.12 0.53
N ILE E 25 -46.36 -5.39 0.55
CA ILE E 25 -46.55 -4.17 1.27
C ILE E 25 -46.08 -4.16 2.72
N VAL E 26 -46.16 -5.30 3.42
CA VAL E 26 -45.84 -5.31 4.86
C VAL E 26 -44.42 -4.81 5.06
N GLY E 27 -43.53 -5.17 4.13
CA GLY E 27 -42.19 -4.60 4.34
C GLY E 27 -41.40 -5.08 5.54
N CYS E 28 -41.52 -6.36 5.84
CA CYS E 28 -40.76 -7.00 6.91
C CYS E 28 -39.26 -6.71 6.77
N GLY E 29 -38.62 -6.51 7.92
CA GLY E 29 -37.17 -6.22 7.98
C GLY E 29 -36.41 -7.53 8.07
N TYR E 30 -35.29 -7.55 7.31
CA TYR E 30 -34.39 -8.70 7.28
C TYR E 30 -32.96 -8.17 7.40
N HIS E 31 -32.07 -9.13 7.67
CA HIS E 31 -30.63 -8.87 7.68
C HIS E 31 -30.03 -9.77 6.65
N VAL E 32 -28.99 -9.26 5.96
CA VAL E 32 -28.26 -10.10 5.00
C VAL E 32 -26.85 -10.25 5.56
N TYR E 33 -26.46 -11.49 5.85
CA TYR E 33 -25.07 -11.76 6.35
C TYR E 33 -24.32 -12.22 5.11
N LYS E 34 -23.08 -11.71 4.94
CA LYS E 34 -22.28 -12.11 3.73
C LYS E 34 -20.89 -12.39 4.26
N TRP E 35 -20.30 -13.49 3.81
CA TRP E 35 -18.93 -13.83 4.27
C TRP E 35 -18.29 -14.73 3.26
N PRO E 36 -16.96 -14.81 3.29
CA PRO E 36 -16.32 -15.71 2.30
C PRO E 36 -16.80 -17.13 2.32
N GLU E 37 -16.92 -17.71 1.14
CA GLU E 37 -17.39 -19.09 1.01
C GLU E 37 -16.73 -20.09 1.90
N LEU E 38 -15.41 -20.00 2.00
CA LEU E 38 -14.70 -20.99 2.77
C LEU E 38 -14.60 -20.76 4.29
N GLU E 39 -15.36 -19.80 4.79
CA GLU E 39 -15.40 -19.52 6.23
C GLU E 39 -16.77 -19.87 6.79
N GLU E 40 -16.78 -20.07 8.09
CA GLU E 40 -18.03 -20.40 8.78
C GLU E 40 -17.95 -20.11 10.26
N GLY E 41 -19.11 -19.77 10.83
CA GLY E 41 -19.19 -19.53 12.26
C GLY E 41 -19.22 -20.83 13.04
N GLY E 42 -18.98 -20.68 14.35
CA GLY E 42 -19.00 -21.83 15.24
C GLY E 42 -20.41 -22.02 15.85
N ARG E 43 -20.69 -23.19 16.42
CA ARG E 43 -22.01 -23.47 17.01
C ARG E 43 -22.28 -22.69 18.30
N ALA E 44 -21.22 -22.37 19.07
CA ALA E 44 -21.36 -21.57 20.31
C ALA E 44 -21.99 -20.26 19.91
N PRO E 45 -22.92 -19.80 20.75
CA PRO E 45 -23.60 -18.57 20.42
C PRO E 45 -22.74 -17.33 20.17
N GLU E 46 -21.61 -17.21 20.88
CA GLU E 46 -20.79 -16.04 20.69
C GLU E 46 -19.82 -16.25 19.50
N GLN E 47 -19.86 -17.43 18.89
CA GLN E 47 -19.01 -17.72 17.72
C GLN E 47 -19.75 -17.71 16.37
N ASN E 48 -21.01 -17.27 16.34
CA ASN E 48 -21.71 -17.12 15.07
C ASN E 48 -22.47 -15.79 15.12
N ALA E 49 -22.76 -15.21 13.97
CA ALA E 49 -23.40 -13.91 13.94
C ALA E 49 -24.86 -13.89 14.41
N LEU E 50 -25.48 -15.05 14.40
CA LEU E 50 -26.89 -15.11 14.82
C LEU E 50 -27.00 -15.02 16.36
N GLY E 51 -25.92 -15.29 17.07
CA GLY E 51 -25.95 -15.28 18.53
C GLY E 51 -26.77 -16.42 19.11
N LEU E 52 -26.94 -17.48 18.34
CA LEU E 52 -27.74 -18.65 18.75
C LEU E 52 -26.87 -19.82 19.09
N ASP E 53 -27.31 -20.59 20.08
CA ASP E 53 -26.57 -21.74 20.55
C ASP E 53 -26.92 -23.00 19.80
N PHE E 54 -26.08 -23.33 18.80
CA PHE E 54 -26.35 -24.56 18.03
C PHE E 54 -25.62 -25.80 18.59
N ARG E 55 -25.19 -25.75 19.84
CA ARG E 55 -24.53 -26.90 20.43
C ARG E 55 -25.56 -27.90 20.92
N LYS E 56 -26.82 -27.43 20.99
CA LYS E 56 -27.91 -28.32 21.39
C LYS E 56 -29.15 -27.78 20.68
N GLN E 57 -30.19 -28.62 20.61
CA GLN E 57 -31.45 -28.24 19.95
C GLN E 57 -31.96 -26.86 20.38
N LEU E 58 -32.37 -26.03 19.44
CA LEU E 58 -32.91 -24.72 19.74
C LEU E 58 -34.39 -24.90 20.07
N PRO E 59 -34.90 -24.06 20.98
CA PRO E 59 -36.33 -24.21 21.30
C PRO E 59 -37.19 -23.62 20.20
N PRO E 60 -38.50 -23.95 20.22
CA PRO E 60 -39.40 -23.41 19.21
C PRO E 60 -39.42 -21.86 19.25
N LEU E 61 -39.64 -21.26 18.08
CA LEU E 61 -39.69 -19.81 17.83
C LEU E 61 -38.37 -19.04 17.97
N ALA E 62 -37.26 -19.76 18.24
CA ALA E 62 -35.94 -19.15 18.47
C ALA E 62 -35.32 -18.63 17.18
N VAL E 63 -35.77 -19.17 16.07
CA VAL E 63 -35.11 -18.75 14.80
C VAL E 63 -35.96 -19.11 13.61
N THR E 64 -35.70 -18.44 12.46
CA THR E 64 -36.29 -18.83 11.20
C THR E 64 -35.03 -19.06 10.33
N LEU E 65 -34.76 -20.31 10.02
CA LEU E 65 -33.54 -20.61 9.23
C LEU E 65 -33.70 -21.92 8.55
N THR E 66 -33.57 -21.90 7.20
CA THR E 66 -33.65 -23.17 6.42
C THR E 66 -32.65 -22.98 5.28
N PRO E 67 -32.38 -24.09 4.60
CA PRO E 67 -31.42 -23.97 3.46
C PRO E 67 -31.85 -22.97 2.41
N ALA E 68 -33.15 -22.83 2.17
CA ALA E 68 -33.63 -21.84 1.22
C ALA E 68 -33.29 -20.37 1.57
N MET E 69 -32.94 -20.10 2.85
CA MET E 69 -32.60 -18.77 3.30
C MET E 69 -31.08 -18.53 3.20
N THR E 70 -30.39 -19.42 2.44
CA THR E 70 -28.93 -19.29 2.27
C THR E 70 -28.59 -19.43 0.80
N ASN E 71 -27.44 -18.89 0.43
CA ASN E 71 -26.99 -19.11 -0.95
C ASN E 71 -25.48 -18.85 -0.99
N VAL E 72 -24.89 -19.07 -2.17
CA VAL E 72 -23.46 -18.70 -2.33
C VAL E 72 -23.47 -17.91 -3.66
N VAL E 73 -23.09 -16.65 -3.59
CA VAL E 73 -23.07 -15.76 -4.74
C VAL E 73 -21.62 -15.61 -5.27
N THR E 74 -21.51 -15.23 -6.52
CA THR E 74 -20.19 -15.06 -7.14
C THR E 74 -20.19 -13.61 -7.64
N GLU E 75 -19.24 -12.81 -7.15
CA GLU E 75 -19.14 -11.40 -7.50
C GLU E 75 -18.44 -11.22 -8.89
N HIS E 76 -18.44 -9.99 -9.41
CA HIS E 76 -17.84 -9.72 -10.72
C HIS E 76 -16.35 -10.03 -10.69
N ASP E 77 -15.75 -9.93 -9.54
CA ASP E 77 -14.32 -10.26 -9.46
C ASP E 77 -14.05 -11.76 -9.29
N GLY E 78 -15.10 -12.59 -9.41
CA GLY E 78 -14.95 -14.00 -9.27
C GLY E 78 -14.93 -14.59 -7.86
N ALA E 79 -14.92 -13.77 -6.81
CA ALA E 79 -14.88 -14.30 -5.43
C ALA E 79 -16.29 -14.80 -5.04
N ARG E 80 -16.31 -15.87 -4.27
CA ARG E 80 -17.58 -16.50 -3.86
C ARG E 80 -17.83 -16.21 -2.37
N TYR E 81 -19.10 -15.90 -2.09
CA TYR E 81 -19.46 -15.54 -0.73
C TYR E 81 -20.78 -16.23 -0.32
N ASP E 82 -20.75 -16.76 0.89
CA ASP E 82 -21.96 -17.30 1.50
C ASP E 82 -22.84 -16.05 1.80
N ILE E 83 -24.15 -16.22 1.61
CA ILE E 83 -25.11 -15.18 2.07
C ILE E 83 -26.22 -15.94 2.88
N MET E 84 -26.84 -15.21 3.84
CA MET E 84 -27.91 -15.81 4.65
C MET E 84 -28.84 -14.62 4.84
N VAL E 85 -30.09 -14.75 4.41
CA VAL E 85 -31.06 -13.62 4.48
C VAL E 85 -32.17 -14.05 5.45
N VAL E 86 -32.17 -13.44 6.64
CA VAL E 86 -33.08 -13.90 7.70
C VAL E 86 -33.78 -12.66 8.31
N PRO E 87 -34.97 -12.89 8.85
CA PRO E 87 -35.73 -11.78 9.45
C PRO E 87 -35.09 -11.17 10.68
N ASP E 88 -35.39 -9.87 10.87
CA ASP E 88 -34.86 -9.06 11.94
C ASP E 88 -35.82 -9.15 13.14
N LYS E 89 -35.37 -9.76 14.22
CA LYS E 89 -36.20 -9.87 15.43
C LYS E 89 -36.58 -8.53 16.04
N ALA E 90 -35.76 -7.50 15.84
CA ALA E 90 -36.00 -6.19 16.45
C ALA E 90 -36.78 -5.23 15.62
N CYS E 91 -37.16 -5.66 14.42
CA CYS E 91 -37.92 -4.76 13.58
C CYS E 91 -39.36 -4.75 14.08
N VAL E 92 -39.90 -3.58 14.28
CA VAL E 92 -41.28 -3.50 14.83
C VAL E 92 -42.33 -4.02 13.88
N VAL E 93 -42.03 -4.00 12.58
CA VAL E 93 -43.01 -4.45 11.62
C VAL E 93 -43.35 -5.90 11.75
N ASN E 94 -42.32 -6.77 11.73
CA ASN E 94 -42.52 -8.20 11.74
C ASN E 94 -42.06 -8.97 12.96
N SER E 95 -41.30 -8.29 13.84
CA SER E 95 -40.81 -8.86 15.09
C SER E 95 -40.16 -10.21 14.86
N GLY E 96 -39.38 -10.30 13.77
CA GLY E 96 -38.68 -11.56 13.48
C GLY E 96 -39.39 -12.56 12.57
N LEU E 97 -40.63 -12.26 12.17
CA LEU E 97 -41.37 -13.21 11.32
C LEU E 97 -40.94 -13.00 9.82
N SER E 98 -41.00 -14.11 9.13
CA SER E 98 -40.71 -14.21 7.70
C SER E 98 -41.86 -15.00 7.04
N SER E 99 -42.46 -14.44 5.99
CA SER E 99 -43.49 -15.19 5.29
C SER E 99 -42.78 -16.19 4.31
N THR E 100 -43.53 -17.07 3.71
CA THR E 100 -42.88 -18.03 2.80
C THR E 100 -42.31 -17.31 1.60
N ARG E 101 -42.79 -16.10 1.28
CA ARG E 101 -42.31 -15.37 0.09
C ARG E 101 -40.97 -14.68 0.40
N GLY E 102 -40.90 -13.91 1.48
CA GLY E 102 -39.67 -13.22 1.82
C GLY E 102 -38.62 -14.26 2.26
N GLY E 103 -39.03 -15.40 2.83
CA GLY E 103 -38.09 -16.39 3.32
C GLY E 103 -37.26 -16.96 2.15
N LYS E 104 -37.76 -16.85 0.95
CA LYS E 104 -37.01 -17.37 -0.23
C LYS E 104 -36.01 -16.36 -0.81
N MET E 105 -35.93 -15.14 -0.27
CA MET E 105 -35.05 -14.12 -0.84
C MET E 105 -33.61 -14.61 -1.12
N ALA E 106 -33.00 -15.33 -0.18
CA ALA E 106 -31.60 -15.77 -0.46
C ALA E 106 -31.58 -16.64 -1.72
N SER E 107 -32.62 -17.46 -1.90
CA SER E 107 -32.65 -18.36 -3.06
C SER E 107 -32.88 -17.64 -4.37
N TYR E 108 -33.54 -16.49 -4.32
CA TYR E 108 -33.86 -15.70 -5.48
C TYR E 108 -32.84 -14.63 -5.80
N MET E 109 -31.77 -14.59 -5.00
CA MET E 109 -30.68 -13.65 -5.37
C MET E 109 -30.00 -14.34 -6.58
N TYR E 110 -29.36 -13.54 -7.41
CA TYR E 110 -28.70 -14.11 -8.59
C TYR E 110 -27.51 -14.94 -8.27
N THR E 111 -27.48 -16.13 -8.90
CA THR E 111 -26.26 -16.97 -8.85
C THR E 111 -26.27 -17.62 -10.25
N PRO E 112 -25.07 -17.97 -10.77
CA PRO E 112 -25.02 -18.59 -12.11
C PRO E 112 -25.64 -20.00 -12.22
N THR E 113 -25.81 -20.67 -11.09
CA THR E 113 -26.30 -22.02 -11.14
C THR E 113 -27.62 -22.27 -10.42
N GLY E 114 -28.12 -21.25 -9.75
CA GLY E 114 -29.34 -21.45 -8.94
C GLY E 114 -30.63 -20.98 -9.60
N ASP E 115 -31.64 -20.67 -8.75
CA ASP E 115 -32.94 -20.27 -9.31
C ASP E 115 -32.88 -19.02 -10.19
N GLY E 116 -31.86 -18.15 -9.97
CA GLY E 116 -31.70 -16.94 -10.76
C GLY E 116 -30.84 -17.08 -12.04
N LYS E 117 -30.46 -18.32 -12.34
CA LYS E 117 -29.60 -18.62 -13.53
C LYS E 117 -30.01 -17.90 -14.79
N GLU E 118 -31.32 -17.83 -15.06
CA GLU E 118 -31.79 -17.21 -16.29
C GLU E 118 -32.06 -15.71 -16.25
N ARG E 119 -31.59 -15.05 -15.21
CA ARG E 119 -31.73 -13.59 -15.13
C ARG E 119 -31.16 -12.94 -16.38
N LEU E 120 -31.78 -11.87 -16.86
CA LEU E 120 -31.22 -11.13 -17.99
C LEU E 120 -29.93 -10.51 -17.51
N SER E 121 -28.84 -10.69 -18.28
CA SER E 121 -27.59 -10.09 -17.83
C SER E 121 -26.86 -9.35 -18.95
N ALA E 122 -27.53 -9.21 -20.08
CA ALA E 122 -27.05 -8.48 -21.25
C ALA E 122 -28.25 -8.02 -22.08
N PRO E 123 -28.10 -6.96 -22.88
CA PRO E 123 -29.22 -6.55 -23.72
C PRO E 123 -29.47 -7.75 -24.67
N ARG E 124 -30.73 -8.05 -24.95
CA ARG E 124 -31.12 -9.15 -25.86
C ARG E 124 -31.91 -8.54 -27.00
N LEU E 125 -31.57 -8.96 -28.22
CA LEU E 125 -32.22 -8.41 -29.41
C LEU E 125 -32.84 -9.52 -30.24
N TYR E 126 -34.08 -9.32 -30.69
CA TYR E 126 -34.63 -10.33 -31.58
C TYR E 126 -34.29 -9.77 -32.96
N ALA E 127 -33.15 -10.24 -33.48
CA ALA E 127 -32.61 -9.82 -34.77
C ALA E 127 -33.35 -10.49 -35.90
N ALA E 128 -34.59 -10.03 -36.09
CA ALA E 128 -35.49 -10.51 -37.14
C ALA E 128 -36.03 -11.88 -37.01
N ASP E 129 -35.14 -12.85 -36.76
CA ASP E 129 -35.54 -14.25 -36.74
C ASP E 129 -34.87 -15.12 -35.67
N GLU E 130 -34.25 -14.48 -34.68
CA GLU E 130 -33.57 -15.19 -33.62
C GLU E 130 -33.18 -14.23 -32.52
N TRP E 131 -33.14 -14.74 -31.31
CA TRP E 131 -32.69 -13.96 -30.17
C TRP E 131 -31.15 -14.02 -30.13
N VAL E 132 -30.53 -12.86 -29.96
CA VAL E 132 -29.06 -12.78 -29.79
C VAL E 132 -28.72 -11.74 -28.75
N ASP E 133 -27.49 -11.78 -28.22
CA ASP E 133 -27.09 -10.71 -27.33
C ASP E 133 -26.71 -9.53 -28.20
N THR E 134 -26.78 -8.33 -27.61
CA THR E 134 -26.27 -7.14 -28.28
C THR E 134 -25.63 -6.23 -27.24
N THR E 135 -24.92 -5.19 -27.68
CA THR E 135 -24.24 -4.28 -26.78
C THR E 135 -25.19 -3.24 -26.21
N TRP E 136 -24.83 -2.67 -25.06
CA TRP E 136 -25.64 -1.57 -24.49
C TRP E 136 -25.66 -0.38 -25.46
N ASP E 137 -24.50 -0.05 -26.06
CA ASP E 137 -24.52 1.10 -26.98
C ASP E 137 -25.41 0.86 -28.17
N HIS E 138 -25.45 -0.38 -28.70
CA HIS E 138 -26.31 -0.63 -29.82
C HIS E 138 -27.78 -0.62 -29.39
N ALA E 139 -28.07 -1.19 -28.23
CA ALA E 139 -29.44 -1.21 -27.76
C ALA E 139 -29.97 0.23 -27.62
N MET E 140 -29.13 1.10 -27.08
CA MET E 140 -29.50 2.52 -26.91
C MET E 140 -29.63 3.21 -28.23
N ALA E 141 -28.72 2.92 -29.16
CA ALA E 141 -28.87 3.60 -30.49
C ALA E 141 -30.17 3.25 -31.18
N LEU E 142 -30.56 1.98 -31.08
CA LEU E 142 -31.76 1.48 -31.70
C LEU E 142 -33.02 2.04 -30.97
N TYR E 143 -32.99 1.94 -29.66
CA TYR E 143 -34.15 2.36 -28.83
C TYR E 143 -34.30 3.88 -28.89
N ALA E 144 -33.24 4.63 -28.54
CA ALA E 144 -33.32 6.09 -28.61
C ALA E 144 -33.57 6.52 -30.07
N GLY E 145 -32.99 5.80 -31.03
CA GLY E 145 -33.23 6.22 -32.41
C GLY E 145 -34.69 6.14 -32.82
N LEU E 146 -35.39 5.10 -32.37
CA LEU E 146 -36.81 4.90 -32.69
C LEU E 146 -37.65 5.93 -31.92
N ILE E 147 -37.28 6.20 -30.68
CA ILE E 147 -38.02 7.19 -29.90
C ILE E 147 -37.78 8.55 -30.54
N LYS E 148 -36.56 8.87 -30.93
CA LYS E 148 -36.32 10.17 -31.60
C LYS E 148 -37.07 10.30 -32.92
N LYS E 149 -37.05 9.29 -33.79
CA LYS E 149 -37.79 9.40 -35.05
C LYS E 149 -39.30 9.62 -34.81
N THR E 150 -39.83 8.91 -33.81
CA THR E 150 -41.26 8.98 -33.49
C THR E 150 -41.57 10.38 -32.93
N LEU E 151 -40.72 10.91 -32.07
CA LEU E 151 -40.95 12.24 -31.51
C LEU E 151 -40.90 13.27 -32.62
N ASP E 152 -39.93 13.09 -33.54
CA ASP E 152 -39.76 14.06 -34.63
C ASP E 152 -40.93 14.02 -35.61
N LYS E 153 -41.46 12.82 -35.90
CA LYS E 153 -42.52 12.67 -36.88
C LYS E 153 -43.95 12.67 -36.36
N ASP E 154 -44.16 11.96 -35.25
CA ASP E 154 -45.49 11.81 -34.63
C ASP E 154 -45.73 12.56 -33.34
N GLY E 155 -44.67 12.89 -32.62
CA GLY E 155 -44.80 13.54 -31.33
C GLY E 155 -44.82 12.46 -30.26
N PRO E 156 -44.90 12.89 -28.98
CA PRO E 156 -44.92 11.96 -27.85
C PRO E 156 -46.05 10.94 -27.95
N GLN E 157 -47.13 11.26 -28.67
CA GLN E 157 -48.27 10.35 -28.81
C GLN E 157 -47.91 8.97 -29.41
N GLY E 158 -46.76 8.86 -30.11
CA GLY E 158 -46.39 7.57 -30.67
C GLY E 158 -45.49 6.72 -29.78
N VAL E 159 -45.14 7.22 -28.60
CA VAL E 159 -44.25 6.50 -27.65
C VAL E 159 -45.08 6.03 -26.44
N PHE E 160 -45.21 4.70 -26.31
CA PHE E 160 -46.02 4.08 -25.25
C PHE E 160 -45.24 3.36 -24.17
N PHE E 161 -45.76 3.42 -22.93
CA PHE E 161 -45.11 2.70 -21.84
C PHE E 161 -46.15 2.06 -20.92
N SER E 162 -45.82 0.91 -20.37
CA SER E 162 -46.59 0.36 -19.25
C SER E 162 -45.46 0.18 -18.22
N CYS E 163 -45.54 0.92 -17.10
CA CYS E 163 -44.45 0.89 -16.13
C CYS E 163 -44.92 0.75 -14.69
N PHE E 164 -44.13 0.07 -13.85
CA PHE E 164 -44.41 0.00 -12.42
C PHE E 164 -44.58 1.43 -11.86
N ASP E 165 -45.40 1.59 -10.80
CA ASP E 165 -45.41 2.87 -10.12
C ASP E 165 -45.30 2.52 -8.63
N HIS E 166 -44.92 1.28 -8.32
CA HIS E 166 -44.89 0.81 -6.92
C HIS E 166 -43.52 0.90 -6.22
N GLY E 167 -43.44 0.38 -4.99
CA GLY E 167 -42.23 0.34 -4.21
C GLY E 167 -41.63 -1.06 -4.20
N GLY E 168 -40.64 -1.27 -3.32
CA GLY E 168 -39.98 -2.55 -3.17
C GLY E 168 -39.22 -2.90 -4.45
N ALA E 169 -38.93 -4.18 -4.61
CA ALA E 169 -38.14 -4.61 -5.81
C ALA E 169 -38.90 -4.34 -7.08
N GLY E 170 -38.24 -3.75 -8.09
CA GLY E 170 -38.96 -3.43 -9.31
C GLY E 170 -39.71 -2.13 -9.13
N GLY E 171 -39.35 -1.36 -8.11
CA GLY E 171 -39.99 -0.05 -7.87
C GLY E 171 -39.14 0.76 -6.94
N GLY E 172 -39.76 1.66 -6.15
CA GLY E 172 -39.00 2.42 -5.17
C GLY E 172 -38.80 3.87 -5.56
N PHE E 173 -38.41 4.69 -4.59
CA PHE E 173 -38.34 6.12 -4.85
C PHE E 173 -37.31 6.51 -5.93
N GLU E 174 -36.20 5.77 -5.99
CA GLU E 174 -35.16 6.07 -7.01
C GLU E 174 -35.72 5.75 -8.36
N ASN E 175 -36.31 4.56 -8.45
CA ASN E 175 -36.79 4.02 -9.71
C ASN E 175 -38.05 4.67 -10.28
N THR E 176 -39.02 5.02 -9.42
CA THR E 176 -40.17 5.70 -9.99
C THR E 176 -39.79 7.10 -10.42
N TRP E 177 -38.83 7.75 -9.75
CA TRP E 177 -38.41 9.10 -10.15
C TRP E 177 -37.67 8.99 -11.50
N GLY E 178 -36.75 8.02 -11.60
CA GLY E 178 -36.00 7.92 -12.88
C GLY E 178 -36.90 7.74 -14.07
N THR E 179 -37.77 6.73 -13.98
CA THR E 179 -38.70 6.44 -15.05
C THR E 179 -39.71 7.57 -15.27
N GLY E 180 -40.23 8.15 -14.17
CA GLY E 180 -41.18 9.23 -14.39
C GLY E 180 -40.60 10.48 -15.00
N LYS E 181 -39.37 10.84 -14.58
CA LYS E 181 -38.69 12.01 -15.14
C LYS E 181 -38.49 11.68 -16.64
N LEU E 182 -38.07 10.47 -16.96
CA LEU E 182 -37.88 10.17 -18.39
C LEU E 182 -39.16 10.19 -19.22
N MET E 183 -40.21 9.53 -18.75
CA MET E 183 -41.44 9.47 -19.51
C MET E 183 -42.15 10.80 -19.59
N PHE E 184 -42.21 11.47 -18.45
CA PHE E 184 -43.02 12.72 -18.35
C PHE E 184 -42.31 14.02 -18.60
N SER E 185 -41.10 14.16 -18.06
CA SER E 185 -40.37 15.42 -18.21
C SER E 185 -39.53 15.49 -19.50
N ALA E 186 -38.99 14.34 -19.90
CA ALA E 186 -38.11 14.30 -21.07
C ALA E 186 -38.81 13.92 -22.34
N ILE E 187 -39.34 12.71 -22.46
CA ILE E 187 -40.08 12.30 -23.64
C ILE E 187 -41.40 13.08 -23.69
N GLN E 188 -41.98 13.29 -22.51
CA GLN E 188 -43.27 14.02 -22.36
C GLN E 188 -44.46 13.28 -22.98
N THR E 189 -44.49 11.96 -22.83
CA THR E 189 -45.59 11.24 -23.39
C THR E 189 -46.70 10.96 -22.38
N PRO E 190 -47.97 11.08 -22.84
CA PRO E 190 -49.13 10.83 -21.98
C PRO E 190 -49.60 9.41 -22.20
N MET E 191 -48.92 8.69 -23.12
CA MET E 191 -49.32 7.33 -23.46
C MET E 191 -48.68 6.32 -22.51
N VAL E 192 -49.05 6.44 -21.24
CA VAL E 192 -48.46 5.61 -20.22
C VAL E 192 -49.52 4.97 -19.34
N ARG E 193 -49.38 3.69 -19.08
CA ARG E 193 -50.25 3.00 -18.13
C ARG E 193 -49.38 2.51 -17.00
N ILE E 194 -50.02 1.87 -16.02
CA ILE E 194 -49.30 1.45 -14.81
C ILE E 194 -49.26 -0.06 -14.78
N HIS E 195 -48.36 -0.64 -13.99
CA HIS E 195 -48.22 -2.10 -14.02
C HIS E 195 -49.53 -2.89 -13.82
N ASN E 196 -50.41 -2.37 -12.96
CA ASN E 196 -51.63 -3.10 -12.58
C ASN E 196 -52.98 -2.52 -13.05
N ARG E 197 -52.94 -1.44 -13.81
CA ARG E 197 -54.19 -0.79 -14.29
C ARG E 197 -53.83 -0.13 -15.62
N PRO E 198 -54.76 -0.21 -16.57
CA PRO E 198 -54.52 0.31 -17.92
C PRO E 198 -54.56 1.75 -18.32
N ALA E 199 -54.45 2.65 -17.35
CA ALA E 199 -54.38 4.07 -17.67
C ALA E 199 -53.56 4.70 -16.56
N TYR E 200 -53.24 5.99 -16.69
CA TYR E 200 -52.46 6.64 -15.63
C TYR E 200 -53.47 7.24 -14.64
N ASN E 201 -53.81 6.40 -13.68
CA ASN E 201 -54.87 6.74 -12.72
C ASN E 201 -54.47 6.27 -11.33
N SER E 202 -55.37 6.43 -10.34
CA SER E 202 -55.12 5.97 -8.97
C SER E 202 -56.16 4.88 -8.62
N GLU E 203 -55.79 3.97 -7.71
CA GLU E 203 -56.71 2.97 -7.22
C GLU E 203 -57.62 3.68 -6.17
N CYS E 204 -57.28 4.91 -5.79
CA CYS E 204 -57.93 5.57 -4.66
C CYS E 204 -58.43 6.97 -4.92
N HIS E 205 -59.01 7.18 -6.11
CA HIS E 205 -59.48 8.53 -6.40
C HIS E 205 -60.56 8.94 -5.43
N ALA E 206 -61.53 8.06 -5.14
CA ALA E 206 -62.61 8.54 -4.22
C ALA E 206 -62.13 8.86 -2.84
N THR E 207 -61.42 7.94 -2.15
CA THR E 207 -60.97 8.28 -0.78
C THR E 207 -60.06 9.54 -0.77
N ARG E 208 -59.20 9.69 -1.78
CA ARG E 208 -58.35 10.88 -1.79
C ARG E 208 -59.16 12.16 -2.02
N GLU E 209 -60.14 12.12 -2.91
CA GLU E 209 -60.94 13.33 -3.16
C GLU E 209 -61.76 13.67 -1.93
N MET E 210 -62.11 12.65 -1.16
CA MET E 210 -62.90 12.82 0.09
C MET E 210 -62.02 13.40 1.21
N GLY E 211 -60.69 13.42 0.96
CA GLY E 211 -59.71 13.98 1.86
C GLY E 211 -58.93 12.98 2.69
N ILE E 212 -59.10 11.70 2.43
CA ILE E 212 -58.44 10.68 3.20
C ILE E 212 -57.47 9.84 2.37
N GLY E 213 -56.16 10.09 2.56
CA GLY E 213 -55.13 9.28 1.86
C GLY E 213 -55.30 7.86 2.37
N GLU E 214 -55.07 6.86 1.48
CA GLU E 214 -55.34 5.48 1.84
C GLU E 214 -54.47 4.74 2.86
N LEU E 215 -53.30 5.28 3.21
CA LEU E 215 -52.44 4.66 4.23
C LEU E 215 -52.41 5.69 5.30
N ASN E 216 -53.44 5.71 6.17
CA ASN E 216 -53.55 6.78 7.14
C ASN E 216 -53.38 6.38 8.60
N ASN E 217 -52.91 5.17 8.84
CA ASN E 217 -52.72 4.77 10.23
C ASN E 217 -51.39 4.03 10.43
N ALA E 218 -51.24 3.38 11.57
CA ALA E 218 -50.04 2.60 11.85
C ALA E 218 -50.49 1.17 12.04
N TYR E 219 -49.56 0.22 11.85
CA TYR E 219 -49.93 -1.16 12.10
C TYR E 219 -50.30 -1.33 13.59
N GLU E 220 -49.75 -0.48 14.46
CA GLU E 220 -50.10 -0.57 15.89
C GLU E 220 -51.63 -0.30 16.04
N ASP E 221 -52.24 0.43 15.12
CA ASP E 221 -53.72 0.67 15.27
C ASP E 221 -54.44 -0.64 15.16
N ALA E 222 -53.91 -1.61 14.39
CA ALA E 222 -54.61 -2.92 14.39
C ALA E 222 -54.57 -3.61 15.76
N GLN E 223 -53.59 -3.28 16.60
CA GLN E 223 -53.47 -3.87 17.94
C GLN E 223 -54.43 -3.16 18.89
N LEU E 224 -54.81 -1.96 18.53
CA LEU E 224 -55.64 -1.16 19.45
C LEU E 224 -57.12 -1.19 19.15
N ALA E 225 -57.48 -1.71 17.99
CA ALA E 225 -58.89 -1.76 17.58
C ALA E 225 -59.76 -2.68 18.44
N ASP E 226 -61.07 -2.32 18.47
CA ASP E 226 -62.07 -3.17 19.09
C ASP E 226 -62.54 -4.13 18.02
N VAL E 227 -62.66 -3.60 16.79
CA VAL E 227 -63.15 -4.43 15.71
C VAL E 227 -62.32 -4.12 14.46
N ILE E 228 -62.00 -5.17 13.72
CA ILE E 228 -61.30 -4.97 12.45
C ILE E 228 -62.20 -5.52 11.34
N TRP E 229 -62.40 -4.73 10.30
CA TRP E 229 -63.11 -5.18 9.11
C TRP E 229 -61.98 -5.46 8.09
N SER E 230 -62.12 -6.58 7.39
CA SER E 230 -61.18 -6.96 6.27
C SER E 230 -62.15 -7.05 5.07
N ILE E 231 -62.10 -6.07 4.20
CA ILE E 231 -63.06 -5.95 3.09
C ILE E 231 -62.38 -6.24 1.73
N GLY E 232 -62.79 -7.32 1.05
CA GLY E 232 -62.20 -7.66 -0.27
C GLY E 232 -60.69 -7.91 -0.04
N ASN E 233 -60.40 -8.72 0.95
CA ASN E 233 -59.00 -8.85 1.39
C ASN E 233 -58.79 -10.21 2.01
N ASN E 234 -57.64 -10.87 1.74
CA ASN E 234 -57.40 -12.21 2.32
C ASN E 234 -56.02 -12.02 2.97
N PRO E 235 -55.96 -11.26 4.08
CA PRO E 235 -54.68 -10.93 4.73
C PRO E 235 -53.70 -11.99 5.19
N TYR E 236 -54.16 -13.18 5.57
CA TYR E 236 -53.22 -14.18 5.99
C TYR E 236 -52.34 -14.49 4.78
N GLU E 237 -52.96 -14.55 3.61
CA GLU E 237 -52.18 -14.91 2.41
C GLU E 237 -51.52 -13.72 1.72
N SER E 238 -52.09 -12.53 1.82
CA SER E 238 -51.60 -11.38 1.05
C SER E 238 -50.91 -10.30 1.82
N GLN E 239 -51.03 -10.24 3.16
CA GLN E 239 -50.27 -9.25 3.97
C GLN E 239 -49.96 -10.04 5.24
N THR E 240 -49.39 -11.20 5.04
CA THR E 240 -49.16 -12.17 6.08
C THR E 240 -48.68 -11.70 7.43
N ASN E 241 -47.55 -11.01 7.50
CA ASN E 241 -47.03 -10.69 8.80
C ASN E 241 -47.70 -9.49 9.49
N TYR E 242 -48.45 -8.70 8.75
CA TYR E 242 -49.24 -7.63 9.40
C TYR E 242 -50.33 -8.44 10.15
N PHE E 243 -51.01 -9.35 9.43
CA PHE E 243 -52.05 -10.19 10.06
C PHE E 243 -51.49 -10.95 11.25
N LEU E 244 -50.34 -11.66 11.05
CA LEU E 244 -49.78 -12.46 12.13
C LEU E 244 -49.19 -11.68 13.31
N ASN E 245 -48.50 -10.57 13.03
CA ASN E 245 -47.81 -9.85 14.11
C ASN E 245 -48.66 -8.77 14.76
N HIS E 246 -49.76 -8.36 14.15
CA HIS E 246 -50.53 -7.26 14.75
C HIS E 246 -52.01 -7.57 14.93
N TRP E 247 -52.61 -8.17 13.93
CA TRP E 247 -54.06 -8.52 14.04
C TRP E 247 -54.32 -9.67 15.00
N LEU E 248 -53.62 -10.78 14.82
CA LEU E 248 -53.85 -11.96 15.68
C LEU E 248 -53.60 -11.69 17.17
N PRO E 249 -52.53 -10.94 17.55
CA PRO E 249 -52.30 -10.65 18.97
C PRO E 249 -53.51 -9.92 19.60
N ASN E 250 -54.13 -9.03 18.82
CA ASN E 250 -55.33 -8.32 19.30
C ASN E 250 -56.44 -9.40 19.53
N LEU E 251 -56.72 -10.25 18.53
CA LEU E 251 -57.78 -11.30 18.71
C LEU E 251 -57.46 -12.23 19.90
N GLN E 252 -56.17 -12.48 20.14
CA GLN E 252 -55.79 -13.34 21.26
C GLN E 252 -55.83 -12.69 22.66
N GLY E 253 -56.05 -11.38 22.73
CA GLY E 253 -56.11 -10.72 24.02
C GLY E 253 -54.78 -10.22 24.50
N ALA E 254 -53.75 -10.36 23.66
CA ALA E 254 -52.44 -9.92 24.07
C ALA E 254 -52.18 -8.42 24.07
N THR E 255 -53.13 -7.63 23.53
CA THR E 255 -52.95 -6.20 23.46
C THR E 255 -53.95 -5.46 24.33
N THR E 256 -54.75 -6.21 25.06
CA THR E 256 -55.77 -5.56 25.93
C THR E 256 -55.17 -4.61 26.96
N SER E 257 -54.04 -4.97 27.56
CA SER E 257 -53.45 -4.07 28.56
C SER E 257 -52.97 -2.79 27.92
N LYS E 258 -52.49 -2.84 26.67
CA LYS E 258 -52.10 -1.64 25.98
C LYS E 258 -53.29 -0.70 25.81
N LYS E 259 -54.43 -1.25 25.40
CA LYS E 259 -55.63 -0.45 25.21
C LYS E 259 -56.06 0.22 26.53
N LYS E 260 -56.09 -0.56 27.60
CA LYS E 260 -56.52 -0.05 28.91
C LYS E 260 -55.54 0.97 29.48
N GLU E 261 -54.24 0.82 29.20
CA GLU E 261 -53.26 1.80 29.65
C GLU E 261 -53.39 3.12 28.92
N ARG E 262 -53.66 3.08 27.60
CA ARG E 262 -53.83 4.30 26.88
C ARG E 262 -55.13 5.02 27.20
N PHE E 263 -56.17 4.24 27.49
CA PHE E 263 -57.55 4.79 27.66
C PHE E 263 -58.13 4.22 28.96
N PRO E 264 -57.69 4.78 30.08
CA PRO E 264 -58.10 4.33 31.43
C PRO E 264 -59.61 4.30 31.74
N ASN E 265 -60.41 5.11 31.03
CA ASN E 265 -61.87 5.18 31.32
C ASN E 265 -62.72 4.62 30.19
N GLU E 266 -62.14 3.68 29.46
CA GLU E 266 -62.83 3.10 28.31
C GLU E 266 -62.92 1.57 28.37
N ASN E 267 -64.09 1.00 28.04
CA ASN E 267 -64.27 -0.44 28.07
C ASN E 267 -63.64 -1.01 26.80
N PHE E 268 -63.03 -2.17 26.92
CA PHE E 268 -62.46 -2.85 25.72
C PHE E 268 -62.94 -4.30 25.69
N PRO E 269 -64.00 -4.57 24.92
CA PRO E 269 -64.50 -5.95 24.85
C PRO E 269 -63.44 -6.81 24.10
N GLN E 270 -63.61 -8.11 24.12
CA GLN E 270 -62.70 -8.97 23.33
C GLN E 270 -62.82 -8.48 21.89
N ALA E 271 -61.69 -8.45 21.20
CA ALA E 271 -61.69 -7.97 19.84
C ALA E 271 -62.46 -8.89 18.88
N ARG E 272 -63.09 -8.30 17.87
CA ARG E 272 -63.85 -9.08 16.91
C ARG E 272 -63.42 -8.68 15.48
N ILE E 273 -63.76 -9.54 14.55
CA ILE E 273 -63.33 -9.33 13.15
C ILE E 273 -64.46 -9.68 12.18
N ILE E 274 -64.62 -8.84 11.16
CA ILE E 274 -65.67 -8.98 10.17
C ILE E 274 -65.01 -8.98 8.79
N PHE E 275 -65.35 -10.02 8.02
CA PHE E 275 -64.83 -10.16 6.64
C PHE E 275 -65.94 -9.94 5.63
N VAL E 276 -65.71 -9.07 4.66
CA VAL E 276 -66.66 -8.85 3.58
C VAL E 276 -65.91 -9.46 2.35
N ASP E 277 -66.32 -10.64 1.97
CA ASP E 277 -65.68 -11.42 0.88
C ASP E 277 -66.67 -12.46 0.42
N PRO E 278 -67.01 -12.47 -0.88
CA PRO E 278 -67.96 -13.51 -1.32
C PRO E 278 -67.49 -14.91 -0.98
N ARG E 279 -66.15 -15.05 -0.85
CA ARG E 279 -65.47 -16.36 -0.63
C ARG E 279 -64.97 -16.60 0.78
N GLU E 280 -65.10 -17.83 1.27
CA GLU E 280 -64.63 -18.23 2.59
C GLU E 280 -63.13 -18.60 2.38
N THR E 281 -62.28 -17.75 2.91
CA THR E 281 -60.82 -17.90 2.69
C THR E 281 -60.05 -18.42 3.88
N PRO E 282 -58.75 -18.70 3.70
CA PRO E 282 -57.93 -19.15 4.79
C PRO E 282 -57.95 -18.11 5.92
N SER E 283 -58.02 -16.81 5.59
CA SER E 283 -58.04 -15.74 6.62
C SER E 283 -59.29 -15.91 7.54
N VAL E 284 -60.44 -16.20 6.91
CA VAL E 284 -61.67 -16.41 7.74
C VAL E 284 -61.48 -17.63 8.64
N ALA E 285 -60.91 -18.70 8.08
CA ALA E 285 -60.71 -19.92 8.85
C ALA E 285 -59.78 -19.71 10.00
N ILE E 286 -58.72 -18.93 9.77
CA ILE E 286 -57.77 -18.74 10.84
C ILE E 286 -58.39 -17.84 11.93
N ALA E 287 -59.13 -16.81 11.50
CA ALA E 287 -59.77 -15.87 12.45
C ALA E 287 -60.70 -16.72 13.35
N ARG E 288 -61.48 -17.63 12.77
CA ARG E 288 -62.37 -18.48 13.62
C ARG E 288 -61.59 -19.38 14.53
N HIS E 289 -60.49 -19.97 14.03
CA HIS E 289 -59.68 -20.80 14.88
C HIS E 289 -59.13 -20.07 16.11
N VAL E 290 -58.68 -18.83 15.93
CA VAL E 290 -58.08 -18.07 16.98
C VAL E 290 -59.13 -17.40 17.93
N ALA E 291 -60.10 -16.78 17.34
CA ALA E 291 -61.09 -16.02 18.10
C ALA E 291 -62.36 -16.75 18.44
N GLY E 292 -62.60 -17.89 17.78
CA GLY E 292 -63.85 -18.62 17.94
C GLY E 292 -64.91 -18.09 16.97
N ASN E 293 -65.86 -18.94 16.59
CA ASN E 293 -66.91 -18.52 15.63
C ASN E 293 -67.71 -17.32 16.03
N ASP E 294 -67.97 -17.22 17.33
CA ASP E 294 -68.80 -16.11 17.81
C ASP E 294 -68.17 -14.73 17.75
N ARG E 295 -66.84 -14.68 17.52
CA ARG E 295 -66.15 -13.39 17.41
C ARG E 295 -65.74 -13.04 15.94
N VAL E 296 -66.26 -13.80 15.02
CA VAL E 296 -65.99 -13.56 13.58
C VAL E 296 -67.32 -13.51 12.84
N LEU E 297 -67.48 -12.49 12.00
CA LEU E 297 -68.65 -12.46 11.13
C LEU E 297 -68.13 -12.54 9.69
N HIS E 298 -68.48 -13.56 8.96
CA HIS E 298 -68.13 -13.58 7.54
C HIS E 298 -69.35 -13.14 6.75
N LEU E 299 -69.30 -11.91 6.26
CA LEU E 299 -70.40 -11.37 5.41
C LEU E 299 -70.05 -11.89 3.97
N ALA E 300 -70.61 -13.05 3.58
CA ALA E 300 -70.31 -13.70 2.30
C ALA E 300 -71.27 -13.13 1.23
N ILE E 301 -71.06 -11.86 0.93
CA ILE E 301 -71.87 -11.10 0.01
C ILE E 301 -71.91 -11.66 -1.40
N GLU E 302 -72.98 -11.38 -2.11
CA GLU E 302 -73.02 -11.74 -3.53
C GLU E 302 -71.90 -10.94 -4.21
N PRO E 303 -71.20 -11.57 -5.19
CA PRO E 303 -70.14 -10.79 -5.85
C PRO E 303 -70.62 -9.44 -6.36
N GLY E 304 -69.83 -8.38 -6.15
CA GLY E 304 -70.13 -7.08 -6.72
C GLY E 304 -71.17 -6.27 -5.96
N THR E 305 -71.51 -6.72 -4.76
CA THR E 305 -72.60 -5.97 -4.04
C THR E 305 -72.14 -5.13 -2.88
N ASP E 306 -70.84 -4.89 -2.79
CA ASP E 306 -70.28 -4.02 -1.75
C ASP E 306 -70.95 -2.68 -1.54
N THR E 307 -71.25 -1.98 -2.62
CA THR E 307 -71.88 -0.67 -2.50
C THR E 307 -73.24 -0.82 -1.77
N ALA E 308 -74.02 -1.83 -2.11
CA ALA E 308 -75.33 -2.01 -1.44
C ALA E 308 -75.08 -2.30 0.04
N LEU E 309 -74.13 -3.16 0.34
CA LEU E 309 -73.78 -3.47 1.74
C LEU E 309 -73.47 -2.21 2.52
N PHE E 310 -72.57 -1.37 2.00
CA PHE E 310 -72.19 -0.21 2.75
C PHE E 310 -73.30 0.83 2.86
N ASN E 311 -74.11 0.95 1.80
CA ASN E 311 -75.22 1.91 1.83
C ASN E 311 -76.23 1.47 2.90
N GLY E 312 -76.45 0.16 2.99
CA GLY E 312 -77.36 -0.43 3.99
C GLY E 312 -76.85 -0.11 5.39
N LEU E 313 -75.55 -0.40 5.64
CA LEU E 313 -74.98 -0.15 6.94
C LEU E 313 -74.96 1.32 7.33
N PHE E 314 -74.63 2.18 6.38
CA PHE E 314 -74.54 3.63 6.58
C PHE E 314 -75.96 4.10 6.94
N THR E 315 -76.95 3.63 6.18
CA THR E 315 -78.36 4.04 6.45
C THR E 315 -78.79 3.61 7.84
N TYR E 316 -78.48 2.36 8.20
CA TYR E 316 -78.81 1.81 9.52
C TYR E 316 -78.14 2.56 10.66
N VAL E 317 -76.81 2.81 10.58
CA VAL E 317 -76.21 3.55 11.71
C VAL E 317 -76.75 4.98 11.86
N VAL E 318 -77.10 5.61 10.75
CA VAL E 318 -77.63 6.96 10.85
C VAL E 318 -79.02 6.84 11.52
N GLU E 319 -79.81 5.85 11.13
CA GLU E 319 -81.15 5.70 11.75
C GLU E 319 -81.04 5.42 13.26
N GLN E 320 -80.05 4.63 13.65
CA GLN E 320 -79.83 4.29 15.08
C GLN E 320 -79.13 5.37 15.88
N GLY E 321 -78.58 6.37 15.20
CA GLY E 321 -77.87 7.45 15.84
C GLY E 321 -76.46 6.98 16.26
N TRP E 322 -76.02 5.84 15.68
CA TRP E 322 -74.67 5.32 16.01
C TRP E 322 -73.61 5.99 15.12
N ILE E 323 -73.60 7.32 15.18
CA ILE E 323 -72.67 8.17 14.42
C ILE E 323 -72.14 9.22 15.38
N ASP E 324 -71.12 9.96 14.95
CA ASP E 324 -70.49 10.99 15.77
C ASP E 324 -70.95 12.34 15.29
N LYS E 325 -72.09 12.79 15.83
CA LYS E 325 -72.62 14.05 15.34
C LYS E 325 -71.70 15.25 15.50
N PRO E 326 -71.01 15.42 16.65
CA PRO E 326 -70.11 16.56 16.78
C PRO E 326 -68.98 16.53 15.74
N PHE E 327 -68.44 15.34 15.50
CA PHE E 327 -67.37 15.21 14.49
C PHE E 327 -67.91 15.57 13.08
N ILE E 328 -69.08 15.06 12.73
CA ILE E 328 -69.70 15.37 11.44
C ILE E 328 -69.91 16.89 11.33
N GLU E 329 -70.41 17.50 12.40
CA GLU E 329 -70.66 18.93 12.29
C GLU E 329 -69.42 19.80 12.19
N ALA E 330 -68.35 19.42 12.88
CA ALA E 330 -67.14 20.21 12.89
C ALA E 330 -66.16 19.91 11.77
N HIS E 331 -66.15 18.66 11.32
CA HIS E 331 -65.10 18.24 10.37
C HIS E 331 -65.46 17.62 9.07
N THR E 332 -66.72 17.71 8.66
CA THR E 332 -67.13 17.10 7.42
C THR E 332 -68.07 17.98 6.66
N LYS E 333 -68.32 17.60 5.42
CA LYS E 333 -69.25 18.31 4.52
C LYS E 333 -69.99 17.30 3.67
N GLY E 334 -71.29 17.52 3.45
CA GLY E 334 -72.08 16.62 2.61
C GLY E 334 -72.83 15.48 3.23
N PHE E 335 -72.87 15.41 4.57
CA PHE E 335 -73.56 14.34 5.29
C PHE E 335 -75.04 14.22 4.93
N ASP E 336 -75.79 15.31 5.08
CA ASP E 336 -77.22 15.22 4.77
C ASP E 336 -77.53 14.74 3.35
N ASP E 337 -76.75 15.23 2.37
CA ASP E 337 -76.93 14.81 0.98
C ASP E 337 -76.66 13.31 0.84
N ALA E 338 -75.63 12.81 1.51
CA ALA E 338 -75.33 11.37 1.43
C ALA E 338 -76.41 10.53 2.10
N VAL E 339 -76.96 10.99 3.24
CA VAL E 339 -78.03 10.22 3.87
C VAL E 339 -79.19 10.03 2.82
N LYS E 340 -79.50 11.08 2.07
CA LYS E 340 -80.56 11.00 1.07
C LYS E 340 -80.21 10.13 -0.14
N THR E 341 -79.05 10.40 -0.73
CA THR E 341 -78.66 9.65 -1.94
C THR E 341 -78.35 8.16 -1.71
N ASN E 342 -77.85 7.82 -0.52
CA ASN E 342 -77.43 6.46 -0.18
C ASN E 342 -78.42 5.62 0.60
N ARG E 343 -79.61 6.19 0.79
CA ARG E 343 -80.58 5.48 1.56
C ARG E 343 -80.93 4.09 0.99
N LEU E 344 -80.89 3.09 1.84
CA LEU E 344 -81.18 1.71 1.47
C LEU E 344 -81.56 0.97 2.76
N SER E 345 -82.73 0.33 2.78
CA SER E 345 -83.19 -0.35 3.98
C SER E 345 -82.43 -1.62 4.19
N LEU E 346 -82.48 -2.15 5.41
CA LEU E 346 -81.79 -3.40 5.67
C LEU E 346 -82.40 -4.54 4.89
N ASP E 347 -83.73 -4.52 4.74
CA ASP E 347 -84.38 -5.59 4.00
C ASP E 347 -83.88 -5.61 2.55
N GLU E 348 -83.78 -4.43 1.94
CA GLU E 348 -83.34 -4.36 0.53
C GLU E 348 -81.86 -4.72 0.49
N CYS E 349 -81.08 -4.15 1.40
CA CYS E 349 -79.64 -4.46 1.50
C CYS E 349 -79.43 -5.99 1.59
N SER E 350 -80.19 -6.68 2.46
CA SER E 350 -80.12 -8.12 2.58
C SER E 350 -80.53 -8.84 1.28
N ASN E 351 -81.59 -8.36 0.65
CA ASN E 351 -82.03 -8.97 -0.58
C ASN E 351 -80.95 -8.89 -1.67
N ILE E 352 -80.26 -7.75 -1.73
CA ILE E 352 -79.22 -7.50 -2.78
C ILE E 352 -77.95 -8.28 -2.48
N THR E 353 -77.50 -8.15 -1.24
CA THR E 353 -76.25 -8.78 -0.85
C THR E 353 -76.33 -10.25 -0.51
N GLY E 354 -77.54 -10.73 -0.15
CA GLY E 354 -77.65 -12.11 0.29
C GLY E 354 -77.28 -12.32 1.77
N VAL E 355 -76.89 -11.25 2.47
CA VAL E 355 -76.53 -11.36 3.89
C VAL E 355 -77.84 -11.15 4.72
N PRO E 356 -78.12 -12.05 5.66
CA PRO E 356 -79.32 -11.98 6.54
C PRO E 356 -79.37 -10.68 7.30
N VAL E 357 -80.57 -10.13 7.48
CA VAL E 357 -80.74 -8.88 8.20
C VAL E 357 -80.10 -8.94 9.60
N ASP E 358 -80.19 -10.08 10.29
CA ASP E 358 -79.63 -10.29 11.64
C ASP E 358 -78.10 -10.08 11.62
N MET E 359 -77.44 -10.59 10.58
CA MET E 359 -75.98 -10.42 10.47
C MET E 359 -75.60 -8.98 10.16
N LEU E 360 -76.35 -8.30 9.30
CA LEU E 360 -76.08 -6.89 9.03
C LEU E 360 -76.22 -6.11 10.36
N LYS E 361 -77.30 -6.37 11.10
CA LYS E 361 -77.45 -5.67 12.38
C LYS E 361 -76.32 -5.97 13.37
N ARG E 362 -75.88 -7.21 13.43
CA ARG E 362 -74.83 -7.63 14.37
C ARG E 362 -73.50 -6.94 14.00
N ALA E 363 -73.19 -6.90 12.69
CA ALA E 363 -71.96 -6.22 12.25
C ALA E 363 -71.99 -4.74 12.68
N ALA E 364 -73.14 -4.07 12.52
CA ALA E 364 -73.30 -2.67 12.90
C ALA E 364 -73.25 -2.52 14.46
N GLU E 365 -73.86 -3.48 15.18
CA GLU E 365 -73.83 -3.42 16.65
C GLU E 365 -72.37 -3.54 17.16
N TRP E 366 -71.64 -4.53 16.67
CA TRP E 366 -70.26 -4.69 17.15
C TRP E 366 -69.39 -3.50 16.82
N SER E 367 -69.61 -2.94 15.62
CA SER E 367 -68.75 -1.90 15.11
C SER E 367 -68.99 -0.46 15.42
N TYR E 368 -70.29 -0.11 15.64
CA TYR E 368 -70.62 1.30 15.73
C TYR E 368 -71.46 1.70 16.95
N LYS E 369 -72.13 0.71 17.56
CA LYS E 369 -72.98 1.10 18.73
C LYS E 369 -72.04 1.51 19.88
N PRO E 370 -72.30 2.64 20.57
CA PRO E 370 -71.41 3.05 21.68
C PRO E 370 -71.22 1.95 22.74
N LYS E 371 -70.01 1.89 23.29
CA LYS E 371 -69.70 0.93 24.32
C LYS E 371 -70.35 1.47 25.60
N ALA E 372 -70.41 0.65 26.64
CA ALA E 372 -71.08 1.11 27.90
C ALA E 372 -70.42 2.33 28.52
N SER E 373 -69.10 2.44 28.38
CA SER E 373 -68.39 3.58 28.92
C SER E 373 -68.60 4.86 28.12
N GLY E 374 -69.32 4.77 26.99
CA GLY E 374 -69.69 5.96 26.27
C GLY E 374 -69.08 6.20 24.89
N GLN E 375 -67.90 5.66 24.71
CA GLN E 375 -67.18 5.87 23.46
C GLN E 375 -67.61 4.93 22.36
N ALA E 376 -67.43 5.36 21.12
CA ALA E 376 -67.72 4.51 19.97
C ALA E 376 -66.61 3.43 19.88
N PRO E 377 -66.94 2.23 19.39
CA PRO E 377 -65.91 1.17 19.28
C PRO E 377 -64.84 1.76 18.33
N ARG E 378 -63.61 1.27 18.46
CA ARG E 378 -62.51 1.73 17.59
C ARG E 378 -62.51 0.65 16.50
N THR E 379 -62.96 1.03 15.31
CA THR E 379 -63.13 0.06 14.25
C THR E 379 -62.26 0.41 13.07
N MET E 380 -61.30 -0.50 12.84
CA MET E 380 -60.36 -0.31 11.73
C MET E 380 -60.95 -0.95 10.52
N HIS E 381 -61.16 -0.17 9.46
CA HIS E 381 -61.74 -0.71 8.21
C HIS E 381 -60.60 -0.91 7.19
N ALA E 382 -60.21 -2.14 6.98
CA ALA E 382 -59.08 -2.47 6.04
C ALA E 382 -59.67 -3.00 4.77
N TYR E 383 -59.15 -2.64 3.58
CA TYR E 383 -59.75 -3.19 2.38
C TYR E 383 -58.64 -3.40 1.33
N GLU E 384 -58.92 -4.23 0.34
CA GLU E 384 -57.93 -4.38 -0.73
C GLU E 384 -58.57 -4.67 -2.08
N LYS E 385 -58.07 -5.66 -2.84
CA LYS E 385 -58.51 -5.75 -4.22
C LYS E 385 -59.89 -6.29 -4.50
N GLY E 386 -60.50 -6.97 -3.52
CA GLY E 386 -61.88 -7.41 -3.68
C GLY E 386 -62.79 -6.19 -3.97
N ILE E 387 -62.45 -5.01 -3.47
CA ILE E 387 -63.23 -3.82 -3.83
C ILE E 387 -62.49 -2.83 -4.72
N ILE E 388 -61.14 -2.80 -4.65
CA ILE E 388 -60.41 -1.86 -5.52
C ILE E 388 -60.58 -2.31 -6.96
N TRP E 389 -60.61 -3.63 -7.16
CA TRP E 389 -60.86 -4.20 -8.50
C TRP E 389 -62.28 -4.76 -8.47
N GLY E 390 -63.14 -4.14 -7.66
CA GLY E 390 -64.52 -4.64 -7.60
C GLY E 390 -65.46 -3.92 -8.54
N ASN E 391 -66.76 -4.06 -8.26
CA ASN E 391 -67.78 -3.45 -9.12
C ASN E 391 -67.91 -1.94 -8.93
N ASP E 392 -67.13 -1.18 -9.72
CA ASP E 392 -67.09 0.27 -9.70
C ASP E 392 -66.31 0.80 -8.50
N ASN E 393 -64.98 0.70 -8.63
CA ASN E 393 -64.06 1.13 -7.58
C ASN E 393 -64.46 2.48 -6.94
N TYR E 394 -64.74 3.48 -7.77
CA TYR E 394 -65.03 4.80 -7.30
C TYR E 394 -66.28 4.83 -6.42
N VAL E 395 -67.33 4.13 -6.86
CA VAL E 395 -68.58 4.13 -6.10
C VAL E 395 -68.49 3.29 -4.82
N ILE E 396 -67.78 2.17 -4.85
CA ILE E 396 -67.68 1.36 -3.62
C ILE E 396 -66.94 2.13 -2.56
N GLN E 397 -65.86 2.79 -2.94
CA GLN E 397 -65.10 3.56 -1.95
C GLN E 397 -65.88 4.73 -1.41
N SER E 398 -66.67 5.34 -2.28
CA SER E 398 -67.53 6.45 -1.88
C SER E 398 -68.47 5.93 -0.75
N ALA E 399 -69.10 4.77 -0.97
CA ALA E 399 -70.03 4.21 0.02
C ALA E 399 -69.37 3.86 1.34
N LEU E 400 -68.22 3.22 1.24
CA LEU E 400 -67.49 2.82 2.43
C LEU E 400 -66.96 3.98 3.22
N LEU E 401 -66.33 4.96 2.56
CA LEU E 401 -65.77 6.09 3.32
C LEU E 401 -66.91 6.89 3.97
N ASP E 402 -68.10 6.92 3.36
CA ASP E 402 -69.21 7.65 4.01
C ASP E 402 -69.50 7.00 5.37
N LEU E 403 -69.52 5.68 5.41
CA LEU E 403 -69.77 4.96 6.66
C LEU E 403 -68.68 5.23 7.67
N VAL E 404 -67.43 5.21 7.19
CA VAL E 404 -66.33 5.46 8.07
C VAL E 404 -66.28 6.88 8.61
N ILE E 405 -66.61 7.86 7.76
CA ILE E 405 -66.53 9.25 8.19
C ILE E 405 -67.64 9.50 9.23
N ALA E 406 -68.84 8.99 8.92
CA ALA E 406 -69.97 9.25 9.85
C ALA E 406 -69.73 8.67 11.23
N THR E 407 -68.94 7.61 11.30
CA THR E 407 -68.63 6.95 12.56
C THR E 407 -67.25 7.29 13.15
N HIS E 408 -66.63 8.31 12.59
CA HIS E 408 -65.35 8.83 13.10
C HIS E 408 -64.32 7.73 13.24
N ASN E 409 -64.29 6.89 12.19
CA ASN E 409 -63.30 5.82 12.17
C ASN E 409 -62.03 6.04 11.34
N VAL E 410 -61.63 7.32 11.29
CA VAL E 410 -60.34 7.78 10.81
C VAL E 410 -59.87 8.78 11.84
N GLY E 411 -58.55 8.78 12.14
CA GLY E 411 -58.02 9.76 13.06
C GLY E 411 -58.02 9.40 14.53
N ARG E 412 -58.77 8.35 14.93
CA ARG E 412 -58.74 7.94 16.31
C ARG E 412 -57.83 6.72 16.36
N ARG E 413 -57.05 6.56 17.43
CA ARG E 413 -56.21 5.35 17.48
C ARG E 413 -57.08 4.09 17.48
N GLY E 414 -56.59 3.01 16.88
CA GLY E 414 -57.37 1.80 16.82
C GLY E 414 -58.35 1.85 15.63
N THR E 415 -58.31 2.89 14.79
CA THR E 415 -59.17 2.99 13.64
C THR E 415 -58.35 3.21 12.38
N GLY E 416 -59.01 3.79 11.40
CA GLY E 416 -58.45 4.08 10.08
C GLY E 416 -59.24 3.35 9.00
N CYS E 417 -59.26 3.86 7.76
CA CYS E 417 -59.95 3.15 6.68
C CYS E 417 -58.80 3.14 5.68
N VAL E 418 -58.21 1.97 5.54
CA VAL E 418 -56.94 1.89 4.81
C VAL E 418 -56.84 0.76 3.83
N ARG E 419 -56.08 1.02 2.76
CA ARG E 419 -55.72 -0.07 1.86
C ARG E 419 -54.77 -0.98 2.67
N MET E 420 -54.87 -2.29 2.47
CA MET E 420 -53.94 -3.24 3.10
C MET E 420 -52.65 -3.23 2.22
N GLY E 421 -52.81 -2.82 0.98
CA GLY E 421 -51.69 -2.66 0.05
C GLY E 421 -51.33 -3.91 -0.72
N GLY E 422 -50.53 -3.72 -1.78
CA GLY E 422 -50.10 -4.86 -2.61
C GLY E 422 -48.58 -4.97 -2.53
N HIS E 423 -47.90 -4.25 -3.41
CA HIS E 423 -46.45 -4.10 -3.25
C HIS E 423 -46.25 -3.02 -2.21
N GLN E 424 -44.99 -2.78 -1.83
CA GLN E 424 -44.67 -1.59 -1.02
C GLN E 424 -44.87 -0.38 -1.92
N GLU E 425 -44.73 0.81 -1.34
CA GLU E 425 -44.92 2.08 -2.05
C GLU E 425 -43.60 2.79 -2.13
N GLY E 426 -43.40 3.53 -3.20
CA GLY E 426 -42.15 4.28 -3.32
C GLY E 426 -42.30 5.22 -4.48
N TYR E 427 -43.31 6.09 -4.40
CA TYR E 427 -43.62 6.97 -5.49
C TYR E 427 -43.11 8.41 -5.44
N THR E 428 -42.29 8.79 -6.42
CA THR E 428 -41.87 10.23 -6.56
C THR E 428 -41.77 10.44 -8.09
N ARG E 429 -42.61 11.30 -8.64
CA ARG E 429 -42.62 11.57 -10.07
C ARG E 429 -43.11 12.94 -10.42
N PRO E 430 -42.80 13.39 -11.64
CA PRO E 430 -43.30 14.70 -12.07
C PRO E 430 -44.79 14.39 -12.33
N PRO E 431 -45.61 15.43 -12.54
CA PRO E 431 -47.03 15.20 -12.84
C PRO E 431 -47.20 14.50 -14.19
N TYR E 432 -48.26 13.72 -14.33
CA TYR E 432 -48.60 13.09 -15.60
C TYR E 432 -48.83 14.25 -16.61
N PRO E 433 -48.20 14.21 -17.81
CA PRO E 433 -48.32 15.27 -18.84
C PRO E 433 -49.51 15.23 -19.75
N GLY E 434 -50.67 15.07 -19.20
CA GLY E 434 -51.88 15.09 -20.01
C GLY E 434 -53.03 15.39 -19.10
N ASP E 435 -54.18 15.57 -19.70
CA ASP E 435 -55.37 15.85 -18.93
C ASP E 435 -56.47 14.87 -19.38
N LYS E 436 -56.11 13.85 -20.16
CA LYS E 436 -57.12 12.91 -20.66
C LYS E 436 -56.90 11.56 -19.98
N LYS E 437 -57.95 10.75 -20.00
CA LYS E 437 -57.95 9.40 -19.41
C LYS E 437 -57.75 8.48 -20.60
N ILE E 438 -56.60 7.79 -20.71
CA ILE E 438 -56.33 6.97 -21.91
C ILE E 438 -56.13 5.51 -21.56
N TYR E 439 -57.03 4.67 -22.09
CA TYR E 439 -57.02 3.24 -21.89
C TYR E 439 -55.97 2.66 -22.84
N ILE E 440 -54.76 2.56 -22.32
CA ILE E 440 -53.63 2.17 -23.17
C ILE E 440 -53.75 0.84 -23.90
N ASP E 441 -54.20 -0.21 -23.25
CA ASP E 441 -54.28 -1.50 -23.94
C ASP E 441 -55.23 -1.37 -25.17
N GLN E 442 -56.32 -0.62 -25.00
CA GLN E 442 -57.30 -0.43 -26.08
C GLN E 442 -56.64 0.29 -27.24
N GLU E 443 -55.83 1.31 -26.94
CA GLU E 443 -55.14 2.08 -27.98
C GLU E 443 -54.14 1.18 -28.74
N LEU E 444 -53.43 0.30 -28.00
CA LEU E 444 -52.46 -0.58 -28.69
C LEU E 444 -53.19 -1.59 -29.59
N ILE E 445 -54.28 -2.15 -29.07
CA ILE E 445 -55.11 -3.11 -29.78
C ILE E 445 -55.65 -2.48 -31.08
N LYS E 446 -55.98 -1.19 -31.02
CA LYS E 446 -56.49 -0.46 -32.20
C LYS E 446 -55.37 -0.06 -33.17
N GLY E 447 -54.12 -0.42 -32.87
CA GLY E 447 -53.05 -0.08 -33.78
C GLY E 447 -52.27 1.18 -33.51
N LYS E 448 -52.52 1.86 -32.38
CA LYS E 448 -51.82 3.10 -32.11
C LYS E 448 -50.42 2.84 -31.52
N GLY E 449 -49.55 3.86 -31.67
CA GLY E 449 -48.19 3.85 -31.17
C GLY E 449 -47.16 3.19 -32.11
N ARG E 450 -45.92 3.63 -31.99
CA ARG E 450 -44.81 3.07 -32.80
C ARG E 450 -43.96 2.15 -31.96
N ILE E 451 -43.81 2.50 -30.67
CA ILE E 451 -42.99 1.74 -29.77
C ILE E 451 -43.67 1.62 -28.40
N MET E 452 -43.59 0.43 -27.83
CA MET E 452 -44.19 0.14 -26.52
C MET E 452 -43.11 -0.50 -25.67
N THR E 453 -42.97 0.01 -24.46
CA THR E 453 -42.02 -0.54 -23.51
C THR E 453 -42.76 -1.04 -22.28
N TRP E 454 -42.61 -2.33 -21.95
CA TRP E 454 -43.15 -2.89 -20.69
C TRP E 454 -41.95 -2.74 -19.77
N TRP E 455 -42.11 -2.08 -18.63
CA TRP E 455 -41.02 -1.83 -17.72
C TRP E 455 -41.36 -2.32 -16.33
N GLY E 456 -40.74 -3.43 -15.90
CA GLY E 456 -41.03 -3.91 -14.53
C GLY E 456 -42.46 -4.43 -14.41
N CYS E 457 -43.02 -4.91 -15.48
CA CYS E 457 -44.36 -5.51 -15.43
C CYS E 457 -44.56 -6.46 -16.61
N ASN E 458 -45.62 -7.26 -16.56
CA ASN E 458 -45.81 -8.26 -17.61
C ASN E 458 -47.30 -8.40 -17.88
N ASN E 459 -47.82 -7.46 -18.66
CA ASN E 459 -49.26 -7.44 -18.90
C ASN E 459 -49.77 -8.59 -19.75
N PHE E 460 -48.87 -9.37 -20.38
CA PHE E 460 -49.36 -10.54 -21.02
C PHE E 460 -50.01 -11.47 -20.00
N GLN E 461 -49.49 -11.46 -18.77
CA GLN E 461 -50.06 -12.32 -17.73
C GLN E 461 -51.03 -11.56 -16.82
N THR E 462 -51.00 -10.24 -16.86
CA THR E 462 -51.78 -9.47 -15.85
C THR E 462 -52.76 -8.43 -16.31
N SER E 463 -52.84 -8.14 -17.62
CA SER E 463 -53.83 -7.17 -18.05
C SER E 463 -55.24 -7.75 -17.90
N ASN E 464 -56.23 -6.86 -17.76
CA ASN E 464 -57.61 -7.38 -17.84
C ASN E 464 -57.85 -7.60 -19.36
N ASN E 465 -58.74 -8.53 -19.72
CA ASN E 465 -59.04 -8.84 -21.16
C ASN E 465 -57.67 -9.15 -21.81
N ALA E 466 -56.87 -9.93 -21.11
CA ALA E 466 -55.48 -10.23 -21.52
C ALA E 466 -55.36 -10.93 -22.85
N GLN E 467 -56.37 -11.73 -23.23
CA GLN E 467 -56.30 -12.45 -24.50
C GLN E 467 -56.36 -11.49 -25.69
N ALA E 468 -57.21 -10.47 -25.61
CA ALA E 468 -57.26 -9.49 -26.71
C ALA E 468 -55.91 -8.76 -26.81
N LEU E 469 -55.27 -8.51 -25.69
CA LEU E 469 -54.00 -7.80 -25.71
C LEU E 469 -52.94 -8.67 -26.37
N ARG E 470 -52.79 -9.90 -25.87
CA ARG E 470 -51.73 -10.77 -26.44
C ARG E 470 -51.93 -11.00 -27.93
N GLU E 471 -53.18 -11.22 -28.35
CA GLU E 471 -53.50 -11.42 -29.79
C GLU E 471 -52.96 -10.26 -30.60
N ALA E 472 -53.28 -9.03 -30.19
CA ALA E 472 -52.84 -7.86 -30.92
C ALA E 472 -51.33 -7.59 -30.89
N ILE E 473 -50.75 -7.72 -29.70
CA ILE E 473 -49.33 -7.43 -29.61
C ILE E 473 -48.52 -8.47 -30.39
N LEU E 474 -48.91 -9.74 -30.34
CA LEU E 474 -48.13 -10.77 -31.06
C LEU E 474 -48.21 -10.48 -32.55
N GLN E 475 -49.38 -10.10 -33.03
CA GLN E 475 -49.52 -9.78 -34.45
C GLN E 475 -48.74 -8.56 -34.88
N ARG E 476 -48.79 -7.46 -34.11
CA ARG E 476 -48.08 -6.22 -34.43
C ARG E 476 -46.56 -6.43 -34.33
N SER E 477 -46.15 -7.24 -33.36
CA SER E 477 -44.72 -7.56 -33.21
C SER E 477 -44.20 -8.35 -34.44
N ALA E 478 -45.01 -9.28 -34.92
CA ALA E 478 -44.65 -10.12 -36.09
C ALA E 478 -44.43 -9.24 -37.35
N ILE E 479 -45.23 -8.20 -37.52
CA ILE E 479 -45.06 -7.30 -38.68
C ILE E 479 -43.68 -6.65 -38.66
N VAL E 480 -43.21 -6.29 -37.47
CA VAL E 480 -41.89 -5.69 -37.35
C VAL E 480 -40.80 -6.76 -37.66
N LYS E 481 -40.95 -7.95 -37.09
CA LYS E 481 -39.99 -9.04 -37.32
C LYS E 481 -39.89 -9.35 -38.83
N GLN E 482 -41.04 -9.49 -39.49
CA GLN E 482 -41.04 -9.72 -40.96
C GLN E 482 -40.33 -8.65 -41.75
N ALA E 483 -40.49 -7.39 -41.36
CA ALA E 483 -39.81 -6.29 -42.03
C ALA E 483 -38.30 -6.31 -41.81
N MET E 484 -37.87 -6.69 -40.60
CA MET E 484 -36.44 -6.75 -40.30
C MET E 484 -35.75 -7.88 -41.08
N GLN E 485 -36.49 -8.91 -41.38
CA GLN E 485 -36.01 -10.10 -42.07
C GLN E 485 -35.46 -9.78 -43.49
N LYS E 486 -35.97 -8.73 -44.11
CA LYS E 486 -35.46 -8.41 -45.44
C LYS E 486 -34.10 -7.67 -45.47
N ALA E 487 -33.70 -7.05 -44.36
CA ALA E 487 -32.45 -6.29 -44.29
C ALA E 487 -31.16 -7.15 -44.36
N ARG E 488 -30.06 -6.53 -44.82
CA ARG E 488 -28.76 -7.22 -44.87
C ARG E 488 -27.71 -6.14 -44.69
N GLY E 489 -26.84 -6.28 -43.69
CA GLY E 489 -25.80 -5.30 -43.47
C GLY E 489 -26.30 -3.91 -43.13
N ALA E 490 -27.50 -3.85 -42.56
CA ALA E 490 -28.11 -2.56 -42.22
C ALA E 490 -27.45 -1.89 -41.01
N THR E 491 -27.13 -0.61 -41.12
CA THR E 491 -26.56 0.10 -40.01
C THR E 491 -27.76 0.33 -39.02
N THR E 492 -27.46 0.75 -37.81
CA THR E 492 -28.49 1.01 -36.81
C THR E 492 -29.50 2.00 -37.35
N GLU E 493 -29.02 3.08 -37.94
CA GLU E 493 -29.91 4.07 -38.50
C GLU E 493 -30.81 3.50 -39.60
N GLU E 494 -30.27 2.66 -40.50
CA GLU E 494 -31.11 2.08 -41.51
C GLU E 494 -32.16 1.13 -40.89
N MET E 495 -31.79 0.42 -39.83
CA MET E 495 -32.75 -0.49 -39.20
C MET E 495 -33.86 0.32 -38.48
N VAL E 496 -33.48 1.47 -37.91
CA VAL E 496 -34.52 2.33 -37.26
C VAL E 496 -35.57 2.69 -38.31
N ASP E 497 -35.12 3.02 -39.55
CA ASP E 497 -36.10 3.32 -40.61
C ASP E 497 -36.90 2.14 -41.08
N VAL E 498 -36.28 0.95 -41.15
CA VAL E 498 -36.99 -0.25 -41.56
C VAL E 498 -38.12 -0.52 -40.55
N ILE E 499 -37.76 -0.40 -39.28
CA ILE E 499 -38.74 -0.67 -38.20
C ILE E 499 -39.84 0.38 -38.19
N TYR E 500 -39.46 1.65 -38.28
CA TYR E 500 -40.44 2.72 -38.29
C TYR E 500 -41.42 2.52 -39.44
N GLU E 501 -40.89 2.18 -40.64
CA GLU E 501 -41.80 1.89 -41.76
C GLU E 501 -42.74 0.73 -41.46
N ALA E 502 -42.24 -0.28 -40.76
CA ALA E 502 -43.09 -1.41 -40.42
C ALA E 502 -44.26 -0.95 -39.48
N THR E 503 -43.96 0.00 -38.60
CA THR E 503 -44.99 0.50 -37.65
C THR E 503 -46.07 1.30 -38.41
N GLN E 504 -45.73 1.85 -39.58
CA GLN E 504 -46.73 2.54 -40.42
C GLN E 504 -47.62 1.51 -41.09
N ASN E 505 -47.24 0.25 -41.01
CA ASN E 505 -48.01 -0.81 -41.61
C ASN E 505 -48.59 -1.76 -40.60
N GLY E 506 -48.91 -1.22 -39.41
CA GLY E 506 -49.52 -2.03 -38.37
C GLY E 506 -48.56 -2.59 -37.33
N GLY E 507 -47.25 -2.50 -37.56
CA GLY E 507 -46.32 -3.05 -36.57
C GLY E 507 -46.17 -2.22 -35.31
N LEU E 508 -45.47 -2.82 -34.33
CA LEU E 508 -45.17 -2.16 -33.07
C LEU E 508 -43.84 -2.67 -32.60
N PHE E 509 -42.90 -1.79 -32.28
CA PHE E 509 -41.60 -2.24 -31.74
C PHE E 509 -41.87 -2.43 -30.26
N VAL E 510 -41.46 -3.57 -29.73
CA VAL E 510 -41.68 -3.91 -28.31
C VAL E 510 -40.40 -4.07 -27.52
N THR E 511 -40.29 -3.32 -26.43
CA THR E 511 -39.14 -3.45 -25.51
C THR E 511 -39.64 -3.90 -24.12
N SER E 512 -38.84 -4.72 -23.44
CA SER E 512 -39.14 -5.14 -22.08
C SER E 512 -37.87 -4.85 -21.24
N ILE E 513 -38.03 -4.25 -20.07
CA ILE E 513 -36.92 -3.96 -19.16
C ILE E 513 -37.32 -4.75 -17.93
N ASN E 514 -36.54 -5.77 -17.62
CA ASN E 514 -36.98 -6.73 -16.64
C ASN E 514 -35.82 -7.49 -16.05
N LEU E 515 -36.12 -8.36 -15.07
CA LEU E 515 -35.11 -9.26 -14.50
C LEU E 515 -34.99 -10.53 -15.34
N TYR E 516 -36.07 -10.91 -16.03
CA TYR E 516 -36.14 -12.17 -16.75
C TYR E 516 -36.75 -12.03 -18.13
N PRO E 517 -36.63 -13.06 -18.97
CA PRO E 517 -37.24 -12.94 -20.33
C PRO E 517 -38.79 -12.80 -20.24
N THR E 518 -39.40 -13.64 -19.42
CA THR E 518 -40.86 -13.76 -19.23
C THR E 518 -41.58 -14.10 -20.51
N LYS E 519 -42.90 -14.27 -20.41
CA LYS E 519 -43.70 -14.49 -21.61
C LYS E 519 -43.62 -13.33 -22.59
N LEU E 520 -43.22 -12.13 -22.14
CA LEU E 520 -43.10 -10.97 -23.04
C LEU E 520 -42.07 -11.29 -24.13
N ALA E 521 -41.14 -12.21 -23.86
CA ALA E 521 -40.16 -12.56 -24.92
C ALA E 521 -40.81 -13.15 -26.16
N GLU E 522 -42.05 -13.65 -26.08
CA GLU E 522 -42.71 -14.15 -27.27
C GLU E 522 -42.98 -13.03 -28.27
N ALA E 523 -42.99 -11.78 -27.80
CA ALA E 523 -43.26 -10.61 -28.68
C ALA E 523 -42.18 -9.54 -28.73
N ALA E 524 -41.36 -9.44 -27.69
CA ALA E 524 -40.40 -8.37 -27.61
C ALA E 524 -39.33 -8.40 -28.72
N HIS E 525 -38.81 -7.22 -29.06
CA HIS E 525 -37.71 -7.14 -30.05
C HIS E 525 -36.43 -6.78 -29.29
N LEU E 526 -36.55 -6.19 -28.08
CA LEU E 526 -35.42 -5.79 -27.28
C LEU E 526 -35.74 -6.00 -25.80
N MET E 527 -34.79 -6.57 -25.06
CA MET E 527 -35.00 -6.78 -23.59
C MET E 527 -33.75 -6.23 -22.93
N LEU E 528 -33.92 -5.42 -21.87
CA LEU E 528 -32.81 -4.78 -21.15
C LEU E 528 -32.78 -5.32 -19.73
N PRO E 529 -31.58 -5.67 -19.21
CA PRO E 529 -31.42 -6.25 -17.88
C PRO E 529 -31.40 -5.29 -16.70
N ALA E 530 -32.34 -5.52 -15.75
CA ALA E 530 -32.42 -4.68 -14.57
C ALA E 530 -31.84 -5.36 -13.30
N ALA E 531 -31.74 -4.57 -12.24
CA ALA E 531 -31.15 -5.07 -10.98
C ALA E 531 -32.19 -4.91 -9.86
N HIS E 532 -32.21 -5.84 -8.92
CA HIS E 532 -33.17 -5.77 -7.78
C HIS E 532 -32.46 -5.41 -6.49
N PRO E 533 -33.23 -5.13 -5.41
CA PRO E 533 -32.60 -4.73 -4.14
C PRO E 533 -31.54 -5.66 -3.61
N GLY E 534 -30.40 -5.13 -3.18
CA GLY E 534 -29.29 -6.00 -2.75
C GLY E 534 -28.22 -5.94 -3.86
N GLU E 535 -28.65 -5.81 -5.11
CA GLU E 535 -27.72 -5.60 -6.27
C GLU E 535 -27.63 -4.08 -6.42
N MET E 536 -28.54 -3.36 -5.72
CA MET E 536 -28.56 -1.90 -5.72
C MET E 536 -29.16 -1.47 -4.36
N ASN E 537 -28.97 -0.20 -4.02
CA ASN E 537 -29.63 0.38 -2.85
C ASN E 537 -31.03 0.71 -3.31
N LEU E 538 -31.99 0.72 -2.34
CA LEU E 538 -33.36 1.04 -2.77
C LEU E 538 -34.12 1.49 -1.54
N THR E 539 -34.98 2.49 -1.74
CA THR E 539 -35.81 2.98 -0.61
C THR E 539 -37.27 2.75 -1.01
N SER E 540 -38.11 2.52 0.02
CA SER E 540 -39.55 2.30 -0.21
C SER E 540 -40.20 2.31 1.17
N MET E 541 -41.51 2.48 1.19
CA MET E 541 -42.22 2.47 2.48
C MET E 541 -43.30 1.38 2.45
N ASN E 542 -43.76 1.02 3.64
CA ASN E 542 -44.72 -0.08 3.74
C ASN E 542 -46.17 0.47 3.99
N GLY E 543 -47.05 -0.42 4.41
CA GLY E 543 -48.47 -0.04 4.55
C GLY E 543 -48.80 0.94 5.68
N GLU E 544 -47.80 1.37 6.46
CA GLU E 544 -47.98 2.36 7.49
C GLU E 544 -46.95 3.48 7.24
N ARG E 545 -46.55 3.60 5.96
CA ARG E 545 -45.68 4.67 5.48
C ARG E 545 -44.28 4.64 6.07
N ARG E 546 -43.82 3.45 6.49
CA ARG E 546 -42.51 3.33 7.11
C ARG E 546 -41.45 3.13 6.00
N ILE E 547 -40.67 4.19 5.79
CA ILE E 547 -39.60 4.19 4.72
C ILE E 547 -38.33 3.59 5.31
N ARG E 548 -37.70 2.66 4.54
CA ARG E 548 -36.44 2.06 5.00
C ARG E 548 -35.54 1.99 3.77
N LEU E 549 -34.23 1.89 4.05
CA LEU E 549 -33.22 1.67 2.97
C LEU E 549 -32.84 0.18 2.94
N SER E 550 -32.88 -0.42 1.74
CA SER E 550 -32.43 -1.80 1.54
C SER E 550 -31.03 -1.54 0.96
N GLU E 551 -30.02 -2.12 1.60
CA GLU E 551 -28.62 -1.88 1.21
C GLU E 551 -28.06 -2.83 0.18
N LYS E 552 -27.27 -2.27 -0.74
CA LYS E 552 -26.58 -3.13 -1.70
C LYS E 552 -25.58 -4.01 -0.96
N PHE E 553 -25.47 -5.27 -1.36
CA PHE E 553 -24.47 -6.16 -0.75
C PHE E 553 -23.83 -7.08 -1.81
N MET E 554 -24.29 -7.01 -3.05
CA MET E 554 -23.68 -7.90 -4.08
C MET E 554 -23.77 -7.25 -5.44
N ASP E 555 -23.07 -7.85 -6.40
CA ASP E 555 -23.10 -7.30 -7.73
C ASP E 555 -24.33 -7.86 -8.54
N PRO E 556 -24.87 -7.08 -9.48
CA PRO E 556 -25.98 -7.57 -10.31
C PRO E 556 -25.35 -8.54 -11.32
N PRO E 557 -26.15 -9.42 -11.96
CA PRO E 557 -25.64 -10.36 -12.98
C PRO E 557 -25.17 -9.57 -14.22
N GLY E 558 -24.03 -10.02 -14.81
CA GLY E 558 -23.60 -9.34 -16.02
C GLY E 558 -23.61 -7.82 -15.97
N THR E 559 -24.25 -7.22 -16.95
CA THR E 559 -24.33 -5.78 -17.03
C THR E 559 -25.72 -5.23 -16.64
N ALA E 560 -26.44 -6.00 -15.82
CA ALA E 560 -27.78 -5.55 -15.35
C ALA E 560 -27.58 -4.24 -14.58
N MET E 561 -28.63 -3.40 -14.62
CA MET E 561 -28.51 -2.09 -14.05
C MET E 561 -29.80 -1.64 -13.33
N ALA E 562 -29.62 -0.80 -12.32
CA ALA E 562 -30.80 -0.23 -11.61
C ALA E 562 -31.71 0.43 -12.65
N ASP E 563 -33.03 0.32 -12.48
CA ASP E 563 -33.92 0.91 -13.42
C ASP E 563 -33.77 2.43 -13.61
N CYS E 564 -33.57 3.16 -12.51
CA CYS E 564 -33.37 4.61 -12.65
C CYS E 564 -32.14 4.94 -13.52
N LEU E 565 -31.12 4.07 -13.47
CA LEU E 565 -29.89 4.29 -14.26
C LEU E 565 -30.12 3.87 -15.70
N ILE E 566 -31.00 2.90 -15.96
CA ILE E 566 -31.37 2.57 -17.33
C ILE E 566 -32.13 3.79 -17.88
N ALA E 567 -33.00 4.41 -17.05
CA ALA E 567 -33.65 5.58 -17.56
C ALA E 567 -32.66 6.70 -17.90
N ALA E 568 -31.66 6.91 -17.06
CA ALA E 568 -30.66 7.95 -17.29
C ALA E 568 -29.89 7.57 -18.59
N ARG E 569 -29.61 6.28 -18.79
CA ARG E 569 -28.87 5.88 -20.01
C ARG E 569 -29.65 6.22 -21.27
N ILE E 570 -30.97 5.99 -21.23
CA ILE E 570 -31.83 6.30 -22.34
C ILE E 570 -31.92 7.82 -22.56
N ALA E 571 -32.09 8.56 -21.47
CA ALA E 571 -32.21 10.02 -21.57
C ALA E 571 -30.94 10.64 -22.15
N ASN E 572 -29.79 10.14 -21.69
CA ASN E 572 -28.51 10.69 -22.15
C ASN E 572 -28.27 10.29 -23.61
N ALA E 573 -28.76 9.12 -24.02
CA ALA E 573 -28.58 8.71 -25.43
C ALA E 573 -29.42 9.63 -26.30
N LEU E 574 -30.65 9.95 -25.84
CA LEU E 574 -31.48 10.84 -26.65
C LEU E 574 -30.95 12.27 -26.67
N ARG E 575 -30.45 12.76 -25.54
CA ARG E 575 -29.86 14.10 -25.48
C ARG E 575 -28.71 14.20 -26.50
N ASP E 576 -27.79 13.24 -26.43
CA ASP E 576 -26.66 13.28 -27.35
C ASP E 576 -27.13 13.26 -28.82
N MET E 577 -28.16 12.48 -29.16
CA MET E 577 -28.66 12.45 -30.52
C MET E 577 -29.25 13.78 -30.95
N TYR E 578 -29.99 14.44 -30.04
CA TYR E 578 -30.57 15.73 -30.41
C TYR E 578 -29.46 16.77 -30.53
N GLN E 579 -28.50 16.75 -29.62
CA GLN E 579 -27.38 17.70 -29.69
C GLN E 579 -26.66 17.53 -31.05
N LYS E 580 -26.37 16.30 -31.43
CA LYS E 580 -25.69 16.07 -32.72
C LYS E 580 -26.53 16.46 -33.95
N ASP E 581 -27.85 16.51 -33.79
CA ASP E 581 -28.76 16.84 -34.88
C ASP E 581 -29.07 18.34 -34.86
N GLY E 582 -28.32 19.09 -34.05
CA GLY E 582 -28.54 20.51 -33.98
C GLY E 582 -29.90 20.90 -33.43
N LYS E 583 -30.49 20.09 -32.55
CA LYS E 583 -31.80 20.40 -31.99
C LYS E 583 -31.67 20.71 -30.49
N ALA E 584 -31.18 21.92 -30.19
CA ALA E 584 -30.94 22.33 -28.81
C ALA E 584 -32.14 22.29 -27.85
N GLU E 585 -33.33 22.70 -28.30
CA GLU E 585 -34.50 22.70 -27.44
C GLU E 585 -34.91 21.26 -27.08
N MET E 586 -34.86 20.37 -28.06
CA MET E 586 -35.19 18.98 -27.79
C MET E 586 -34.14 18.36 -26.88
N ALA E 587 -32.85 18.64 -27.10
CA ALA E 587 -31.81 18.10 -26.24
C ALA E 587 -31.98 18.58 -24.79
N ALA E 588 -32.45 19.81 -24.61
CA ALA E 588 -32.62 20.36 -23.26
C ALA E 588 -33.65 19.57 -22.46
N GLN E 589 -34.64 18.99 -23.14
CA GLN E 589 -35.69 18.20 -22.43
C GLN E 589 -35.08 17.00 -21.77
N PHE E 590 -33.90 16.62 -22.24
CA PHE E 590 -33.22 15.43 -21.70
C PHE E 590 -32.11 15.65 -20.73
N GLU E 591 -32.00 16.89 -20.22
CA GLU E 591 -31.02 17.24 -19.20
C GLU E 591 -31.47 16.67 -17.88
N GLY E 592 -30.56 16.63 -16.92
CA GLY E 592 -30.93 16.20 -15.58
C GLY E 592 -30.77 14.75 -15.26
N PHE E 593 -30.04 14.01 -16.10
CA PHE E 593 -29.81 12.59 -15.82
C PHE E 593 -28.34 12.23 -15.73
N ASP E 594 -27.54 13.13 -15.16
CA ASP E 594 -26.09 12.86 -14.99
C ASP E 594 -25.94 12.09 -13.68
N TRP E 595 -26.38 10.84 -13.70
CA TRP E 595 -26.38 10.01 -12.51
C TRP E 595 -25.46 8.83 -12.68
N LYS E 596 -24.71 8.59 -11.62
CA LYS E 596 -23.76 7.49 -11.55
C LYS E 596 -24.23 6.36 -10.65
N THR E 597 -25.12 6.68 -9.68
CA THR E 597 -25.63 5.69 -8.77
C THR E 597 -27.09 6.01 -8.45
N GLU E 598 -27.84 5.00 -7.98
CA GLU E 598 -29.27 5.19 -7.68
C GLU E 598 -29.47 6.27 -6.61
N GLU E 599 -28.49 6.48 -5.73
CA GLU E 599 -28.64 7.53 -4.70
C GLU E 599 -28.77 8.90 -5.39
N ASP E 600 -28.18 9.07 -6.58
CA ASP E 600 -28.34 10.35 -7.31
C ASP E 600 -29.82 10.60 -7.66
N ALA E 601 -30.58 9.53 -7.94
CA ALA E 601 -31.99 9.63 -8.30
C ALA E 601 -32.78 9.92 -7.01
N PHE E 602 -32.35 9.36 -5.89
CA PHE E 602 -33.02 9.67 -4.59
C PHE E 602 -32.83 11.17 -4.32
N ASN E 603 -31.60 11.67 -4.48
CA ASN E 603 -31.35 13.10 -4.28
C ASN E 603 -32.06 14.03 -5.23
N ASP E 604 -32.24 13.61 -6.48
CA ASP E 604 -32.85 14.46 -7.48
C ASP E 604 -34.39 14.48 -7.44
N GLY E 605 -34.99 13.44 -6.87
CA GLY E 605 -36.45 13.33 -6.86
C GLY E 605 -37.01 13.51 -5.46
N PHE E 606 -37.03 12.41 -4.73
CA PHE E 606 -37.56 12.41 -3.36
C PHE E 606 -37.06 13.61 -2.50
N ARG E 607 -35.75 13.82 -2.48
CA ARG E 607 -35.20 14.89 -1.64
C ARG E 607 -35.34 16.29 -2.20
N ARG E 608 -35.84 16.44 -3.42
CA ARG E 608 -36.00 17.78 -3.98
C ARG E 608 -37.45 18.23 -3.95
N ALA E 609 -38.34 17.30 -3.63
CA ALA E 609 -39.77 17.65 -3.66
C ALA E 609 -40.04 18.85 -2.74
N GLY E 610 -40.68 19.86 -3.33
CA GLY E 610 -41.06 21.06 -2.55
C GLY E 610 -39.92 22.02 -2.21
N GLN E 611 -38.71 21.75 -2.68
CA GLN E 611 -37.59 22.63 -2.35
C GLN E 611 -37.50 23.82 -3.28
N PRO E 612 -36.76 24.86 -2.87
CA PRO E 612 -36.60 26.07 -3.70
C PRO E 612 -35.96 25.73 -5.04
N GLY E 613 -36.57 26.19 -6.13
CA GLY E 613 -35.99 25.93 -7.44
C GLY E 613 -36.38 24.58 -8.04
N ALA E 614 -37.04 23.73 -7.26
CA ALA E 614 -37.43 22.43 -7.81
C ALA E 614 -38.62 22.50 -8.74
N PRO E 615 -38.71 21.58 -9.70
CA PRO E 615 -39.86 21.59 -10.62
C PRO E 615 -41.00 20.90 -9.82
N ALA E 616 -42.16 20.78 -10.47
CA ALA E 616 -43.32 20.12 -9.86
C ALA E 616 -42.98 18.65 -9.61
N ILE E 617 -43.12 18.21 -8.37
CA ILE E 617 -42.84 16.82 -8.03
C ILE E 617 -43.94 16.29 -7.11
N ASP E 618 -44.53 15.13 -7.45
CA ASP E 618 -45.54 14.45 -6.62
C ASP E 618 -44.76 13.36 -5.91
N SER E 619 -44.66 13.47 -4.58
CA SER E 619 -43.89 12.50 -3.81
C SER E 619 -44.56 12.05 -2.54
N GLN E 620 -44.54 10.75 -2.27
CA GLN E 620 -45.11 10.26 -1.00
C GLN E 620 -44.31 10.74 0.20
N GLY E 621 -43.11 11.31 -0.04
CA GLY E 621 -42.33 11.84 1.07
C GLY E 621 -42.71 13.29 1.37
N GLY E 622 -43.44 13.92 0.46
CA GLY E 622 -43.81 15.31 0.67
C GLY E 622 -42.63 16.28 0.71
N SER E 623 -42.89 17.49 1.19
CA SER E 623 -41.87 18.56 1.20
C SER E 623 -40.77 18.42 2.25
N THR E 624 -40.91 17.49 3.21
CA THR E 624 -39.87 17.25 4.21
C THR E 624 -39.02 16.01 3.83
N GLY E 625 -39.19 15.53 2.60
CA GLY E 625 -38.41 14.36 2.14
C GLY E 625 -36.91 14.61 2.18
N HIS E 626 -36.53 15.89 2.01
CA HIS E 626 -35.10 16.24 2.00
C HIS E 626 -34.45 15.92 3.31
N LEU E 627 -35.24 15.74 4.38
CA LEU E 627 -34.65 15.40 5.65
C LEU E 627 -34.13 13.97 5.71
N VAL E 628 -34.61 13.13 4.77
CA VAL E 628 -34.20 11.74 4.74
C VAL E 628 -32.95 11.65 3.85
N THR E 629 -31.96 10.89 4.32
CA THR E 629 -30.76 10.61 3.49
C THR E 629 -30.47 9.14 3.67
N TYR E 630 -29.68 8.55 2.78
CA TYR E 630 -29.36 7.15 3.01
C TYR E 630 -28.66 6.91 4.34
N ASP E 631 -27.76 7.79 4.75
CA ASP E 631 -27.03 7.56 5.99
C ASP E 631 -27.99 7.62 7.17
N ARG E 632 -28.93 8.55 7.11
CA ARG E 632 -29.90 8.68 8.21
C ARG E 632 -30.79 7.47 8.28
N LEU E 633 -31.22 6.97 7.13
CA LEU E 633 -32.06 5.74 7.14
C LEU E 633 -31.29 4.54 7.63
N ARG E 634 -30.03 4.42 7.18
CA ARG E 634 -29.26 3.32 7.66
C ARG E 634 -29.17 3.31 9.19
N LYS E 635 -28.96 4.49 9.78
CA LYS E 635 -28.86 4.64 11.23
C LYS E 635 -30.18 4.24 11.93
N SER E 636 -31.29 4.47 11.23
CA SER E 636 -32.61 4.13 11.77
C SER E 636 -32.87 2.63 11.77
N GLY E 637 -32.07 1.86 11.02
CA GLY E 637 -32.28 0.43 11.00
C GLY E 637 -33.54 0.06 10.22
N ASN E 638 -33.96 -1.17 10.40
CA ASN E 638 -35.16 -1.68 9.69
C ASN E 638 -36.43 -1.02 10.24
N ASN E 639 -36.32 -0.31 11.37
CA ASN E 639 -37.51 0.45 11.83
C ASN E 639 -37.72 1.74 11.03
N GLY E 640 -36.68 2.22 10.33
CA GLY E 640 -36.81 3.43 9.48
C GLY E 640 -37.58 4.56 10.20
N VAL E 641 -38.44 5.21 9.43
CA VAL E 641 -39.26 6.26 10.01
C VAL E 641 -40.61 6.30 9.28
N GLN E 642 -41.70 6.52 10.03
CA GLN E 642 -42.99 6.65 9.35
C GLN E 642 -43.15 8.06 8.81
N LEU E 643 -43.46 8.14 7.52
CA LEU E 643 -43.66 9.44 6.86
C LEU E 643 -45.04 10.01 7.24
N PRO E 644 -45.18 11.34 7.21
CA PRO E 644 -44.15 12.31 6.87
C PRO E 644 -43.14 12.54 8.01
N VAL E 645 -41.92 12.84 7.61
CA VAL E 645 -40.91 13.14 8.60
C VAL E 645 -41.24 14.54 9.14
N VAL E 646 -41.24 14.68 10.46
CA VAL E 646 -41.53 15.95 11.12
C VAL E 646 -40.24 16.70 11.42
N SER E 647 -39.17 15.98 11.73
CA SER E 647 -37.90 16.66 12.00
C SER E 647 -36.74 15.70 11.95
N TRP E 648 -35.54 16.27 11.95
CA TRP E 648 -34.33 15.47 12.02
C TRP E 648 -33.28 16.32 12.72
N ASP E 649 -32.53 15.66 13.58
CA ASP E 649 -31.34 16.26 14.19
C ASP E 649 -30.48 15.12 14.70
N GLU E 650 -29.22 15.39 14.98
CA GLU E 650 -28.32 14.32 15.40
C GLU E 650 -28.73 13.62 16.69
N SER E 651 -29.31 14.37 17.62
CA SER E 651 -29.67 13.75 18.90
C SER E 651 -30.88 12.84 18.89
N LYS E 652 -31.88 13.19 18.07
CA LYS E 652 -33.15 12.41 17.99
C LYS E 652 -33.29 11.55 16.73
N GLY E 653 -32.46 11.79 15.73
CA GLY E 653 -32.61 11.04 14.49
C GLY E 653 -33.85 11.53 13.78
N LEU E 654 -34.36 10.71 12.87
CA LEU E 654 -35.55 11.06 12.10
C LEU E 654 -36.79 10.86 13.02
N VAL E 655 -37.68 11.84 13.03
CA VAL E 655 -38.94 11.74 13.86
C VAL E 655 -40.09 11.80 12.87
N GLY E 656 -40.96 10.78 12.91
CA GLY E 656 -42.06 10.64 11.96
C GLY E 656 -43.48 10.85 12.46
N THR E 657 -44.43 10.27 11.72
CA THR E 657 -45.89 10.47 11.99
C THR E 657 -46.56 9.10 12.09
N GLU E 658 -47.21 8.81 13.23
CA GLU E 658 -47.85 7.51 13.42
C GLU E 658 -49.19 7.35 12.67
N MET E 659 -50.09 8.31 12.91
CA MET E 659 -51.43 8.28 12.28
C MET E 659 -51.77 9.60 11.67
N LEU E 660 -52.49 9.61 10.56
CA LEU E 660 -52.89 10.86 9.93
C LEU E 660 -54.32 11.23 10.38
N TYR E 661 -54.62 12.51 10.31
CA TYR E 661 -55.97 13.05 10.54
C TYR E 661 -56.43 13.02 11.98
N THR E 662 -55.49 12.96 12.92
CA THR E 662 -55.86 12.89 14.33
C THR E 662 -56.47 14.22 14.84
N GLU E 663 -56.37 15.28 14.07
CA GLU E 663 -56.92 16.58 14.47
C GLU E 663 -58.08 16.95 13.59
N GLY E 664 -58.45 16.03 12.70
CA GLY E 664 -59.56 16.29 11.83
C GLY E 664 -59.26 17.22 10.66
N LYS E 665 -57.98 17.43 10.34
CA LYS E 665 -57.63 18.26 9.20
C LYS E 665 -57.35 17.33 8.01
N PHE E 666 -58.32 17.28 7.11
CA PHE E 666 -58.25 16.40 5.97
C PHE E 666 -57.64 17.04 4.73
N ASP E 667 -57.31 16.21 3.76
CA ASP E 667 -56.65 16.69 2.54
C ASP E 667 -57.61 17.17 1.50
N THR E 668 -58.27 18.28 1.82
CA THR E 668 -59.24 18.91 0.93
C THR E 668 -59.10 20.42 1.03
N ASP E 669 -59.80 21.10 0.10
CA ASP E 669 -59.88 22.56 -0.01
C ASP E 669 -60.14 23.21 1.34
N ASP E 670 -61.18 22.72 2.02
CA ASP E 670 -61.57 23.32 3.30
C ASP E 670 -61.12 22.55 4.53
N GLY E 671 -60.28 21.50 4.35
CA GLY E 671 -59.80 20.72 5.48
C GLY E 671 -60.80 19.77 6.14
N LYS E 672 -62.01 19.70 5.57
CA LYS E 672 -63.04 18.80 6.06
C LYS E 672 -63.09 17.53 5.21
N ALA E 673 -63.52 16.42 5.79
CA ALA E 673 -63.69 15.17 5.03
C ALA E 673 -65.00 15.37 4.26
N HIS E 674 -65.06 14.91 3.01
CA HIS E 674 -66.25 15.09 2.19
C HIS E 674 -66.99 13.81 1.88
N PHE E 675 -68.29 13.78 2.20
CA PHE E 675 -69.15 12.64 1.91
C PHE E 675 -69.47 12.68 0.41
N LYS E 676 -69.73 11.52 -0.18
CA LYS E 676 -70.07 11.43 -1.57
C LYS E 676 -71.26 10.53 -1.83
N PRO E 677 -71.98 10.78 -2.93
CA PRO E 677 -73.12 9.92 -3.29
C PRO E 677 -72.60 8.55 -3.74
N ALA E 678 -73.34 7.48 -3.51
CA ALA E 678 -72.91 6.13 -3.93
C ALA E 678 -74.09 5.38 -4.53
N PRO E 679 -74.39 5.65 -5.82
CA PRO E 679 -75.51 4.97 -6.48
C PRO E 679 -75.29 3.48 -6.64
N TRP E 680 -76.34 2.69 -6.37
CA TRP E 680 -76.23 1.24 -6.54
C TRP E 680 -76.80 0.92 -7.95
N ASN E 681 -75.94 0.48 -8.85
CA ASN E 681 -76.35 0.21 -10.24
C ASN E 681 -76.36 -1.24 -10.66
N GLY E 682 -76.11 -2.16 -9.74
CA GLY E 682 -76.08 -3.55 -10.11
C GLY E 682 -74.72 -3.81 -10.81
N LEU E 683 -74.55 -5.00 -11.33
CA LEU E 683 -73.29 -5.35 -12.04
C LEU E 683 -73.24 -4.55 -13.33
N PRO E 684 -72.03 -4.23 -13.83
CA PRO E 684 -71.93 -3.48 -15.08
C PRO E 684 -72.60 -4.33 -16.17
N ALA E 685 -73.15 -3.66 -17.20
CA ALA E 685 -73.85 -4.39 -18.23
C ALA E 685 -72.93 -5.39 -18.92
N THR E 686 -71.68 -4.99 -19.17
CA THR E 686 -70.72 -5.92 -19.80
C THR E 686 -70.57 -7.20 -18.99
N VAL E 687 -70.47 -7.06 -17.66
CA VAL E 687 -70.31 -8.24 -16.80
C VAL E 687 -71.60 -9.05 -16.68
N GLN E 688 -72.71 -8.33 -16.55
CA GLN E 688 -74.01 -9.00 -16.47
C GLN E 688 -74.26 -9.87 -17.71
N GLN E 689 -73.84 -9.41 -18.89
CA GLN E 689 -74.03 -10.22 -20.10
C GLN E 689 -73.27 -11.51 -20.00
N GLN E 690 -72.05 -11.50 -19.45
CA GLN E 690 -71.35 -12.76 -19.30
C GLN E 690 -72.07 -13.65 -18.25
N LYS E 691 -72.54 -13.05 -17.14
CA LYS E 691 -73.23 -13.82 -16.11
C LYS E 691 -74.53 -14.45 -16.65
N ASP E 692 -75.21 -13.77 -17.57
CA ASP E 692 -76.47 -14.28 -18.09
C ASP E 692 -76.24 -15.44 -19.04
N LYS E 693 -75.04 -15.49 -19.63
CA LYS E 693 -74.69 -16.51 -20.59
C LYS E 693 -73.97 -17.72 -20.05
N TYR E 694 -73.17 -17.50 -19.01
CA TYR E 694 -72.29 -18.52 -18.42
C TYR E 694 -72.55 -18.84 -16.97
N ARG E 695 -72.12 -20.02 -16.58
CA ARG E 695 -72.44 -20.55 -15.27
C ARG E 695 -71.72 -20.07 -14.03
N PHE E 696 -70.40 -20.05 -14.12
CA PHE E 696 -69.56 -19.79 -12.96
C PHE E 696 -68.97 -18.43 -12.75
N TRP E 697 -68.99 -17.95 -11.51
CA TRP E 697 -68.38 -16.67 -11.20
C TRP E 697 -66.86 -16.99 -11.15
N LEU E 698 -66.07 -16.24 -11.94
CA LEU E 698 -64.64 -16.53 -12.01
C LEU E 698 -63.84 -15.58 -11.11
N ASN E 699 -63.99 -15.79 -9.79
CA ASN E 699 -63.24 -15.02 -8.80
C ASN E 699 -61.77 -15.42 -9.05
N ASN E 700 -60.86 -14.57 -8.59
CA ASN E 700 -59.45 -14.82 -8.91
C ASN E 700 -58.66 -13.95 -7.94
N GLY E 701 -57.40 -14.32 -7.73
CA GLY E 701 -56.61 -13.55 -6.80
C GLY E 701 -55.37 -14.35 -6.40
N ARG E 702 -54.96 -14.06 -5.18
CA ARG E 702 -53.73 -14.61 -4.62
C ARG E 702 -53.72 -15.93 -3.93
N ASN E 703 -52.52 -16.55 -3.97
CA ASN E 703 -52.21 -17.77 -3.27
C ASN E 703 -50.99 -17.38 -2.37
N ASN E 704 -51.01 -17.78 -1.11
CA ASN E 704 -49.99 -17.41 -0.14
C ASN E 704 -48.54 -17.73 -0.61
N GLU E 705 -48.35 -18.89 -1.22
CA GLU E 705 -47.01 -19.28 -1.60
C GLU E 705 -46.51 -18.64 -2.89
N VAL E 706 -47.43 -18.33 -3.81
CA VAL E 706 -47.05 -17.77 -5.12
C VAL E 706 -46.94 -16.24 -5.11
N TRP E 707 -45.80 -15.71 -5.57
CA TRP E 707 -45.64 -14.29 -5.67
C TRP E 707 -45.88 -13.75 -7.05
N GLN E 708 -47.00 -13.01 -7.20
CA GLN E 708 -47.31 -12.30 -8.44
C GLN E 708 -47.26 -13.20 -9.70
N THR E 709 -46.53 -12.74 -10.72
CA THR E 709 -46.46 -13.52 -11.97
C THR E 709 -45.45 -14.64 -11.92
N ALA E 710 -45.00 -14.98 -10.72
CA ALA E 710 -44.10 -16.14 -10.49
C ALA E 710 -42.80 -16.00 -11.33
N TYR E 711 -42.28 -14.79 -11.44
CA TYR E 711 -41.07 -14.54 -12.30
C TYR E 711 -39.90 -15.28 -11.67
N HIS E 712 -39.81 -15.31 -10.35
CA HIS E 712 -38.77 -16.15 -9.68
C HIS E 712 -39.32 -17.58 -9.46
N ASP E 713 -40.56 -17.70 -8.94
CA ASP E 713 -41.14 -18.97 -8.62
C ASP E 713 -41.17 -20.01 -9.72
N GLN E 714 -41.27 -19.54 -10.97
CA GLN E 714 -41.29 -20.46 -12.10
C GLN E 714 -39.99 -21.27 -12.19
N TYR E 715 -38.96 -20.81 -11.49
CA TYR E 715 -37.63 -21.51 -11.57
C TYR E 715 -37.38 -22.34 -10.35
N ASN E 716 -38.27 -22.21 -9.36
CA ASN E 716 -38.08 -22.92 -8.10
C ASN E 716 -38.68 -24.33 -8.07
N SER E 717 -37.83 -25.34 -7.84
CA SER E 717 -38.31 -26.73 -7.92
C SER E 717 -39.47 -27.08 -6.97
N LEU E 718 -39.45 -26.55 -5.76
CA LEU E 718 -40.53 -26.85 -4.79
C LEU E 718 -41.82 -26.19 -5.28
N MET E 719 -41.74 -24.95 -5.72
CA MET E 719 -42.97 -24.25 -6.19
C MET E 719 -43.55 -24.96 -7.40
N GLN E 720 -42.69 -25.42 -8.33
CA GLN E 720 -43.20 -26.06 -9.48
C GLN E 720 -43.73 -27.45 -9.23
N GLU E 721 -43.25 -28.08 -8.18
CA GLU E 721 -43.75 -29.38 -7.82
C GLU E 721 -45.17 -29.22 -7.18
N ARG E 722 -45.33 -28.14 -6.43
CA ARG E 722 -46.57 -27.87 -5.66
C ARG E 722 -47.68 -27.26 -6.52
N TYR E 723 -47.29 -26.33 -7.38
CA TYR E 723 -48.24 -25.65 -8.26
C TYR E 723 -47.69 -25.70 -9.72
N PRO E 724 -47.76 -26.86 -10.37
CA PRO E 724 -47.24 -26.96 -11.74
C PRO E 724 -48.10 -26.16 -12.71
N MET E 725 -49.37 -25.93 -12.34
CA MET E 725 -50.27 -25.17 -13.19
C MET E 725 -51.16 -24.30 -12.26
N ALA E 726 -51.71 -23.21 -12.81
CA ALA E 726 -52.68 -22.32 -12.06
C ALA E 726 -53.82 -23.28 -11.68
N TYR E 727 -54.42 -23.10 -10.48
CA TYR E 727 -55.48 -24.00 -10.08
C TYR E 727 -56.78 -23.18 -9.93
N ILE E 728 -57.88 -23.90 -10.02
CA ILE E 728 -59.21 -23.29 -9.88
C ILE E 728 -59.98 -24.05 -8.76
N GLU E 729 -60.27 -23.31 -7.68
CA GLU E 729 -61.01 -23.88 -6.55
C GLU E 729 -62.48 -24.00 -7.02
N MET E 730 -63.03 -25.17 -6.83
CA MET E 730 -64.41 -25.47 -7.25
C MET E 730 -65.20 -26.15 -6.10
N ASN E 731 -66.51 -25.83 -6.03
CA ASN E 731 -67.39 -26.41 -5.04
C ASN E 731 -67.49 -27.91 -5.37
N PRO E 732 -67.45 -28.78 -4.37
CA PRO E 732 -67.52 -30.23 -4.61
C PRO E 732 -68.74 -30.78 -5.38
N ASP E 733 -69.92 -30.22 -5.15
CA ASP E 733 -71.08 -30.70 -5.86
C ASP E 733 -70.95 -30.30 -7.32
N ASP E 734 -70.38 -29.12 -7.60
CA ASP E 734 -70.22 -28.67 -9.02
C ASP E 734 -69.17 -29.58 -9.69
N CYS E 735 -68.11 -29.94 -8.95
CA CYS E 735 -67.08 -30.81 -9.53
C CYS E 735 -67.65 -32.19 -9.82
N LYS E 736 -68.43 -32.75 -8.87
CA LYS E 736 -68.96 -34.09 -9.08
C LYS E 736 -69.88 -34.07 -10.29
N GLN E 737 -70.66 -33.00 -10.44
CA GLN E 737 -71.58 -32.88 -11.57
C GLN E 737 -70.83 -32.83 -12.91
N LEU E 738 -69.71 -32.09 -12.96
CA LEU E 738 -68.88 -31.99 -14.17
C LEU E 738 -67.87 -33.15 -14.29
N ASP E 739 -67.87 -34.07 -13.33
CA ASP E 739 -66.99 -35.23 -13.25
C ASP E 739 -65.50 -34.81 -13.31
N VAL E 740 -65.15 -33.80 -12.51
CA VAL E 740 -63.75 -33.40 -12.40
C VAL E 740 -63.34 -33.48 -10.97
N THR E 741 -62.07 -33.82 -10.74
CA THR E 741 -61.58 -33.88 -9.39
C THR E 741 -60.16 -33.27 -9.34
N GLY E 742 -59.53 -33.30 -8.18
CA GLY E 742 -58.21 -32.66 -8.06
C GLY E 742 -57.21 -33.21 -9.09
N GLY E 743 -56.55 -32.32 -9.83
CA GLY E 743 -55.57 -32.80 -10.80
C GLY E 743 -56.11 -32.92 -12.19
N ASP E 744 -57.44 -32.83 -12.38
CA ASP E 744 -57.94 -32.79 -13.75
C ASP E 744 -57.68 -31.41 -14.34
N ILE E 745 -57.57 -31.30 -15.66
CA ILE E 745 -57.40 -29.97 -16.24
C ILE E 745 -58.73 -29.59 -16.90
N VAL E 746 -59.09 -28.33 -16.78
CA VAL E 746 -60.28 -27.79 -17.44
C VAL E 746 -60.02 -26.55 -18.22
N GLU E 747 -60.83 -26.31 -19.26
CA GLU E 747 -60.81 -25.08 -19.99
C GLU E 747 -61.82 -24.16 -19.26
N VAL E 748 -61.46 -22.90 -19.08
CA VAL E 748 -62.36 -21.87 -18.46
C VAL E 748 -62.50 -20.87 -19.59
N TYR E 749 -63.72 -20.45 -19.94
CA TYR E 749 -63.86 -19.58 -21.07
C TYR E 749 -65.18 -18.82 -21.05
N ASN E 750 -65.21 -17.74 -21.81
CA ASN E 750 -66.39 -16.91 -21.97
C ASN E 750 -66.22 -16.14 -23.26
N ASP E 751 -66.99 -15.07 -23.47
CA ASP E 751 -66.83 -14.35 -24.73
C ASP E 751 -65.47 -13.67 -24.89
N PHE E 752 -64.82 -13.35 -23.76
CA PHE E 752 -63.58 -12.61 -23.77
C PHE E 752 -62.34 -13.46 -24.02
N GLY E 753 -62.42 -14.73 -23.68
CA GLY E 753 -61.25 -15.55 -23.89
C GLY E 753 -61.40 -16.95 -23.38
N SER E 754 -60.29 -17.68 -23.49
CA SER E 754 -60.25 -19.04 -23.06
C SER E 754 -58.89 -19.30 -22.37
N THR E 755 -58.90 -20.00 -21.27
CA THR E 755 -57.69 -20.35 -20.56
C THR E 755 -57.83 -21.70 -19.90
N PHE E 756 -56.84 -22.14 -19.12
CA PHE E 756 -56.88 -23.50 -18.54
C PHE E 756 -56.38 -23.46 -17.12
N ALA E 757 -56.85 -24.42 -16.32
CA ALA E 757 -56.44 -24.55 -14.94
C ALA E 757 -56.57 -26.00 -14.47
N MET E 758 -55.86 -26.36 -13.40
CA MET E 758 -56.01 -27.68 -12.79
C MET E 758 -57.08 -27.54 -11.70
N VAL E 759 -58.03 -28.47 -11.67
CA VAL E 759 -59.16 -28.40 -10.72
C VAL E 759 -58.67 -28.65 -9.28
N TYR E 760 -59.22 -27.87 -8.33
CA TYR E 760 -58.85 -28.02 -6.93
C TYR E 760 -60.17 -27.96 -6.16
N PRO E 761 -60.77 -29.12 -5.87
CA PRO E 761 -62.06 -29.11 -5.12
C PRO E 761 -61.83 -28.53 -3.75
N VAL E 762 -62.74 -27.61 -3.37
CA VAL E 762 -62.65 -26.92 -2.08
C VAL E 762 -64.08 -26.86 -1.51
N ALA E 763 -64.25 -27.54 -0.39
CA ALA E 763 -65.58 -27.64 0.27
C ALA E 763 -66.17 -26.26 0.56
N GLU E 764 -65.30 -25.28 0.84
CA GLU E 764 -65.77 -23.94 1.17
C GLU E 764 -66.33 -23.08 0.04
N ILE E 765 -66.02 -23.42 -1.21
CA ILE E 765 -66.49 -22.63 -2.32
C ILE E 765 -68.01 -22.84 -2.48
N LYS E 766 -68.71 -21.78 -2.81
CA LYS E 766 -70.16 -21.87 -3.00
C LYS E 766 -70.51 -22.41 -4.37
N ARG E 767 -71.68 -23.07 -4.47
CA ARG E 767 -72.10 -23.53 -5.80
C ARG E 767 -72.20 -22.37 -6.78
N GLY E 768 -71.72 -22.59 -7.99
CA GLY E 768 -71.77 -21.57 -9.02
C GLY E 768 -70.63 -20.56 -8.90
N GLN E 769 -69.74 -20.79 -7.95
CA GLN E 769 -68.60 -19.85 -7.80
C GLN E 769 -67.28 -20.68 -7.92
N THR E 770 -66.16 -19.99 -8.20
CA THR E 770 -64.84 -20.66 -8.31
C THR E 770 -63.83 -19.60 -7.92
N PHE E 771 -62.58 -20.01 -7.71
CA PHE E 771 -61.52 -19.02 -7.48
C PHE E 771 -60.26 -19.57 -8.22
N MET E 772 -59.73 -18.77 -9.12
CA MET E 772 -58.54 -19.20 -9.87
C MET E 772 -57.33 -18.30 -9.55
N LEU E 773 -56.16 -18.92 -9.40
CA LEU E 773 -54.93 -18.18 -9.15
C LEU E 773 -54.73 -17.19 -10.33
N PHE E 774 -54.45 -15.93 -10.05
CA PHE E 774 -54.28 -14.96 -11.14
C PHE E 774 -52.78 -14.90 -11.60
N GLY E 775 -52.62 -14.37 -12.81
CA GLY E 775 -51.31 -13.96 -13.36
C GLY E 775 -50.22 -14.99 -13.50
N TYR E 776 -50.57 -16.26 -13.52
CA TYR E 776 -49.57 -17.33 -13.48
C TYR E 776 -48.91 -17.66 -14.82
N VAL E 777 -47.80 -18.41 -14.71
CA VAL E 777 -46.99 -18.77 -15.88
C VAL E 777 -47.52 -19.97 -16.62
N ASN E 778 -48.49 -20.69 -16.06
CA ASN E 778 -49.07 -21.86 -16.77
C ASN E 778 -50.61 -21.81 -16.56
N GLY E 779 -51.30 -21.15 -17.49
CA GLY E 779 -52.76 -20.96 -17.42
C GLY E 779 -52.99 -19.54 -16.89
N ILE E 780 -53.08 -18.55 -17.77
CA ILE E 780 -53.25 -17.17 -17.44
C ILE E 780 -54.74 -16.89 -17.17
N GLN E 781 -55.01 -16.45 -15.93
CA GLN E 781 -56.42 -16.20 -15.59
C GLN E 781 -57.05 -15.05 -16.38
N GLY E 782 -56.28 -13.98 -16.62
CA GLY E 782 -56.79 -12.76 -17.23
C GLY E 782 -57.49 -12.85 -18.57
N ASP E 783 -57.29 -13.95 -19.30
CA ASP E 783 -57.91 -14.13 -20.61
C ASP E 783 -59.42 -14.08 -20.51
N VAL E 784 -59.98 -14.41 -19.34
CA VAL E 784 -61.45 -14.40 -19.22
C VAL E 784 -62.00 -13.16 -18.49
N THR E 785 -61.16 -12.18 -18.17
CA THR E 785 -61.66 -10.95 -17.49
C THR E 785 -62.15 -10.05 -18.62
N THR E 786 -63.10 -9.16 -18.32
CA THR E 786 -63.66 -8.30 -19.35
C THR E 786 -62.91 -6.98 -19.50
N ASP E 787 -63.32 -6.15 -20.46
CA ASP E 787 -62.71 -4.86 -20.68
C ASP E 787 -63.38 -3.75 -19.90
N TRP E 788 -64.30 -4.13 -19.02
CA TRP E 788 -65.01 -3.10 -18.25
C TRP E 788 -64.18 -2.41 -17.18
N THR E 789 -64.28 -1.09 -17.15
CA THR E 789 -63.60 -0.30 -16.14
C THR E 789 -64.52 0.79 -15.61
N ASP E 790 -64.18 1.32 -14.44
CA ASP E 790 -65.00 2.39 -13.85
C ASP E 790 -64.72 3.73 -14.49
N ARG E 791 -65.20 4.81 -13.89
CA ARG E 791 -65.04 6.11 -14.52
C ARG E 791 -63.63 6.63 -14.74
N ASP E 792 -62.69 6.05 -14.01
CA ASP E 792 -61.31 6.45 -14.08
C ASP E 792 -60.44 5.35 -14.71
N ILE E 793 -61.12 4.41 -15.33
CA ILE E 793 -60.52 3.28 -15.99
C ILE E 793 -59.88 2.27 -15.02
N ILE E 794 -60.56 2.02 -13.90
CA ILE E 794 -60.10 1.00 -12.97
C ILE E 794 -60.89 -0.27 -13.30
N PRO E 795 -60.23 -1.36 -13.68
CA PRO E 795 -60.95 -2.59 -14.03
C PRO E 795 -61.63 -3.35 -12.94
N TYR E 796 -62.75 -3.99 -13.29
CA TYR E 796 -63.44 -4.90 -12.38
C TYR E 796 -62.85 -6.30 -12.66
N TYR E 797 -61.58 -6.50 -12.25
CA TYR E 797 -60.90 -7.78 -12.48
C TYR E 797 -61.61 -8.92 -11.77
N LYS E 798 -62.31 -8.63 -10.66
CA LYS E 798 -62.98 -9.67 -9.88
C LYS E 798 -64.39 -9.96 -10.39
N GLY E 799 -64.75 -9.36 -11.52
CA GLY E 799 -66.09 -9.49 -12.07
C GLY E 799 -66.16 -10.05 -13.46
N THR E 800 -66.34 -11.35 -13.53
CA THR E 800 -66.48 -12.08 -14.77
C THR E 800 -67.06 -13.43 -14.50
N TRP E 801 -67.75 -13.95 -15.50
CA TRP E 801 -68.37 -15.27 -15.41
C TRP E 801 -67.98 -16.08 -16.65
N GLY E 802 -67.96 -17.39 -16.52
CA GLY E 802 -67.62 -18.25 -17.66
C GLY E 802 -68.05 -19.68 -17.45
N ASP E 803 -67.82 -20.51 -18.47
CA ASP E 803 -68.13 -21.93 -18.40
C ASP E 803 -66.82 -22.72 -18.24
N ILE E 804 -66.95 -23.99 -17.90
CA ILE E 804 -65.82 -24.89 -17.60
C ILE E 804 -66.03 -26.18 -18.31
N ARG E 805 -64.97 -26.65 -18.97
CA ARG E 805 -65.07 -27.86 -19.78
C ARG E 805 -63.89 -28.72 -19.40
N LYS E 806 -64.15 -29.99 -19.16
CA LYS E 806 -63.14 -30.95 -18.75
C LYS E 806 -62.23 -31.28 -19.94
N VAL E 807 -60.92 -31.15 -19.74
CA VAL E 807 -59.96 -31.53 -20.79
C VAL E 807 -59.59 -33.00 -20.50
N GLY E 808 -59.19 -33.29 -19.26
CA GLY E 808 -58.86 -34.65 -18.90
C GLY E 808 -58.08 -34.71 -17.62
N SER E 809 -57.73 -35.92 -17.23
CA SER E 809 -56.99 -36.21 -16.02
C SER E 809 -55.49 -36.08 -16.22
N MET E 810 -54.85 -35.15 -15.53
CA MET E 810 -53.37 -35.01 -15.66
C MET E 810 -52.78 -35.95 -14.61
N SER E 811 -52.47 -37.18 -15.01
CA SER E 811 -52.03 -38.20 -14.08
C SER E 811 -50.85 -37.77 -13.22
N GLU E 812 -49.90 -37.03 -13.80
CA GLU E 812 -48.76 -36.64 -12.99
C GLU E 812 -49.14 -35.62 -11.89
N PHE E 813 -50.11 -34.75 -12.16
CA PHE E 813 -50.51 -33.81 -11.11
C PHE E 813 -51.15 -34.66 -10.00
N LYS E 814 -51.98 -35.64 -10.37
CA LYS E 814 -52.58 -36.48 -9.31
C LYS E 814 -51.55 -37.23 -8.49
N ARG E 815 -50.44 -37.61 -9.12
CA ARG E 815 -49.40 -38.35 -8.43
C ARG E 815 -48.54 -37.51 -7.51
N THR E 816 -48.38 -36.23 -7.84
CA THR E 816 -47.45 -35.36 -7.12
C THR E 816 -47.92 -34.08 -6.39
N VAL E 817 -49.13 -33.63 -6.70
CA VAL E 817 -49.69 -32.39 -6.14
C VAL E 817 -50.72 -32.63 -5.04
N SER E 818 -50.57 -31.96 -3.90
CA SER E 818 -51.58 -32.11 -2.84
C SER E 818 -52.80 -31.26 -3.20
N PHE E 819 -53.99 -31.84 -3.04
CA PHE E 819 -55.23 -31.11 -3.29
C PHE E 819 -56.02 -31.05 -1.97
N LYS E 820 -55.26 -31.13 -0.87
CA LYS E 820 -55.87 -31.05 0.46
C LYS E 820 -56.21 -29.61 0.82
N SER E 821 -56.99 -29.46 1.89
CA SER E 821 -57.48 -28.14 2.22
C SER E 821 -56.40 -27.16 2.62
N ARG E 822 -56.48 -25.97 2.04
CA ARG E 822 -55.62 -24.84 2.41
C ARG E 822 -56.27 -23.94 3.48
N ARG E 823 -57.40 -24.38 4.04
CA ARG E 823 -58.05 -23.58 5.08
C ARG E 823 -57.75 -24.36 6.37
N PHE E 824 -57.03 -23.74 7.28
CA PHE E 824 -56.66 -24.40 8.53
C PHE E 824 -57.91 -24.66 9.41
N GLY E 825 -58.20 -25.94 9.64
CA GLY E 825 -59.37 -26.26 10.44
C GLY E 825 -59.33 -27.72 10.80
N ARG F 1 -14.86 -37.53 5.22
CA ARG F 1 -16.32 -37.89 5.04
C ARG F 1 -17.21 -36.68 4.75
N THR F 2 -18.13 -36.85 3.81
CA THR F 2 -19.04 -35.81 3.38
C THR F 2 -20.46 -36.02 3.98
N THR F 3 -20.68 -37.19 4.56
CA THR F 3 -22.00 -37.51 5.10
C THR F 3 -22.03 -37.44 6.60
N LEU F 4 -23.23 -37.20 7.14
CA LEU F 4 -23.37 -37.20 8.58
C LEU F 4 -23.48 -38.66 9.03
N ALA F 5 -23.21 -38.95 10.29
CA ALA F 5 -23.32 -40.32 10.78
C ALA F 5 -24.67 -40.43 11.49
N TYR F 6 -25.68 -40.93 10.78
CA TYR F 6 -26.99 -41.10 11.40
C TYR F 6 -27.04 -42.44 12.11
N PRO F 7 -27.75 -42.49 13.23
CA PRO F 7 -27.87 -43.76 13.98
C PRO F 7 -28.86 -44.68 13.23
N ALA F 8 -28.92 -45.96 13.60
CA ALA F 8 -29.91 -46.88 12.99
C ALA F 8 -30.77 -47.14 14.23
N THR F 9 -31.97 -46.57 14.24
CA THR F 9 -32.85 -46.62 15.42
C THR F 9 -34.11 -47.47 15.15
N ALA F 10 -34.23 -48.56 15.88
CA ALA F 10 -35.40 -49.43 15.74
C ALA F 10 -36.65 -48.61 16.11
N VAL F 11 -37.68 -48.71 15.27
CA VAL F 11 -38.97 -48.03 15.56
C VAL F 11 -39.94 -49.12 16.11
N SER F 12 -40.28 -50.09 15.28
CA SER F 12 -41.15 -51.20 15.68
C SER F 12 -41.17 -52.20 14.54
N VAL F 13 -41.91 -53.28 14.69
CA VAL F 13 -42.10 -54.13 13.53
C VAL F 13 -43.37 -53.61 12.82
N ALA F 14 -43.39 -53.75 11.49
CA ALA F 14 -44.47 -53.25 10.67
C ALA F 14 -45.85 -53.82 11.02
N LYS F 15 -45.91 -55.13 11.32
CA LYS F 15 -47.22 -55.74 11.63
C LYS F 15 -47.82 -55.18 12.94
N ASN F 16 -47.04 -54.50 13.74
CA ASN F 16 -47.53 -53.91 15.00
C ASN F 16 -48.22 -52.57 14.77
N LEU F 17 -47.92 -51.90 13.67
CA LEU F 17 -48.55 -50.60 13.37
C LEU F 17 -49.99 -50.75 12.86
N ALA F 18 -50.93 -50.00 13.44
CA ALA F 18 -52.33 -50.06 12.93
C ALA F 18 -52.52 -48.94 11.90
N ALA F 19 -53.42 -49.15 10.96
CA ALA F 19 -53.68 -48.16 9.92
C ALA F 19 -54.07 -46.80 10.51
N ASN F 20 -53.33 -45.81 10.04
CA ASN F 20 -53.51 -44.43 10.42
C ASN F 20 -53.46 -44.10 11.90
N GLU F 21 -52.71 -44.90 12.67
CA GLU F 21 -52.50 -44.67 14.11
C GLU F 21 -51.02 -44.35 14.27
N PRO F 22 -50.69 -43.06 14.39
CA PRO F 22 -49.31 -42.59 14.55
C PRO F 22 -48.52 -43.12 15.70
N VAL F 23 -47.24 -43.37 15.43
CA VAL F 23 -46.34 -43.85 16.45
C VAL F 23 -45.30 -42.74 16.68
N SER F 24 -45.14 -42.32 17.92
CA SER F 24 -44.16 -41.27 18.25
C SER F 24 -42.84 -41.94 18.59
N PHE F 25 -41.74 -41.32 18.14
CA PHE F 25 -40.41 -41.83 18.48
C PHE F 25 -39.45 -40.65 18.26
N THR F 26 -38.22 -40.73 18.78
CA THR F 26 -37.24 -39.64 18.58
C THR F 26 -36.15 -40.15 17.65
N TYR F 27 -35.70 -39.25 16.77
CA TYR F 27 -34.64 -39.61 15.79
C TYR F 27 -34.16 -38.31 15.19
N PRO F 28 -32.85 -38.10 15.07
CA PRO F 28 -31.74 -38.99 15.43
C PRO F 28 -31.21 -38.84 16.84
N ASP F 29 -31.97 -38.15 17.70
CA ASP F 29 -31.58 -38.02 19.11
C ASP F 29 -32.86 -37.67 19.89
N THR F 30 -32.81 -37.71 21.21
CA THR F 30 -34.02 -37.46 22.02
C THR F 30 -34.60 -36.05 21.97
N SER F 31 -33.89 -35.12 21.35
CA SER F 31 -34.39 -33.77 21.19
C SER F 31 -35.10 -33.59 19.83
N SER F 32 -35.25 -34.66 19.06
CA SER F 32 -35.86 -34.57 17.74
C SER F 32 -37.09 -35.48 17.64
N PRO F 33 -38.29 -34.93 17.90
CA PRO F 33 -39.49 -35.76 17.83
C PRO F 33 -39.93 -36.09 16.45
N CYS F 34 -40.36 -37.35 16.28
CA CYS F 34 -40.82 -37.83 14.99
C CYS F 34 -42.09 -38.65 15.15
N VAL F 35 -42.73 -38.91 14.04
CA VAL F 35 -43.94 -39.75 13.94
C VAL F 35 -43.84 -40.70 12.75
N ALA F 36 -44.15 -41.98 12.95
CA ALA F 36 -44.25 -42.93 11.84
C ALA F 36 -45.75 -43.32 11.73
N VAL F 37 -46.23 -43.57 10.52
CA VAL F 37 -47.62 -43.97 10.37
C VAL F 37 -47.79 -44.86 9.17
N LYS F 38 -48.59 -45.91 9.34
CA LYS F 38 -48.89 -46.82 8.24
C LYS F 38 -50.14 -46.14 7.66
N LEU F 39 -50.05 -45.59 6.45
CA LEU F 39 -51.16 -44.80 5.92
C LEU F 39 -52.39 -45.56 5.51
N GLY F 40 -52.22 -46.82 5.10
CA GLY F 40 -53.38 -47.59 4.67
C GLY F 40 -53.50 -47.77 3.16
N ALA F 41 -52.90 -46.89 2.38
CA ALA F 41 -52.90 -46.98 0.93
C ALA F 41 -51.49 -46.54 0.54
N PRO F 42 -50.92 -47.17 -0.50
CA PRO F 42 -49.57 -46.85 -0.97
C PRO F 42 -49.33 -45.39 -1.37
N VAL F 43 -48.13 -44.89 -1.05
CA VAL F 43 -47.73 -43.53 -1.41
C VAL F 43 -46.26 -43.62 -1.93
N PRO F 44 -45.88 -42.72 -2.87
CA PRO F 44 -44.49 -42.80 -3.38
C PRO F 44 -43.51 -42.84 -2.19
N GLY F 45 -42.62 -43.81 -2.15
CA GLY F 45 -41.72 -43.75 -1.00
C GLY F 45 -42.16 -44.37 0.35
N GLY F 46 -43.41 -44.80 0.45
CA GLY F 46 -43.77 -45.51 1.67
C GLY F 46 -43.08 -46.89 1.65
N VAL F 47 -42.84 -47.46 2.83
CA VAL F 47 -42.23 -48.78 2.94
C VAL F 47 -43.15 -49.80 3.60
N GLY F 48 -42.67 -51.02 3.76
CA GLY F 48 -43.52 -52.07 4.30
C GLY F 48 -44.23 -52.78 3.14
N PRO F 49 -44.93 -53.88 3.44
CA PRO F 49 -45.64 -54.65 2.41
C PRO F 49 -46.65 -53.93 1.56
N ASP F 50 -47.26 -52.87 2.11
CA ASP F 50 -48.24 -52.11 1.34
C ASP F 50 -47.64 -50.76 0.88
N ASP F 51 -46.32 -50.59 1.04
CA ASP F 51 -45.64 -49.36 0.63
C ASP F 51 -46.35 -48.12 1.14
N ASP F 52 -46.79 -48.19 2.38
CA ASP F 52 -47.56 -47.08 2.91
C ASP F 52 -47.10 -46.59 4.26
N ILE F 53 -45.92 -47.02 4.72
CA ILE F 53 -45.42 -46.57 6.00
C ILE F 53 -44.41 -45.46 5.78
N VAL F 54 -44.71 -44.32 6.38
CA VAL F 54 -43.87 -43.11 6.24
C VAL F 54 -43.54 -42.54 7.62
N ALA F 55 -42.47 -41.74 7.70
CA ALA F 55 -42.15 -41.09 8.99
C ALA F 55 -41.62 -39.70 8.71
N TYR F 56 -41.80 -38.82 9.67
CA TYR F 56 -41.37 -37.42 9.57
C TYR F 56 -40.90 -36.85 10.86
N SER F 57 -40.10 -35.79 10.76
CA SER F 57 -39.77 -34.99 11.92
C SER F 57 -41.10 -34.19 12.10
N VAL F 58 -41.58 -34.00 13.34
CA VAL F 58 -42.80 -33.22 13.50
C VAL F 58 -42.57 -31.75 13.82
N LEU F 59 -41.31 -31.30 13.93
CA LEU F 59 -41.06 -29.88 14.23
C LEU F 59 -41.28 -29.06 12.95
N CYS F 60 -42.12 -28.04 13.03
CA CYS F 60 -42.44 -27.26 11.85
C CYS F 60 -41.15 -26.59 11.37
N THR F 61 -40.91 -26.69 10.06
CA THR F 61 -39.75 -26.08 9.43
C THR F 61 -39.80 -24.54 9.33
N HIS F 62 -40.90 -23.92 9.71
CA HIS F 62 -40.92 -22.46 9.69
C HIS F 62 -40.17 -21.94 10.96
N MET F 63 -40.75 -22.15 12.15
CA MET F 63 -40.12 -21.72 13.39
C MET F 63 -40.13 -22.78 14.50
N GLY F 64 -40.36 -24.05 14.16
CA GLY F 64 -40.15 -25.14 15.10
C GLY F 64 -41.23 -25.58 16.05
N CYS F 65 -42.41 -24.99 15.92
CA CYS F 65 -43.48 -25.45 16.81
C CYS F 65 -43.77 -26.91 16.44
N PRO F 66 -44.04 -27.75 17.45
CA PRO F 66 -44.35 -29.16 17.17
C PRO F 66 -45.72 -29.19 16.44
N THR F 67 -45.78 -29.96 15.36
CA THR F 67 -47.00 -30.12 14.60
C THR F 67 -47.75 -31.32 15.15
N SER F 68 -49.04 -31.38 14.83
CA SER F 68 -49.83 -32.49 15.27
C SER F 68 -50.38 -33.19 14.05
N TYR F 69 -50.47 -34.52 14.14
CA TYR F 69 -50.99 -35.33 13.06
C TYR F 69 -52.52 -35.33 13.09
N ASP F 70 -53.14 -35.01 11.96
CA ASP F 70 -54.59 -35.05 11.81
C ASP F 70 -54.93 -36.31 11.04
N SER F 71 -55.44 -37.32 11.76
CA SER F 71 -55.85 -38.57 11.12
C SER F 71 -56.90 -38.44 9.99
N SER F 72 -57.80 -37.47 10.10
CA SER F 72 -58.84 -37.34 9.10
C SER F 72 -58.36 -36.84 7.76
N SER F 73 -57.28 -36.04 7.76
CA SER F 73 -56.75 -35.51 6.51
C SER F 73 -55.37 -36.07 6.14
N LYS F 74 -54.78 -36.83 7.06
CA LYS F 74 -53.44 -37.40 6.91
C LYS F 74 -52.45 -36.26 6.62
N THR F 75 -52.46 -35.30 7.53
CA THR F 75 -51.59 -34.15 7.43
C THR F 75 -51.01 -33.81 8.78
N PHE F 76 -49.99 -32.95 8.80
CA PHE F 76 -49.43 -32.48 10.06
C PHE F 76 -49.71 -30.99 10.08
N SER F 77 -50.31 -30.52 11.17
CA SER F 77 -50.71 -29.12 11.29
C SER F 77 -49.89 -28.35 12.31
N CYS F 78 -49.46 -27.14 11.95
CA CYS F 78 -48.75 -26.34 12.91
C CYS F 78 -49.68 -25.28 13.48
N PRO F 79 -49.78 -25.25 14.80
CA PRO F 79 -50.65 -24.28 15.49
C PRO F 79 -50.11 -22.84 15.63
N CYS F 80 -48.85 -22.60 15.28
CA CYS F 80 -48.26 -21.28 15.45
C CYS F 80 -48.59 -20.31 14.35
N HIS F 81 -48.31 -20.68 13.10
CA HIS F 81 -48.67 -19.80 11.98
C HIS F 81 -49.42 -20.49 10.90
N PHE F 82 -50.00 -21.65 11.26
CA PHE F 82 -51.01 -22.33 10.41
C PHE F 82 -50.57 -23.08 9.15
N THR F 83 -49.30 -23.44 9.16
CA THR F 83 -48.78 -24.22 8.04
C THR F 83 -49.28 -25.64 8.20
N GLU F 84 -49.60 -26.29 7.09
CA GLU F 84 -50.01 -27.70 7.18
C GLU F 84 -49.20 -28.47 6.07
N PHE F 85 -48.73 -29.67 6.40
CA PHE F 85 -47.93 -30.54 5.51
C PHE F 85 -48.66 -31.85 5.19
N ASP F 86 -48.52 -32.30 3.94
CA ASP F 86 -49.21 -33.50 3.47
C ASP F 86 -48.41 -34.78 3.72
N ALA F 87 -48.84 -35.64 4.65
CA ALA F 87 -48.10 -36.87 4.95
C ALA F 87 -48.09 -37.84 3.78
N GLU F 88 -49.01 -37.66 2.82
CA GLU F 88 -49.12 -38.54 1.66
C GLU F 88 -48.33 -38.05 0.43
N LYS F 89 -47.74 -36.84 0.51
CA LYS F 89 -46.96 -36.27 -0.58
C LYS F 89 -45.58 -35.87 -0.06
N ALA F 90 -44.99 -36.77 0.73
CA ALA F 90 -43.65 -36.55 1.27
C ALA F 90 -43.46 -35.21 1.99
N GLY F 91 -44.43 -34.84 2.84
CA GLY F 91 -44.30 -33.61 3.59
C GLY F 91 -44.54 -32.34 2.84
N GLN F 92 -45.07 -32.41 1.61
CA GLN F 92 -45.34 -31.22 0.81
C GLN F 92 -46.15 -30.18 1.58
N MET F 93 -45.67 -28.95 1.63
CA MET F 93 -46.44 -27.91 2.32
C MET F 93 -47.71 -27.60 1.55
N ILE F 94 -48.88 -27.83 2.19
CA ILE F 94 -50.16 -27.56 1.51
C ILE F 94 -50.43 -26.04 1.39
N CYS F 95 -50.18 -25.37 2.50
CA CYS F 95 -50.35 -23.90 2.65
C CYS F 95 -49.50 -23.57 3.85
N GLY F 96 -48.84 -22.42 3.85
CA GLY F 96 -48.07 -22.08 5.05
C GLY F 96 -46.91 -21.12 4.84
N GLU F 97 -46.15 -20.93 5.91
CA GLU F 97 -45.07 -19.95 5.86
C GLU F 97 -43.66 -20.54 5.77
N ALA F 98 -43.58 -21.84 5.84
CA ALA F 98 -42.30 -22.57 5.76
C ALA F 98 -41.79 -22.47 4.32
N THR F 99 -40.48 -22.67 4.19
CA THR F 99 -39.85 -22.65 2.85
C THR F 99 -39.20 -24.01 2.58
N ALA F 100 -39.56 -25.02 3.36
CA ALA F 100 -39.06 -26.38 3.15
C ALA F 100 -40.22 -27.33 3.48
N ASP F 101 -40.28 -28.46 2.81
CA ASP F 101 -41.30 -29.45 3.18
C ASP F 101 -40.91 -30.10 4.51
N LEU F 102 -41.84 -30.81 5.17
CA LEU F 102 -41.56 -31.43 6.48
C LEU F 102 -40.45 -32.49 6.25
N PRO F 103 -39.36 -32.50 7.07
CA PRO F 103 -38.30 -33.50 6.81
C PRO F 103 -38.78 -34.94 6.89
N ARG F 104 -38.35 -35.75 5.94
CA ARG F 104 -38.74 -37.16 5.94
C ARG F 104 -37.74 -38.00 6.70
N VAL F 105 -38.22 -38.90 7.56
CA VAL F 105 -37.33 -39.82 8.24
C VAL F 105 -37.27 -41.05 7.33
N LEU F 106 -36.07 -41.36 6.83
CA LEU F 106 -35.90 -42.53 5.97
C LEU F 106 -35.98 -43.82 6.78
N LEU F 107 -36.86 -44.71 6.36
CA LEU F 107 -37.06 -45.99 7.02
C LEU F 107 -36.63 -47.16 6.17
N ARG F 108 -36.02 -48.13 6.82
CA ARG F 108 -35.66 -49.34 6.14
C ARG F 108 -36.67 -50.40 6.66
N TYR F 109 -37.25 -51.16 5.77
CA TYR F 109 -38.14 -52.25 6.16
C TYR F 109 -37.39 -53.55 5.85
N ASP F 110 -37.21 -54.38 6.88
CA ASP F 110 -36.50 -55.65 6.74
C ASP F 110 -37.52 -56.81 6.75
N ALA F 111 -37.81 -57.40 5.59
CA ALA F 111 -38.76 -58.52 5.51
C ALA F 111 -38.40 -59.74 6.39
N ALA F 112 -37.10 -60.03 6.58
CA ALA F 112 -36.70 -61.20 7.37
C ALA F 112 -37.10 -61.11 8.84
N SER F 113 -37.17 -59.89 9.36
CA SER F 113 -37.50 -59.68 10.78
C SER F 113 -38.81 -58.91 10.99
N ASP F 114 -39.29 -58.29 9.91
CA ASP F 114 -40.48 -57.40 9.87
C ASP F 114 -40.13 -56.04 10.51
N ALA F 115 -38.86 -55.81 10.84
CA ALA F 115 -38.41 -54.56 11.49
C ALA F 115 -38.40 -53.31 10.65
N LEU F 116 -38.81 -52.19 11.25
CA LEU F 116 -38.75 -50.84 10.62
C LEU F 116 -37.64 -50.12 11.42
N THR F 117 -36.66 -49.58 10.69
CA THR F 117 -35.53 -48.90 11.31
C THR F 117 -35.39 -47.51 10.69
N ALA F 118 -35.19 -46.48 11.50
CA ALA F 118 -35.01 -45.10 11.00
C ALA F 118 -33.51 -45.05 10.69
N VAL F 119 -33.17 -44.68 9.47
CA VAL F 119 -31.76 -44.69 9.12
C VAL F 119 -31.20 -43.37 8.55
N GLY F 120 -32.04 -42.40 8.28
CA GLY F 120 -31.53 -41.13 7.78
C GLY F 120 -32.65 -40.12 7.78
N VAL F 121 -32.34 -38.89 7.41
CA VAL F 121 -33.35 -37.84 7.31
C VAL F 121 -33.13 -37.08 5.99
N ASP F 122 -34.20 -36.84 5.26
CA ASP F 122 -34.15 -36.08 3.99
C ASP F 122 -34.77 -34.72 4.32
N GLY F 123 -33.95 -33.67 4.39
CA GLY F 123 -34.43 -32.33 4.73
C GLY F 123 -33.72 -31.97 6.02
N LEU F 124 -33.69 -30.69 6.41
CA LEU F 124 -32.97 -30.35 7.61
C LEU F 124 -33.99 -30.09 8.73
N ILE F 125 -33.86 -30.84 9.80
CA ILE F 125 -34.75 -30.68 10.97
C ILE F 125 -34.60 -29.26 11.53
N TYR F 126 -35.73 -28.67 11.97
CA TYR F 126 -35.70 -27.36 12.59
C TYR F 126 -34.72 -27.23 13.76
N GLY F 127 -34.13 -26.04 13.87
CA GLY F 127 -33.38 -25.68 15.03
C GLY F 127 -32.04 -26.29 15.30
N ARG F 128 -31.41 -26.72 14.22
CA ARG F 128 -30.07 -27.33 14.42
C ARG F 128 -29.26 -27.00 13.15
N GLN F 129 -27.94 -26.96 13.35
CA GLN F 129 -27.06 -26.60 12.27
C GLN F 129 -26.83 -27.80 11.32
N ALA F 130 -27.02 -29.01 11.83
CA ALA F 130 -26.91 -30.23 11.02
C ALA F 130 -27.91 -31.22 11.64
N ASN F 131 -28.40 -32.19 10.87
CA ASN F 131 -29.34 -33.17 11.43
C ASN F 131 -28.78 -33.94 12.61
N VAL F 132 -27.46 -34.19 12.61
CA VAL F 132 -26.79 -34.87 13.70
C VAL F 132 -25.99 -33.81 14.43
N ILE F 133 -26.31 -33.62 15.70
CA ILE F 133 -25.63 -32.63 16.53
C ILE F 133 -24.41 -33.30 17.16
N ASN G 4 -18.07 -28.57 -4.85
CA ASN G 4 -17.28 -27.60 -4.04
C ASN G 4 -15.77 -28.03 -3.99
N ASP G 5 -15.25 -28.28 -2.80
CA ASP G 5 -13.86 -28.68 -2.69
C ASP G 5 -13.70 -30.11 -2.23
N ARG G 6 -14.70 -30.91 -2.58
CA ARG G 6 -14.72 -32.34 -2.25
C ARG G 6 -15.74 -33.13 -3.04
N ILE G 7 -15.59 -34.44 -3.00
CA ILE G 7 -16.45 -35.37 -3.74
C ILE G 7 -16.88 -36.49 -2.81
N THR G 8 -18.11 -36.96 -3.01
CA THR G 8 -18.61 -38.11 -2.24
C THR G 8 -18.21 -39.37 -3.04
N LEU G 9 -17.41 -40.23 -2.43
CA LEU G 9 -16.97 -41.43 -3.15
C LEU G 9 -18.06 -42.52 -3.18
N PRO G 10 -18.07 -43.36 -4.21
CA PRO G 10 -19.08 -44.44 -4.27
C PRO G 10 -18.66 -45.52 -3.29
N PRO G 11 -19.62 -46.06 -2.51
CA PRO G 11 -19.30 -47.13 -1.55
C PRO G 11 -18.76 -48.36 -2.33
N ALA G 12 -18.00 -49.22 -1.66
CA ALA G 12 -17.48 -50.44 -2.30
C ALA G 12 -18.56 -51.22 -2.98
N ASN G 13 -19.75 -51.29 -2.36
CA ASN G 13 -20.88 -52.04 -2.92
C ASN G 13 -21.88 -51.27 -3.75
N ALA G 14 -21.52 -50.07 -4.21
CA ALA G 14 -22.41 -49.28 -5.03
C ALA G 14 -22.87 -50.02 -6.28
N GLN G 15 -24.11 -49.75 -6.71
CA GLN G 15 -24.59 -50.32 -7.94
C GLN G 15 -23.76 -49.71 -9.08
N ARG G 16 -23.36 -50.53 -10.06
CA ARG G 16 -22.61 -50.03 -11.23
C ARG G 16 -23.28 -50.58 -12.50
N THR G 17 -23.50 -49.71 -13.48
CA THR G 17 -24.09 -50.14 -14.73
C THR G 17 -23.21 -49.57 -15.86
N ASN G 18 -23.35 -50.14 -17.04
CA ASN G 18 -22.58 -49.67 -18.20
C ASN G 18 -23.29 -48.57 -18.95
N MET G 19 -22.54 -47.58 -19.45
CA MET G 19 -23.13 -46.54 -20.21
C MET G 19 -22.16 -46.17 -21.36
N THR G 20 -22.64 -46.18 -22.59
CA THR G 20 -21.81 -45.67 -23.73
C THR G 20 -22.02 -44.15 -23.70
N CYS G 21 -20.98 -43.39 -24.01
CA CYS G 21 -21.21 -41.95 -24.05
C CYS G 21 -22.45 -41.57 -24.89
N HIS G 22 -23.21 -40.57 -24.42
CA HIS G 22 -24.38 -40.15 -25.17
C HIS G 22 -24.09 -39.47 -26.48
N PHE G 23 -22.86 -38.95 -26.62
CA PHE G 23 -22.59 -38.03 -27.71
C PHE G 23 -21.90 -38.51 -29.01
N CYS G 24 -20.64 -38.21 -29.17
CA CYS G 24 -20.09 -38.53 -30.51
C CYS G 24 -19.87 -40.01 -30.85
N ILE G 25 -19.63 -40.20 -32.14
CA ILE G 25 -19.35 -41.48 -32.75
C ILE G 25 -18.40 -42.38 -32.05
N VAL G 26 -17.37 -41.82 -31.40
CA VAL G 26 -16.36 -42.69 -30.79
C VAL G 26 -16.99 -43.69 -29.85
N GLY G 27 -18.04 -43.30 -29.13
CA GLY G 27 -18.64 -44.34 -28.33
C GLY G 27 -17.90 -44.83 -27.12
N CYS G 28 -17.15 -43.92 -26.48
CA CYS G 28 -16.40 -44.27 -25.28
C CYS G 28 -17.27 -44.95 -24.22
N GLY G 29 -16.69 -45.92 -23.55
CA GLY G 29 -17.33 -46.69 -22.48
C GLY G 29 -17.17 -46.02 -21.13
N TYR G 30 -18.29 -45.97 -20.38
CA TYR G 30 -18.34 -45.39 -19.04
C TYR G 30 -19.05 -46.36 -18.10
N HIS G 31 -18.91 -46.06 -16.83
CA HIS G 31 -19.63 -46.76 -15.77
C HIS G 31 -20.45 -45.70 -15.02
N VAL G 32 -21.64 -46.11 -14.60
CA VAL G 32 -22.50 -45.22 -13.78
C VAL G 32 -22.61 -45.88 -12.44
N TYR G 33 -22.12 -45.22 -11.39
CA TYR G 33 -22.22 -45.72 -9.97
C TYR G 33 -23.45 -44.98 -9.39
N LYS G 34 -24.31 -45.72 -8.69
CA LYS G 34 -25.52 -45.10 -8.13
C LYS G 34 -25.65 -45.67 -6.71
N TRP G 35 -25.89 -44.81 -5.76
CA TRP G 35 -26.02 -45.26 -4.38
C TRP G 35 -26.78 -44.22 -3.59
N PRO G 36 -27.34 -44.64 -2.45
CA PRO G 36 -28.10 -43.66 -1.64
C PRO G 36 -27.38 -42.36 -1.32
N GLU G 37 -28.13 -41.25 -1.38
CA GLU G 37 -27.57 -39.95 -1.11
C GLU G 37 -26.76 -39.85 0.15
N LEU G 38 -27.25 -40.45 1.24
CA LEU G 38 -26.60 -40.36 2.54
C LEU G 38 -25.51 -41.40 2.86
N GLU G 39 -25.07 -42.13 1.83
CA GLU G 39 -24.00 -43.12 2.03
C GLU G 39 -22.79 -42.66 1.21
N GLU G 40 -21.65 -43.23 1.56
CA GLU G 40 -20.44 -42.86 0.82
C GLU G 40 -19.38 -43.88 1.06
N GLY G 41 -18.45 -43.96 0.11
CA GLY G 41 -17.36 -44.89 0.30
C GLY G 41 -16.20 -44.31 1.09
N GLY G 42 -15.30 -45.16 1.53
CA GLY G 42 -14.15 -44.70 2.30
C GLY G 42 -12.93 -44.39 1.38
N ARG G 43 -11.95 -43.65 1.91
CA ARG G 43 -10.78 -43.29 1.08
C ARG G 43 -9.88 -44.49 0.75
N ALA G 44 -9.88 -45.52 1.61
CA ALA G 44 -9.04 -46.69 1.33
C ALA G 44 -9.52 -47.35 0.06
N PRO G 45 -8.59 -47.81 -0.76
CA PRO G 45 -9.02 -48.41 -2.02
C PRO G 45 -10.04 -49.53 -2.03
N GLU G 46 -9.99 -50.41 -1.04
CA GLU G 46 -10.94 -51.52 -0.98
C GLU G 46 -12.26 -51.04 -0.35
N GLN G 47 -12.30 -49.78 0.10
CA GLN G 47 -13.57 -49.24 0.65
C GLN G 47 -14.35 -48.28 -0.24
N ASN G 48 -13.97 -48.16 -1.52
CA ASN G 48 -14.74 -47.35 -2.45
C ASN G 48 -14.80 -48.10 -3.76
N ALA G 49 -15.85 -47.90 -4.54
CA ALA G 49 -16.05 -48.64 -5.78
C ALA G 49 -14.98 -48.41 -6.88
N LEU G 50 -14.29 -47.28 -6.79
CA LEU G 50 -13.28 -46.94 -7.81
C LEU G 50 -12.02 -47.78 -7.61
N GLY G 51 -11.83 -48.30 -6.41
CA GLY G 51 -10.63 -49.07 -6.13
C GLY G 51 -9.37 -48.21 -6.04
N LEU G 52 -9.56 -46.92 -5.85
CA LEU G 52 -8.46 -45.95 -5.79
C LEU G 52 -8.13 -45.53 -4.39
N ASP G 53 -6.83 -45.30 -4.14
CA ASP G 53 -6.40 -44.93 -2.80
C ASP G 53 -6.43 -43.40 -2.58
N PHE G 54 -7.50 -42.91 -1.94
CA PHE G 54 -7.63 -41.49 -1.66
C PHE G 54 -7.07 -41.04 -0.30
N ARG G 55 -6.26 -41.91 0.32
CA ARG G 55 -5.64 -41.55 1.57
C ARG G 55 -4.41 -40.67 1.31
N LYS G 56 -3.95 -40.66 0.06
CA LYS G 56 -2.82 -39.83 -0.32
C LYS G 56 -3.05 -39.41 -1.75
N GLN G 57 -2.37 -38.34 -2.16
CA GLN G 57 -2.48 -37.84 -3.53
C GLN G 57 -2.38 -38.96 -4.57
N LEU G 58 -3.24 -38.94 -5.58
CA LEU G 58 -3.16 -39.95 -6.63
C LEU G 58 -2.15 -39.49 -7.70
N PRO G 59 -1.45 -40.43 -8.32
CA PRO G 59 -0.51 -40.00 -9.37
C PRO G 59 -1.24 -39.58 -10.63
N PRO G 60 -0.54 -38.85 -11.55
CA PRO G 60 -1.18 -38.43 -12.80
C PRO G 60 -1.67 -39.63 -13.58
N LEU G 61 -2.75 -39.40 -14.34
CA LEU G 61 -3.43 -40.37 -15.19
C LEU G 61 -4.15 -41.52 -14.46
N ALA G 62 -4.19 -41.47 -13.12
CA ALA G 62 -4.80 -42.56 -12.32
C ALA G 62 -6.33 -42.54 -12.35
N VAL G 63 -6.87 -41.37 -12.65
CA VAL G 63 -8.32 -41.23 -12.62
C VAL G 63 -8.79 -40.01 -13.39
N THR G 64 -10.06 -40.07 -13.83
CA THR G 64 -10.69 -38.89 -14.42
C THR G 64 -11.91 -38.68 -13.46
N LEU G 65 -11.85 -37.65 -12.64
CA LEU G 65 -12.96 -37.43 -11.68
C LEU G 65 -12.97 -35.98 -11.27
N THR G 66 -14.13 -35.33 -11.52
CA THR G 66 -14.35 -33.95 -11.15
C THR G 66 -15.79 -33.82 -10.63
N PRO G 67 -16.10 -32.72 -9.97
CA PRO G 67 -17.49 -32.56 -9.47
C PRO G 67 -18.50 -32.64 -10.62
N ALA G 68 -18.15 -32.19 -11.82
CA ALA G 68 -19.07 -32.26 -12.93
C ALA G 68 -19.46 -33.69 -13.34
N MET G 69 -18.66 -34.69 -12.92
CA MET G 69 -18.93 -36.09 -13.24
C MET G 69 -19.77 -36.75 -12.13
N THR G 70 -20.36 -35.91 -11.28
CA THR G 70 -21.20 -36.43 -10.21
C THR G 70 -22.52 -35.67 -10.19
N ASN G 71 -23.51 -36.29 -9.58
CA ASN G 71 -24.80 -35.57 -9.40
C ASN G 71 -25.60 -36.32 -8.33
N VAL G 72 -26.76 -35.75 -7.96
CA VAL G 72 -27.65 -36.42 -7.00
C VAL G 72 -29.02 -36.35 -7.70
N VAL G 73 -29.57 -37.52 -8.03
CA VAL G 73 -30.85 -37.59 -8.74
C VAL G 73 -31.98 -37.91 -7.76
N THR G 74 -33.19 -37.57 -8.17
CA THR G 74 -34.38 -37.86 -7.34
C THR G 74 -35.30 -38.74 -8.21
N GLU G 75 -35.61 -39.93 -7.71
CA GLU G 75 -36.43 -40.86 -8.47
C GLU G 75 -37.93 -40.54 -8.28
N HIS G 76 -38.77 -41.21 -9.06
CA HIS G 76 -40.21 -40.96 -8.98
C HIS G 76 -40.73 -41.24 -7.59
N ASP G 77 -40.11 -42.16 -6.89
CA ASP G 77 -40.57 -42.43 -5.51
C ASP G 77 -40.00 -41.46 -4.45
N GLY G 78 -39.38 -40.37 -4.92
CA GLY G 78 -38.80 -39.37 -4.03
C GLY G 78 -37.45 -39.65 -3.37
N ALA G 79 -36.90 -40.87 -3.54
CA ALA G 79 -35.60 -41.28 -2.97
C ALA G 79 -34.51 -40.61 -3.80
N ARG G 80 -33.50 -40.09 -3.08
CA ARG G 80 -32.35 -39.38 -3.69
C ARG G 80 -31.12 -40.27 -3.73
N TYR G 81 -30.43 -40.27 -4.88
CA TYR G 81 -29.27 -41.15 -5.06
C TYR G 81 -28.06 -40.38 -5.64
N ASP G 82 -26.91 -40.60 -5.04
CA ASP G 82 -25.70 -40.03 -5.64
C ASP G 82 -25.48 -40.83 -6.95
N ILE G 83 -24.94 -40.15 -7.98
CA ILE G 83 -24.52 -40.88 -9.21
C ILE G 83 -23.12 -40.34 -9.55
N MET G 84 -22.30 -41.17 -10.19
CA MET G 84 -20.96 -40.74 -10.56
C MET G 84 -20.79 -41.44 -11.94
N VAL G 85 -20.52 -40.68 -13.00
CA VAL G 85 -20.41 -41.26 -14.38
C VAL G 85 -18.98 -41.04 -14.83
N VAL G 86 -18.19 -42.13 -14.87
CA VAL G 86 -16.76 -42.02 -15.14
C VAL G 86 -16.36 -43.02 -16.20
N PRO G 87 -15.28 -42.70 -16.94
CA PRO G 87 -14.85 -43.63 -18.01
C PRO G 87 -14.36 -44.96 -17.52
N ASP G 88 -14.53 -45.96 -18.40
CA ASP G 88 -14.15 -47.32 -18.16
C ASP G 88 -12.71 -47.58 -18.64
N LYS G 89 -11.80 -47.80 -17.71
CA LYS G 89 -10.39 -48.05 -18.07
C LYS G 89 -10.22 -49.32 -18.92
N ALA G 90 -11.12 -50.29 -18.81
CA ALA G 90 -10.93 -51.53 -19.60
C ALA G 90 -11.63 -51.56 -20.93
N CYS G 91 -12.31 -50.47 -21.27
CA CYS G 91 -12.99 -50.43 -22.54
C CYS G 91 -11.92 -50.22 -23.62
N VAL G 92 -11.88 -51.09 -24.62
CA VAL G 92 -10.85 -50.95 -25.68
C VAL G 92 -10.97 -49.68 -26.52
N VAL G 93 -12.17 -49.10 -26.61
CA VAL G 93 -12.35 -47.89 -27.41
C VAL G 93 -11.55 -46.71 -26.85
N ASN G 94 -11.77 -46.40 -25.56
CA ASN G 94 -11.17 -45.20 -24.96
C ASN G 94 -10.10 -45.44 -23.92
N SER G 95 -9.92 -46.70 -23.48
CA SER G 95 -8.94 -47.06 -22.49
C SER G 95 -8.96 -46.12 -21.27
N GLY G 96 -10.18 -45.76 -20.82
CA GLY G 96 -10.32 -44.87 -19.65
C GLY G 96 -10.40 -43.37 -19.96
N LEU G 97 -10.28 -42.97 -21.23
CA LEU G 97 -10.36 -41.55 -21.54
C LEU G 97 -11.83 -41.06 -21.58
N SER G 98 -11.97 -39.80 -21.24
CA SER G 98 -13.23 -39.09 -21.27
C SER G 98 -12.96 -37.71 -21.95
N SER G 99 -13.74 -37.37 -22.95
CA SER G 99 -13.65 -36.04 -23.61
C SER G 99 -14.38 -35.05 -22.70
N THR G 100 -14.24 -33.76 -23.00
CA THR G 100 -14.92 -32.75 -22.16
C THR G 100 -16.44 -32.88 -22.34
N ARG G 101 -16.89 -33.45 -23.46
CA ARG G 101 -18.35 -33.57 -23.68
C ARG G 101 -18.93 -34.77 -22.92
N GLY G 102 -18.36 -35.98 -23.05
CA GLY G 102 -18.90 -37.10 -22.28
C GLY G 102 -18.65 -36.93 -20.77
N GLY G 103 -17.61 -36.15 -20.38
CA GLY G 103 -17.29 -35.99 -18.95
C GLY G 103 -18.40 -35.25 -18.23
N LYS G 104 -19.18 -34.49 -18.99
CA LYS G 104 -20.32 -33.74 -18.38
C LYS G 104 -21.57 -34.60 -18.25
N MET G 105 -21.54 -35.88 -18.64
CA MET G 105 -22.79 -36.67 -18.61
C MET G 105 -23.51 -36.62 -17.25
N ALA G 106 -22.78 -36.80 -16.15
CA ALA G 106 -23.50 -36.80 -14.84
C ALA G 106 -24.23 -35.46 -14.67
N SER G 107 -23.60 -34.37 -15.10
CA SER G 107 -24.23 -33.04 -14.93
C SER G 107 -25.47 -32.84 -15.82
N TYR G 108 -25.52 -33.57 -16.94
CA TYR G 108 -26.60 -33.44 -17.88
C TYR G 108 -27.70 -34.48 -17.66
N MET G 109 -27.53 -35.34 -16.65
CA MET G 109 -28.64 -36.26 -16.27
C MET G 109 -29.69 -35.30 -15.63
N TYR G 110 -30.95 -35.69 -15.75
CA TYR G 110 -32.02 -34.85 -15.22
C TYR G 110 -32.02 -34.77 -13.70
N THR G 111 -32.15 -33.54 -13.20
CA THR G 111 -32.40 -33.36 -11.75
C THR G 111 -33.30 -32.12 -11.73
N PRO G 112 -34.13 -32.01 -10.66
CA PRO G 112 -35.01 -30.84 -10.61
C PRO G 112 -34.34 -29.49 -10.37
N THR G 113 -33.09 -29.48 -9.90
CA THR G 113 -32.42 -28.22 -9.59
C THR G 113 -31.15 -27.93 -10.40
N GLY G 114 -30.74 -28.93 -11.18
CA GLY G 114 -29.50 -28.83 -11.95
C GLY G 114 -29.63 -28.36 -13.39
N ASP G 115 -28.59 -28.70 -14.21
CA ASP G 115 -28.61 -28.23 -15.59
C ASP G 115 -29.77 -28.74 -16.41
N GLY G 116 -30.36 -29.85 -15.98
CA GLY G 116 -31.48 -30.45 -16.70
C GLY G 116 -32.85 -29.98 -16.14
N LYS G 117 -32.85 -28.97 -15.29
CA LYS G 117 -34.11 -28.45 -14.67
C LYS G 117 -35.23 -28.24 -15.68
N GLU G 118 -34.90 -27.70 -16.85
CA GLU G 118 -35.89 -27.35 -17.88
C GLU G 118 -36.25 -28.45 -18.86
N ARG G 119 -35.85 -29.68 -18.53
CA ARG G 119 -36.24 -30.81 -19.34
C ARG G 119 -37.78 -30.85 -19.52
N LEU G 120 -38.23 -31.13 -20.72
CA LEU G 120 -39.66 -31.35 -20.95
C LEU G 120 -40.08 -32.53 -20.07
N SER G 121 -41.12 -32.37 -19.24
CA SER G 121 -41.51 -33.50 -18.42
C SER G 121 -43.03 -33.80 -18.49
N ALA G 122 -43.67 -33.14 -19.44
CA ALA G 122 -45.10 -33.29 -19.71
C ALA G 122 -45.41 -32.76 -21.05
N PRO G 123 -46.54 -33.18 -21.66
CA PRO G 123 -46.87 -32.62 -22.98
C PRO G 123 -47.10 -31.14 -22.76
N ARG G 124 -46.70 -30.31 -23.73
CA ARG G 124 -46.85 -28.86 -23.70
C ARG G 124 -47.64 -28.44 -24.90
N LEU G 125 -48.63 -27.58 -24.67
CA LEU G 125 -49.49 -27.18 -25.75
C LEU G 125 -49.54 -25.67 -25.89
N TYR G 126 -49.40 -25.15 -27.11
CA TYR G 126 -49.52 -23.72 -27.27
C TYR G 126 -51.03 -23.50 -27.57
N ALA G 127 -51.79 -23.27 -26.48
CA ALA G 127 -53.26 -23.10 -26.53
C ALA G 127 -53.64 -21.72 -27.05
N ALA G 128 -53.40 -21.53 -28.36
CA ALA G 128 -53.67 -20.34 -29.10
C ALA G 128 -52.86 -19.07 -28.82
N ASP G 129 -52.71 -18.74 -27.52
CA ASP G 129 -52.02 -17.50 -27.12
C ASP G 129 -51.15 -17.68 -25.86
N GLU G 130 -50.85 -18.91 -25.51
CA GLU G 130 -50.03 -19.22 -24.34
C GLU G 130 -49.66 -20.68 -24.25
N TRP G 131 -48.48 -20.94 -23.70
CA TRP G 131 -48.01 -22.28 -23.46
C TRP G 131 -48.65 -22.80 -22.15
N VAL G 132 -49.19 -24.01 -22.18
CA VAL G 132 -49.74 -24.62 -20.96
C VAL G 132 -49.43 -26.13 -21.03
N ASP G 133 -49.50 -26.82 -19.90
CA ASP G 133 -49.34 -28.27 -19.87
C ASP G 133 -50.63 -28.89 -20.38
N THR G 134 -50.53 -30.08 -20.96
CA THR G 134 -51.75 -30.80 -21.31
C THR G 134 -51.52 -32.27 -21.01
N THR G 135 -52.54 -33.12 -21.07
CA THR G 135 -52.39 -34.54 -20.75
C THR G 135 -51.87 -35.32 -21.97
N TRP G 136 -51.30 -36.48 -21.73
CA TRP G 136 -50.83 -37.33 -22.84
C TRP G 136 -52.05 -37.75 -23.68
N ASP G 137 -53.16 -38.13 -23.02
CA ASP G 137 -54.31 -38.54 -23.83
C ASP G 137 -54.81 -37.42 -24.71
N HIS G 138 -54.81 -36.18 -24.21
CA HIS G 138 -55.24 -35.08 -25.04
C HIS G 138 -54.23 -34.80 -26.17
N ALA G 139 -52.94 -34.81 -25.86
CA ALA G 139 -51.95 -34.55 -26.89
C ALA G 139 -52.09 -35.59 -28.03
N MET G 140 -52.33 -36.86 -27.67
CA MET G 140 -52.47 -37.95 -28.66
C MET G 140 -53.76 -37.75 -29.46
N ALA G 141 -54.83 -37.33 -28.77
CA ALA G 141 -56.11 -37.13 -29.52
C ALA G 141 -55.97 -36.02 -30.54
N LEU G 142 -55.26 -34.94 -30.19
CA LEU G 142 -55.08 -33.82 -31.07
C LEU G 142 -54.11 -34.21 -32.22
N TYR G 143 -53.00 -34.81 -31.82
CA TYR G 143 -51.95 -35.17 -32.80
C TYR G 143 -52.43 -36.27 -33.76
N ALA G 144 -52.90 -37.39 -33.21
CA ALA G 144 -53.41 -38.51 -34.04
C ALA G 144 -54.64 -37.98 -34.78
N GLY G 145 -55.44 -37.11 -34.15
CA GLY G 145 -56.57 -36.58 -34.88
C GLY G 145 -56.22 -35.83 -36.16
N LEU G 146 -55.20 -34.99 -36.10
CA LEU G 146 -54.78 -34.21 -37.24
C LEU G 146 -54.13 -35.13 -38.29
N ILE G 147 -53.42 -36.15 -37.84
CA ILE G 147 -52.75 -37.06 -38.78
C ILE G 147 -53.85 -37.87 -39.47
N LYS G 148 -54.80 -38.40 -38.68
CA LYS G 148 -55.91 -39.16 -39.28
C LYS G 148 -56.69 -38.31 -40.29
N LYS G 149 -57.04 -37.07 -39.93
CA LYS G 149 -57.78 -36.21 -40.86
C LYS G 149 -56.99 -35.94 -42.14
N THR G 150 -55.70 -35.71 -41.99
CA THR G 150 -54.85 -35.46 -43.15
C THR G 150 -54.73 -36.71 -44.02
N LEU G 151 -54.59 -37.88 -43.42
CA LEU G 151 -54.45 -39.11 -44.19
C LEU G 151 -55.74 -39.35 -44.96
N ASP G 152 -56.86 -39.14 -44.27
CA ASP G 152 -58.19 -39.36 -44.87
C ASP G 152 -58.51 -38.42 -46.03
N LYS G 153 -58.10 -37.17 -45.93
CA LYS G 153 -58.38 -36.22 -46.98
C LYS G 153 -57.26 -36.01 -48.00
N ASP G 154 -56.02 -35.90 -47.52
CA ASP G 154 -54.87 -35.59 -48.39
C ASP G 154 -53.95 -36.76 -48.69
N GLY G 155 -53.99 -37.78 -47.86
CA GLY G 155 -53.09 -38.92 -48.03
C GLY G 155 -51.81 -38.62 -47.24
N PRO G 156 -50.82 -39.55 -47.24
CA PRO G 156 -49.57 -39.35 -46.49
C PRO G 156 -48.76 -38.12 -46.88
N GLN G 157 -48.94 -37.63 -48.12
CA GLN G 157 -48.24 -36.47 -48.61
C GLN G 157 -48.50 -35.21 -47.74
N GLY G 158 -49.54 -35.24 -46.90
CA GLY G 158 -49.80 -34.07 -46.08
C GLY G 158 -49.10 -34.14 -44.70
N VAL G 159 -48.44 -35.26 -44.38
CA VAL G 159 -47.79 -35.50 -43.07
C VAL G 159 -46.27 -35.48 -43.22
N PHE G 160 -45.63 -34.45 -42.65
CA PHE G 160 -44.17 -34.23 -42.76
C PHE G 160 -43.44 -34.50 -41.45
N PHE G 161 -42.23 -35.01 -41.58
CA PHE G 161 -41.38 -35.25 -40.40
C PHE G 161 -39.95 -34.87 -40.72
N SER G 162 -39.21 -34.39 -39.71
CA SER G 162 -37.75 -34.25 -39.87
C SER G 162 -37.33 -35.07 -38.64
N CYS G 163 -36.63 -36.18 -38.84
CA CYS G 163 -36.36 -37.05 -37.70
C CYS G 163 -34.93 -37.54 -37.68
N PHE G 164 -34.40 -37.75 -36.48
CA PHE G 164 -33.06 -38.33 -36.36
C PHE G 164 -32.99 -39.69 -37.10
N ASP G 165 -31.81 -40.06 -37.63
CA ASP G 165 -31.66 -41.43 -38.15
C ASP G 165 -30.38 -42.01 -37.53
N HIS G 166 -29.84 -41.34 -36.50
CA HIS G 166 -28.56 -41.73 -35.86
C HIS G 166 -28.64 -42.60 -34.61
N GLY G 167 -27.48 -42.86 -33.99
CA GLY G 167 -27.42 -43.65 -32.77
C GLY G 167 -27.17 -42.79 -31.55
N GLY G 168 -26.79 -43.42 -30.45
CA GLY G 168 -26.53 -42.73 -29.20
C GLY G 168 -27.80 -42.03 -28.70
N ALA G 169 -27.62 -41.07 -27.80
CA ALA G 169 -28.78 -40.35 -27.22
C ALA G 169 -29.59 -39.67 -28.32
N GLY G 170 -30.92 -39.84 -28.28
CA GLY G 170 -31.76 -39.27 -29.32
C GLY G 170 -31.68 -40.09 -30.61
N GLY G 171 -31.31 -41.36 -30.50
CA GLY G 171 -31.22 -42.23 -31.67
C GLY G 171 -31.16 -43.65 -31.15
N GLY G 172 -30.51 -44.54 -31.91
CA GLY G 172 -30.37 -45.90 -31.43
C GLY G 172 -31.28 -46.90 -32.12
N PHE G 173 -30.93 -48.18 -32.04
CA PHE G 173 -31.68 -49.20 -32.78
C PHE G 173 -33.14 -49.30 -32.43
N GLU G 174 -33.45 -49.13 -31.15
CA GLU G 174 -34.85 -49.16 -30.69
C GLU G 174 -35.60 -47.97 -31.24
N ASN G 175 -35.02 -46.78 -31.16
CA ASN G 175 -35.65 -45.54 -31.55
C ASN G 175 -35.77 -45.34 -33.05
N THR G 176 -34.75 -45.74 -33.84
CA THR G 176 -34.89 -45.54 -35.29
C THR G 176 -35.95 -46.52 -35.82
N TRP G 177 -36.03 -47.71 -35.23
CA TRP G 177 -37.02 -48.70 -35.65
C TRP G 177 -38.45 -48.17 -35.30
N GLY G 178 -38.63 -47.74 -34.06
CA GLY G 178 -39.96 -47.24 -33.69
C GLY G 178 -40.45 -46.10 -34.56
N THR G 179 -39.61 -45.07 -34.74
CA THR G 179 -39.99 -43.96 -35.57
C THR G 179 -40.09 -44.36 -37.06
N GLY G 180 -39.20 -45.23 -37.54
CA GLY G 180 -39.26 -45.65 -38.95
C GLY G 180 -40.50 -46.53 -39.21
N LYS G 181 -40.82 -47.41 -38.30
CA LYS G 181 -42.04 -48.26 -38.48
C LYS G 181 -43.25 -47.29 -38.49
N LEU G 182 -43.28 -46.33 -37.58
CA LEU G 182 -44.42 -45.38 -37.57
C LEU G 182 -44.53 -44.54 -38.84
N MET G 183 -43.42 -43.91 -39.25
CA MET G 183 -43.46 -43.07 -40.41
C MET G 183 -43.64 -43.81 -41.72
N PHE G 184 -42.94 -44.92 -41.87
CA PHE G 184 -42.95 -45.61 -43.17
C PHE G 184 -43.94 -46.75 -43.32
N SER G 185 -44.08 -47.58 -42.29
CA SER G 185 -44.98 -48.73 -42.38
C SER G 185 -46.42 -48.44 -42.00
N ALA G 186 -46.62 -47.51 -41.06
CA ALA G 186 -47.98 -47.19 -40.58
C ALA G 186 -48.58 -45.97 -41.25
N ILE G 187 -47.97 -44.82 -41.09
CA ILE G 187 -48.45 -43.64 -41.73
C ILE G 187 -48.17 -43.74 -43.25
N GLN G 188 -47.01 -44.32 -43.57
CA GLN G 188 -46.56 -44.48 -44.95
C GLN G 188 -46.29 -43.15 -45.68
N THR G 189 -45.68 -42.19 -45.01
CA THR G 189 -45.38 -40.93 -45.65
C THR G 189 -43.95 -40.85 -46.19
N PRO G 190 -43.79 -40.34 -47.43
CA PRO G 190 -42.46 -40.17 -48.06
C PRO G 190 -41.99 -38.75 -47.71
N MET G 191 -42.80 -37.97 -46.97
CA MET G 191 -42.43 -36.60 -46.71
C MET G 191 -41.57 -36.52 -45.46
N VAL G 192 -40.41 -37.16 -45.51
CA VAL G 192 -39.54 -37.26 -44.37
C VAL G 192 -38.09 -36.83 -44.68
N ARG G 193 -37.51 -35.98 -43.82
CA ARG G 193 -36.12 -35.60 -43.98
C ARG G 193 -35.42 -36.13 -42.75
N ILE G 194 -34.09 -35.99 -42.72
CA ILE G 194 -33.31 -36.55 -41.63
C ILE G 194 -32.75 -35.38 -40.84
N HIS G 195 -32.32 -35.62 -39.62
CA HIS G 195 -31.91 -34.52 -38.77
C HIS G 195 -30.89 -33.57 -39.38
N ASN G 196 -29.97 -34.14 -40.17
CA ASN G 196 -28.88 -33.30 -40.72
C ASN G 196 -28.87 -33.04 -42.23
N ARG G 197 -29.90 -33.49 -42.94
CA ARG G 197 -29.91 -33.28 -44.41
C ARG G 197 -31.41 -33.24 -44.74
N PRO G 198 -31.78 -32.34 -45.63
CA PRO G 198 -33.17 -32.07 -46.05
C PRO G 198 -33.99 -33.00 -46.92
N ALA G 199 -33.56 -34.25 -47.01
CA ALA G 199 -34.29 -35.26 -47.77
C ALA G 199 -33.96 -36.61 -47.19
N TYR G 200 -34.64 -37.66 -47.63
CA TYR G 200 -34.33 -38.96 -47.08
C TYR G 200 -33.27 -39.58 -48.01
N ASN G 201 -32.02 -39.37 -47.66
CA ASN G 201 -30.90 -39.81 -48.52
C ASN G 201 -29.78 -40.27 -47.63
N SER G 202 -28.61 -40.51 -48.25
CA SER G 202 -27.42 -40.96 -47.50
C SER G 202 -26.30 -39.95 -47.71
N GLU G 203 -25.42 -39.87 -46.72
CA GLU G 203 -24.25 -39.02 -46.83
C GLU G 203 -23.23 -39.79 -47.73
N CYS G 204 -23.52 -41.07 -47.93
CA CYS G 204 -22.54 -41.94 -48.62
C CYS G 204 -22.98 -42.75 -49.83
N HIS G 205 -23.77 -42.13 -50.67
CA HIS G 205 -24.27 -42.79 -51.88
C HIS G 205 -23.11 -43.28 -52.78
N ALA G 206 -22.14 -42.42 -53.05
CA ALA G 206 -21.03 -42.88 -53.95
C ALA G 206 -20.26 -44.06 -53.36
N THR G 207 -19.69 -43.95 -52.14
CA THR G 207 -18.92 -45.05 -51.61
C THR G 207 -19.74 -46.36 -51.51
N ARG G 208 -21.00 -46.26 -51.08
CA ARG G 208 -21.81 -47.46 -51.02
C ARG G 208 -22.04 -48.10 -52.41
N GLU G 209 -22.33 -47.27 -53.40
CA GLU G 209 -22.59 -47.74 -54.77
C GLU G 209 -21.31 -48.32 -55.38
N MET G 210 -20.14 -47.86 -54.91
CA MET G 210 -18.87 -48.42 -55.42
C MET G 210 -18.54 -49.72 -54.70
N GLY G 211 -19.32 -50.06 -53.65
CA GLY G 211 -19.17 -51.32 -52.94
C GLY G 211 -18.53 -51.27 -51.57
N ILE G 212 -18.23 -50.07 -51.11
CA ILE G 212 -17.56 -49.86 -49.85
C ILE G 212 -18.41 -49.08 -48.82
N GLY G 213 -18.94 -49.82 -47.85
CA GLY G 213 -19.69 -49.17 -46.77
C GLY G 213 -18.70 -48.27 -46.03
N GLU G 214 -19.17 -47.13 -45.54
CA GLU G 214 -18.25 -46.16 -44.93
C GLU G 214 -17.58 -46.47 -43.61
N LEU G 215 -18.05 -47.47 -42.87
CA LEU G 215 -17.40 -47.83 -41.60
C LEU G 215 -16.86 -49.23 -41.83
N ASN G 216 -15.71 -49.29 -42.54
CA ASN G 216 -15.16 -50.59 -42.92
C ASN G 216 -13.91 -51.10 -42.23
N ASN G 217 -13.47 -50.44 -41.17
CA ASN G 217 -12.30 -50.94 -40.48
C ASN G 217 -12.48 -50.95 -38.97
N ALA G 218 -11.39 -51.13 -38.22
CA ALA G 218 -11.46 -51.10 -36.75
C ALA G 218 -10.62 -49.91 -36.28
N TYR G 219 -10.84 -49.40 -35.06
CA TYR G 219 -10.01 -48.29 -34.64
C TYR G 219 -8.53 -48.81 -34.53
N GLU G 220 -8.36 -50.12 -34.34
CA GLU G 220 -7.00 -50.67 -34.24
C GLU G 220 -6.29 -50.39 -35.55
N ASP G 221 -7.01 -50.32 -36.65
CA ASP G 221 -6.34 -50.02 -37.95
C ASP G 221 -5.61 -48.71 -37.93
N ALA G 222 -6.11 -47.73 -37.16
CA ALA G 222 -5.38 -46.47 -37.07
C ALA G 222 -4.04 -46.63 -36.34
N GLN G 223 -3.92 -47.67 -35.52
CA GLN G 223 -2.68 -47.95 -34.80
C GLN G 223 -1.68 -48.65 -35.75
N LEU G 224 -2.22 -49.30 -36.76
CA LEU G 224 -1.39 -50.11 -37.69
C LEU G 224 -0.99 -49.42 -38.95
N ALA G 225 -1.57 -48.25 -39.19
CA ALA G 225 -1.25 -47.54 -40.43
C ALA G 225 0.17 -46.95 -40.47
N ASP G 226 0.67 -46.86 -41.71
CA ASP G 226 1.93 -46.16 -41.95
C ASP G 226 1.59 -44.66 -42.10
N VAL G 227 0.45 -44.35 -42.72
CA VAL G 227 0.04 -42.97 -42.94
C VAL G 227 -1.45 -42.86 -42.74
N ILE G 228 -1.84 -41.77 -42.09
CA ILE G 228 -3.27 -41.50 -41.93
C ILE G 228 -3.58 -40.20 -42.61
N TRP G 229 -4.62 -40.20 -43.44
CA TRP G 229 -5.10 -38.97 -44.06
C TRP G 229 -6.37 -38.62 -43.24
N SER G 230 -6.49 -37.34 -42.91
CA SER G 230 -7.72 -36.82 -42.23
C SER G 230 -8.22 -35.76 -43.25
N ILE G 231 -9.30 -36.09 -43.93
CA ILE G 231 -9.83 -35.27 -45.01
C ILE G 231 -11.17 -34.56 -44.64
N GLY G 232 -11.16 -33.22 -44.57
CA GLY G 232 -12.38 -32.47 -44.21
C GLY G 232 -12.81 -32.95 -42.80
N ASN G 233 -11.86 -32.94 -41.89
CA ASN G 233 -12.03 -33.53 -40.56
C ASN G 233 -11.12 -32.85 -39.52
N ASN G 234 -11.62 -32.62 -38.30
CA ASN G 234 -10.80 -31.96 -37.27
C ASN G 234 -10.99 -32.91 -36.13
N PRO G 235 -10.36 -34.10 -36.22
CA PRO G 235 -10.53 -35.15 -35.21
C PRO G 235 -10.23 -34.92 -33.74
N TYR G 236 -9.27 -34.06 -33.41
CA TYR G 236 -9.04 -33.84 -32.00
C TYR G 236 -10.31 -33.22 -31.40
N GLU G 237 -10.96 -32.34 -32.14
CA GLU G 237 -12.17 -31.70 -31.57
C GLU G 237 -13.45 -32.50 -31.78
N SER G 238 -13.53 -33.26 -32.88
CA SER G 238 -14.78 -33.96 -33.23
C SER G 238 -14.85 -35.46 -33.03
N GLN G 239 -13.73 -36.14 -32.82
CA GLN G 239 -13.76 -37.59 -32.56
C GLN G 239 -12.58 -37.79 -31.61
N THR G 240 -12.58 -36.97 -30.57
CA THR G 240 -11.49 -36.81 -29.60
C THR G 240 -10.73 -38.06 -29.20
N ASN G 241 -11.41 -39.00 -28.58
CA ASN G 241 -10.72 -40.15 -28.06
C ASN G 241 -10.26 -41.22 -29.07
N TYR G 242 -10.79 -41.18 -30.29
CA TYR G 242 -10.31 -42.09 -31.34
C TYR G 242 -8.92 -41.46 -31.68
N PHE G 243 -8.89 -40.14 -31.88
CA PHE G 243 -7.62 -39.43 -32.18
C PHE G 243 -6.63 -39.64 -31.02
N LEU G 244 -7.07 -39.40 -29.76
CA LEU G 244 -6.17 -39.58 -28.67
C LEU G 244 -5.74 -41.01 -28.33
N ASN G 245 -6.65 -41.99 -28.41
CA ASN G 245 -6.30 -43.31 -27.94
C ASN G 245 -5.77 -44.20 -29.04
N HIS G 246 -5.91 -43.78 -30.29
CA HIS G 246 -5.44 -44.67 -31.37
C HIS G 246 -4.52 -44.01 -32.38
N TRP G 247 -4.84 -42.78 -32.76
CA TRP G 247 -4.00 -42.08 -33.76
C TRP G 247 -2.70 -41.62 -33.13
N LEU G 248 -2.80 -40.90 -32.01
CA LEU G 248 -1.56 -40.38 -31.42
C LEU G 248 -0.56 -41.47 -30.97
N PRO G 249 -0.99 -42.61 -30.42
CA PRO G 249 0.02 -43.60 -30.02
C PRO G 249 0.80 -44.08 -31.26
N ASN G 250 0.13 -44.14 -32.41
CA ASN G 250 0.82 -44.56 -33.68
C ASN G 250 1.89 -43.44 -33.99
N LEU G 251 1.46 -42.18 -34.02
CA LEU G 251 2.42 -41.09 -34.27
C LEU G 251 3.58 -41.09 -33.26
N GLN G 252 3.34 -41.45 -32.00
CA GLN G 252 4.37 -41.47 -30.99
C GLN G 252 5.31 -42.67 -31.03
N GLY G 253 5.01 -43.65 -31.87
CA GLY G 253 5.88 -44.82 -31.97
C GLY G 253 5.49 -45.95 -31.04
N ALA G 254 4.39 -45.78 -30.30
CA ALA G 254 3.97 -46.81 -29.38
C ALA G 254 3.32 -48.08 -29.97
N THR G 255 3.07 -48.09 -31.28
CA THR G 255 2.44 -49.22 -31.90
C THR G 255 3.38 -49.93 -32.87
N THR G 256 4.58 -49.40 -32.98
CA THR G 256 5.57 -49.99 -33.94
C THR G 256 5.81 -51.48 -33.71
N SER G 257 5.96 -51.90 -32.46
CA SER G 257 6.21 -53.33 -32.22
C SER G 257 5.02 -54.18 -32.63
N LYS G 258 3.79 -53.63 -32.52
CA LYS G 258 2.59 -54.35 -32.93
C LYS G 258 2.62 -54.59 -34.43
N LYS G 259 3.02 -53.56 -35.19
CA LYS G 259 3.11 -53.65 -36.64
C LYS G 259 4.13 -54.73 -37.03
N LYS G 260 5.32 -54.67 -36.43
CA LYS G 260 6.42 -55.60 -36.75
C LYS G 260 6.10 -57.02 -36.35
N GLU G 261 5.36 -57.20 -35.24
CA GLU G 261 4.96 -58.54 -34.83
C GLU G 261 3.96 -59.13 -35.81
N ARG G 262 3.03 -58.31 -36.31
CA ARG G 262 2.07 -58.82 -37.26
C ARG G 262 2.65 -59.12 -38.66
N PHE G 263 3.59 -58.28 -39.08
CA PHE G 263 4.17 -58.34 -40.42
C PHE G 263 5.70 -58.37 -40.27
N PRO G 264 6.23 -59.56 -39.95
CA PRO G 264 7.67 -59.75 -39.73
C PRO G 264 8.63 -59.35 -40.90
N ASN G 265 8.11 -59.30 -42.12
CA ASN G 265 8.99 -59.00 -43.30
C ASN G 265 8.63 -57.71 -43.98
N GLU G 266 8.10 -56.78 -43.19
CA GLU G 266 7.65 -55.52 -43.75
C GLU G 266 8.27 -54.32 -42.96
N ASN G 267 8.73 -53.30 -43.69
CA ASN G 267 9.32 -52.12 -43.10
C ASN G 267 8.19 -51.25 -42.58
N PHE G 268 8.43 -50.60 -41.48
CA PHE G 268 7.43 -49.64 -40.91
C PHE G 268 8.15 -48.33 -40.54
N PRO G 269 8.08 -47.34 -41.43
CA PRO G 269 8.73 -46.06 -41.17
C PRO G 269 7.92 -45.36 -40.04
N GLN G 270 8.46 -44.29 -39.48
CA GLN G 270 7.70 -43.57 -38.49
C GLN G 270 6.39 -43.16 -39.17
N ALA G 271 5.28 -43.23 -38.42
CA ALA G 271 3.98 -42.89 -38.98
C ALA G 271 3.89 -41.40 -39.34
N ARG G 272 3.13 -41.12 -40.40
CA ARG G 272 2.94 -39.76 -40.84
C ARG G 272 1.46 -39.46 -41.00
N ILE G 273 1.13 -38.17 -41.09
CA ILE G 273 -0.28 -37.78 -41.17
C ILE G 273 -0.45 -36.61 -42.11
N ILE G 274 -1.51 -36.68 -42.91
CA ILE G 274 -1.82 -35.71 -43.93
C ILE G 274 -3.23 -35.15 -43.74
N PHE G 275 -3.36 -33.83 -43.61
CA PHE G 275 -4.67 -33.20 -43.45
C PHE G 275 -5.07 -32.47 -44.71
N VAL G 276 -6.26 -32.76 -45.24
CA VAL G 276 -6.79 -32.04 -46.36
C VAL G 276 -7.91 -31.14 -45.73
N ASP G 277 -7.60 -29.87 -45.54
CA ASP G 277 -8.54 -28.93 -44.90
C ASP G 277 -8.09 -27.54 -45.25
N PRO G 278 -8.98 -26.73 -45.82
CA PRO G 278 -8.60 -25.35 -46.14
C PRO G 278 -8.04 -24.60 -44.91
N ARG G 279 -8.49 -25.02 -43.72
CA ARG G 279 -8.17 -24.37 -42.43
C ARG G 279 -7.14 -25.08 -41.58
N GLU G 280 -6.25 -24.33 -40.94
CA GLU G 280 -5.23 -24.90 -40.04
C GLU G 280 -5.96 -25.00 -38.67
N THR G 281 -6.22 -26.23 -38.27
CA THR G 281 -7.00 -26.52 -37.04
C THR G 281 -6.19 -27.00 -35.87
N PRO G 282 -6.86 -27.11 -34.69
CA PRO G 282 -6.15 -27.61 -33.53
C PRO G 282 -5.60 -29.03 -33.86
N SER G 283 -6.29 -29.82 -34.69
CA SER G 283 -5.80 -31.19 -35.03
C SER G 283 -4.41 -31.14 -35.72
N VAL G 284 -4.26 -30.20 -36.65
CA VAL G 284 -2.98 -30.02 -37.36
C VAL G 284 -1.90 -29.60 -36.35
N ALA G 285 -2.24 -28.66 -35.46
CA ALA G 285 -1.28 -28.17 -34.46
C ALA G 285 -0.81 -29.29 -33.56
N ILE G 286 -1.75 -30.13 -33.13
CA ILE G 286 -1.37 -31.20 -32.22
C ILE G 286 -0.52 -32.24 -32.94
N ALA G 287 -0.93 -32.58 -34.17
CA ALA G 287 -0.16 -33.58 -34.96
C ALA G 287 1.33 -33.06 -35.11
N ARG G 288 1.50 -31.78 -35.41
CA ARG G 288 2.88 -31.23 -35.55
C ARG G 288 3.59 -31.27 -34.20
N HIS G 289 2.88 -30.92 -33.13
CA HIS G 289 3.50 -31.02 -31.82
C HIS G 289 4.01 -32.43 -31.47
N VAL G 290 3.23 -33.46 -31.78
CA VAL G 290 3.56 -34.80 -31.41
C VAL G 290 4.57 -35.44 -32.35
N ALA G 291 4.33 -35.27 -33.63
CA ALA G 291 5.14 -35.93 -34.65
C ALA G 291 6.24 -35.07 -35.27
N GLY G 292 6.18 -33.76 -35.08
CA GLY G 292 7.15 -32.89 -35.71
C GLY G 292 6.63 -32.40 -37.05
N ASN G 293 7.03 -31.20 -37.46
CA ASN G 293 6.57 -30.63 -38.70
C ASN G 293 6.87 -31.52 -39.92
N ASP G 294 8.00 -32.23 -39.87
CA ASP G 294 8.37 -33.01 -41.05
C ASP G 294 7.55 -34.27 -41.31
N ARG G 295 6.74 -34.67 -40.31
CA ARG G 295 5.89 -35.87 -40.42
C ARG G 295 4.40 -35.53 -40.60
N VAL G 296 4.15 -34.25 -40.82
CA VAL G 296 2.79 -33.76 -41.07
C VAL G 296 2.75 -32.95 -42.38
N LEU G 297 1.76 -33.24 -43.22
CA LEU G 297 1.50 -32.43 -44.40
C LEU G 297 0.11 -31.83 -44.27
N HIS G 298 0.06 -30.50 -44.17
CA HIS G 298 -1.24 -29.83 -44.18
C HIS G 298 -1.49 -29.32 -45.61
N LEU G 299 -2.36 -30.02 -46.36
CA LEU G 299 -2.70 -29.64 -47.73
C LEU G 299 -3.86 -28.63 -47.48
N ALA G 300 -3.52 -27.34 -47.43
CA ALA G 300 -4.51 -26.30 -47.13
C ALA G 300 -5.18 -25.86 -48.44
N ILE G 301 -6.00 -26.74 -48.98
CA ILE G 301 -6.64 -26.47 -50.23
C ILE G 301 -7.59 -25.31 -50.28
N GLU G 302 -7.78 -24.80 -51.49
CA GLU G 302 -8.78 -23.78 -51.70
C GLU G 302 -10.11 -24.47 -51.39
N PRO G 303 -11.04 -23.73 -50.72
CA PRO G 303 -12.34 -24.32 -50.40
C PRO G 303 -13.02 -24.97 -51.60
N GLY G 304 -13.58 -26.17 -51.40
CA GLY G 304 -14.35 -26.87 -52.43
C GLY G 304 -13.53 -27.51 -53.55
N THR G 305 -12.21 -27.54 -53.41
CA THR G 305 -11.40 -28.14 -54.52
C THR G 305 -10.97 -29.58 -54.29
N ASP G 306 -11.57 -30.27 -53.32
CA ASP G 306 -11.22 -31.63 -53.05
C ASP G 306 -11.20 -32.58 -54.28
N THR G 307 -12.17 -32.44 -55.17
CA THR G 307 -12.24 -33.32 -56.32
C THR G 307 -11.01 -33.14 -57.21
N ALA G 308 -10.59 -31.91 -57.41
CA ALA G 308 -9.38 -31.64 -58.23
C ALA G 308 -8.17 -32.27 -57.52
N LEU G 309 -8.11 -32.10 -56.20
CA LEU G 309 -6.99 -32.70 -55.43
C LEU G 309 -6.91 -34.20 -55.62
N PHE G 310 -8.03 -34.93 -55.46
CA PHE G 310 -7.92 -36.36 -55.56
C PHE G 310 -7.73 -36.83 -57.01
N ASN G 311 -8.27 -36.10 -57.96
CA ASN G 311 -8.06 -36.47 -59.39
C ASN G 311 -6.58 -36.31 -59.75
N GLY G 312 -5.97 -35.24 -59.22
CA GLY G 312 -4.54 -35.00 -59.46
C GLY G 312 -3.72 -36.12 -58.86
N LEU G 313 -4.08 -36.51 -57.66
CA LEU G 313 -3.34 -37.57 -56.98
C LEU G 313 -3.54 -38.93 -57.62
N PHE G 314 -4.78 -39.22 -58.03
CA PHE G 314 -5.06 -40.51 -58.65
C PHE G 314 -4.27 -40.56 -59.99
N THR G 315 -4.33 -39.46 -60.72
CA THR G 315 -3.62 -39.38 -62.02
C THR G 315 -2.14 -39.66 -61.82
N TYR G 316 -1.55 -39.00 -60.81
CA TYR G 316 -0.13 -39.16 -60.52
C TYR G 316 0.27 -40.58 -60.06
N VAL G 317 -0.48 -41.21 -59.13
CA VAL G 317 -0.08 -42.55 -58.72
C VAL G 317 -0.20 -43.54 -59.90
N VAL G 318 -1.16 -43.31 -60.78
CA VAL G 318 -1.32 -44.20 -61.92
C VAL G 318 -0.10 -43.98 -62.85
N GLU G 319 0.25 -42.73 -63.10
CA GLU G 319 1.42 -42.45 -63.96
C GLU G 319 2.73 -43.06 -63.37
N GLN G 320 2.90 -43.03 -62.04
CA GLN G 320 4.11 -43.58 -61.36
C GLN G 320 4.04 -45.09 -61.18
N GLY G 321 2.86 -45.67 -61.43
CA GLY G 321 2.67 -47.09 -61.25
C GLY G 321 2.55 -47.46 -59.76
N TRP G 322 2.27 -46.46 -58.93
CA TRP G 322 2.13 -46.70 -57.48
C TRP G 322 0.67 -47.12 -57.16
N ILE G 323 0.25 -48.19 -57.82
CA ILE G 323 -1.09 -48.79 -57.68
C ILE G 323 -0.90 -50.30 -57.56
N ASP G 324 -1.97 -50.99 -57.19
CA ASP G 324 -1.93 -52.42 -56.99
C ASP G 324 -2.61 -53.06 -58.19
N LYS G 325 -1.79 -53.32 -59.24
CA LYS G 325 -2.35 -53.87 -60.46
C LYS G 325 -3.05 -55.22 -60.32
N PRO G 326 -2.47 -56.17 -59.55
CA PRO G 326 -3.17 -57.47 -59.42
C PRO G 326 -4.54 -57.30 -58.71
N PHE G 327 -4.58 -56.40 -57.73
CA PHE G 327 -5.84 -56.13 -56.99
C PHE G 327 -6.89 -55.52 -57.94
N ILE G 328 -6.49 -54.52 -58.73
CA ILE G 328 -7.37 -53.86 -59.68
C ILE G 328 -7.93 -54.87 -60.65
N GLU G 329 -7.04 -55.71 -61.19
CA GLU G 329 -7.46 -56.73 -62.12
C GLU G 329 -8.43 -57.78 -61.59
N ALA G 330 -8.23 -58.24 -60.36
CA ALA G 330 -9.04 -59.29 -59.80
C ALA G 330 -10.28 -58.82 -59.05
N HIS G 331 -10.22 -57.63 -58.47
CA HIS G 331 -11.34 -57.21 -57.59
C HIS G 331 -12.03 -55.90 -57.87
N THR G 332 -11.80 -55.32 -59.05
CA THR G 332 -12.41 -54.03 -59.37
C THR G 332 -12.89 -53.97 -60.80
N LYS G 333 -13.68 -52.95 -61.10
CA LYS G 333 -14.22 -52.69 -62.40
C LYS G 333 -14.27 -51.18 -62.66
N GLY G 334 -13.95 -50.74 -63.89
CA GLY G 334 -13.99 -49.34 -64.29
C GLY G 334 -12.69 -48.55 -64.19
N PHE G 335 -11.59 -49.22 -63.88
CA PHE G 335 -10.30 -48.52 -63.74
C PHE G 335 -9.87 -47.72 -64.98
N ASP G 336 -9.80 -48.35 -66.15
CA ASP G 336 -9.37 -47.60 -67.34
C ASP G 336 -10.22 -46.41 -67.65
N ASP G 337 -11.53 -46.56 -67.52
CA ASP G 337 -12.43 -45.42 -67.76
C ASP G 337 -12.16 -44.30 -66.77
N ALA G 338 -11.95 -44.61 -65.48
CA ALA G 338 -11.66 -43.55 -64.49
C ALA G 338 -10.35 -42.81 -64.77
N VAL G 339 -9.33 -43.54 -65.21
CA VAL G 339 -8.05 -42.92 -65.54
C VAL G 339 -8.28 -41.86 -66.62
N LYS G 340 -9.15 -42.16 -67.59
CA LYS G 340 -9.45 -41.21 -68.67
C LYS G 340 -10.32 -40.05 -68.19
N THR G 341 -11.40 -40.37 -67.51
CA THR G 341 -12.31 -39.28 -67.07
C THR G 341 -11.74 -38.36 -66.01
N ASN G 342 -10.89 -38.88 -65.13
CA ASN G 342 -10.33 -38.12 -64.01
C ASN G 342 -8.95 -37.57 -64.24
N ARG G 343 -8.47 -37.65 -65.49
CA ARG G 343 -7.13 -37.15 -65.76
C ARG G 343 -6.94 -35.66 -65.45
N LEU G 344 -5.92 -35.37 -64.64
CA LEU G 344 -5.59 -34.03 -64.26
C LEU G 344 -4.11 -33.99 -63.91
N SER G 345 -3.38 -33.09 -64.55
CA SER G 345 -1.94 -32.99 -64.29
C SER G 345 -1.66 -32.37 -62.92
N LEU G 346 -0.47 -32.63 -62.38
CA LEU G 346 -0.11 -31.99 -61.12
C LEU G 346 -0.04 -30.49 -61.20
N ASP G 347 0.42 -29.94 -62.36
CA ASP G 347 0.47 -28.49 -62.51
C ASP G 347 -0.95 -27.90 -62.42
N GLU G 348 -1.91 -28.51 -63.12
CA GLU G 348 -3.28 -28.00 -63.10
C GLU G 348 -3.92 -28.23 -61.71
N CYS G 349 -3.67 -29.42 -61.15
CA CYS G 349 -4.13 -29.75 -59.79
C CYS G 349 -3.63 -28.68 -58.81
N SER G 350 -2.33 -28.35 -58.89
CA SER G 350 -1.76 -27.31 -58.06
C SER G 350 -2.38 -25.94 -58.33
N ASN G 351 -2.63 -25.60 -59.59
CA ASN G 351 -3.25 -24.30 -59.90
C ASN G 351 -4.67 -24.20 -59.29
N ILE G 352 -5.40 -25.29 -59.32
CA ILE G 352 -6.78 -25.30 -58.82
C ILE G 352 -6.85 -25.31 -57.29
N THR G 353 -6.13 -26.23 -56.68
CA THR G 353 -6.17 -26.39 -55.22
C THR G 353 -5.33 -25.38 -54.46
N GLY G 354 -4.32 -24.80 -55.14
CA GLY G 354 -3.40 -23.92 -54.47
C GLY G 354 -2.29 -24.67 -53.73
N VAL G 355 -2.28 -26.00 -53.77
CA VAL G 355 -1.26 -26.77 -53.05
C VAL G 355 -0.02 -26.89 -54.00
N PRO G 356 1.19 -26.61 -53.49
CA PRO G 356 2.37 -26.70 -54.38
C PRO G 356 2.59 -28.11 -54.91
N VAL G 357 3.09 -28.16 -56.14
CA VAL G 357 3.35 -29.43 -56.78
C VAL G 357 4.23 -30.32 -55.90
N ASP G 358 5.25 -29.76 -55.24
CA ASP G 358 6.14 -30.59 -54.42
C ASP G 358 5.38 -31.28 -53.27
N MET G 359 4.43 -30.55 -52.70
CA MET G 359 3.60 -31.08 -51.62
C MET G 359 2.69 -32.21 -52.10
N LEU G 360 2.09 -32.06 -53.28
CA LEU G 360 1.25 -33.10 -53.84
C LEU G 360 2.13 -34.33 -54.07
N LYS G 361 3.32 -34.13 -54.65
CA LYS G 361 4.20 -35.30 -54.88
C LYS G 361 4.59 -35.97 -53.56
N ARG G 362 4.83 -35.17 -52.52
CA ARG G 362 5.26 -35.74 -51.26
C ARG G 362 4.12 -36.53 -50.61
N ALA G 363 2.91 -36.00 -50.72
CA ALA G 363 1.77 -36.70 -50.12
C ALA G 363 1.66 -38.09 -50.77
N ALA G 364 1.78 -38.11 -52.10
CA ALA G 364 1.72 -39.37 -52.86
C ALA G 364 2.90 -40.29 -52.52
N GLU G 365 4.09 -39.73 -52.34
CA GLU G 365 5.26 -40.52 -52.03
C GLU G 365 5.11 -41.20 -50.67
N TRP G 366 4.72 -40.43 -49.68
CA TRP G 366 4.53 -41.02 -48.35
C TRP G 366 3.46 -42.11 -48.31
N SER G 367 2.40 -41.88 -49.06
CA SER G 367 1.24 -42.74 -49.03
C SER G 367 1.10 -43.92 -49.93
N TYR G 368 1.73 -43.86 -51.13
CA TYR G 368 1.44 -44.90 -52.08
C TYR G 368 2.68 -45.54 -52.71
N LYS G 369 3.81 -44.86 -52.64
CA LYS G 369 5.04 -45.47 -53.22
C LYS G 369 5.43 -46.70 -52.41
N PRO G 370 5.71 -47.84 -53.07
CA PRO G 370 6.08 -49.02 -52.27
C PRO G 370 7.26 -48.82 -51.33
N LYS G 371 7.16 -49.49 -50.17
CA LYS G 371 8.19 -49.40 -49.16
C LYS G 371 9.37 -50.25 -49.67
N ALA G 372 10.54 -50.08 -49.07
CA ALA G 372 11.70 -50.87 -49.55
C ALA G 372 11.51 -52.38 -49.49
N SER G 373 10.76 -52.87 -48.48
CA SER G 373 10.51 -54.29 -48.35
C SER G 373 9.51 -54.81 -49.40
N GLY G 374 8.90 -53.89 -50.18
CA GLY G 374 8.05 -54.29 -51.27
C GLY G 374 6.57 -53.96 -51.22
N GLN G 375 6.07 -53.90 -50.00
CA GLN G 375 4.65 -53.63 -49.77
C GLN G 375 4.29 -52.17 -49.91
N ALA G 376 3.06 -51.90 -50.36
CA ALA G 376 2.57 -50.53 -50.47
C ALA G 376 2.31 -50.08 -49.04
N PRO G 377 2.51 -48.78 -48.73
CA PRO G 377 2.26 -48.28 -47.36
C PRO G 377 0.79 -48.63 -46.98
N ARG G 378 0.52 -48.76 -45.67
CA ARG G 378 -0.86 -49.03 -45.21
C ARG G 378 -1.32 -47.60 -44.89
N THR G 379 -2.25 -47.11 -45.71
CA THR G 379 -2.71 -45.73 -45.61
C THR G 379 -4.19 -45.68 -45.35
N MET G 380 -4.50 -45.24 -44.13
CA MET G 380 -5.91 -45.14 -43.72
C MET G 380 -6.42 -43.77 -44.14
N HIS G 381 -7.51 -43.74 -44.93
CA HIS G 381 -8.05 -42.48 -45.42
C HIS G 381 -9.35 -42.17 -44.65
N ALA G 382 -9.27 -41.23 -43.71
CA ALA G 382 -10.44 -40.87 -42.87
C ALA G 382 -10.98 -39.55 -43.37
N TYR G 383 -12.32 -39.42 -43.46
CA TYR G 383 -12.91 -38.18 -43.93
C TYR G 383 -14.21 -37.91 -43.14
N GLU G 384 -14.59 -36.66 -43.14
CA GLU G 384 -15.87 -36.35 -42.46
C GLU G 384 -16.59 -35.19 -43.14
N LYS G 385 -17.10 -34.18 -42.40
CA LYS G 385 -17.96 -33.20 -43.04
C LYS G 385 -17.41 -32.17 -44.01
N GLY G 386 -16.08 -31.97 -43.97
CA GLY G 386 -15.44 -31.04 -44.88
C GLY G 386 -15.65 -31.49 -46.31
N ILE G 387 -15.79 -32.81 -46.55
CA ILE G 387 -16.12 -33.27 -47.90
C ILE G 387 -17.56 -33.80 -48.00
N ILE G 388 -18.11 -34.37 -46.93
CA ILE G 388 -19.49 -34.85 -46.96
C ILE G 388 -20.44 -33.68 -47.19
N TRP G 389 -20.17 -32.53 -46.53
CA TRP G 389 -20.96 -31.32 -46.76
C TRP G 389 -20.15 -30.41 -47.65
N GLY G 390 -19.33 -31.03 -48.51
CA GLY G 390 -18.52 -30.19 -49.38
C GLY G 390 -19.04 -29.91 -50.77
N ASN G 391 -18.13 -29.54 -51.68
CA ASN G 391 -18.56 -29.17 -53.01
C ASN G 391 -18.89 -30.39 -53.86
N ASP G 392 -20.16 -30.81 -53.78
CA ASP G 392 -20.70 -31.97 -54.50
C ASP G 392 -20.25 -33.27 -53.88
N ASN G 393 -20.93 -33.63 -52.80
CA ASN G 393 -20.65 -34.82 -52.04
C ASN G 393 -20.38 -36.07 -52.91
N TYR G 394 -21.27 -36.33 -53.87
CA TYR G 394 -21.21 -37.52 -54.70
C TYR G 394 -19.91 -37.57 -55.53
N VAL G 395 -19.57 -36.45 -56.12
CA VAL G 395 -18.38 -36.36 -56.99
C VAL G 395 -17.09 -36.42 -56.17
N ILE G 396 -17.05 -35.73 -55.01
CA ILE G 396 -15.80 -35.81 -54.20
C ILE G 396 -15.54 -37.25 -53.77
N GLN G 397 -16.57 -37.94 -53.28
CA GLN G 397 -16.37 -39.31 -52.82
C GLN G 397 -15.93 -40.24 -53.96
N SER G 398 -16.50 -40.00 -55.14
CA SER G 398 -16.14 -40.77 -56.33
C SER G 398 -14.63 -40.61 -56.57
N ALA G 399 -14.15 -39.38 -56.51
CA ALA G 399 -12.71 -39.10 -56.77
C ALA G 399 -11.84 -39.76 -55.72
N LEU G 400 -12.24 -39.61 -54.46
CA LEU G 400 -11.44 -40.17 -53.39
C LEU G 400 -11.43 -41.69 -53.34
N LEU G 401 -12.57 -42.32 -53.53
CA LEU G 401 -12.59 -43.76 -53.46
C LEU G 401 -11.80 -44.35 -54.67
N ASP G 402 -11.78 -43.64 -55.81
CA ASP G 402 -10.97 -44.15 -56.97
C ASP G 402 -9.50 -44.22 -56.53
N LEU G 403 -8.99 -43.17 -55.88
CA LEU G 403 -7.61 -43.19 -55.38
C LEU G 403 -7.36 -44.35 -54.41
N VAL G 404 -8.27 -44.54 -53.45
CA VAL G 404 -8.17 -45.60 -52.50
C VAL G 404 -8.22 -47.01 -53.08
N ILE G 405 -9.13 -47.24 -54.03
CA ILE G 405 -9.32 -48.58 -54.59
C ILE G 405 -8.06 -48.92 -55.42
N ALA G 406 -7.61 -47.94 -56.23
CA ALA G 406 -6.44 -48.20 -57.09
C ALA G 406 -5.20 -48.54 -56.26
N THR G 407 -5.15 -48.02 -55.03
CA THR G 407 -4.02 -48.27 -54.14
C THR G 407 -4.27 -49.32 -53.07
N HIS G 408 -5.35 -50.09 -53.23
CA HIS G 408 -5.66 -51.16 -52.32
C HIS G 408 -5.71 -50.71 -50.86
N ASN G 409 -6.24 -49.52 -50.63
CA ASN G 409 -6.31 -49.06 -49.24
C ASN G 409 -7.65 -49.28 -48.52
N VAL G 410 -8.29 -50.42 -48.83
CA VAL G 410 -9.46 -50.93 -48.12
C VAL G 410 -9.15 -52.41 -48.00
N GLY G 411 -9.52 -53.04 -46.90
CA GLY G 411 -9.32 -54.47 -46.79
C GLY G 411 -7.99 -54.96 -46.25
N ARG G 412 -6.97 -54.10 -46.21
CA ARG G 412 -5.69 -54.46 -45.64
C ARG G 412 -5.65 -53.84 -44.26
N ARG G 413 -5.09 -54.54 -43.28
CA ARG G 413 -5.02 -53.95 -41.94
C ARG G 413 -4.19 -52.66 -42.00
N GLY G 414 -4.54 -51.69 -41.15
CA GLY G 414 -3.83 -50.43 -41.20
C GLY G 414 -4.37 -49.53 -42.31
N THR G 415 -5.44 -49.91 -43.00
CA THR G 415 -5.98 -49.09 -44.04
C THR G 415 -7.48 -48.85 -43.78
N GLY G 416 -8.21 -48.60 -44.86
CA GLY G 416 -9.65 -48.29 -44.85
C GLY G 416 -9.93 -46.92 -45.42
N CYS G 417 -11.12 -46.67 -45.99
CA CYS G 417 -11.45 -45.34 -46.44
C CYS G 417 -12.76 -45.18 -45.67
N VAL G 418 -12.69 -44.41 -44.60
CA VAL G 418 -13.85 -44.41 -43.67
C VAL G 418 -14.32 -43.05 -43.22
N ARG G 419 -15.62 -42.99 -42.97
CA ARG G 419 -16.15 -41.80 -42.35
C ARG G 419 -15.60 -41.82 -40.90
N MET G 420 -15.30 -40.63 -40.39
CA MET G 420 -14.90 -40.53 -39.00
C MET G 420 -16.19 -40.54 -38.10
N GLY G 421 -17.31 -40.17 -38.70
CA GLY G 421 -18.59 -40.28 -38.01
C GLY G 421 -18.97 -39.01 -37.29
N GLY G 422 -20.26 -38.88 -36.97
CA GLY G 422 -20.72 -37.68 -36.28
C GLY G 422 -21.28 -38.17 -34.94
N HIS G 423 -22.55 -38.57 -34.97
CA HIS G 423 -23.14 -39.24 -33.82
C HIS G 423 -22.73 -40.71 -33.97
N GLN G 424 -23.08 -41.53 -32.98
CA GLN G 424 -22.92 -42.97 -33.07
C GLN G 424 -23.98 -43.39 -34.08
N GLU G 425 -23.96 -44.67 -34.44
CA GLU G 425 -24.91 -45.19 -35.42
C GLU G 425 -25.86 -46.14 -34.75
N GLY G 426 -27.07 -46.26 -35.28
CA GLY G 426 -28.00 -47.18 -34.65
C GLY G 426 -29.24 -47.27 -35.51
N TYR G 427 -29.03 -47.61 -36.79
CA TYR G 427 -30.13 -47.64 -37.76
C TYR G 427 -30.81 -48.98 -38.05
N THR G 428 -32.12 -49.08 -37.76
CA THR G 428 -32.89 -50.26 -38.17
C THR G 428 -34.25 -49.66 -38.56
N ARG G 429 -34.58 -49.73 -39.85
CA ARG G 429 -35.83 -49.17 -40.35
C ARG G 429 -36.41 -49.88 -41.55
N PRO G 430 -37.71 -49.63 -41.80
CA PRO G 430 -38.32 -50.25 -42.99
C PRO G 430 -37.79 -49.39 -44.14
N PRO G 431 -37.95 -49.85 -45.38
CA PRO G 431 -37.51 -49.07 -46.55
C PRO G 431 -38.29 -47.75 -46.66
N TYR G 432 -37.65 -46.69 -47.15
CA TYR G 432 -38.32 -45.39 -47.36
C TYR G 432 -39.43 -45.66 -48.42
N PRO G 433 -40.68 -45.22 -48.17
CA PRO G 433 -41.81 -45.46 -49.08
C PRO G 433 -41.98 -44.55 -50.27
N GLY G 434 -40.90 -44.16 -50.90
CA GLY G 434 -41.05 -43.31 -52.06
C GLY G 434 -40.00 -43.65 -53.09
N ASP G 435 -40.23 -43.17 -54.31
CA ASP G 435 -39.30 -43.35 -55.40
C ASP G 435 -38.67 -41.98 -55.74
N LYS G 436 -39.15 -40.91 -55.14
CA LYS G 436 -38.62 -39.58 -55.44
C LYS G 436 -37.71 -39.02 -54.34
N LYS G 437 -36.85 -38.09 -54.73
CA LYS G 437 -35.94 -37.43 -53.79
C LYS G 437 -36.68 -36.11 -53.55
N ILE G 438 -37.07 -35.87 -52.30
CA ILE G 438 -37.85 -34.67 -51.99
C ILE G 438 -37.13 -33.74 -51.03
N TYR G 439 -36.94 -32.49 -51.44
CA TYR G 439 -36.25 -31.48 -50.63
C TYR G 439 -37.30 -30.94 -49.66
N ILE G 440 -37.38 -31.55 -48.49
CA ILE G 440 -38.44 -31.21 -47.50
C ILE G 440 -38.51 -29.74 -47.10
N ASP G 441 -37.38 -29.12 -46.75
CA ASP G 441 -37.41 -27.72 -46.38
C ASP G 441 -38.03 -26.85 -47.48
N GLN G 442 -37.70 -27.13 -48.75
CA GLN G 442 -38.26 -26.32 -49.83
C GLN G 442 -39.77 -26.52 -49.95
N GLU G 443 -40.24 -27.75 -49.78
CA GLU G 443 -41.69 -28.02 -49.86
C GLU G 443 -42.41 -27.26 -48.73
N LEU G 444 -41.80 -27.25 -47.55
CA LEU G 444 -42.42 -26.56 -46.45
C LEU G 444 -42.46 -25.07 -46.71
N ILE G 445 -41.37 -24.51 -47.23
CA ILE G 445 -41.30 -23.10 -47.53
C ILE G 445 -42.33 -22.71 -48.58
N LYS G 446 -42.58 -23.64 -49.49
CA LYS G 446 -43.57 -23.44 -50.56
C LYS G 446 -45.01 -23.64 -50.11
N GLY G 447 -45.22 -23.98 -48.85
CA GLY G 447 -46.58 -24.11 -48.35
C GLY G 447 -47.14 -25.50 -48.29
N LYS G 448 -46.34 -26.50 -48.54
CA LYS G 448 -46.87 -27.84 -48.53
C LYS G 448 -46.96 -28.42 -47.13
N GLY G 449 -47.80 -29.45 -46.98
CA GLY G 449 -47.97 -30.16 -45.73
C GLY G 449 -49.00 -29.55 -44.77
N ARG G 450 -49.63 -30.39 -43.97
CA ARG G 450 -50.61 -29.95 -42.96
C ARG G 450 -49.97 -29.96 -41.56
N ILE G 451 -49.14 -30.98 -41.31
CA ILE G 451 -48.50 -31.15 -40.02
C ILE G 451 -47.03 -31.54 -40.23
N MET G 452 -46.17 -30.92 -39.42
CA MET G 452 -44.72 -31.17 -39.48
C MET G 452 -44.26 -31.50 -38.07
N THR G 453 -43.58 -32.62 -37.91
CA THR G 453 -43.02 -33.00 -36.60
C THR G 453 -41.51 -32.98 -36.66
N TRP G 454 -40.87 -32.20 -35.76
CA TRP G 454 -39.39 -32.24 -35.64
C TRP G 454 -39.20 -33.24 -34.55
N TRP G 455 -38.42 -34.31 -34.81
CA TRP G 455 -38.27 -35.35 -33.82
C TRP G 455 -36.80 -35.60 -33.50
N GLY G 456 -36.38 -35.17 -32.30
CA GLY G 456 -34.97 -35.37 -31.97
C GLY G 456 -34.03 -34.53 -32.85
N CYS G 457 -34.48 -33.40 -33.36
CA CYS G 457 -33.62 -32.49 -34.13
C CYS G 457 -34.17 -31.07 -34.03
N ASN G 458 -33.38 -30.09 -34.46
CA ASN G 458 -33.81 -28.69 -34.34
C ASN G 458 -33.28 -27.96 -35.54
N ASN G 459 -34.00 -28.11 -36.67
CA ASN G 459 -33.53 -27.49 -37.91
C ASN G 459 -33.60 -25.97 -37.92
N PHE G 460 -34.22 -25.35 -36.87
CA PHE G 460 -34.20 -23.91 -36.81
C PHE G 460 -32.73 -23.48 -36.60
N GLN G 461 -31.96 -24.33 -35.93
CA GLN G 461 -30.57 -24.03 -35.69
C GLN G 461 -29.63 -24.76 -36.68
N THR G 462 -30.16 -25.74 -37.39
CA THR G 462 -29.27 -26.57 -38.21
C THR G 462 -29.56 -26.80 -39.67
N SER G 463 -30.69 -26.31 -40.19
CA SER G 463 -30.92 -26.51 -41.62
C SER G 463 -29.95 -25.61 -42.44
N ASN G 464 -29.66 -26.01 -43.68
CA ASN G 464 -28.95 -25.08 -44.53
C ASN G 464 -30.02 -24.04 -44.93
N ASN G 465 -29.58 -22.81 -45.25
CA ASN G 465 -30.51 -21.71 -45.69
C ASN G 465 -31.56 -21.66 -44.60
N ALA G 466 -31.06 -21.63 -43.37
CA ALA G 466 -31.92 -21.68 -42.18
C ALA G 466 -32.82 -20.48 -42.01
N GLN G 467 -32.40 -19.30 -42.49
CA GLN G 467 -33.23 -18.11 -42.33
C GLN G 467 -34.51 -18.22 -43.16
N ALA G 468 -34.43 -18.75 -44.38
CA ALA G 468 -35.65 -18.92 -45.18
C ALA G 468 -36.59 -19.95 -44.50
N LEU G 469 -36.03 -20.99 -43.91
CA LEU G 469 -36.85 -21.99 -43.26
C LEU G 469 -37.57 -21.36 -42.05
N ARG G 470 -36.82 -20.68 -41.17
CA ARG G 470 -37.49 -20.12 -39.98
C ARG G 470 -38.51 -19.07 -40.37
N GLU G 471 -38.18 -18.24 -41.37
CA GLU G 471 -39.11 -17.18 -41.84
C GLU G 471 -40.47 -17.83 -42.19
N ALA G 472 -40.40 -18.90 -42.97
CA ALA G 472 -41.61 -19.60 -43.39
C ALA G 472 -42.34 -20.37 -42.30
N ILE G 473 -41.61 -21.11 -41.48
CA ILE G 473 -42.29 -21.89 -40.44
C ILE G 473 -42.94 -20.94 -39.42
N LEU G 474 -42.28 -19.85 -39.06
CA LEU G 474 -42.91 -18.95 -38.07
C LEU G 474 -44.21 -18.39 -38.63
N GLN G 475 -44.19 -17.99 -39.90
CA GLN G 475 -45.41 -17.43 -40.50
C GLN G 475 -46.51 -18.45 -40.59
N ARG G 476 -46.22 -19.65 -41.08
CA ARG G 476 -47.25 -20.69 -41.16
C ARG G 476 -47.78 -21.11 -39.78
N SER G 477 -46.87 -21.12 -38.79
CA SER G 477 -47.28 -21.47 -37.43
C SER G 477 -48.26 -20.41 -36.91
N ALA G 478 -47.98 -19.14 -37.19
CA ALA G 478 -48.80 -17.99 -36.73
C ALA G 478 -50.24 -18.09 -37.22
N ILE G 479 -50.41 -18.55 -38.45
CA ILE G 479 -51.75 -18.72 -39.04
C ILE G 479 -52.57 -19.71 -38.22
N VAL G 480 -51.94 -20.80 -37.78
CA VAL G 480 -52.64 -21.79 -36.96
C VAL G 480 -52.99 -21.17 -35.58
N LYS G 481 -52.04 -20.46 -34.98
CA LYS G 481 -52.31 -19.83 -33.68
C LYS G 481 -53.49 -18.84 -33.80
N GLN G 482 -53.48 -18.00 -34.84
CA GLN G 482 -54.56 -17.02 -35.04
C GLN G 482 -55.90 -17.73 -35.15
N ALA G 483 -55.94 -18.86 -35.84
CA ALA G 483 -57.18 -19.62 -36.03
C ALA G 483 -57.68 -20.21 -34.70
N MET G 484 -56.77 -20.70 -33.87
CA MET G 484 -57.15 -21.29 -32.59
C MET G 484 -57.66 -20.20 -31.64
N GLN G 485 -57.21 -18.97 -31.80
CA GLN G 485 -57.57 -17.85 -30.93
C GLN G 485 -59.10 -17.61 -30.94
N LYS G 486 -59.75 -17.95 -32.04
CA LYS G 486 -61.18 -17.72 -32.18
C LYS G 486 -62.08 -18.72 -31.44
N ALA G 487 -61.56 -19.90 -31.12
CA ALA G 487 -62.36 -20.93 -30.47
C ALA G 487 -62.66 -20.65 -28.98
N ARG G 488 -63.74 -21.29 -28.50
CA ARG G 488 -64.18 -21.21 -27.10
C ARG G 488 -64.89 -22.51 -26.79
N GLY G 489 -64.44 -23.21 -25.76
CA GLY G 489 -65.11 -24.43 -25.35
C GLY G 489 -65.07 -25.55 -26.39
N ALA G 490 -64.10 -25.47 -27.29
CA ALA G 490 -63.99 -26.50 -28.35
C ALA G 490 -63.53 -27.84 -27.87
N THR G 491 -64.19 -28.91 -28.32
CA THR G 491 -63.75 -30.25 -27.96
C THR G 491 -62.49 -30.50 -28.82
N THR G 492 -61.78 -31.59 -28.56
CA THR G 492 -60.58 -31.90 -29.35
C THR G 492 -60.93 -32.04 -30.84
N GLU G 493 -62.01 -32.77 -31.13
CA GLU G 493 -62.46 -32.95 -32.50
C GLU G 493 -62.72 -31.61 -33.19
N GLU G 494 -63.39 -30.67 -32.52
CA GLU G 494 -63.62 -29.37 -33.13
C GLU G 494 -62.31 -28.62 -33.36
N MET G 495 -61.36 -28.79 -32.43
CA MET G 495 -60.07 -28.11 -32.56
C MET G 495 -59.28 -28.73 -33.74
N VAL G 496 -59.33 -30.04 -33.86
CA VAL G 496 -58.66 -30.70 -35.00
C VAL G 496 -59.21 -30.05 -36.32
N ASP G 497 -60.53 -29.83 -36.41
CA ASP G 497 -61.06 -29.18 -37.62
C ASP G 497 -60.66 -27.71 -37.76
N VAL G 498 -60.58 -26.98 -36.65
CA VAL G 498 -60.18 -25.58 -36.73
C VAL G 498 -58.74 -25.49 -37.26
N ILE G 499 -57.89 -26.38 -36.75
CA ILE G 499 -56.48 -26.40 -37.14
C ILE G 499 -56.34 -26.84 -38.60
N TYR G 500 -57.03 -27.91 -38.98
CA TYR G 500 -56.98 -28.34 -40.37
C TYR G 500 -57.38 -27.24 -41.33
N GLU G 501 -58.48 -26.53 -41.04
CA GLU G 501 -58.90 -25.42 -41.89
C GLU G 501 -57.83 -24.36 -41.99
N ALA G 502 -57.15 -24.07 -40.89
CA ALA G 502 -56.10 -23.05 -40.93
C ALA G 502 -54.98 -23.50 -41.91
N THR G 503 -54.74 -24.81 -41.97
CA THR G 503 -53.67 -25.32 -42.87
C THR G 503 -54.11 -25.30 -44.32
N GLN G 504 -55.40 -25.01 -44.57
CA GLN G 504 -55.90 -24.91 -45.94
C GLN G 504 -55.75 -23.48 -46.33
N ASN G 505 -55.33 -22.66 -45.37
CA ASN G 505 -55.11 -21.26 -45.61
C ASN G 505 -53.69 -20.85 -45.34
N GLY G 506 -52.77 -21.77 -45.59
CA GLY G 506 -51.36 -21.45 -45.42
C GLY G 506 -50.74 -21.90 -44.11
N GLY G 507 -51.54 -22.37 -43.16
CA GLY G 507 -50.93 -22.74 -41.88
C GLY G 507 -50.21 -24.08 -41.88
N LEU G 508 -49.52 -24.34 -40.76
CA LEU G 508 -48.81 -25.59 -40.56
C LEU G 508 -48.84 -25.89 -39.05
N PHE G 509 -49.34 -27.05 -38.66
CA PHE G 509 -49.34 -27.45 -37.24
C PHE G 509 -47.95 -28.04 -37.02
N VAL G 510 -47.30 -27.55 -35.97
CA VAL G 510 -45.92 -27.96 -35.69
C VAL G 510 -45.78 -28.70 -34.39
N THR G 511 -45.17 -29.89 -34.44
CA THR G 511 -44.93 -30.67 -33.22
C THR G 511 -43.41 -30.89 -33.04
N SER G 512 -42.94 -30.82 -31.80
CA SER G 512 -41.54 -31.14 -31.52
C SER G 512 -41.51 -32.23 -30.44
N ILE G 513 -40.72 -33.29 -30.66
CA ILE G 513 -40.57 -34.35 -29.68
C ILE G 513 -39.09 -34.24 -29.28
N ASN G 514 -38.84 -33.92 -28.01
CA ASN G 514 -37.48 -33.53 -27.65
C ASN G 514 -37.24 -33.65 -26.17
N LEU G 515 -35.99 -33.39 -25.73
CA LEU G 515 -35.71 -33.32 -24.31
C LEU G 515 -36.00 -31.91 -23.73
N TYR G 516 -35.99 -30.88 -24.55
CA TYR G 516 -36.11 -29.47 -24.11
C TYR G 516 -36.98 -28.69 -25.05
N PRO G 517 -37.42 -27.49 -24.62
CA PRO G 517 -38.26 -26.65 -25.47
C PRO G 517 -37.55 -26.29 -26.82
N THR G 518 -36.29 -25.84 -26.67
CA THR G 518 -35.44 -25.34 -27.76
C THR G 518 -36.04 -24.12 -28.45
N LYS G 519 -35.36 -23.61 -29.47
CA LYS G 519 -35.87 -22.47 -30.25
C LYS G 519 -37.12 -22.90 -31.03
N LEU G 520 -37.31 -24.20 -31.21
CA LEU G 520 -38.52 -24.71 -31.95
C LEU G 520 -39.80 -24.25 -31.20
N ALA G 521 -39.67 -24.04 -29.89
CA ALA G 521 -40.83 -23.52 -29.10
C ALA G 521 -41.35 -22.18 -29.63
N GLU G 522 -40.58 -21.45 -30.45
CA GLU G 522 -41.06 -20.17 -30.98
C GLU G 522 -42.14 -20.39 -32.02
N ALA G 523 -42.20 -21.60 -32.56
CA ALA G 523 -43.21 -21.95 -33.58
C ALA G 523 -44.09 -23.18 -33.25
N ALA G 524 -43.62 -24.10 -32.40
CA ALA G 524 -44.38 -25.31 -32.12
C ALA G 524 -45.73 -25.05 -31.45
N HIS G 525 -46.69 -25.96 -31.73
CA HIS G 525 -48.01 -25.90 -31.11
C HIS G 525 -48.09 -27.01 -30.10
N LEU G 526 -47.25 -28.04 -30.22
CA LEU G 526 -47.23 -29.17 -29.33
C LEU G 526 -45.80 -29.71 -29.16
N MET G 527 -45.42 -29.97 -27.92
CA MET G 527 -44.10 -30.56 -27.62
C MET G 527 -44.29 -31.76 -26.73
N LEU G 528 -43.63 -32.87 -27.04
CA LEU G 528 -43.74 -34.10 -26.26
C LEU G 528 -42.39 -34.42 -25.64
N PRO G 529 -42.39 -34.82 -24.37
CA PRO G 529 -41.17 -35.14 -23.63
C PRO G 529 -40.60 -36.50 -23.88
N ALA G 530 -39.30 -36.49 -24.28
CA ALA G 530 -38.57 -37.72 -24.54
C ALA G 530 -37.56 -38.10 -23.42
N ALA G 531 -37.04 -39.33 -23.47
CA ALA G 531 -36.08 -39.78 -22.46
C ALA G 531 -34.73 -40.14 -23.12
N HIS G 532 -33.62 -39.88 -22.43
CA HIS G 532 -32.30 -40.23 -23.00
C HIS G 532 -31.66 -41.43 -22.30
N PRO G 533 -30.52 -41.96 -22.84
CA PRO G 533 -29.88 -43.14 -22.25
C PRO G 533 -29.60 -43.06 -20.76
N GLY G 534 -29.95 -44.10 -20.00
CA GLY G 534 -29.78 -44.04 -18.55
C GLY G 534 -31.19 -43.87 -17.93
N GLU G 535 -32.07 -43.14 -18.61
CA GLU G 535 -33.53 -43.02 -18.25
C GLU G 535 -34.23 -44.19 -18.99
N MET G 536 -33.50 -44.81 -19.94
CA MET G 536 -33.99 -45.95 -20.73
C MET G 536 -32.76 -46.75 -21.15
N ASN G 537 -32.99 -47.99 -21.53
CA ASN G 537 -31.91 -48.81 -22.10
C ASN G 537 -31.76 -48.35 -23.55
N LEU G 538 -30.57 -48.51 -24.14
CA LEU G 538 -30.45 -48.05 -25.53
C LEU G 538 -29.25 -48.76 -26.15
N THR G 539 -29.38 -49.15 -27.41
CA THR G 539 -28.25 -49.83 -28.13
C THR G 539 -27.84 -48.97 -29.30
N SER G 540 -26.53 -49.00 -29.61
CA SER G 540 -25.97 -48.22 -30.73
C SER G 540 -24.54 -48.74 -30.96
N MET G 541 -24.00 -48.42 -32.13
CA MET G 541 -22.62 -48.83 -32.43
C MET G 541 -21.78 -47.59 -32.73
N ASN G 542 -20.46 -47.76 -32.63
CA ASN G 542 -19.57 -46.63 -32.85
C ASN G 542 -18.93 -46.68 -34.28
N GLY G 543 -17.87 -45.90 -34.45
CA GLY G 543 -17.24 -45.74 -35.78
C GLY G 543 -16.50 -46.99 -36.27
N GLU G 544 -16.44 -48.03 -35.47
CA GLU G 544 -15.85 -49.30 -35.88
C GLU G 544 -16.92 -50.40 -35.74
N ARG G 545 -18.18 -49.95 -35.78
CA ARG G 545 -19.35 -50.85 -35.71
C ARG G 545 -19.50 -51.67 -34.40
N ARG G 546 -18.98 -51.13 -33.30
CA ARG G 546 -19.00 -51.81 -32.01
C ARG G 546 -20.31 -51.47 -31.27
N ILE G 547 -21.21 -52.45 -31.26
CA ILE G 547 -22.54 -52.30 -30.60
C ILE G 547 -22.44 -52.57 -29.10
N ARG G 548 -23.04 -51.68 -28.31
CA ARG G 548 -23.02 -51.82 -26.87
C ARG G 548 -24.44 -51.43 -26.38
N LEU G 549 -24.76 -51.94 -25.19
CA LEU G 549 -26.02 -51.60 -24.47
C LEU G 549 -25.70 -50.56 -23.36
N SER G 550 -26.41 -49.42 -23.38
CA SER G 550 -26.30 -48.41 -22.31
C SER G 550 -27.51 -48.81 -21.43
N GLU G 551 -27.26 -49.06 -20.15
CA GLU G 551 -28.32 -49.55 -19.24
C GLU G 551 -29.07 -48.45 -18.51
N LYS G 552 -30.37 -48.68 -18.34
CA LYS G 552 -31.17 -47.73 -17.56
C LYS G 552 -30.69 -47.79 -16.12
N PHE G 553 -30.65 -46.63 -15.43
CA PHE G 553 -30.26 -46.63 -14.03
C PHE G 553 -31.09 -45.61 -13.27
N MET G 554 -31.95 -44.86 -13.95
CA MET G 554 -32.76 -43.84 -13.23
C MET G 554 -34.09 -43.57 -13.92
N ASP G 555 -35.00 -42.84 -13.27
CA ASP G 555 -36.26 -42.54 -13.95
C ASP G 555 -36.18 -41.27 -14.82
N PRO G 556 -36.95 -41.20 -15.92
CA PRO G 556 -36.98 -40.01 -16.78
C PRO G 556 -37.73 -38.91 -15.96
N PRO G 557 -37.60 -37.63 -16.34
CA PRO G 557 -38.32 -36.58 -15.59
C PRO G 557 -39.84 -36.72 -15.91
N GLY G 558 -40.67 -36.52 -14.87
CA GLY G 558 -42.10 -36.52 -15.12
C GLY G 558 -42.60 -37.70 -15.92
N THR G 559 -43.33 -37.42 -17.00
CA THR G 559 -43.86 -38.48 -17.84
C THR G 559 -43.09 -38.63 -19.16
N ALA G 560 -41.84 -38.17 -19.17
CA ALA G 560 -41.01 -38.31 -20.39
C ALA G 560 -40.93 -39.79 -20.74
N MET G 561 -40.77 -40.06 -22.04
CA MET G 561 -40.79 -41.44 -22.49
C MET G 561 -39.75 -41.70 -23.60
N ALA G 562 -39.31 -42.95 -23.70
CA ALA G 562 -38.37 -43.36 -24.78
C ALA G 562 -39.04 -43.03 -26.12
N ASP G 563 -38.27 -42.56 -27.11
CA ASP G 563 -38.88 -42.23 -28.39
C ASP G 563 -39.61 -43.36 -29.08
N CYS G 564 -39.05 -44.58 -29.01
CA CYS G 564 -39.74 -45.71 -29.67
C CYS G 564 -41.14 -45.93 -29.05
N LEU G 565 -41.26 -45.63 -27.75
CA LEU G 565 -42.55 -45.81 -27.04
C LEU G 565 -43.50 -44.64 -27.34
N ILE G 566 -42.98 -43.46 -27.63
CA ILE G 566 -43.82 -42.36 -28.07
C ILE G 566 -44.39 -42.74 -29.44
N ALA G 567 -43.55 -43.33 -30.31
CA ALA G 567 -44.02 -43.75 -31.60
C ALA G 567 -45.14 -44.79 -31.43
N ALA G 568 -44.95 -45.75 -30.52
CA ALA G 568 -45.96 -46.81 -30.22
C ALA G 568 -47.26 -46.11 -29.72
N ARG G 569 -47.11 -45.09 -28.86
CA ARG G 569 -48.31 -44.38 -28.31
C ARG G 569 -49.12 -43.71 -29.43
N ILE G 570 -48.40 -43.08 -30.36
CA ILE G 570 -49.00 -42.45 -31.50
C ILE G 570 -49.70 -43.50 -32.39
N ALA G 571 -48.99 -44.57 -32.72
CA ALA G 571 -49.54 -45.62 -33.58
C ALA G 571 -50.80 -46.22 -32.97
N ASN G 572 -50.71 -46.57 -31.69
CA ASN G 572 -51.86 -47.18 -31.02
C ASN G 572 -53.03 -46.19 -30.95
N ALA G 573 -52.75 -44.88 -30.85
CA ALA G 573 -53.84 -43.89 -30.80
C ALA G 573 -54.50 -43.86 -32.17
N LEU G 574 -53.70 -43.92 -33.24
CA LEU G 574 -54.25 -43.89 -34.57
C LEU G 574 -55.01 -45.21 -34.85
N ARG G 575 -54.47 -46.33 -34.40
CA ARG G 575 -55.15 -47.60 -34.64
C ARG G 575 -56.57 -47.61 -34.00
N ASP G 576 -56.65 -47.11 -32.78
CA ASP G 576 -57.94 -47.04 -32.07
C ASP G 576 -58.88 -46.09 -32.79
N MET G 577 -58.43 -44.92 -33.20
CA MET G 577 -59.32 -44.01 -33.96
C MET G 577 -59.86 -44.68 -35.23
N TYR G 578 -58.98 -45.36 -35.98
CA TYR G 578 -59.42 -46.02 -37.20
C TYR G 578 -60.40 -47.15 -36.90
N GLN G 579 -60.12 -47.93 -35.87
CA GLN G 579 -61.00 -49.03 -35.49
C GLN G 579 -62.40 -48.49 -35.16
N LYS G 580 -62.45 -47.37 -34.44
CA LYS G 580 -63.72 -46.75 -34.05
C LYS G 580 -64.46 -46.09 -35.19
N ASP G 581 -63.73 -45.72 -36.23
CA ASP G 581 -64.31 -45.06 -37.40
C ASP G 581 -64.72 -46.16 -38.41
N GLY G 582 -64.58 -47.41 -37.97
CA GLY G 582 -64.92 -48.56 -38.81
C GLY G 582 -64.05 -48.73 -40.06
N LYS G 583 -62.80 -48.28 -40.02
CA LYS G 583 -61.88 -48.38 -41.17
C LYS G 583 -60.81 -49.43 -40.86
N ALA G 584 -61.19 -50.70 -40.96
CA ALA G 584 -60.29 -51.80 -40.63
C ALA G 584 -58.96 -51.84 -41.40
N GLU G 585 -58.99 -51.44 -42.66
CA GLU G 585 -57.79 -51.51 -43.47
C GLU G 585 -56.75 -50.53 -42.96
N MET G 586 -57.19 -49.31 -42.66
CA MET G 586 -56.29 -48.29 -42.13
C MET G 586 -55.80 -48.71 -40.77
N ALA G 587 -56.69 -49.18 -39.91
CA ALA G 587 -56.24 -49.59 -38.57
C ALA G 587 -55.18 -50.66 -38.63
N ALA G 588 -55.24 -51.53 -39.63
CA ALA G 588 -54.27 -52.61 -39.72
C ALA G 588 -52.86 -52.08 -39.99
N GLN G 589 -52.77 -50.96 -40.68
CA GLN G 589 -51.45 -50.33 -40.94
C GLN G 589 -50.77 -49.99 -39.64
N PHE G 590 -51.58 -49.78 -38.57
CA PHE G 590 -51.04 -49.39 -37.28
C PHE G 590 -50.82 -50.49 -36.29
N GLU G 591 -50.90 -51.74 -36.73
CA GLU G 591 -50.63 -52.86 -35.85
C GLU G 591 -49.08 -52.99 -35.64
N GLY G 592 -48.70 -53.78 -34.67
CA GLY G 592 -47.27 -54.02 -34.44
C GLY G 592 -46.59 -53.07 -33.47
N PHE G 593 -47.35 -52.42 -32.57
CA PHE G 593 -46.70 -51.52 -31.60
C PHE G 593 -47.17 -51.78 -30.19
N ASP G 594 -47.44 -53.05 -29.89
CA ASP G 594 -47.88 -53.43 -28.54
C ASP G 594 -46.59 -53.56 -27.71
N TRP G 595 -45.94 -52.42 -27.47
CA TRP G 595 -44.66 -52.44 -26.75
C TRP G 595 -44.78 -51.81 -25.37
N LYS G 596 -44.20 -52.46 -24.38
CA LYS G 596 -44.22 -51.95 -23.01
C LYS G 596 -42.87 -51.34 -22.62
N THR G 597 -41.79 -51.75 -23.32
CA THR G 597 -40.44 -51.25 -22.97
C THR G 597 -39.63 -51.17 -24.28
N GLU G 598 -38.55 -50.39 -24.27
CA GLU G 598 -37.76 -50.19 -25.48
C GLU G 598 -37.15 -51.53 -25.97
N GLU G 599 -36.95 -52.49 -25.07
CA GLU G 599 -36.38 -53.79 -25.49
C GLU G 599 -37.37 -54.46 -26.47
N ASP G 600 -38.66 -54.16 -26.34
CA ASP G 600 -39.62 -54.70 -27.30
C ASP G 600 -39.34 -54.22 -28.71
N ALA G 601 -38.87 -52.96 -28.87
CA ALA G 601 -38.58 -52.37 -30.18
C ALA G 601 -37.26 -52.97 -30.72
N PHE G 602 -36.34 -53.30 -29.83
CA PHE G 602 -35.09 -53.95 -30.24
C PHE G 602 -35.44 -55.34 -30.82
N ASN G 603 -36.31 -56.06 -30.10
CA ASN G 603 -36.72 -57.40 -30.55
C ASN G 603 -37.52 -57.34 -31.85
N ASP G 604 -38.30 -56.29 -32.06
CA ASP G 604 -39.13 -56.23 -33.25
C ASP G 604 -38.44 -55.74 -34.53
N GLY G 605 -37.35 -54.97 -34.36
CA GLY G 605 -36.66 -54.38 -35.48
C GLY G 605 -35.31 -55.04 -35.71
N PHE G 606 -34.33 -54.60 -34.92
CA PHE G 606 -32.99 -55.16 -35.08
C PHE G 606 -32.92 -56.69 -35.09
N ARG G 607 -33.55 -57.32 -34.11
CA ARG G 607 -33.51 -58.76 -34.00
C ARG G 607 -34.40 -59.53 -34.98
N ARG G 608 -35.21 -58.86 -35.77
CA ARG G 608 -36.04 -59.54 -36.76
C ARG G 608 -35.50 -59.41 -38.20
N ALA G 609 -34.54 -58.50 -38.42
CA ALA G 609 -33.99 -58.27 -39.75
C ALA G 609 -33.53 -59.60 -40.39
N GLY G 610 -34.07 -59.86 -41.58
CA GLY G 610 -33.71 -61.06 -42.32
C GLY G 610 -34.28 -62.38 -41.82
N GLN G 611 -35.11 -62.36 -40.77
CA GLN G 611 -35.67 -63.61 -40.22
C GLN G 611 -36.94 -64.07 -40.94
N PRO G 612 -37.25 -65.36 -40.82
CA PRO G 612 -38.45 -65.94 -41.45
C PRO G 612 -39.72 -65.20 -41.07
N GLY G 613 -40.49 -64.75 -42.05
CA GLY G 613 -41.72 -64.07 -41.73
C GLY G 613 -41.62 -62.59 -41.44
N ALA G 614 -40.40 -62.06 -41.38
CA ALA G 614 -40.23 -60.64 -41.13
C ALA G 614 -40.41 -59.85 -42.41
N PRO G 615 -40.84 -58.58 -42.30
CA PRO G 615 -41.06 -57.66 -43.40
C PRO G 615 -39.67 -57.12 -43.81
N ALA G 616 -39.62 -56.30 -44.86
CA ALA G 616 -38.37 -55.69 -45.32
C ALA G 616 -37.85 -54.75 -44.23
N ILE G 617 -36.63 -55.01 -43.79
CA ILE G 617 -35.95 -54.26 -42.73
C ILE G 617 -34.49 -53.96 -43.17
N ASP G 618 -34.12 -52.66 -43.16
CA ASP G 618 -32.76 -52.22 -43.46
C ASP G 618 -32.12 -52.01 -42.10
N SER G 619 -31.14 -52.83 -41.77
CA SER G 619 -30.52 -52.74 -40.47
C SER G 619 -29.01 -52.85 -40.47
N GLN G 620 -28.36 -51.96 -39.72
CA GLN G 620 -26.90 -52.05 -39.60
C GLN G 620 -26.44 -53.34 -38.94
N GLY G 621 -27.35 -54.09 -38.31
CA GLY G 621 -26.97 -55.34 -37.68
C GLY G 621 -27.07 -56.50 -38.65
N GLY G 622 -27.67 -56.26 -39.81
CA GLY G 622 -27.78 -57.32 -40.78
C GLY G 622 -28.62 -58.49 -40.31
N SER G 623 -28.53 -59.59 -41.05
CA SER G 623 -29.37 -60.74 -40.72
C SER G 623 -28.93 -61.58 -39.53
N THR G 624 -27.75 -61.34 -38.96
CA THR G 624 -27.36 -62.08 -37.75
C THR G 624 -27.67 -61.21 -36.50
N GLY G 625 -28.37 -60.11 -36.73
CA GLY G 625 -28.74 -59.24 -35.61
C GLY G 625 -29.46 -59.97 -34.50
N HIS G 626 -30.26 -60.96 -34.85
CA HIS G 626 -30.97 -61.72 -33.82
C HIS G 626 -30.07 -62.41 -32.78
N LEU G 627 -28.79 -62.59 -33.10
CA LEU G 627 -27.89 -63.21 -32.13
C LEU G 627 -27.57 -62.29 -30.95
N VAL G 628 -27.80 -61.00 -31.13
CA VAL G 628 -27.57 -60.03 -30.09
C VAL G 628 -28.86 -59.91 -29.23
N THR G 629 -28.69 -59.87 -27.93
CA THR G 629 -29.83 -59.65 -27.01
C THR G 629 -29.27 -58.72 -25.93
N TYR G 630 -30.15 -58.04 -25.17
CA TYR G 630 -29.64 -57.21 -24.12
C TYR G 630 -28.77 -57.94 -23.14
N ASP G 631 -29.16 -59.16 -22.77
CA ASP G 631 -28.42 -59.89 -21.77
C ASP G 631 -27.01 -60.25 -22.30
N ARG G 632 -26.92 -60.57 -23.59
CA ARG G 632 -25.64 -60.94 -24.18
C ARG G 632 -24.75 -59.69 -24.27
N LEU G 633 -25.34 -58.56 -24.63
CA LEU G 633 -24.55 -57.32 -24.70
C LEU G 633 -24.06 -56.93 -23.35
N ARG G 634 -24.94 -57.05 -22.34
CA ARG G 634 -24.51 -56.73 -21.01
C ARG G 634 -23.31 -57.53 -20.57
N LYS G 635 -23.32 -58.84 -20.86
CA LYS G 635 -22.22 -59.74 -20.51
C LYS G 635 -20.92 -59.33 -21.24
N SER G 636 -21.05 -58.77 -22.42
CA SER G 636 -19.88 -58.32 -23.20
C SER G 636 -19.28 -57.04 -22.64
N GLY G 637 -19.98 -56.36 -21.71
CA GLY G 637 -19.43 -55.11 -21.20
C GLY G 637 -19.38 -53.99 -22.23
N ASN G 638 -18.57 -52.97 -21.91
CA ASN G 638 -18.45 -51.81 -22.80
C ASN G 638 -17.66 -52.17 -24.06
N ASN G 639 -17.01 -53.33 -24.05
CA ASN G 639 -16.34 -53.72 -25.34
C ASN G 639 -17.38 -54.23 -26.36
N GLY G 640 -18.57 -54.65 -25.90
CA GLY G 640 -19.61 -55.09 -26.82
C GLY G 640 -19.08 -56.07 -27.90
N VAL G 641 -19.54 -55.87 -29.12
CA VAL G 641 -19.02 -56.73 -30.21
C VAL G 641 -19.03 -55.90 -31.51
N GLN G 642 -18.03 -56.09 -32.39
CA GLN G 642 -18.04 -55.40 -33.66
C GLN G 642 -18.92 -56.16 -34.64
N LEU G 643 -19.86 -55.45 -35.24
CA LEU G 643 -20.80 -56.03 -36.21
C LEU G 643 -20.05 -56.18 -37.55
N PRO G 644 -20.45 -57.16 -38.38
CA PRO G 644 -21.54 -58.13 -38.14
C PRO G 644 -21.14 -59.23 -37.19
N VAL G 645 -22.11 -59.69 -36.39
CA VAL G 645 -21.87 -60.81 -35.51
C VAL G 645 -21.75 -62.06 -36.38
N VAL G 646 -20.72 -62.85 -36.12
CA VAL G 646 -20.42 -64.08 -36.85
C VAL G 646 -21.05 -65.28 -36.18
N SER G 647 -21.03 -65.27 -34.86
CA SER G 647 -21.54 -66.39 -34.10
C SER G 647 -21.79 -66.01 -32.64
N TRP G 648 -22.50 -66.92 -31.99
CA TRP G 648 -22.76 -66.81 -30.58
C TRP G 648 -22.97 -68.18 -29.97
N ASP G 649 -22.47 -68.36 -28.76
CA ASP G 649 -22.74 -69.54 -27.96
C ASP G 649 -22.32 -69.20 -26.52
N GLU G 650 -22.79 -69.96 -25.56
CA GLU G 650 -22.53 -69.66 -24.16
C GLU G 650 -21.06 -69.59 -23.77
N SER G 651 -20.25 -70.47 -24.37
CA SER G 651 -18.81 -70.54 -24.07
C SER G 651 -17.96 -69.41 -24.68
N LYS G 652 -18.29 -68.96 -25.90
CA LYS G 652 -17.54 -67.86 -26.61
C LYS G 652 -18.14 -66.47 -26.55
N GLY G 653 -19.45 -66.40 -26.26
CA GLY G 653 -20.09 -65.11 -26.24
C GLY G 653 -20.28 -64.71 -27.67
N LEU G 654 -20.52 -63.43 -27.89
CA LEU G 654 -20.71 -62.88 -29.22
C LEU G 654 -19.31 -62.73 -29.90
N VAL G 655 -19.20 -63.24 -31.13
CA VAL G 655 -17.93 -63.14 -31.89
C VAL G 655 -18.23 -62.28 -33.12
N GLY G 656 -17.47 -61.21 -33.32
CA GLY G 656 -17.76 -60.29 -34.40
C GLY G 656 -16.73 -60.19 -35.54
N THR G 657 -16.69 -59.01 -36.14
CA THR G 657 -15.85 -58.76 -37.35
C THR G 657 -15.02 -57.50 -37.17
N GLU G 658 -13.69 -57.62 -37.29
CA GLU G 658 -12.82 -56.44 -37.11
C GLU G 658 -12.74 -55.49 -38.30
N MET G 659 -12.54 -56.06 -39.51
CA MET G 659 -12.42 -55.23 -40.74
C MET G 659 -13.23 -55.83 -41.87
N LEU G 660 -13.83 -55.01 -42.69
CA LEU G 660 -14.60 -55.48 -43.82
C LEU G 660 -13.70 -55.49 -45.09
N TYR G 661 -14.10 -56.33 -46.03
CA TYR G 661 -13.48 -56.40 -47.37
C TYR G 661 -12.08 -56.99 -47.40
N THR G 662 -11.72 -57.75 -46.36
CA THR G 662 -10.38 -58.32 -46.31
C THR G 662 -10.14 -59.41 -47.40
N GLU G 663 -11.19 -59.84 -48.10
CA GLU G 663 -11.04 -60.83 -49.16
C GLU G 663 -11.43 -60.25 -50.51
N GLY G 664 -11.61 -58.93 -50.56
CA GLY G 664 -11.94 -58.33 -51.83
C GLY G 664 -13.37 -58.54 -52.30
N LYS G 665 -14.25 -58.97 -51.39
CA LYS G 665 -15.65 -59.18 -51.78
C LYS G 665 -16.42 -57.91 -51.37
N PHE G 666 -16.70 -57.05 -52.33
CA PHE G 666 -17.37 -55.78 -52.07
C PHE G 666 -18.88 -55.88 -52.19
N ASP G 667 -19.57 -54.87 -51.67
CA ASP G 667 -21.03 -54.89 -51.67
C ASP G 667 -21.58 -54.35 -52.98
N THR G 668 -21.40 -55.14 -54.05
CA THR G 668 -21.89 -54.75 -55.39
C THR G 668 -22.43 -56.02 -56.04
N ASP G 669 -23.10 -55.86 -57.19
CA ASP G 669 -23.70 -57.01 -57.89
C ASP G 669 -22.66 -58.09 -58.27
N ASP G 670 -21.46 -57.67 -58.65
CA ASP G 670 -20.42 -58.65 -59.03
C ASP G 670 -19.34 -58.90 -57.97
N GLY G 671 -19.49 -58.32 -56.77
CA GLY G 671 -18.52 -58.48 -55.70
C GLY G 671 -17.27 -57.64 -55.87
N LYS G 672 -17.20 -56.88 -56.95
CA LYS G 672 -16.04 -56.04 -57.24
C LYS G 672 -16.24 -54.60 -56.84
N ALA G 673 -15.14 -53.92 -56.47
CA ALA G 673 -15.22 -52.48 -56.15
C ALA G 673 -15.35 -51.77 -57.49
N HIS G 674 -16.17 -50.72 -57.54
CA HIS G 674 -16.39 -50.02 -58.79
C HIS G 674 -15.86 -48.62 -58.86
N PHE G 675 -14.96 -48.35 -59.81
CA PHE G 675 -14.44 -47.01 -60.01
C PHE G 675 -15.56 -46.13 -60.61
N LYS G 676 -15.50 -44.82 -60.37
CA LYS G 676 -16.47 -43.90 -60.90
C LYS G 676 -15.83 -42.65 -61.43
N PRO G 677 -16.48 -41.99 -62.41
CA PRO G 677 -15.97 -40.75 -62.99
C PRO G 677 -16.12 -39.61 -61.97
N ALA G 678 -15.19 -38.68 -61.94
CA ALA G 678 -15.32 -37.53 -61.02
C ALA G 678 -15.01 -36.23 -61.73
N PRO G 679 -15.99 -35.71 -62.46
CA PRO G 679 -15.71 -34.44 -63.16
C PRO G 679 -15.47 -33.25 -62.25
N TRP G 680 -14.48 -32.42 -62.59
CA TRP G 680 -14.20 -31.22 -61.82
C TRP G 680 -15.00 -30.08 -62.43
N ASN G 681 -16.00 -29.59 -61.70
CA ASN G 681 -16.88 -28.54 -62.22
C ASN G 681 -16.72 -27.16 -61.63
N GLY G 682 -15.77 -26.99 -60.71
CA GLY G 682 -15.60 -25.71 -60.05
C GLY G 682 -16.71 -25.66 -58.98
N LEU G 683 -16.88 -24.48 -58.38
CA LEU G 683 -17.93 -24.29 -57.36
C LEU G 683 -19.28 -24.22 -58.03
N PRO G 684 -20.34 -24.61 -57.31
CA PRO G 684 -21.69 -24.53 -57.89
C PRO G 684 -21.98 -23.05 -58.18
N ALA G 685 -22.78 -22.76 -59.21
CA ALA G 685 -23.08 -21.39 -59.54
C ALA G 685 -23.75 -20.69 -58.36
N THR G 686 -24.67 -21.35 -57.69
CA THR G 686 -25.32 -20.71 -56.52
C THR G 686 -24.26 -20.21 -55.52
N VAL G 687 -23.23 -21.02 -55.30
CA VAL G 687 -22.18 -20.62 -54.37
C VAL G 687 -21.22 -19.60 -54.96
N GLN G 688 -20.80 -19.83 -56.22
CA GLN G 688 -19.92 -18.87 -56.91
C GLN G 688 -20.52 -17.44 -56.90
N GLN G 689 -21.83 -17.33 -57.06
CA GLN G 689 -22.46 -16.01 -57.08
C GLN G 689 -22.25 -15.29 -55.76
N GLN G 690 -22.26 -16.03 -54.65
CA GLN G 690 -22.06 -15.38 -53.35
C GLN G 690 -20.59 -15.02 -53.23
N LYS G 691 -19.71 -15.89 -53.74
CA LYS G 691 -18.27 -15.62 -53.68
C LYS G 691 -17.90 -14.40 -54.52
N ASP G 692 -18.54 -14.19 -55.68
CA ASP G 692 -18.18 -13.07 -56.54
C ASP G 692 -18.72 -11.75 -56.02
N LYS G 693 -19.72 -11.81 -55.13
CA LYS G 693 -20.34 -10.62 -54.57
C LYS G 693 -19.80 -10.20 -53.18
N TYR G 694 -19.40 -11.22 -52.39
CA TYR G 694 -18.97 -11.03 -51.02
C TYR G 694 -17.52 -11.40 -50.72
N ARG G 695 -17.00 -10.84 -49.62
CA ARG G 695 -15.61 -11.01 -49.32
C ARG G 695 -15.08 -12.26 -48.69
N PHE G 696 -15.78 -12.72 -47.66
CA PHE G 696 -15.29 -13.82 -46.86
C PHE G 696 -15.83 -15.20 -47.05
N TRP G 697 -14.94 -16.20 -47.06
CA TRP G 697 -15.42 -17.56 -47.09
C TRP G 697 -15.95 -17.85 -45.65
N LEU G 698 -17.21 -18.27 -45.58
CA LEU G 698 -17.84 -18.55 -44.26
C LEU G 698 -17.78 -20.01 -43.90
N ASN G 699 -16.57 -20.47 -43.60
CA ASN G 699 -16.37 -21.85 -43.17
C ASN G 699 -17.12 -21.96 -41.82
N ASN G 700 -17.42 -23.18 -41.42
CA ASN G 700 -18.21 -23.40 -40.21
C ASN G 700 -18.09 -24.83 -39.74
N GLY G 701 -18.38 -25.07 -38.46
CA GLY G 701 -18.23 -26.43 -37.99
C GLY G 701 -18.19 -26.48 -36.46
N ARG G 702 -17.49 -27.49 -35.99
CA ARG G 702 -17.38 -27.81 -34.58
C ARG G 702 -16.33 -27.13 -33.72
N ASN G 703 -16.69 -27.05 -32.44
CA ASN G 703 -15.82 -26.55 -31.40
C ASN G 703 -15.75 -27.73 -30.43
N ASN G 704 -14.56 -28.08 -29.95
CA ASN G 704 -14.36 -29.22 -29.07
C ASN G 704 -15.30 -29.22 -27.82
N GLU G 705 -15.51 -28.06 -27.24
CA GLU G 705 -16.27 -28.07 -25.97
C GLU G 705 -17.78 -28.07 -26.14
N VAL G 706 -18.24 -27.51 -27.24
CA VAL G 706 -19.68 -27.37 -27.50
C VAL G 706 -20.23 -28.60 -28.19
N TRP G 707 -21.30 -29.18 -27.62
CA TRP G 707 -21.96 -30.30 -28.31
C TRP G 707 -23.19 -29.87 -29.12
N GLN G 708 -23.07 -30.02 -30.46
CA GLN G 708 -24.16 -29.80 -31.41
C GLN G 708 -24.91 -28.47 -31.19
N THR G 709 -26.24 -28.57 -31.05
CA THR G 709 -27.04 -27.35 -30.84
C THR G 709 -27.05 -26.84 -29.39
N ALA G 710 -26.15 -27.36 -28.57
CA ALA G 710 -25.96 -26.90 -27.18
C ALA G 710 -27.26 -27.03 -26.37
N TYR G 711 -28.03 -28.08 -26.64
CA TYR G 711 -29.31 -28.23 -25.93
C TYR G 711 -29.10 -28.39 -24.43
N HIS G 712 -28.04 -29.10 -24.02
CA HIS G 712 -27.70 -29.16 -22.60
C HIS G 712 -26.75 -28.00 -22.29
N ASP G 713 -25.76 -27.76 -23.18
CA ASP G 713 -24.75 -26.71 -22.88
C ASP G 713 -25.28 -25.30 -22.57
N GLN G 714 -26.41 -24.96 -23.18
CA GLN G 714 -27.03 -23.66 -23.00
C GLN G 714 -27.43 -23.43 -21.55
N TYR G 715 -27.55 -24.49 -20.77
CA TYR G 715 -27.91 -24.39 -19.32
C TYR G 715 -26.72 -24.51 -18.40
N ASN G 716 -25.54 -24.78 -18.98
CA ASN G 716 -24.34 -24.97 -18.17
C ASN G 716 -23.59 -23.66 -17.92
N SER G 717 -23.40 -23.31 -16.63
CA SER G 717 -22.78 -22.01 -16.33
C SER G 717 -21.38 -21.84 -16.89
N LEU G 718 -20.59 -22.91 -16.86
CA LEU G 718 -19.19 -22.79 -17.37
C LEU G 718 -19.18 -22.63 -18.88
N MET G 719 -20.05 -23.36 -19.56
CA MET G 719 -20.10 -23.23 -21.02
C MET G 719 -20.60 -21.84 -21.43
N GLN G 720 -21.57 -21.32 -20.68
CA GLN G 720 -22.09 -20.02 -21.03
C GLN G 720 -21.16 -18.85 -20.71
N GLU G 721 -20.31 -19.03 -19.71
CA GLU G 721 -19.29 -18.05 -19.37
C GLU G 721 -18.24 -18.02 -20.51
N ARG G 722 -17.91 -19.22 -20.98
CA ARG G 722 -16.86 -19.39 -22.04
C ARG G 722 -17.25 -19.02 -23.44
N TYR G 723 -18.46 -19.43 -23.83
CA TYR G 723 -19.00 -19.18 -25.18
C TYR G 723 -20.40 -18.58 -25.02
N PRO G 724 -20.47 -17.31 -24.60
CA PRO G 724 -21.81 -16.73 -24.45
C PRO G 724 -22.50 -16.54 -25.77
N MET G 725 -21.70 -16.48 -26.86
CA MET G 725 -22.25 -16.27 -28.18
C MET G 725 -21.41 -17.11 -29.18
N ALA G 726 -22.01 -17.49 -30.30
CA ALA G 726 -21.26 -18.19 -31.37
C ALA G 726 -20.09 -17.25 -31.76
N TYR G 727 -18.92 -17.85 -32.05
CA TYR G 727 -17.80 -16.99 -32.38
C TYR G 727 -17.38 -17.23 -33.84
N ILE G 728 -16.64 -16.29 -34.38
CA ILE G 728 -16.16 -16.39 -35.79
C ILE G 728 -14.68 -16.10 -35.77
N GLU G 729 -13.88 -17.12 -36.16
CA GLU G 729 -12.41 -17.00 -36.21
C GLU G 729 -12.10 -16.16 -37.46
N MET G 730 -11.25 -15.16 -37.29
CA MET G 730 -10.89 -14.22 -38.35
C MET G 730 -9.38 -14.00 -38.35
N ASN G 731 -8.86 -13.79 -39.56
CA ASN G 731 -7.45 -13.52 -39.74
C ASN G 731 -7.17 -12.14 -39.10
N PRO G 732 -6.05 -12.00 -38.39
CA PRO G 732 -5.69 -10.74 -37.73
C PRO G 732 -5.55 -9.53 -38.63
N ASP G 733 -5.03 -9.69 -39.85
CA ASP G 733 -4.94 -8.53 -40.72
C ASP G 733 -6.32 -8.10 -41.15
N ASP G 734 -7.23 -9.06 -41.38
CA ASP G 734 -8.61 -8.74 -41.77
C ASP G 734 -9.31 -8.03 -40.58
N CYS G 735 -9.08 -8.55 -39.38
CA CYS G 735 -9.69 -7.95 -38.18
C CYS G 735 -9.24 -6.53 -38.05
N LYS G 736 -7.93 -6.30 -38.12
CA LYS G 736 -7.41 -4.93 -37.95
C LYS G 736 -7.99 -4.00 -38.98
N GLN G 737 -8.12 -4.48 -40.23
CA GLN G 737 -8.66 -3.66 -41.28
C GLN G 737 -10.11 -3.25 -41.02
N LEU G 738 -10.89 -4.17 -40.46
CA LEU G 738 -12.29 -3.92 -40.15
C LEU G 738 -12.45 -3.30 -38.74
N ASP G 739 -11.33 -3.08 -38.07
CA ASP G 739 -11.29 -2.53 -36.71
C ASP G 739 -12.14 -3.32 -35.70
N VAL G 740 -12.03 -4.65 -35.78
CA VAL G 740 -12.71 -5.53 -34.79
C VAL G 740 -11.68 -6.39 -34.09
N THR G 741 -11.91 -6.71 -32.81
CA THR G 741 -11.01 -7.53 -32.04
C THR G 741 -11.83 -8.54 -31.21
N GLY G 742 -11.18 -9.41 -30.45
CA GLY G 742 -11.87 -10.42 -29.64
C GLY G 742 -12.96 -9.77 -28.77
N GLY G 743 -14.18 -10.28 -28.85
CA GLY G 743 -15.23 -9.70 -28.00
C GLY G 743 -16.10 -8.69 -28.71
N ASP G 744 -15.71 -8.24 -29.91
CA ASP G 744 -16.58 -7.36 -30.67
C ASP G 744 -17.64 -8.24 -31.32
N ILE G 745 -18.82 -7.70 -31.57
CA ILE G 745 -19.85 -8.48 -32.22
C ILE G 745 -19.96 -7.98 -33.68
N VAL G 746 -20.15 -8.91 -34.61
CA VAL G 746 -20.31 -8.57 -36.03
C VAL G 746 -21.54 -9.22 -36.64
N GLU G 747 -22.07 -8.58 -37.66
CA GLU G 747 -23.17 -9.15 -38.42
C GLU G 747 -22.43 -9.86 -39.54
N VAL G 748 -22.87 -11.06 -39.87
CA VAL G 748 -22.33 -11.84 -41.01
C VAL G 748 -23.51 -11.98 -41.94
N TYR G 749 -23.37 -11.62 -43.22
CA TYR G 749 -24.55 -11.67 -44.05
C TYR G 749 -24.23 -11.85 -45.53
N ASN G 750 -25.24 -12.33 -46.25
CA ASN G 750 -25.11 -12.45 -47.71
C ASN G 750 -26.52 -12.44 -48.31
N ASP G 751 -26.71 -12.93 -49.52
CA ASP G 751 -28.08 -12.87 -50.05
C ASP G 751 -29.04 -13.81 -49.34
N PHE G 752 -28.50 -14.87 -48.74
CA PHE G 752 -29.33 -15.89 -48.08
C PHE G 752 -29.80 -15.50 -46.68
N GLY G 753 -29.06 -14.64 -46.04
CA GLY G 753 -29.45 -14.31 -44.67
C GLY G 753 -28.51 -13.42 -43.92
N SER G 754 -28.86 -13.19 -42.65
CA SER G 754 -28.05 -12.35 -41.80
C SER G 754 -27.99 -13.02 -40.42
N THR G 755 -26.83 -12.98 -39.78
CA THR G 755 -26.69 -13.55 -38.44
C THR G 755 -25.58 -12.79 -37.70
N PHE G 756 -25.26 -13.21 -36.49
CA PHE G 756 -24.25 -12.51 -35.68
C PHE G 756 -23.31 -13.44 -34.97
N ALA G 757 -22.16 -12.88 -34.60
CA ALA G 757 -21.16 -13.67 -33.91
C ALA G 757 -20.20 -12.75 -33.20
N MET G 758 -19.52 -13.28 -32.18
CA MET G 758 -18.49 -12.52 -31.51
C MET G 758 -17.17 -12.86 -32.25
N VAL G 759 -16.41 -11.82 -32.55
CA VAL G 759 -15.12 -11.98 -33.27
C VAL G 759 -14.08 -12.67 -32.38
N TYR G 760 -13.28 -13.57 -33.01
CA TYR G 760 -12.28 -14.32 -32.30
C TYR G 760 -11.05 -14.28 -33.25
N PRO G 761 -10.14 -13.32 -33.08
CA PRO G 761 -8.95 -13.23 -33.94
C PRO G 761 -8.14 -14.50 -33.80
N VAL G 762 -7.74 -15.10 -34.93
CA VAL G 762 -6.98 -16.35 -34.91
C VAL G 762 -5.88 -16.22 -35.98
N ALA G 763 -4.64 -16.23 -35.52
CA ALA G 763 -3.48 -16.05 -36.42
C ALA G 763 -3.45 -17.01 -37.59
N GLU G 764 -3.90 -18.25 -37.34
CA GLU G 764 -3.88 -19.32 -38.33
C GLU G 764 -4.87 -19.20 -39.48
N ILE G 765 -5.91 -18.36 -39.31
CA ILE G 765 -6.91 -18.21 -40.34
C ILE G 765 -6.29 -17.42 -41.50
N LYS G 766 -6.59 -17.88 -42.71
CA LYS G 766 -6.05 -17.20 -43.90
C LYS G 766 -6.82 -15.94 -44.23
N ARG G 767 -6.18 -14.98 -44.90
CA ARG G 767 -6.90 -13.78 -45.29
C ARG G 767 -8.11 -14.09 -46.16
N GLY G 768 -9.24 -13.40 -45.91
CA GLY G 768 -10.45 -13.68 -46.68
C GLY G 768 -11.23 -14.97 -46.31
N GLN G 769 -10.76 -15.66 -45.29
CA GLN G 769 -11.44 -16.86 -44.81
C GLN G 769 -11.81 -16.59 -43.34
N THR G 770 -12.82 -17.33 -42.88
CA THR G 770 -13.28 -17.25 -41.49
C THR G 770 -13.78 -18.63 -41.08
N PHE G 771 -14.11 -18.83 -39.80
CA PHE G 771 -14.70 -20.11 -39.37
C PHE G 771 -15.67 -19.76 -38.23
N MET G 772 -16.96 -20.07 -38.41
CA MET G 772 -17.95 -19.74 -37.36
C MET G 772 -18.50 -21.03 -36.78
N LEU G 773 -18.70 -21.02 -35.43
CA LEU G 773 -19.26 -22.19 -34.74
C LEU G 773 -20.68 -22.42 -35.33
N PHE G 774 -21.00 -23.65 -35.68
CA PHE G 774 -22.32 -23.88 -36.31
C PHE G 774 -23.39 -24.22 -35.24
N GLY G 775 -24.65 -24.08 -35.68
CA GLY G 775 -25.85 -24.49 -34.93
C GLY G 775 -26.05 -24.03 -33.50
N TYR G 776 -25.49 -22.88 -33.14
CA TYR G 776 -25.51 -22.47 -31.73
C TYR G 776 -26.81 -21.74 -31.30
N VAL G 777 -26.98 -21.61 -29.98
CA VAL G 777 -28.18 -20.97 -29.42
C VAL G 777 -28.15 -19.46 -29.41
N ASN G 778 -27.00 -18.86 -29.74
CA ASN G 778 -26.91 -17.41 -29.77
C ASN G 778 -26.03 -17.04 -30.99
N GLY G 779 -26.68 -16.79 -32.12
CA GLY G 779 -25.98 -16.44 -33.36
C GLY G 779 -25.98 -17.74 -34.17
N ILE G 780 -27.02 -17.98 -34.94
CA ILE G 780 -27.15 -19.23 -35.72
C ILE G 780 -26.36 -19.09 -37.08
N GLN G 781 -25.43 -20.02 -37.29
CA GLN G 781 -24.62 -19.91 -38.50
C GLN G 781 -25.36 -20.16 -39.80
N GLY G 782 -26.27 -21.11 -39.77
CA GLY G 782 -26.99 -21.54 -40.93
C GLY G 782 -27.72 -20.53 -41.75
N ASP G 783 -28.05 -19.39 -41.16
CA ASP G 783 -28.78 -18.36 -41.89
C ASP G 783 -28.05 -17.92 -43.15
N VAL G 784 -26.73 -18.04 -43.19
CA VAL G 784 -25.98 -17.61 -44.39
C VAL G 784 -25.54 -18.75 -45.31
N THR G 785 -25.93 -19.97 -45.02
CA THR G 785 -25.60 -21.09 -45.92
C THR G 785 -26.63 -21.06 -47.05
N THR G 786 -26.24 -21.56 -48.22
CA THR G 786 -27.18 -21.49 -49.35
C THR G 786 -28.11 -22.69 -49.43
N ASP G 787 -29.02 -22.66 -50.40
CA ASP G 787 -29.94 -23.76 -50.61
C ASP G 787 -29.32 -24.85 -51.50
N TRP G 788 -28.10 -24.62 -51.99
CA TRP G 788 -27.48 -25.60 -52.91
C TRP G 788 -27.20 -26.98 -52.36
N THR G 789 -27.66 -27.99 -53.09
CA THR G 789 -27.44 -29.39 -52.73
C THR G 789 -26.98 -30.19 -53.98
N ASP G 790 -26.36 -31.33 -53.73
CA ASP G 790 -25.85 -32.16 -54.84
C ASP G 790 -26.98 -32.99 -55.43
N ARG G 791 -26.63 -33.94 -56.29
CA ARG G 791 -27.70 -34.71 -57.00
C ARG G 791 -28.65 -35.48 -56.13
N ASP G 792 -28.23 -35.81 -54.91
CA ASP G 792 -29.03 -36.56 -53.98
C ASP G 792 -29.57 -35.70 -52.83
N ILE G 793 -29.47 -34.38 -53.03
CA ILE G 793 -29.92 -33.36 -52.08
C ILE G 793 -29.03 -33.35 -50.81
N ILE G 794 -27.71 -33.44 -51.02
CA ILE G 794 -26.76 -33.34 -49.89
C ILE G 794 -26.25 -31.91 -49.95
N PRO G 795 -26.53 -31.10 -48.91
CA PRO G 795 -26.07 -29.69 -48.95
C PRO G 795 -24.57 -29.39 -48.85
N TYR G 796 -24.12 -28.35 -49.55
CA TYR G 796 -22.73 -27.87 -49.46
C TYR G 796 -22.74 -26.84 -48.29
N TYR G 797 -22.91 -27.36 -47.05
CA TYR G 797 -22.93 -26.46 -45.85
C TYR G 797 -21.65 -25.69 -45.70
N LYS G 798 -20.53 -26.27 -46.16
CA LYS G 798 -19.19 -25.63 -46.04
C LYS G 798 -18.91 -24.62 -47.15
N GLY G 799 -19.90 -24.43 -48.02
CA GLY G 799 -19.74 -23.55 -49.16
C GLY G 799 -20.64 -22.34 -49.22
N THR G 800 -20.12 -21.24 -48.71
CA THR G 800 -20.83 -19.98 -48.71
C THR G 800 -19.87 -18.83 -48.40
N TRP G 801 -20.21 -17.64 -48.91
CA TRP G 801 -19.41 -16.45 -48.73
C TRP G 801 -20.33 -15.32 -48.30
N GLY G 802 -19.77 -14.37 -47.59
CA GLY G 802 -20.55 -13.22 -47.13
C GLY G 802 -19.71 -12.08 -46.65
N ASP G 803 -20.36 -10.98 -46.25
CA ASP G 803 -19.64 -9.82 -45.75
C ASP G 803 -19.81 -9.75 -44.22
N ILE G 804 -18.96 -8.96 -43.59
CA ILE G 804 -18.91 -8.82 -42.14
C ILE G 804 -18.98 -7.33 -41.79
N ARG G 805 -19.85 -6.96 -40.83
CA ARG G 805 -20.04 -5.56 -40.47
C ARG G 805 -19.93 -5.44 -38.96
N LYS G 806 -19.12 -4.51 -38.46
CA LYS G 806 -18.95 -4.33 -37.00
C LYS G 806 -20.25 -3.76 -36.38
N VAL G 807 -20.77 -4.44 -35.35
CA VAL G 807 -21.93 -3.92 -34.59
C VAL G 807 -21.33 -3.07 -33.45
N GLY G 808 -20.37 -3.63 -32.70
CA GLY G 808 -19.78 -2.88 -31.60
C GLY G 808 -19.05 -3.76 -30.62
N SER G 809 -18.46 -3.16 -29.61
CA SER G 809 -17.71 -3.87 -28.59
C SER G 809 -18.65 -4.37 -27.44
N MET G 810 -18.70 -5.69 -27.22
CA MET G 810 -19.51 -6.25 -26.13
C MET G 810 -18.55 -6.27 -24.92
N SER G 811 -18.61 -5.23 -24.11
CA SER G 811 -17.69 -5.09 -23.00
C SER G 811 -17.66 -6.26 -22.02
N GLU G 812 -18.80 -6.92 -21.82
CA GLU G 812 -18.80 -8.03 -20.89
C GLU G 812 -18.07 -9.25 -21.45
N PHE G 813 -18.12 -9.42 -22.78
CA PHE G 813 -17.38 -10.57 -23.38
C PHE G 813 -15.90 -10.24 -23.21
N LYS G 814 -15.49 -9.00 -23.44
CA LYS G 814 -14.06 -8.67 -23.26
C LYS G 814 -13.59 -8.90 -21.86
N ARG G 815 -14.47 -8.63 -20.88
CA ARG G 815 -14.13 -8.83 -19.48
C ARG G 815 -14.06 -10.27 -19.01
N THR G 816 -14.84 -11.15 -19.65
CA THR G 816 -14.98 -12.49 -19.16
C THR G 816 -14.63 -13.70 -20.04
N VAL G 817 -14.51 -13.47 -21.36
CA VAL G 817 -14.23 -14.53 -22.31
C VAL G 817 -12.77 -14.54 -22.79
N SER G 818 -12.14 -15.71 -22.77
CA SER G 818 -10.76 -15.80 -23.28
C SER G 818 -10.80 -15.83 -24.80
N PHE G 819 -9.95 -15.02 -25.44
CA PHE G 819 -9.84 -15.03 -26.91
C PHE G 819 -8.43 -15.52 -27.25
N LYS G 820 -7.84 -16.26 -26.33
CA LYS G 820 -6.50 -16.84 -26.59
C LYS G 820 -6.56 -18.02 -27.53
N SER G 821 -5.38 -18.38 -28.04
CA SER G 821 -5.36 -19.44 -29.05
C SER G 821 -5.83 -20.80 -28.59
N ARG G 822 -6.71 -21.40 -29.41
CA ARG G 822 -7.16 -22.74 -29.17
C ARG G 822 -6.29 -23.77 -29.94
N ARG G 823 -5.20 -23.32 -30.55
CA ARG G 823 -4.29 -24.31 -31.21
C ARG G 823 -3.12 -24.49 -30.27
N PHE G 824 -2.88 -25.72 -29.83
CA PHE G 824 -1.79 -25.98 -28.90
C PHE G 824 -0.43 -25.79 -29.58
N GLY G 825 0.33 -24.84 -29.08
CA GLY G 825 1.65 -24.60 -29.65
C GLY G 825 2.36 -23.55 -28.81
N ARG H 1 -18.78 -28.81 11.57
CA ARG H 1 -18.19 -27.87 10.55
C ARG H 1 -18.47 -28.33 9.13
N THR H 2 -18.74 -27.37 8.26
CA THR H 2 -19.04 -27.65 6.87
C THR H 2 -17.86 -27.31 5.95
N THR H 3 -16.88 -26.58 6.47
CA THR H 3 -15.74 -26.15 5.65
C THR H 3 -14.50 -27.01 5.94
N LEU H 4 -13.58 -27.04 4.97
CA LEU H 4 -12.34 -27.75 5.20
C LEU H 4 -11.40 -26.82 5.97
N ALA H 5 -10.42 -27.37 6.70
CA ALA H 5 -9.45 -26.52 7.43
C ALA H 5 -8.22 -26.34 6.52
N TYR H 6 -8.19 -25.22 5.82
CA TYR H 6 -7.05 -24.93 4.91
C TYR H 6 -5.96 -24.25 5.73
N PRO H 7 -4.69 -24.58 5.47
CA PRO H 7 -3.62 -23.91 6.21
C PRO H 7 -3.47 -22.51 5.65
N ALA H 8 -2.64 -21.70 6.32
CA ALA H 8 -2.39 -20.33 5.83
C ALA H 8 -0.90 -20.47 5.55
N THR H 9 -0.54 -20.49 4.27
CA THR H 9 0.84 -20.71 3.83
C THR H 9 1.46 -19.45 3.18
N ALA H 10 2.54 -18.97 3.78
CA ALA H 10 3.20 -17.79 3.24
C ALA H 10 3.80 -18.17 1.85
N VAL H 11 3.60 -17.32 0.85
CA VAL H 11 4.18 -17.55 -0.49
C VAL H 11 5.47 -16.69 -0.56
N SER H 12 5.32 -15.37 -0.56
CA SER H 12 6.46 -14.44 -0.57
C SER H 12 5.85 -13.10 -0.25
N VAL H 13 6.66 -12.05 -0.24
CA VAL H 13 6.06 -10.72 -0.14
C VAL H 13 5.86 -10.27 -1.60
N ALA H 14 4.85 -9.44 -1.82
CA ALA H 14 4.50 -8.99 -3.16
C ALA H 14 5.60 -8.25 -3.94
N LYS H 15 6.40 -7.43 -3.28
CA LYS H 15 7.43 -6.68 -3.99
C LYS H 15 8.55 -7.59 -4.50
N ASN H 16 8.64 -8.82 -4.02
CA ASN H 16 9.67 -9.75 -4.50
C ASN H 16 9.29 -10.37 -5.85
N LEU H 17 8.01 -10.33 -6.19
CA LEU H 17 7.60 -10.92 -7.46
C LEU H 17 7.88 -10.00 -8.66
N ALA H 18 8.52 -10.59 -9.69
CA ALA H 18 8.81 -9.91 -10.94
C ALA H 18 7.62 -10.08 -11.90
N ALA H 19 7.35 -9.08 -12.73
CA ALA H 19 6.23 -9.21 -13.66
C ALA H 19 6.38 -10.41 -14.56
N ASN H 20 5.32 -11.20 -14.57
CA ASN H 20 5.21 -12.42 -15.37
C ASN H 20 6.25 -13.49 -15.15
N GLU H 21 6.87 -13.52 -13.98
CA GLU H 21 7.87 -14.53 -13.65
C GLU H 21 7.21 -15.39 -12.58
N PRO H 22 6.75 -16.60 -12.95
CA PRO H 22 6.09 -17.48 -12.00
C PRO H 22 6.88 -17.95 -10.81
N VAL H 23 6.17 -18.10 -9.69
CA VAL H 23 6.79 -18.60 -8.48
C VAL H 23 6.13 -19.94 -8.13
N SER H 24 6.94 -20.95 -7.86
CA SER H 24 6.41 -22.28 -7.51
C SER H 24 6.28 -22.42 -6.01
N PHE H 25 5.20 -23.08 -5.56
CA PHE H 25 5.05 -23.33 -4.12
C PHE H 25 4.08 -24.49 -3.98
N THR H 26 4.01 -25.11 -2.81
CA THR H 26 3.05 -26.20 -2.61
C THR H 26 1.97 -25.71 -1.64
N TYR H 27 0.73 -26.15 -1.92
CA TYR H 27 -0.41 -25.72 -1.09
C TYR H 27 -1.59 -26.59 -1.55
N PRO H 28 -2.38 -27.15 -0.63
CA PRO H 28 -2.29 -27.02 0.84
C PRO H 28 -1.41 -28.05 1.51
N ASP H 29 -0.64 -28.80 0.69
CA ASP H 29 0.32 -29.75 1.23
C ASP H 29 1.43 -29.98 0.19
N THR H 30 2.50 -30.67 0.57
CA THR H 30 3.64 -30.86 -0.36
C THR H 30 3.36 -31.69 -1.57
N SER H 31 2.17 -32.30 -1.65
CA SER H 31 1.81 -33.10 -2.81
C SER H 31 0.99 -32.31 -3.81
N SER H 32 0.78 -31.02 -3.56
CA SER H 32 -0.06 -30.17 -4.40
C SER H 32 0.73 -29.00 -4.93
N PRO H 33 1.28 -29.15 -6.16
CA PRO H 33 2.07 -28.03 -6.71
C PRO H 33 1.23 -26.90 -7.22
N CYS H 34 1.68 -25.68 -6.97
CA CYS H 34 0.98 -24.45 -7.36
C CYS H 34 1.96 -23.44 -7.94
N VAL H 35 1.43 -22.43 -8.59
CA VAL H 35 2.23 -21.34 -9.14
C VAL H 35 1.54 -20.02 -8.85
N ALA H 36 2.28 -19.00 -8.44
CA ALA H 36 1.73 -17.67 -8.28
C ALA H 36 2.46 -16.80 -9.31
N VAL H 37 1.78 -15.82 -9.86
CA VAL H 37 2.43 -14.92 -10.82
C VAL H 37 1.82 -13.53 -10.79
N LYS H 38 2.68 -12.49 -10.80
CA LYS H 38 2.24 -11.13 -10.88
C LYS H 38 2.12 -10.90 -12.40
N LEU H 39 0.89 -10.78 -12.89
CA LEU H 39 0.67 -10.68 -14.31
C LEU H 39 1.13 -9.41 -15.01
N GLY H 40 1.16 -8.30 -14.28
CA GLY H 40 1.57 -7.02 -14.85
C GLY H 40 0.45 -6.10 -15.23
N ALA H 41 -0.75 -6.63 -15.40
CA ALA H 41 -1.90 -5.80 -15.74
C ALA H 41 -3.02 -6.39 -14.87
N PRO H 42 -3.91 -5.56 -14.31
CA PRO H 42 -4.99 -6.06 -13.46
C PRO H 42 -5.95 -7.03 -14.11
N VAL H 43 -6.37 -7.99 -13.31
CA VAL H 43 -7.34 -8.99 -13.75
C VAL H 43 -8.36 -9.15 -12.63
N PRO H 44 -9.60 -9.51 -12.98
CA PRO H 44 -10.58 -9.66 -11.88
C PRO H 44 -10.06 -10.62 -10.80
N GLY H 45 -10.15 -10.25 -9.52
CA GLY H 45 -9.64 -11.25 -8.55
C GLY H 45 -8.11 -11.31 -8.28
N GLY H 46 -7.30 -10.60 -9.08
CA GLY H 46 -5.89 -10.49 -8.77
C GLY H 46 -5.73 -9.65 -7.48
N VAL H 47 -4.67 -9.91 -6.71
CA VAL H 47 -4.39 -9.19 -5.47
C VAL H 47 -3.08 -8.42 -5.57
N GLY H 48 -2.75 -7.69 -4.51
CA GLY H 48 -1.58 -6.85 -4.54
C GLY H 48 -1.96 -5.47 -5.02
N PRO H 49 -1.02 -4.52 -4.93
CA PRO H 49 -1.26 -3.14 -5.34
C PRO H 49 -1.76 -2.90 -6.74
N ASP H 50 -1.37 -3.76 -7.69
CA ASP H 50 -1.84 -3.62 -9.08
C ASP H 50 -2.97 -4.63 -9.39
N ASP H 51 -3.52 -5.29 -8.36
CA ASP H 51 -4.61 -6.28 -8.51
C ASP H 51 -4.32 -7.26 -9.63
N ASP H 52 -3.07 -7.67 -9.69
CA ASP H 52 -2.65 -8.56 -10.78
C ASP H 52 -1.92 -9.82 -10.38
N ILE H 53 -1.91 -10.16 -9.10
CA ILE H 53 -1.24 -11.38 -8.64
C ILE H 53 -2.31 -12.48 -8.47
N VAL H 54 -2.08 -13.60 -9.13
CA VAL H 54 -3.01 -14.75 -9.10
C VAL H 54 -2.20 -16.00 -8.82
N ALA H 55 -2.85 -17.09 -8.36
CA ALA H 55 -2.15 -18.34 -8.12
C ALA H 55 -3.10 -19.46 -8.45
N TYR H 56 -2.54 -20.61 -8.83
CA TYR H 56 -3.32 -21.77 -9.24
C TYR H 56 -2.65 -23.06 -8.87
N SER H 57 -3.45 -24.12 -8.78
CA SER H 57 -2.93 -25.48 -8.68
C SER H 57 -2.49 -25.71 -10.15
N VAL H 58 -1.35 -26.37 -10.34
CA VAL H 58 -0.93 -26.61 -11.73
C VAL H 58 -1.24 -28.00 -12.24
N LEU H 59 -1.88 -28.84 -11.42
CA LEU H 59 -2.23 -30.16 -11.87
C LEU H 59 -3.46 -30.07 -12.79
N CYS H 60 -3.31 -30.52 -14.02
CA CYS H 60 -4.44 -30.49 -14.96
C CYS H 60 -5.69 -31.19 -14.37
N THR H 61 -6.83 -30.51 -14.49
CA THR H 61 -8.08 -31.06 -14.00
C THR H 61 -8.67 -32.18 -14.80
N HIS H 62 -8.10 -32.49 -15.97
CA HIS H 62 -8.59 -33.62 -16.71
C HIS H 62 -8.09 -34.92 -16.09
N MET H 63 -6.77 -35.20 -16.18
CA MET H 63 -6.23 -36.37 -15.59
C MET H 63 -4.92 -36.14 -14.79
N GLY H 64 -4.69 -34.91 -14.36
CA GLY H 64 -3.60 -34.69 -13.43
C GLY H 64 -2.20 -34.42 -13.88
N CYS H 65 -1.98 -34.43 -15.18
CA CYS H 65 -0.62 -34.11 -15.63
C CYS H 65 -0.26 -32.70 -15.21
N PRO H 66 0.98 -32.49 -14.74
CA PRO H 66 1.34 -31.12 -14.36
C PRO H 66 1.39 -30.23 -15.58
N THR H 67 0.81 -29.05 -15.46
CA THR H 67 0.79 -28.10 -16.55
C THR H 67 2.00 -27.16 -16.46
N SER H 68 2.36 -26.53 -17.57
CA SER H 68 3.47 -25.60 -17.51
C SER H 68 2.96 -24.21 -17.87
N TYR H 69 3.54 -23.21 -17.23
CA TYR H 69 3.17 -21.83 -17.47
C TYR H 69 3.87 -21.30 -18.72
N ASP H 70 3.12 -20.74 -19.62
CA ASP H 70 3.67 -20.13 -20.83
C ASP H 70 3.61 -18.61 -20.65
N SER H 71 4.79 -18.00 -20.44
CA SER H 71 4.87 -16.54 -20.26
C SER H 71 4.34 -15.70 -21.41
N SER H 72 4.55 -16.16 -22.63
CA SER H 72 4.13 -15.39 -23.78
C SER H 72 2.62 -15.28 -23.92
N SER H 73 1.89 -16.30 -23.45
CA SER H 73 0.43 -16.26 -23.59
C SER H 73 -0.28 -16.12 -22.23
N LYS H 74 0.49 -16.19 -21.13
CA LYS H 74 -0.08 -16.13 -19.76
C LYS H 74 -1.18 -17.21 -19.65
N THR H 75 -0.77 -18.43 -19.95
CA THR H 75 -1.64 -19.60 -19.85
C THR H 75 -0.88 -20.77 -19.26
N PHE H 76 -1.63 -21.82 -18.88
CA PHE H 76 -1.04 -23.05 -18.38
C PHE H 76 -1.42 -24.10 -19.39
N SER H 77 -0.41 -24.84 -19.88
CA SER H 77 -0.60 -25.84 -20.90
C SER H 77 -0.38 -27.25 -20.41
N CYS H 78 -1.29 -28.16 -20.75
CA CYS H 78 -1.10 -29.53 -20.34
C CYS H 78 -0.59 -30.32 -21.52
N PRO H 79 0.56 -30.97 -21.33
CA PRO H 79 1.15 -31.77 -22.40
C PRO H 79 0.49 -33.13 -22.73
N CYS H 80 -0.41 -33.60 -21.86
CA CYS H 80 -1.01 -34.92 -22.03
C CYS H 80 -2.10 -35.02 -23.07
N HIS H 81 -3.11 -34.17 -22.96
CA HIS H 81 -4.19 -34.16 -23.96
C HIS H 81 -4.52 -32.78 -24.46
N PHE H 82 -3.55 -31.87 -24.26
CA PHE H 82 -3.52 -30.55 -24.85
C PHE H 82 -4.49 -29.50 -24.40
N THR H 83 -4.94 -29.66 -23.16
CA THR H 83 -5.84 -28.65 -22.58
C THR H 83 -5.00 -27.42 -22.23
N GLU H 84 -5.56 -26.22 -22.37
CA GLU H 84 -4.83 -25.03 -22.02
C GLU H 84 -5.80 -24.11 -21.20
N PHE H 85 -5.31 -23.53 -20.10
CA PHE H 85 -6.11 -22.67 -19.17
C PHE H 85 -5.61 -21.24 -19.15
N ASP H 86 -6.53 -20.27 -19.06
CA ASP H 86 -6.17 -18.86 -19.10
C ASP H 86 -5.87 -18.26 -17.71
N ALA H 87 -4.61 -17.90 -17.41
CA ALA H 87 -4.31 -17.36 -16.09
C ALA H 87 -4.95 -15.99 -15.84
N GLU H 88 -5.36 -15.29 -16.91
CA GLU H 88 -5.98 -13.96 -16.85
C GLU H 88 -7.50 -14.04 -16.75
N LYS H 89 -8.05 -15.25 -16.80
CA LYS H 89 -9.51 -15.43 -16.74
C LYS H 89 -9.87 -16.50 -15.73
N ALA H 90 -9.21 -16.40 -14.58
CA ALA H 90 -9.41 -17.32 -13.46
C ALA H 90 -9.36 -18.78 -13.84
N GLY H 91 -8.40 -19.15 -14.69
CA GLY H 91 -8.24 -20.54 -15.06
C GLY H 91 -9.23 -21.09 -16.08
N GLN H 92 -9.95 -20.21 -16.76
CA GLN H 92 -10.94 -20.60 -17.77
C GLN H 92 -10.28 -21.54 -18.82
N MET H 93 -10.85 -22.72 -19.03
CA MET H 93 -10.31 -23.63 -20.05
C MET H 93 -10.52 -23.01 -21.43
N ILE H 94 -9.40 -22.74 -22.13
CA ILE H 94 -9.46 -22.11 -23.46
C ILE H 94 -9.93 -23.15 -24.50
N CYS H 95 -9.40 -24.35 -24.37
CA CYS H 95 -9.75 -25.49 -25.21
C CYS H 95 -9.20 -26.71 -24.48
N GLY H 96 -9.91 -27.82 -24.58
CA GLY H 96 -9.38 -29.00 -23.91
C GLY H 96 -10.39 -30.02 -23.43
N GLU H 97 -9.91 -30.99 -22.67
CA GLU H 97 -10.77 -32.10 -22.28
C GLU H 97 -11.27 -32.07 -20.81
N ALA H 98 -10.84 -31.07 -20.06
CA ALA H 98 -11.22 -30.95 -18.64
C ALA H 98 -12.66 -30.51 -18.60
N THR H 99 -13.27 -30.71 -17.45
CA THR H 99 -14.67 -30.25 -17.23
C THR H 99 -14.70 -29.29 -16.06
N ALA H 100 -13.54 -28.78 -15.66
CA ALA H 100 -13.48 -27.82 -14.55
C ALA H 100 -12.38 -26.83 -14.92
N ASP H 101 -12.51 -25.58 -14.53
CA ASP H 101 -11.39 -24.66 -14.73
C ASP H 101 -10.23 -24.96 -13.78
N LEU H 102 -9.04 -24.43 -14.07
CA LEU H 102 -7.89 -24.72 -13.21
C LEU H 102 -8.19 -24.17 -11.82
N PRO H 103 -8.01 -24.96 -10.78
CA PRO H 103 -8.33 -24.46 -9.42
C PRO H 103 -7.53 -23.22 -9.03
N ARG H 104 -8.21 -22.23 -8.46
CA ARG H 104 -7.55 -20.99 -8.06
C ARG H 104 -7.10 -21.08 -6.63
N VAL H 105 -5.85 -20.70 -6.35
CA VAL H 105 -5.40 -20.64 -4.97
C VAL H 105 -5.74 -19.22 -4.49
N LEU H 106 -6.56 -19.14 -3.44
CA LEU H 106 -6.94 -17.87 -2.92
C LEU H 106 -5.79 -17.24 -2.11
N LEU H 107 -5.46 -16.03 -2.47
CA LEU H 107 -4.38 -15.31 -1.79
C LEU H 107 -4.87 -14.14 -0.98
N ARG H 108 -4.29 -13.98 0.21
CA ARG H 108 -4.55 -12.78 0.99
C ARG H 108 -3.29 -11.91 0.79
N TYR H 109 -3.48 -10.63 0.51
CA TYR H 109 -2.39 -9.67 0.42
C TYR H 109 -2.52 -8.73 1.65
N ASP H 110 -1.46 -8.64 2.48
CA ASP H 110 -1.46 -7.84 3.69
C ASP H 110 -0.57 -6.63 3.47
N ALA H 111 -1.15 -5.44 3.32
CA ALA H 111 -0.35 -4.25 3.10
C ALA H 111 0.61 -3.92 4.27
N ALA H 112 0.25 -4.28 5.51
CA ALA H 112 1.15 -3.93 6.64
C ALA H 112 2.50 -4.66 6.59
N SER H 113 2.51 -5.86 6.05
CA SER H 113 3.72 -6.67 5.91
C SER H 113 4.24 -6.87 4.46
N ASP H 114 3.38 -6.57 3.49
CA ASP H 114 3.56 -6.80 2.04
C ASP H 114 3.46 -8.34 1.74
N ALA H 115 3.07 -9.15 2.73
CA ALA H 115 3.01 -10.60 2.53
C ALA H 115 1.83 -11.12 1.70
N LEU H 116 2.10 -12.15 0.91
CA LEU H 116 1.10 -12.90 0.13
C LEU H 116 0.99 -14.23 0.82
N THR H 117 -0.24 -14.57 1.23
CA THR H 117 -0.47 -15.83 1.93
C THR H 117 -1.57 -16.63 1.20
N ALA H 118 -1.35 -17.92 0.98
CA ALA H 118 -2.38 -18.78 0.32
C ALA H 118 -3.29 -19.22 1.49
N VAL H 119 -4.61 -19.00 1.31
CA VAL H 119 -5.53 -19.31 2.38
C VAL H 119 -6.68 -20.24 2.03
N GLY H 120 -6.82 -20.58 0.75
CA GLY H 120 -7.87 -21.52 0.39
C GLY H 120 -7.77 -21.86 -1.08
N VAL H 121 -8.68 -22.69 -1.57
CA VAL H 121 -8.67 -23.06 -3.00
C VAL H 121 -10.12 -23.06 -3.51
N ASP H 122 -10.32 -22.49 -4.68
CA ASP H 122 -11.64 -22.45 -5.33
C ASP H 122 -11.55 -23.45 -6.46
N GLY H 123 -12.21 -24.58 -6.32
CA GLY H 123 -12.17 -25.65 -7.30
C GLY H 123 -11.53 -26.83 -6.61
N LEU H 124 -11.72 -28.04 -7.14
CA LEU H 124 -11.17 -29.22 -6.50
C LEU H 124 -9.88 -29.64 -7.23
N ILE H 125 -8.77 -29.68 -6.50
CA ILE H 125 -7.45 -30.09 -7.04
C ILE H 125 -7.56 -31.52 -7.53
N TYR H 126 -6.91 -31.82 -8.67
CA TYR H 126 -6.90 -33.17 -9.19
C TYR H 126 -6.43 -34.23 -8.19
N GLY H 127 -7.00 -35.43 -8.31
CA GLY H 127 -6.49 -36.58 -7.59
C GLY H 127 -6.65 -36.73 -6.12
N ARG H 128 -7.66 -36.03 -5.60
CA ARG H 128 -7.91 -36.12 -4.16
C ARG H 128 -9.41 -36.00 -3.93
N GLN H 129 -9.86 -36.59 -2.82
CA GLN H 129 -11.29 -36.61 -2.50
C GLN H 129 -11.77 -35.27 -1.96
N ALA H 130 -10.84 -34.52 -1.40
CA ALA H 130 -11.15 -33.20 -0.87
C ALA H 130 -9.83 -32.44 -0.98
N ASN H 131 -9.91 -31.12 -1.07
CA ASN H 131 -8.67 -30.31 -1.17
C ASN H 131 -7.69 -30.54 -0.06
N VAL H 132 -8.21 -30.81 1.15
CA VAL H 132 -7.38 -31.06 2.32
C VAL H 132 -7.48 -32.55 2.58
N ILE H 133 -6.35 -33.24 2.51
CA ILE H 133 -6.35 -34.67 2.75
C ILE H 133 -6.19 -34.93 4.25
HG HG I . 62.79 47.21 21.49
HG HG J . 63.84 15.74 1.01
CA CA K . 58.67 29.72 -7.89
CA CA L . 56.28 17.59 24.23
PB MGD M . 47.79 34.41 21.30
O1B MGD M . 47.28 33.49 20.26
O2B MGD M . 47.98 35.80 20.93
O3B MGD M . 49.05 33.72 22.01
O3A MGD M . 51.33 34.07 22.97
PA MGD M . 49.78 34.11 23.39
O1A MGD M . 49.41 35.49 23.80
O2A MGD M . 49.67 33.01 24.32
O5' MGD M . 46.75 34.33 22.54
C5' MGD M . 45.52 35.02 22.54
C4' MGD M . 44.52 34.19 23.32
O4' MGD M . 43.46 35.05 23.78
C3' MGD M . 43.87 33.05 22.53
O3' MGD M . 43.71 31.86 23.34
C2' MGD M . 42.54 33.66 22.09
O2' MGD M . 41.52 32.69 21.93
C1' MGD M . 42.22 34.59 23.27
N9 MGD M . 41.47 35.77 22.92
C8 MGD M . 41.30 36.35 21.70
N7 MGD M . 40.64 37.47 21.75
C5 MGD M . 40.30 37.59 23.12
C6 MGD M . 39.56 38.59 23.80
O6 MGD M . 38.98 39.56 23.33
N1 MGD M . 39.55 38.37 25.17
C2 MGD M . 40.13 37.31 25.81
N2 MGD M . 40.09 37.26 27.19
N3 MGD M . 40.78 36.34 25.17
C4 MGD M . 40.82 36.56 23.83
C10 MGD M . 51.77 34.92 21.91
C11 MGD M . 53.23 35.15 22.13
O11 MGD M . 53.93 33.96 21.84
C12 MGD M . 53.75 36.34 21.32
S12 MGD M . 52.74 37.72 20.90
C13 MGD M . 55.12 36.30 20.93
S13 MGD M . 55.77 37.66 20.02
C14 MGD M . 56.01 35.13 21.28
N15 MGD M . 56.33 34.64 19.91
C16 MGD M . 57.04 33.43 19.95
C17 MGD M . 58.06 33.05 18.95
O17 MGD M . 58.43 33.80 18.04
N18 MGD M . 58.62 31.79 19.08
C19 MGD M . 58.27 30.92 20.10
N19 MGD M . 58.85 29.75 20.14
N20 MGD M . 57.36 31.28 21.00
C21 MGD M . 56.74 32.49 20.95
N22 MGD M . 55.86 32.75 21.98
C23 MGD M . 55.29 34.06 22.13
PB MGD N . 58.93 36.15 13.19
O1B MGD N . 58.59 35.11 12.19
O2B MGD N . 58.56 35.88 14.61
O3B MGD N . 58.22 37.50 12.69
O3A MGD N . 56.91 39.52 13.39
PA MGD N . 58.40 39.06 13.00
O1A MGD N . 59.31 39.27 14.11
O2A MGD N . 58.61 39.76 11.73
O5' MGD N . 60.54 36.40 13.18
C5' MGD N . 61.09 37.34 12.25
C4' MGD N . 62.37 36.78 11.66
O4' MGD N . 63.38 36.60 12.67
C3' MGD N . 62.27 35.39 11.03
O3' MGD N . 62.17 35.55 9.62
C2' MGD N . 63.54 34.64 11.50
O2' MGD N . 64.26 33.97 10.48
C1' MGD N . 64.38 35.78 12.07
N9 MGD N . 65.41 35.42 13.03
C8 MGD N . 65.51 34.28 13.76
N7 MGD N . 66.56 34.28 14.56
C5 MGD N . 67.18 35.48 14.30
C6 MGD N . 68.40 36.04 14.84
O6 MGD N . 69.13 35.56 15.68
N1 MGD N . 68.69 37.29 14.27
C2 MGD N . 67.91 37.92 13.32
N2 MGD N . 68.32 39.14 12.91
N3 MGD N . 66.79 37.41 12.82
C4 MGD N . 66.50 36.20 13.35
C10 MGD N . 56.35 39.03 14.60
C11 MGD N . 55.02 39.72 14.81
O11 MGD N . 54.15 39.32 13.78
C12 MGD N . 54.44 39.43 16.19
S12 MGD N . 55.43 39.45 17.58
C13 MGD N . 53.06 39.19 16.30
S13 MGD N . 52.37 39.00 17.95
C14 MGD N . 52.13 39.16 15.15
N15 MGD N . 51.91 37.69 14.95
C16 MGD N . 51.49 37.35 13.63
C17 MGD N . 51.01 36.00 13.28
O17 MGD N . 50.84 35.11 14.12
N18 MGD N . 50.75 35.71 11.91
C19 MGD N . 50.95 36.68 10.95
N19 MGD N . 50.88 36.29 9.67
N20 MGD N . 51.39 37.94 11.29
C21 MGD N . 51.66 38.30 12.56
N22 MGD N . 52.03 39.61 12.78
C23 MGD N . 52.82 39.87 13.94
O O O . 54.41 40.65 20.36
MO 4MO P . 54.13 39.19 19.52
FE1 F3S Q . 44.91 42.87 9.70
FE3 F3S Q . 46.12 44.59 8.02
FE4 F3S Q . 47.63 43.17 9.82
S1 F3S Q . 44.36 43.30 7.52
S2 F3S Q . 46.44 41.30 10.03
S3 F3S Q . 46.04 44.70 10.37
S4 F3S Q . 48.15 43.69 7.66
C1 EDO R . 49.57 56.48 6.81
O1 EDO R . 49.71 55.21 7.51
C2 EDO R . 50.93 57.28 6.66
O2 EDO R . 51.56 57.61 7.92
C1 EDO S . 39.01 57.79 6.84
O1 EDO S . 39.16 58.28 8.18
C2 EDO S . 37.68 57.07 6.60
O2 EDO S . 37.51 55.99 7.49
HG HG T . 54.57 34.37 -0.35
FE1 FES U . 46.37 38.90 -6.33
FE2 FES U . 46.37 40.84 -4.37
S1 FES U . 47.65 38.97 -4.52
S2 FES U . 45.28 40.88 -6.36
HG HG V . 15.38 -9.60 28.33
HG HG W . 9.55 24.97 41.62
CA CA X . -0.36 21.06 28.10
CA CA Y . 31.31 13.84 39.43
PB MGD Z . 26.66 5.75 22.86
O1B MGD Z . 26.36 7.18 22.77
O2B MGD Z . 25.72 4.78 22.27
O3B MGD Z . 26.92 5.39 24.41
O3A MGD Z . 26.55 3.76 26.25
PA MGD Z . 27.58 4.09 25.05
O1A MGD Z . 27.59 2.94 24.14
O2A MGD Z . 28.84 4.46 25.77
O5' MGD Z . 28.15 5.48 22.33
C5' MGD Z . 28.46 5.40 20.95
C4' MGD Z . 29.86 5.98 20.75
O4' MGD Z . 30.34 5.46 19.48
C3' MGD Z . 29.89 7.50 20.65
O3' MGD Z . 31.08 8.00 21.32
C2' MGD Z . 29.91 7.76 19.13
O2' MGD Z . 30.57 8.96 18.72
C1' MGD Z . 30.64 6.53 18.59
N9 MGD Z . 30.25 6.05 17.28
C8 MGD Z . 29.10 6.32 16.55
N7 MGD Z . 29.06 5.68 15.43
C5 MGD Z . 30.29 4.99 15.39
C6 MGD Z . 30.85 4.14 14.39
O6 MGD Z . 30.40 3.87 13.28
N1 MGD Z . 32.07 3.60 14.82
C2 MGD Z . 32.69 3.88 16.00
N2 MGD Z . 33.87 3.21 16.30
N3 MGD Z . 32.22 4.75 16.88
C4 MGD Z . 31.01 5.21 16.53
C10 MGD Z . 25.18 3.49 25.90
C11 MGD Z . 24.60 2.68 27.03
O11 MGD Z . 24.45 3.55 28.15
C12 MGD Z . 23.25 2.07 26.69
S12 MGD Z . 22.83 1.61 25.08
C13 MGD Z . 22.34 1.86 27.76
S13 MGD Z . 20.79 1.10 27.40
C14 MGD Z . 22.63 2.21 29.17
N15 MGD Z . 21.56 3.22 29.45
C16 MGD Z . 21.73 3.84 30.65
C17 MGD Z . 20.60 4.26 31.51
O17 MGD Z . 19.40 4.09 31.23
N18 MGD Z . 20.92 4.93 32.69
C19 MGD Z . 22.24 5.21 33.05
N19 MGD Z . 22.43 5.95 34.11
N20 MGD Z . 23.27 4.82 32.26
C21 MGD Z . 23.06 4.15 31.09
N22 MGD Z . 24.19 3.70 30.44
C23 MGD Z . 24.07 2.81 29.33
PB MGD AA . 14.36 4.74 29.32
O1B MGD AA . 14.07 6.17 29.37
O2B MGD AA . 15.79 4.32 29.54
O3B MGD AA . 13.80 4.21 27.89
O3A MGD AA . 14.22 2.77 25.92
PA MGD AA . 13.40 2.81 27.31
O1A MGD AA . 13.81 1.69 28.14
O2A MGD AA . 12.01 2.93 26.82
O5' MGD AA . 13.60 3.95 30.49
C5' MGD AA . 12.23 3.52 30.27
C4' MGD AA . 11.38 3.82 31.52
O4' MGD AA . 11.78 3.02 32.64
C3' MGD AA . 11.41 5.26 32.05
O3' MGD AA . 10.24 5.97 31.56
C2' MGD AA . 11.48 5.11 33.59
O2' MGD AA . 10.54 5.95 34.27
C1' MGD AA . 11.16 3.64 33.77
N9 MGD AA . 11.63 3.00 35.00
C8 MGD AA . 12.62 3.42 35.85
N7 MGD AA . 12.79 2.61 36.88
C5 MGD AA . 11.83 1.62 36.70
C6 MGD AA . 11.52 0.51 37.51
O6 MGD AA . 12.06 0.17 38.55
N1 MGD AA . 10.48 -0.25 36.97
C2 MGD AA . 9.81 0.05 35.79
N2 MGD AA . 8.85 -0.79 35.41
N3 MGD AA . 10.10 1.09 35.03
C4 MGD AA . 11.11 1.83 35.54
C10 MGD AA . 15.64 2.68 25.96
C11 MGD AA . 16.16 2.55 24.54
O11 MGD AA . 15.87 3.69 23.84
C12 MGD AA . 17.66 2.21 24.53
S12 MGD AA . 18.31 1.04 25.60
C13 MGD AA . 18.47 2.86 23.54
S13 MGD AA . 20.17 2.39 23.43
C14 MGD AA . 17.95 3.84 22.58
N15 MGD AA . 18.39 5.14 23.17
C16 MGD AA . 17.65 6.27 22.73
C17 MGD AA . 18.08 7.64 22.97
O17 MGD AA . 19.17 7.95 23.44
N18 MGD AA . 17.18 8.66 22.61
C19 MGD AA . 15.93 8.37 22.04
N19 MGD AA . 15.07 9.39 21.89
N20 MGD AA . 15.57 7.11 21.83
C21 MGD AA . 16.36 6.08 22.14
N22 MGD AA . 15.89 4.86 21.80
C23 MGD AA . 16.42 3.73 22.49
O O BA . 20.65 -0.83 24.79
MO 4MO CA . 20.61 0.73 25.10
FE1 F3S DA . 15.37 6.52 13.54
FE3 F3S DA . 12.88 5.63 13.27
FE4 F3S DA . 14.16 5.25 15.60
S1 F3S DA . 13.69 7.59 12.36
S2 F3S DA . 15.54 6.97 15.74
S3 F3S DA . 14.79 4.40 13.61
S4 F3S DA . 11.98 5.87 15.31
C1 EDO EA . 4.97 -4.98 10.14
O1 EDO EA . 5.59 -6.16 10.73
C2 EDO EA . 5.98 -3.94 9.49
O2 EDO EA . 6.93 -3.37 10.42
C1 EDO FA . 10.30 -1.22 0.03
O1 EDO FA . 11.19 -2.33 0.27
C2 EDO FA . 10.99 -0.06 -0.72
O2 EDO FA . 12.18 0.36 -0.05
HG HG GA . 5.94 14.90 23.88
FE1 FES HA . 3.11 17.60 13.47
FE2 FES HA . 4.01 15.12 12.82
S1 FES HA . 3.96 16.15 14.83
S2 FES HA . 2.86 16.53 11.46
HG HG IA . -58.58 3.22 -2.38
HG HG JA . -65.32 -33.33 -7.64
CA CA KA . -58.70 -29.64 7.90
CA CA LA . -56.33 -17.74 -24.33
PB MGD MA . -45.63 -8.52 -11.55
O1B MGD MA . -45.39 -9.96 -11.37
O2B MGD MA . -45.64 -7.69 -10.33
O3B MGD MA . -46.98 -8.34 -12.41
O3A MGD MA . -49.07 -7.15 -12.81
PA MGD MA . -47.51 -7.04 -13.16
O1A MGD MA . -46.92 -5.81 -12.62
O2A MGD MA . -47.49 -7.29 -14.67
O5' MGD MA . -44.60 -7.94 -12.63
C5' MGD MA . -43.29 -7.53 -12.24
C4' MGD MA . -42.34 -7.81 -13.41
O4' MGD MA . -41.14 -7.04 -13.18
C3' MGD MA . -41.94 -9.26 -13.58
O3' MGD MA . -41.89 -9.60 -14.98
C2' MGD MA . -40.55 -9.29 -12.91
O2' MGD MA . -39.61 -10.24 -13.44
C1' MGD MA . -40.04 -7.88 -13.16
N9 MGD MA . -39.12 -7.33 -12.16
C8 MGD MA . -38.91 -7.72 -10.86
N7 MGD MA . -38.07 -6.95 -10.23
C5 MGD MA . -37.65 -6.04 -11.20
C6 MGD MA . -36.75 -4.96 -11.12
O6 MGD MA . -36.02 -4.61 -10.16
N1 MGD MA . -36.70 -4.24 -12.31
C2 MGD MA . -37.40 -4.53 -13.44
N2 MGD MA . -37.25 -3.67 -14.49
N3 MGD MA . -38.20 -5.58 -13.55
C4 MGD MA . -38.30 -6.26 -12.38
C10 MGD MA . -49.43 -7.16 -11.45
C11 MGD MA . -50.87 -6.64 -11.36
O11 MGD MA . -51.70 -7.64 -11.85
C12 MGD MA . -51.27 -6.22 -9.92
S12 MGD MA . -50.13 -5.63 -8.72
C13 MGD MA . -52.60 -6.33 -9.62
S13 MGD MA . -53.11 -5.85 -8.00
C14 MGD MA . -53.65 -6.84 -10.59
N15 MGD MA . -54.10 -8.06 -9.93
C16 MGD MA . -54.96 -8.81 -10.69
C17 MGD MA . -56.07 -9.58 -10.12
O17 MGD MA . -56.42 -9.54 -8.88
N18 MGD MA . -56.83 -10.33 -11.01
C19 MGD MA . -56.54 -10.35 -12.39
N19 MGD MA . -57.28 -11.17 -13.18
N20 MGD MA . -55.54 -9.65 -12.87
C21 MGD MA . -54.74 -8.89 -12.10
N22 MGD MA . -53.82 -8.13 -12.71
C23 MGD MA . -53.04 -7.15 -12.00
PB MGD NA . -56.83 -10.98 -3.68
O1B MGD NA . -56.75 -12.38 -3.57
O2B MGD NA . -56.49 -10.32 -4.95
O3B MGD NA . -55.96 -10.41 -2.44
O3A MGD NA . -54.31 -8.66 -1.71
PA MGD NA . -55.89 -9.01 -1.65
O1A MGD NA . -56.65 -7.98 -2.29
O2A MGD NA . -56.09 -9.37 -0.24
O5' MGD NA . -58.37 -10.52 -3.41
C5' MGD NA . -58.83 -10.39 -2.07
C4' MGD NA . -60.23 -10.99 -1.94
O4' MGD NA . -61.19 -10.31 -2.76
C3' MGD NA . -60.39 -12.47 -2.33
O3' MGD NA . -60.44 -13.34 -1.20
C2' MGD NA . -61.72 -12.50 -3.12
O2' MGD NA . -62.55 -13.62 -2.79
C1' MGD NA . -62.32 -11.15 -2.76
N9 MGD NA . -63.33 -10.63 -3.68
C8 MGD NA . -63.56 -10.99 -4.99
N7 MGD NA . -64.57 -10.34 -5.53
C5 MGD NA . -65.05 -9.52 -4.49
C6 MGD NA . -66.15 -8.62 -4.48
O6 MGD NA . -66.95 -8.34 -5.40
N1 MGD NA . -66.28 -7.99 -3.23
C2 MGD NA . -65.46 -8.23 -2.15
N2 MGD NA . -65.75 -7.54 -0.97
N3 MGD NA . -64.45 -9.08 -2.17
C4 MGD NA . -64.30 -9.67 -3.36
C10 MGD NA . -53.78 -8.20 -2.97
C11 MGD NA . -52.31 -7.83 -2.79
O11 MGD NA . -51.61 -8.92 -2.28
C12 MGD NA . -51.74 -7.21 -4.07
S12 MGD NA . -52.70 -6.11 -4.99
C13 MGD NA . -50.39 -7.50 -4.40
S13 MGD NA . -49.67 -6.64 -5.74
C14 MGD NA . -49.58 -8.46 -3.58
N15 MGD NA . -49.64 -9.72 -4.36
C16 MGD NA . -49.31 -10.87 -3.63
C17 MGD NA . -48.99 -12.15 -4.27
O17 MGD NA . -48.84 -12.23 -5.48
N18 MGD NA . -48.84 -13.26 -3.45
C19 MGD NA . -48.98 -13.19 -2.07
N19 MGD NA . -49.07 -14.34 -1.39
N20 MGD NA . -49.27 -11.99 -1.51
C21 MGD NA . -49.43 -10.89 -2.21
N22 MGD NA . -49.57 -9.73 -1.54
C23 MGD NA . -50.19 -8.64 -2.16
O O OA . -51.14 -3.76 -6.52
MO 4MO PA . -51.30 -5.26 -6.72
FE1 F3S QA . -42.25 -10.32 2.66
FE3 F3S QA . -43.28 -9.93 5.02
FE4 F3S QA . -44.83 -9.62 2.89
S1 F3S QA . -41.75 -11.51 4.46
S2 F3S QA . -43.93 -10.99 1.38
S3 F3S QA . -43.09 -8.36 3.43
S4 F3S QA . -45.41 -10.57 4.83
C1 EDO RA . -46.40 -0.86 14.60
O1 EDO RA . -46.79 0.38 13.99
C2 EDO RA . -45.10 -1.45 14.00
O2 EDO RA . -45.34 -1.90 12.66
C1 EDO SA . -33.26 -2.90 13.91
O1 EDO SA . -33.12 -3.11 12.53
C2 EDO SA . -34.47 -1.99 14.16
O2 EDO SA . -34.39 -0.70 13.55
C1 EDO TA . -68.28 4.46 -13.06
O1 EDO TA . -67.36 4.81 -12.00
C2 EDO TA . -69.62 5.28 -12.97
O2 EDO TA . -70.24 5.08 -11.69
HG HG UA . -53.55 -21.82 5.14
FE1 FES VA . -45.12 -23.61 12.12
FE2 FES VA . -44.70 -20.89 11.94
S1 FES VA . -46.24 -22.13 10.88
S2 FES VA . -43.74 -22.33 13.36
HG HG WA . -19.56 -41.13 -47.37
HG HG XA . -8.06 -7.55 -34.97
CA CA YA . 0.42 -20.86 -27.93
CA CA ZA . -31.28 -14.14 -39.56
PB MGD AB . -28.79 -31.70 -32.67
O1B MGD AB . -28.29 -30.75 -31.67
O2B MGD AB . -28.12 -32.98 -32.76
O3B MGD AB . -28.95 -30.95 -34.07
O3A MGD AB . -28.80 -30.95 -36.50
PA MGD AB . -29.84 -31.37 -35.35
O1A MGD AB . -30.10 -32.81 -35.37
O2A MGD AB . -30.94 -30.41 -35.57
O5' MGD AB . -30.34 -32.02 -32.36
C5' MGD AB . -30.72 -32.95 -31.36
C4' MGD AB . -32.04 -32.46 -30.75
O4' MGD AB . -32.67 -33.61 -30.14
C3' MGD AB . -31.90 -31.39 -29.68
O3' MGD AB . -32.93 -30.41 -29.80
C2' MGD AB . -31.92 -32.20 -28.38
O2' MGD AB . -32.43 -31.48 -27.23
C1' MGD AB . -32.86 -33.36 -28.75
N9 MGD AB . -32.65 -34.60 -28.04
C8 MGD AB . -31.54 -35.02 -27.33
N7 MGD AB . -31.64 -36.24 -26.90
C5 MGD AB . -32.93 -36.64 -27.31
C6 MGD AB . -33.65 -37.86 -27.12
O6 MGD AB . -33.31 -38.89 -26.49
N1 MGD AB . -34.89 -37.81 -27.74
C2 MGD AB . -35.41 -36.75 -28.42
N2 MGD AB . -36.64 -36.93 -29.00
N3 MGD AB . -34.80 -35.60 -28.58
C4 MGD AB . -33.54 -35.63 -28.00
C10 MGD AB . -27.50 -31.55 -36.47
C11 MGD AB . -26.94 -31.48 -37.89
O11 MGD AB . -26.62 -30.18 -38.20
C12 MGD AB . -25.73 -32.41 -38.11
S12 MGD AB . -25.45 -33.87 -37.24
C13 MGD AB . -24.83 -31.98 -39.14
S13 MGD AB . -23.45 -33.06 -39.41
C14 MGD AB . -24.98 -30.72 -39.94
N15 MGD AB . -23.76 -29.99 -39.60
C16 MGD AB . -23.76 -28.71 -40.06
C17 MGD AB . -22.55 -28.01 -40.47
O17 MGD AB . -21.40 -28.51 -40.46
N18 MGD AB . -22.69 -26.67 -40.88
C19 MGD AB . -23.93 -26.03 -40.92
N19 MGD AB . -23.94 -24.77 -41.27
N20 MGD AB . -25.03 -26.71 -40.55
C21 MGD AB . -25.00 -27.98 -40.12
N22 MGD AB . -26.21 -28.58 -39.84
C23 MGD AB . -26.32 -29.97 -39.59
PB MGD BB . -16.43 -29.99 -38.82
O1B MGD BB . -15.90 -28.90 -38.01
O2B MGD BB . -17.88 -29.96 -39.22
O3B MGD BB . -16.07 -31.37 -38.11
O3A MGD BB . -16.78 -33.74 -37.57
PA MGD BB . -15.90 -32.90 -38.62
O1A MGD BB . -16.45 -33.02 -39.98
O2A MGD BB . -14.55 -33.36 -38.27
O5' MGD BB . -15.69 -29.94 -40.28
C5' MGD BB . -14.44 -30.62 -40.47
C4' MGD BB . -13.48 -29.71 -41.21
O4' MGD BB . -13.95 -29.48 -42.56
C3' MGD BB . -13.27 -28.29 -40.64
O3' MGD BB . -12.01 -28.21 -39.96
C2' MGD BB . -13.29 -27.37 -41.90
O2' MGD BB . -12.22 -26.41 -41.96
C1' MGD BB . -13.20 -28.40 -43.05
N9 MGD BB . -13.66 -27.97 -44.37
C8 MGD BB . -14.50 -26.93 -44.68
N7 MGD BB . -14.70 -26.79 -45.99
C5 MGD BB . -13.92 -27.80 -46.55
C6 MGD BB . -13.72 -28.16 -47.94
O6 MGD BB . -14.21 -27.64 -48.92
N1 MGD BB . -12.84 -29.25 -48.06
C2 MGD BB . -12.24 -29.90 -47.02
N2 MGD BB . -11.38 -30.92 -47.29
N3 MGD BB . -12.46 -29.61 -45.72
C4 MGD BB . -13.28 -28.54 -45.58
C10 MGD BB . -18.20 -33.61 -37.60
C11 MGD BB . -18.81 -34.54 -36.58
O11 MGD BB . -18.40 -34.18 -35.29
C12 MGD BB . -20.33 -34.57 -36.70
S12 MGD BB . -21.04 -34.63 -38.27
C13 MGD BB . -21.11 -34.63 -35.51
S13 MGD BB . -22.85 -34.80 -35.64
C14 MGD BB . -20.50 -34.59 -34.13
N15 MGD BB . -20.70 -33.18 -33.72
C16 MGD BB . -19.83 -32.75 -32.65
C17 MGD BB . -20.04 -31.50 -31.91
O17 MGD BB . -21.05 -30.82 -32.03
N18 MGD BB . -19.02 -31.07 -31.02
C19 MGD BB . -17.83 -31.84 -30.86
N19 MGD BB . -16.80 -31.33 -30.15
N20 MGD BB . -17.70 -32.96 -31.54
C21 MGD BB . -18.62 -33.45 -32.41
N22 MGD BB . -18.34 -34.64 -32.99
C23 MGD BB . -19.01 -34.96 -34.22
O O CB . -23.83 -36.27 -38.50
MO 4MO DB . -23.41 -34.82 -37.94
FE1 F3S EB . -18.06 -38.93 -25.71
FE3 F3S EB . -15.76 -40.11 -26.19
FE4 F3S EB . -16.94 -38.69 -28.19
S1 F3S EB . -16.39 -39.11 -24.28
S2 F3S EB . -18.08 -37.14 -26.99
S3 F3S EB . -17.73 -40.60 -27.24
S4 F3S EB . -14.70 -38.77 -27.72
C1 EDO FB . -9.64 -51.13 -31.30
O1 EDO FB . -10.40 -51.58 -32.45
C2 EDO FB . -10.52 -50.68 -30.05
O2 EDO FB . -11.37 -49.55 -30.34
C1 EDO GB . -15.01 -54.16 -21.07
O1 EDO GB . -15.99 -54.89 -21.79
C2 EDO GB . -15.52 -53.74 -19.64
O2 EDO GB . -16.65 -52.87 -19.76
HG HG HB . -6.94 -27.32 -28.43
FE1 FES IB . -4.38 -32.54 -19.00
FE2 FES IB . -5.65 -34.69 -20.13
S1 FES IB . -5.39 -32.59 -20.94
S2 FES IB . -4.37 -34.64 -18.25
#